data_9P11
#
_entry.id   9P11
#
_cell.length_a   1.00
_cell.length_b   1.00
_cell.length_c   1.00
_cell.angle_alpha   90.00
_cell.angle_beta   90.00
_cell.angle_gamma   90.00
#
_symmetry.space_group_name_H-M   'P 1'
#
loop_
_entity.id
_entity.type
_entity.pdbx_description
1 polymer 'CRISPR-associated endonuclease Cas1'
2 polymer 'CRISPR-associated nuclease/helicase Cas3 subtype I-F/YPEST'
#
loop_
_entity_poly.entity_id
_entity_poly.type
_entity_poly.pdbx_seq_one_letter_code
_entity_poly.pdbx_strand_id
1 'polypeptide(L)'
;MDDISPSELKTILHSKRANLYYLQHCRVLVNGGRVEYVTDEGRHSHYWNIPIANTTSLLLGTGTSITQAAMRELARAGVL
VGFCGGGGTPLFSANEVDVEVSWLTPQSEYRPTEYLQRWVGFWFDEEKRLVAARHFQRARLERIRHSWLEDRVLRDAGFA
VDATALAVAVEDSARALEQAPNHEHLLTEEARLSKRLFKLAAQATRYGEFVRAKRGSGGDPANRFLDHGNYLAYGLAATA
TWVLGIPHGLAVLHGKTRRGGLVFDVADLIKDSLILPQAFLSAMRGDEEQDFRQACLDNLSRAQALDFMIDTLKDVAQRS
TVSA
;
F,D,C,E
2 'polypeptide(L)'
;MNILLVSQCEKRALSETRRILDQFAERRGERTWQTPITQAGLDTLRRLLKKSARRNTAVACHWIRGRDHSELLWIVGDAS
RFNAQGAVPTNRTCRDILRKEDENDWHSAEDIRLLTVMAALFHDIGKASQAFQAKLRNRGKPMADAYRHEWVSLRLFEAF
VGPGSSDEDWLRRLADKRETGDAWLSQLARDDRQSAPPGPFQKSRLPPLAQAVGWLIVSHHRLPNGDHRGSASLARLPAP
IQSQWCGARDADAKEKAACWQFPHGLPFASAHWRARTALCAQSMLERPGLLARGPALLHDSYVMHVSRLILMLADHHYSS
LPADSRLGDPNFPLHANTDRDSGKLKQRLDEHLLGVALHSRKLAGTLPRLERQLPRLARHKGFTRRVEQPRFRWQDKAYD
CAMACREQAMEHGFFGLNLASTGCGKTLANGRILYALADPQRGARFSIALGLRSLTLQTGQAYRERLGLGDDDLAILVGG
SAARELFEKQQERLERSGSESAQELLAENSHVHFAGTLEDGPLREWLGRNSAGNRLLQAPILACTIDHLMPASESLRGGH
QIAPLLRLMTSDLVLDEVDDFDIDDLPALSRLVHWAGLFGSRVLLSSATLPPALVQGLFEAYRSGREIFQRHRGAPGRAT
EIRCAWFDEFSSQSSAHGAVTSFSEAHATFVAQRLAKLEQLPPRRQAQLCTVHAAGEARPALCRELAGQMNTWMADLHRC
HHTEHQGRRISFGLLRLANIEPLIELAQAILAQGAPEGLHVHLCVYHSRHPLLVRSAIERQLDELLKRSDDDAAALFARP
TLAKALQASTERDHLFVVLASPVAEVGRDHDYDWAIVEPSSMRSIIQLAGRIRRHRSGFSGEANLYLLSRNIRSLEGQNP
AFQRPGFETPDFPLDSHDLHDLLDPALLARIDASPRIVEPFPLFPRSRLVDLEHRRLRALMLADDPPSSLLGVPLWWQTP
ASLSGALQTSQPFRAGAKERCYALLPDEDDEERLHFSRYEEGTWSNQDNLLRNLDLTYGPRIQTWGTVNYREELVAMAGR
EDLDLRQCAMRYGEVRLRENTQGWSYHPYLGFKKYN
;
A,B
#
# COMPACT_ATOMS: atom_id res chain seq x y z
N ILE A 12 -5.66 42.51 30.50
CA ILE A 12 -4.68 41.91 29.61
C ILE A 12 -3.41 41.57 30.37
N LEU A 13 -2.96 42.51 31.20
CA LEU A 13 -1.75 42.32 32.00
C LEU A 13 -2.08 41.39 33.17
N HIS A 14 -1.90 40.09 32.91
CA HIS A 14 -2.20 39.06 33.90
C HIS A 14 -1.35 39.24 35.15
N SER A 15 -0.05 39.44 34.97
CA SER A 15 0.88 39.64 36.08
C SER A 15 1.88 40.72 35.69
N LYS A 16 1.60 41.96 36.08
CA LYS A 16 2.52 43.06 35.82
C LYS A 16 3.83 42.93 36.57
N ARG A 17 3.85 42.19 37.68
CA ARG A 17 5.10 41.95 38.39
C ARG A 17 6.09 41.16 37.55
N ALA A 18 5.61 40.40 36.57
CA ALA A 18 6.47 39.64 35.68
C ALA A 18 6.38 40.09 34.22
N ASN A 19 5.60 41.13 33.92
CA ASN A 19 5.42 41.63 32.56
C ASN A 19 4.91 40.54 31.63
N LEU A 20 3.68 40.06 31.88
CA LEU A 20 3.03 39.08 31.03
C LEU A 20 1.73 39.67 30.48
N TYR A 21 1.38 39.25 29.27
CA TYR A 21 0.18 39.76 28.59
C TYR A 21 -0.65 38.59 28.06
N TYR A 22 -1.96 38.76 28.08
CA TYR A 22 -2.90 37.74 27.64
C TYR A 22 -3.67 38.27 26.43
N LEU A 23 -3.55 37.58 25.31
CA LEU A 23 -4.23 37.96 24.08
C LEU A 23 -5.34 36.98 23.77
N GLN A 24 -6.53 37.49 23.49
CA GLN A 24 -7.70 36.65 23.26
C GLN A 24 -8.46 37.15 22.04
N HIS A 25 -8.85 36.21 21.17
CA HIS A 25 -9.68 36.51 20.00
C HIS A 25 -9.02 37.54 19.09
N CYS A 26 -7.82 37.23 18.62
CA CYS A 26 -7.09 38.11 17.73
C CYS A 26 -6.04 37.31 16.98
N ARG A 27 -5.74 37.75 15.76
CA ARG A 27 -4.74 37.09 14.92
C ARG A 27 -3.46 37.92 14.95
N VAL A 28 -2.37 37.30 15.38
CA VAL A 28 -1.08 37.96 15.46
C VAL A 28 -0.34 37.73 14.15
N LEU A 29 0.01 38.81 13.46
CA LEU A 29 0.72 38.71 12.20
C LEU A 29 1.66 39.89 12.06
N VAL A 30 2.48 39.85 11.01
CA VAL A 30 3.47 40.89 10.74
C VAL A 30 3.11 41.53 9.40
N ASN A 31 2.92 42.86 9.43
CA ASN A 31 2.71 43.64 8.22
C ASN A 31 3.47 44.95 8.42
N GLY A 32 4.44 45.20 7.54
CA GLY A 32 5.28 46.38 7.67
C GLY A 32 6.45 46.23 8.61
N GLY A 33 6.83 45.00 8.96
CA GLY A 33 7.96 44.76 9.84
C GLY A 33 7.65 44.84 11.32
N ARG A 34 6.43 45.21 11.68
CA ARG A 34 6.01 45.30 13.08
C ARG A 34 4.83 44.37 13.30
N VAL A 35 4.85 43.63 14.40
CA VAL A 35 3.72 42.77 14.72
C VAL A 35 2.51 43.62 15.03
N GLU A 36 1.37 43.25 14.46
CA GLU A 36 0.11 43.95 14.69
C GLU A 36 -0.97 42.90 14.91
N TYR A 37 -1.67 43.01 16.03
CA TYR A 37 -2.66 42.02 16.44
C TYR A 37 -4.01 42.42 15.85
N VAL A 38 -4.33 41.90 14.66
CA VAL A 38 -5.54 42.32 13.96
C VAL A 38 -6.75 41.55 14.50
N THR A 39 -7.43 42.14 15.49
CA THR A 39 -8.65 41.56 16.01
C THR A 39 -9.81 41.79 15.06
N ASP A 40 -10.64 40.77 14.89
CA ASP A 40 -11.79 40.86 13.99
C ASP A 40 -12.89 41.71 14.60
N TRP A 48 -3.38 47.09 19.10
CA TRP A 48 -2.92 47.11 20.48
C TRP A 48 -1.49 47.64 20.58
N ASN A 49 -1.22 48.38 21.65
CA ASN A 49 0.10 48.94 21.92
C ASN A 49 0.74 48.11 23.02
N ILE A 50 1.73 47.30 22.66
CA ILE A 50 2.41 46.41 23.60
C ILE A 50 3.90 46.71 23.58
N PRO A 51 4.55 46.78 24.74
CA PRO A 51 5.99 47.09 24.76
C PRO A 51 6.82 45.91 24.32
N ILE A 52 7.01 45.75 23.02
CA ILE A 52 7.75 44.62 22.47
C ILE A 52 9.21 44.79 22.86
N ALA A 53 9.67 43.98 23.81
CA ALA A 53 11.02 44.08 24.34
C ALA A 53 11.41 42.76 24.97
N ASN A 54 12.58 42.75 25.62
CA ASN A 54 13.09 41.53 26.23
C ASN A 54 12.18 40.99 27.31
N THR A 55 11.32 41.83 27.90
CA THR A 55 10.34 41.40 28.89
C THR A 55 8.95 41.74 28.37
N THR A 56 8.41 40.88 27.51
CA THR A 56 7.05 41.05 27.04
C THR A 56 6.19 39.85 27.40
N SER A 57 6.65 38.65 27.03
CA SER A 57 6.05 37.39 27.46
C SER A 57 4.56 37.30 27.19
N LEU A 58 4.16 37.28 25.91
CA LEU A 58 2.77 37.14 25.53
C LEU A 58 2.24 35.76 25.90
N LEU A 59 0.94 35.69 26.19
CA LEU A 59 0.23 34.46 26.50
C LEU A 59 -1.02 34.42 25.63
N LEU A 60 -0.90 33.81 24.45
CA LEU A 60 -2.04 33.73 23.54
C LEU A 60 -3.14 32.87 24.13
N GLY A 61 -4.38 33.26 23.86
CA GLY A 61 -5.52 32.58 24.44
C GLY A 61 -6.52 32.10 23.42
N THR A 62 -7.79 31.99 23.80
CA THR A 62 -8.82 31.43 22.94
C THR A 62 -9.01 32.26 21.68
N GLY A 63 -9.16 31.57 20.56
CA GLY A 63 -9.39 32.22 19.28
C GLY A 63 -8.25 33.08 18.78
N THR A 64 -7.00 32.69 19.06
CA THR A 64 -5.83 33.43 18.62
C THR A 64 -4.98 32.55 17.71
N SER A 65 -4.49 33.14 16.63
CA SER A 65 -3.64 32.45 15.67
C SER A 65 -2.38 33.27 15.44
N ILE A 66 -1.24 32.60 15.40
CA ILE A 66 0.05 33.27 15.19
C ILE A 66 0.65 32.75 13.89
N THR A 67 1.48 33.58 13.28
CA THR A 67 2.14 33.25 12.03
C THR A 67 3.64 33.10 12.25
N GLN A 68 4.32 32.51 11.27
CA GLN A 68 5.75 32.29 11.40
C GLN A 68 6.52 33.60 11.46
N ALA A 69 6.13 34.58 10.66
CA ALA A 69 6.77 35.89 10.70
C ALA A 69 6.58 36.54 12.06
N ALA A 70 5.38 36.40 12.63
CA ALA A 70 5.13 36.92 13.97
C ALA A 70 6.06 36.27 14.98
N MET A 71 6.24 34.95 14.88
CA MET A 71 7.17 34.27 15.77
C MET A 71 8.60 34.74 15.57
N ARG A 72 9.02 34.98 14.34
CA ARG A 72 10.38 35.47 14.10
C ARG A 72 10.59 36.83 14.74
N GLU A 73 9.64 37.75 14.56
CA GLU A 73 9.80 39.08 15.11
C GLU A 73 9.64 39.08 16.63
N LEU A 74 8.93 38.08 17.15
CA LEU A 74 8.82 37.92 18.60
C LEU A 74 10.04 37.16 19.13
N ALA A 75 10.82 36.58 18.22
CA ALA A 75 11.99 35.82 18.62
C ALA A 75 13.21 36.74 18.67
N ARG A 76 13.33 37.63 17.69
CA ARG A 76 14.40 38.62 17.78
C ARG A 76 13.93 39.84 18.55
N ALA A 77 13.25 39.61 19.68
CA ALA A 77 12.94 40.68 20.62
C ALA A 77 12.99 40.14 22.04
N GLY A 78 13.33 38.87 22.20
CA GLY A 78 13.31 38.24 23.50
C GLY A 78 11.93 38.02 24.05
N VAL A 79 10.91 37.91 23.20
CA VAL A 79 9.53 37.76 23.64
C VAL A 79 9.14 36.30 23.68
N LEU A 80 9.16 35.71 24.89
CA LEU A 80 8.70 34.35 25.06
C LEU A 80 7.20 34.26 24.82
N VAL A 81 6.78 33.21 24.12
CA VAL A 81 5.39 33.04 23.70
C VAL A 81 4.88 31.71 24.23
N GLY A 82 3.70 31.75 24.85
CA GLY A 82 3.07 30.53 25.34
C GLY A 82 1.61 30.50 24.96
N PHE A 83 1.11 29.29 24.73
CA PHE A 83 -0.28 29.06 24.32
C PHE A 83 -1.03 28.51 25.53
N CYS A 84 -1.76 29.39 26.21
CA CYS A 84 -2.53 29.01 27.39
C CYS A 84 -4.00 28.85 27.03
N GLY A 85 -4.75 28.30 27.97
CA GLY A 85 -6.16 28.04 27.78
C GLY A 85 -7.00 29.30 27.86
N GLY A 86 -8.29 29.10 28.13
CA GLY A 86 -9.23 30.20 28.21
C GLY A 86 -9.20 30.90 29.55
N GLY A 87 -8.71 32.15 29.58
CA GLY A 87 -8.61 32.96 30.77
C GLY A 87 -7.22 33.00 31.36
N GLY A 88 -6.35 32.08 30.96
CA GLY A 88 -4.99 32.07 31.45
C GLY A 88 -4.50 30.68 31.80
N THR A 89 -5.42 29.79 32.14
CA THR A 89 -5.12 28.42 32.52
C THR A 89 -5.95 27.45 31.70
N PRO A 90 -5.43 26.25 31.41
CA PRO A 90 -4.07 25.77 31.68
C PRO A 90 -3.06 26.36 30.72
N LEU A 91 -1.78 26.02 30.84
CA LEU A 91 -0.74 26.47 29.92
C LEU A 91 -0.30 25.27 29.09
N PHE A 92 -0.86 25.17 27.88
CA PHE A 92 -0.64 24.02 27.01
C PHE A 92 0.84 23.86 26.68
N SER A 93 1.42 24.83 25.97
CA SER A 93 2.84 24.79 25.64
C SER A 93 3.38 26.21 25.63
N ALA A 94 4.67 26.35 25.92
CA ALA A 94 5.27 27.66 26.01
C ALA A 94 6.72 27.59 25.56
N ASN A 95 7.27 28.75 25.23
CA ASN A 95 8.69 28.85 24.92
C ASN A 95 9.51 28.55 26.15
N GLU A 96 10.73 28.04 25.93
CA GLU A 96 11.59 27.58 27.01
C GLU A 96 12.51 28.71 27.44
N VAL A 97 12.54 28.98 28.75
CA VAL A 97 13.39 30.03 29.29
C VAL A 97 14.82 29.51 29.41
N ASP A 98 15.78 30.37 29.05
CA ASP A 98 17.19 30.03 29.08
C ASP A 98 17.78 30.37 30.45
N VAL A 99 19.05 29.99 30.62
CA VAL A 99 19.75 30.15 31.90
C VAL A 99 20.78 31.25 31.78
N GLU A 100 20.88 32.09 32.81
CA GLU A 100 21.80 33.22 32.78
C GLU A 100 23.15 32.88 33.41
N VAL A 101 23.44 31.59 33.60
CA VAL A 101 24.70 31.14 34.17
C VAL A 101 25.86 31.71 33.36
N SER A 102 26.92 32.12 34.06
CA SER A 102 28.07 32.72 33.38
C SER A 102 28.77 31.72 32.48
N TRP A 103 28.64 30.42 32.80
CA TRP A 103 29.28 29.39 31.99
C TRP A 103 28.79 29.42 30.55
N LEU A 104 27.47 29.49 30.37
CA LEU A 104 26.90 29.61 29.03
C LEU A 104 26.95 31.07 28.58
N THR A 105 26.91 31.26 27.26
CA THR A 105 26.90 32.62 26.71
C THR A 105 25.79 32.76 25.68
N PRO A 106 24.53 32.73 26.09
CA PRO A 106 23.43 32.86 25.12
C PRO A 106 23.43 34.25 24.49
N GLN A 107 23.74 34.29 23.20
CA GLN A 107 23.78 35.54 22.43
C GLN A 107 22.42 35.72 21.77
N SER A 108 21.58 36.55 22.37
CA SER A 108 20.26 36.84 21.84
C SER A 108 19.71 38.07 22.55
N GLU A 109 18.56 38.53 22.08
CA GLU A 109 17.86 39.64 22.71
C GLU A 109 17.05 39.20 23.92
N TYR A 110 17.12 37.92 24.29
CA TYR A 110 16.36 37.40 25.41
C TYR A 110 16.96 37.89 26.73
N ARG A 111 16.26 37.57 27.83
CA ARG A 111 16.70 37.91 29.18
C ARG A 111 16.73 36.63 30.00
N PRO A 112 17.83 35.88 29.94
CA PRO A 112 17.91 34.62 30.68
C PRO A 112 17.76 34.84 32.18
N THR A 113 17.05 33.92 32.84
CA THR A 113 16.75 34.05 34.25
C THR A 113 17.87 33.47 35.09
N GLU A 114 17.90 33.87 36.38
CA GLU A 114 18.91 33.38 37.30
C GLU A 114 18.30 32.76 38.55
N TYR A 115 17.06 32.26 38.47
CA TYR A 115 16.43 31.65 39.63
C TYR A 115 16.69 30.15 39.70
N LEU A 116 16.93 29.51 38.55
CA LEU A 116 17.26 28.10 38.55
C LEU A 116 18.58 27.83 39.26
N GLN A 117 19.53 28.76 39.14
CA GLN A 117 20.82 28.58 39.82
C GLN A 117 20.63 28.54 41.33
N ARG A 118 19.88 29.49 41.89
CA ARG A 118 19.62 29.49 43.33
C ARG A 118 18.79 28.29 43.75
N TRP A 119 17.79 27.93 42.95
CA TRP A 119 16.95 26.79 43.26
C TRP A 119 17.76 25.50 43.33
N VAL A 120 18.66 25.28 42.37
CA VAL A 120 19.58 24.15 42.44
C VAL A 120 20.54 24.24 43.61
N GLY A 121 21.08 25.43 43.88
CA GLY A 121 21.99 25.59 45.00
C GLY A 121 21.40 25.32 46.36
N PHE A 122 20.09 25.50 46.53
CA PHE A 122 19.51 25.22 47.84
C PHE A 122 18.78 23.88 47.85
N TRP A 123 18.42 23.35 46.67
CA TRP A 123 17.49 22.23 46.61
C TRP A 123 18.07 20.95 47.18
N PHE A 124 19.34 20.65 46.91
CA PHE A 124 19.89 19.35 47.23
C PHE A 124 20.10 19.11 48.71
N ASP A 125 20.34 20.16 49.49
CA ASP A 125 20.46 20.01 50.94
C ASP A 125 19.07 19.87 51.54
N GLU A 126 18.85 18.77 52.27
CA GLU A 126 17.52 18.50 52.80
C GLU A 126 17.09 19.56 53.82
N GLU A 127 18.06 20.13 54.54
CA GLU A 127 17.72 21.14 55.55
C GLU A 127 17.10 22.38 54.91
N LYS A 128 17.75 22.92 53.87
CA LYS A 128 17.20 24.09 53.21
C LYS A 128 15.92 23.77 52.45
N ARG A 129 15.81 22.56 51.91
CA ARG A 129 14.56 22.13 51.29
C ARG A 129 13.42 22.15 52.28
N LEU A 130 13.67 21.63 53.48
CA LEU A 130 12.64 21.63 54.52
C LEU A 130 12.31 23.04 54.97
N VAL A 131 13.32 23.91 55.06
CA VAL A 131 13.09 25.30 55.42
C VAL A 131 12.17 25.97 54.40
N ALA A 132 12.47 25.75 53.11
CA ALA A 132 11.64 26.31 52.05
C ALA A 132 10.22 25.74 52.09
N ALA A 133 10.09 24.45 52.37
CA ALA A 133 8.77 23.83 52.46
C ALA A 133 7.95 24.42 53.61
N ARG A 134 8.61 24.65 54.75
CA ARG A 134 7.91 25.28 55.87
C ARG A 134 7.52 26.71 55.53
N HIS A 135 8.36 27.43 54.78
CA HIS A 135 7.97 28.75 54.33
C HIS A 135 6.75 28.68 53.41
N PHE A 136 6.71 27.69 52.52
CA PHE A 136 5.56 27.47 51.67
C PHE A 136 4.30 27.27 52.51
N GLN A 137 4.39 26.41 53.52
CA GLN A 137 3.23 26.13 54.37
C GLN A 137 2.79 27.37 55.14
N ARG A 138 3.75 28.17 55.61
CA ARG A 138 3.42 29.42 56.28
C ARG A 138 2.67 30.35 55.36
N ALA A 139 3.13 30.49 54.12
CA ALA A 139 2.43 31.33 53.16
C ALA A 139 1.03 30.80 52.87
N ARG A 140 0.90 29.47 52.75
CA ARG A 140 -0.40 28.87 52.53
C ARG A 140 -1.37 29.23 53.66
N LEU A 141 -0.95 29.03 54.90
CA LEU A 141 -1.81 29.30 56.05
C LEU A 141 -2.15 30.78 56.14
N GLU A 142 -1.19 31.65 55.83
CA GLU A 142 -1.45 33.08 55.87
C GLU A 142 -2.50 33.42 54.84
N ARG A 143 -2.44 32.80 53.66
CA ARG A 143 -3.46 33.03 52.65
C ARG A 143 -4.82 32.54 53.10
N ILE A 144 -4.86 31.38 53.77
CA ILE A 144 -6.14 30.89 54.29
C ILE A 144 -6.74 31.91 55.23
N ARG A 145 -5.94 32.39 56.18
CA ARG A 145 -6.47 33.31 57.19
C ARG A 145 -6.86 34.64 56.58
N HIS A 146 -6.14 35.08 55.54
CA HIS A 146 -6.47 36.34 54.90
C HIS A 146 -7.77 36.23 54.11
N SER A 147 -7.90 35.18 53.29
CA SER A 147 -9.05 35.07 52.42
C SER A 147 -10.32 34.75 53.21
N TRP A 148 -10.19 33.90 54.22
CA TRP A 148 -11.38 33.43 54.92
C TRP A 148 -11.88 34.44 55.95
N LEU A 149 -10.98 35.21 56.56
CA LEU A 149 -11.38 36.10 57.64
C LEU A 149 -11.17 37.57 57.30
N GLU A 150 -9.96 37.92 56.87
CA GLU A 150 -9.61 39.32 56.61
C GLU A 150 -10.46 39.91 55.48
N ASP A 151 -10.84 39.08 54.52
CA ASP A 151 -11.67 39.53 53.41
C ASP A 151 -13.04 38.86 53.52
N ARG A 152 -14.09 39.67 53.65
CA ARG A 152 -15.45 39.19 53.81
C ARG A 152 -16.22 39.16 52.51
N VAL A 153 -15.57 39.45 51.37
CA VAL A 153 -16.24 39.47 50.08
C VAL A 153 -16.83 38.10 49.80
N LEU A 154 -16.03 37.05 50.01
CA LEU A 154 -16.52 35.69 49.87
C LEU A 154 -17.64 35.41 50.87
N ARG A 155 -17.43 35.82 52.13
CA ARG A 155 -18.44 35.62 53.16
C ARG A 155 -19.71 36.40 52.84
N ASP A 156 -19.57 37.65 52.39
CA ASP A 156 -20.74 38.45 52.03
C ASP A 156 -21.45 37.85 50.83
N ALA A 157 -20.71 37.13 49.98
CA ALA A 157 -21.32 36.51 48.80
C ALA A 157 -22.19 35.32 49.20
N GLY A 158 -22.10 34.91 50.47
CA GLY A 158 -22.89 33.78 50.93
C GLY A 158 -22.07 32.67 51.56
N PHE A 159 -20.87 33.00 52.03
CA PHE A 159 -19.94 32.03 52.57
C PHE A 159 -19.63 32.36 54.03
N ALA A 160 -20.67 32.65 54.80
CA ALA A 160 -20.50 32.91 56.22
C ALA A 160 -19.83 31.72 56.90
N VAL A 161 -18.80 32.00 57.70
CA VAL A 161 -17.97 30.96 58.29
C VAL A 161 -18.06 31.03 59.81
N ASP A 162 -17.41 30.08 60.46
CA ASP A 162 -17.44 29.98 61.92
C ASP A 162 -16.34 30.81 62.57
N ALA A 163 -15.79 31.77 61.80
CA ALA A 163 -14.72 32.67 62.22
C ALA A 163 -13.75 32.07 63.23
N THR A 164 -14.20 31.99 64.49
CA THR A 164 -13.32 31.52 65.58
C THR A 164 -12.79 30.12 65.33
N ALA A 165 -13.64 29.23 64.80
CA ALA A 165 -13.19 27.86 64.52
C ALA A 165 -12.09 27.84 63.48
N LEU A 166 -12.24 28.64 62.42
CA LEU A 166 -11.20 28.70 61.39
C LEU A 166 -9.91 29.26 61.95
N ALA A 167 -10.00 30.29 62.80
CA ALA A 167 -8.81 30.83 63.44
C ALA A 167 -8.12 29.81 64.32
N VAL A 168 -8.91 29.03 65.08
CA VAL A 168 -8.34 28.00 65.95
C VAL A 168 -7.64 26.94 65.12
N ALA A 169 -8.27 26.52 64.02
CA ALA A 169 -7.66 25.51 63.16
C ALA A 169 -6.38 26.03 62.52
N VAL A 170 -6.37 27.30 62.09
CA VAL A 170 -5.17 27.87 61.49
C VAL A 170 -4.05 27.97 62.52
N GLU A 171 -4.40 28.36 63.75
CA GLU A 171 -3.40 28.43 64.81
C GLU A 171 -2.83 27.05 65.12
N ASP A 172 -3.68 26.03 65.18
CA ASP A 172 -3.18 24.66 65.40
C ASP A 172 -2.27 24.21 64.28
N SER A 173 -2.66 24.51 63.03
CA SER A 173 -1.82 24.13 61.89
C SER A 173 -0.47 24.83 61.93
N ALA A 174 -0.46 26.12 62.29
CA ALA A 174 0.80 26.84 62.38
C ALA A 174 1.66 26.30 63.51
N ARG A 175 1.05 26.01 64.66
CA ARG A 175 1.79 25.45 65.79
C ARG A 175 2.28 24.03 65.52
N ALA A 176 1.69 23.33 64.57
CA ALA A 176 2.21 22.04 64.14
C ALA A 176 3.28 22.15 63.06
N LEU A 177 3.19 23.17 62.19
CA LEU A 177 4.15 23.30 61.11
C LEU A 177 5.43 23.99 61.56
N GLU A 178 5.36 24.77 62.64
CA GLU A 178 6.54 25.51 63.08
C GLU A 178 7.65 24.59 63.61
N GLN A 179 7.35 23.32 63.87
CA GLN A 179 8.37 22.37 64.26
C GLN A 179 8.02 20.99 63.71
N ALA A 180 8.62 19.94 64.30
CA ALA A 180 8.50 18.55 63.86
C ALA A 180 9.12 18.37 62.48
N PRO A 181 10.45 18.42 62.38
CA PRO A 181 11.11 18.23 61.08
C PRO A 181 10.83 16.84 60.51
N ASN A 182 11.16 16.69 59.22
CA ASN A 182 10.97 15.52 58.37
C ASN A 182 9.80 15.79 57.43
N HIS A 183 9.99 15.52 56.14
CA HIS A 183 9.01 15.93 55.13
C HIS A 183 7.68 15.23 55.33
N GLU A 184 7.70 13.98 55.77
CA GLU A 184 6.46 13.26 55.99
C GLU A 184 5.62 13.90 57.09
N HIS A 185 6.28 14.45 58.12
CA HIS A 185 5.55 15.16 59.16
C HIS A 185 4.84 16.39 58.60
N LEU A 186 5.53 17.15 57.74
CA LEU A 186 4.90 18.31 57.13
C LEU A 186 3.74 17.91 56.22
N LEU A 187 3.91 16.81 55.48
CA LEU A 187 2.82 16.33 54.64
C LEU A 187 1.61 15.92 55.48
N THR A 188 1.86 15.23 56.59
CA THR A 188 0.76 14.82 57.47
C THR A 188 0.07 16.04 58.07
N GLU A 189 0.85 17.06 58.46
CA GLU A 189 0.26 18.27 59.00
C GLU A 189 -0.60 18.97 57.95
N GLU A 190 -0.12 19.05 56.72
CA GLU A 190 -0.91 19.65 55.64
C GLU A 190 -2.19 18.85 55.39
N ALA A 191 -2.09 17.52 55.41
CA ALA A 191 -3.27 16.69 55.21
C ALA A 191 -4.30 16.91 56.31
N ARG A 192 -3.83 16.99 57.57
CA ARG A 192 -4.74 17.23 58.69
C ARG A 192 -5.40 18.60 58.58
N LEU A 193 -4.62 19.61 58.20
CA LEU A 193 -5.16 20.96 58.03
C LEU A 193 -6.24 20.97 56.94
N SER A 194 -5.98 20.30 55.82
CA SER A 194 -6.96 20.25 54.74
C SER A 194 -8.20 19.48 55.17
N LYS A 195 -8.03 18.39 55.92
CA LYS A 195 -9.17 17.59 56.36
C LYS A 195 -10.06 18.38 57.29
N ARG A 196 -9.46 19.12 58.23
CA ARG A 196 -10.26 19.96 59.11
C ARG A 196 -10.90 21.11 58.35
N LEU A 197 -10.17 21.68 57.38
CA LEU A 197 -10.63 22.85 56.65
C LEU A 197 -11.84 22.50 55.78
N PHE A 198 -11.83 21.29 55.18
CA PHE A 198 -12.96 20.87 54.36
C PHE A 198 -14.22 20.77 55.18
N LYS A 199 -14.13 20.16 56.37
CA LYS A 199 -15.30 20.06 57.24
C LYS A 199 -15.76 21.43 57.71
N LEU A 200 -14.81 22.32 58.03
CA LEU A 200 -15.18 23.67 58.44
C LEU A 200 -15.91 24.40 57.33
N ALA A 201 -15.44 24.25 56.09
CA ALA A 201 -16.11 24.89 54.95
C ALA A 201 -17.50 24.29 54.74
N ALA A 202 -17.63 22.98 54.88
CA ALA A 202 -18.94 22.34 54.74
C ALA A 202 -19.92 22.87 55.78
N GLN A 203 -19.44 23.01 57.03
CA GLN A 203 -20.28 23.58 58.07
C GLN A 203 -20.65 25.03 57.76
N ALA A 204 -19.68 25.80 57.27
CA ALA A 204 -19.88 27.21 56.96
C ALA A 204 -20.95 27.39 55.87
N THR A 205 -20.88 26.58 54.82
CA THR A 205 -21.84 26.64 53.73
C THR A 205 -23.08 25.78 53.97
N ARG A 206 -23.12 25.03 55.07
CA ARG A 206 -24.24 24.17 55.44
C ARG A 206 -24.55 23.12 54.38
N TYR A 207 -23.56 22.72 53.58
CA TYR A 207 -23.77 21.72 52.54
C TYR A 207 -24.03 20.35 53.16
N GLY A 208 -23.70 20.19 54.43
CA GLY A 208 -23.90 18.92 55.11
C GLY A 208 -22.64 18.08 55.14
N GLU A 209 -22.84 16.78 55.38
CA GLU A 209 -21.72 15.85 55.39
C GLU A 209 -21.14 15.70 53.99
N PHE A 210 -19.82 15.70 53.92
CA PHE A 210 -19.13 15.60 52.64
C PHE A 210 -17.73 15.03 52.87
N VAL A 211 -17.37 14.03 52.08
CA VAL A 211 -16.03 13.43 52.10
C VAL A 211 -15.47 13.50 50.70
N ARG A 212 -14.30 14.11 50.56
CA ARG A 212 -13.67 14.26 49.25
C ARG A 212 -13.33 12.89 48.66
N ALA A 213 -13.67 12.72 47.38
CA ALA A 213 -13.43 11.47 46.67
C ALA A 213 -12.11 11.57 45.93
N LYS A 214 -11.13 10.78 46.37
CA LYS A 214 -9.82 10.78 45.73
C LYS A 214 -9.93 10.26 44.30
N ARG A 215 -8.95 10.64 43.48
CA ARG A 215 -8.84 10.30 42.06
C ARG A 215 -9.96 10.90 41.22
N GLY A 216 -10.72 11.87 41.75
CA GLY A 216 -11.75 12.53 40.99
C GLY A 216 -12.88 11.63 40.54
N SER A 217 -13.31 10.73 41.43
CA SER A 217 -14.41 9.83 41.13
C SER A 217 -15.74 10.28 41.74
N GLY A 218 -15.75 11.40 42.45
CA GLY A 218 -16.98 11.85 43.07
C GLY A 218 -17.98 12.37 42.06
N GLY A 219 -19.27 12.23 42.41
CA GLY A 219 -20.33 12.72 41.56
C GLY A 219 -21.05 13.92 42.17
N ASP A 220 -20.74 14.21 43.42
CA ASP A 220 -21.33 15.38 44.07
C ASP A 220 -20.81 16.65 43.43
N PRO A 221 -21.59 17.73 43.41
CA PRO A 221 -21.09 18.99 42.82
C PRO A 221 -19.81 19.49 43.47
N ALA A 222 -19.68 19.30 44.79
CA ALA A 222 -18.50 19.79 45.50
C ALA A 222 -17.23 19.12 44.98
N ASN A 223 -17.28 17.81 44.78
CA ASN A 223 -16.07 17.08 44.37
C ASN A 223 -15.65 17.47 42.95
N ARG A 224 -16.59 17.52 42.01
CA ARG A 224 -16.25 17.87 40.64
C ARG A 224 -15.77 19.32 40.55
N PHE A 225 -16.41 20.21 41.31
CA PHE A 225 -15.96 21.60 41.32
C PHE A 225 -14.57 21.71 41.91
N LEU A 226 -14.29 20.96 42.98
CA LEU A 226 -12.96 20.95 43.57
C LEU A 226 -11.92 20.42 42.58
N ASP A 227 -12.25 19.39 41.81
CA ASP A 227 -11.31 18.89 40.81
C ASP A 227 -11.06 19.91 39.71
N HIS A 228 -12.10 20.61 39.28
CA HIS A 228 -11.94 21.64 38.26
C HIS A 228 -11.04 22.77 38.78
N GLY A 229 -11.24 23.15 40.03
CA GLY A 229 -10.40 24.15 40.65
C GLY A 229 -8.97 23.69 40.79
N ASN A 230 -8.78 22.42 41.11
CA ASN A 230 -7.45 21.83 41.15
C ASN A 230 -6.77 21.96 39.79
N TYR A 231 -7.50 21.64 38.72
CA TYR A 231 -6.95 21.73 37.38
C TYR A 231 -6.54 23.17 37.05
N LEU A 232 -7.42 24.13 37.39
CA LEU A 232 -7.11 25.53 37.12
C LEU A 232 -5.88 25.99 37.91
N ALA A 233 -5.80 25.61 39.18
CA ALA A 233 -4.66 26.01 40.00
C ALA A 233 -3.37 25.39 39.48
N TYR A 234 -3.43 24.13 39.03
CA TYR A 234 -2.25 23.51 38.46
C TYR A 234 -1.79 24.22 37.20
N GLY A 235 -2.74 24.63 36.35
CA GLY A 235 -2.38 25.41 35.18
C GLY A 235 -1.72 26.73 35.55
N LEU A 236 -2.27 27.42 36.55
CA LEU A 236 -1.69 28.68 36.99
C LEU A 236 -0.28 28.48 37.54
N ALA A 237 -0.07 27.41 38.31
CA ALA A 237 1.25 27.13 38.85
C ALA A 237 2.24 26.81 37.75
N ALA A 238 1.81 26.07 36.72
CA ALA A 238 2.67 25.81 35.58
C ALA A 238 3.06 27.12 34.89
N THR A 239 2.10 28.03 34.75
CA THR A 239 2.41 29.33 34.16
C THR A 239 3.44 30.10 35.00
N ALA A 240 3.26 30.08 36.33
CA ALA A 240 4.20 30.79 37.21
C ALA A 240 5.61 30.21 37.10
N THR A 241 5.71 28.88 37.15
CA THR A 241 7.03 28.26 37.07
C THR A 241 7.68 28.50 35.71
N TRP A 242 6.89 28.47 34.63
CA TRP A 242 7.44 28.79 33.33
C TRP A 242 7.94 30.23 33.29
N VAL A 243 7.19 31.15 33.88
CA VAL A 243 7.60 32.55 33.90
C VAL A 243 8.94 32.70 34.63
N LEU A 244 9.06 32.04 35.78
CA LEU A 244 10.32 32.14 36.53
C LEU A 244 11.43 31.32 35.87
N GLY A 245 11.10 30.18 35.30
CA GLY A 245 12.08 29.32 34.65
C GLY A 245 12.47 28.09 35.43
N ILE A 246 11.90 27.88 36.62
CA ILE A 246 12.22 26.68 37.39
C ILE A 246 11.54 25.47 36.75
N PRO A 247 12.22 24.34 36.61
CA PRO A 247 11.55 23.13 36.10
C PRO A 247 10.60 22.55 37.12
N HIS A 248 9.67 21.73 36.63
CA HIS A 248 8.65 21.15 37.49
C HIS A 248 9.21 20.05 38.40
N GLY A 249 10.34 19.44 38.03
CA GLY A 249 10.85 18.32 38.79
C GLY A 249 11.34 18.69 40.18
N LEU A 250 11.95 19.87 40.31
CA LEU A 250 12.60 20.28 41.56
C LEU A 250 11.53 20.72 42.56
N ALA A 251 10.83 19.73 43.11
CA ALA A 251 9.80 19.99 44.11
C ALA A 251 10.42 20.38 45.44
N VAL A 252 9.60 20.98 46.30
CA VAL A 252 10.02 21.38 47.64
C VAL A 252 9.22 20.64 48.72
N LEU A 253 7.92 20.44 48.51
CA LEU A 253 7.07 19.70 49.43
C LEU A 253 6.95 18.23 49.09
N HIS A 254 6.56 17.93 47.85
CA HIS A 254 6.26 16.56 47.47
C HIS A 254 7.53 15.73 47.43
N GLY A 255 7.36 14.43 47.25
CA GLY A 255 8.51 13.55 47.15
C GLY A 255 9.30 13.79 45.87
N LYS A 256 10.58 13.43 45.91
CA LYS A 256 11.44 13.65 44.75
C LYS A 256 11.02 12.80 43.56
N THR A 257 10.18 11.79 43.78
CA THR A 257 9.71 10.91 42.72
C THR A 257 8.34 11.29 42.19
N ARG A 258 7.73 12.36 42.68
CA ARG A 258 6.40 12.75 42.23
C ARG A 258 6.50 13.60 40.97
N ARG A 259 5.75 13.22 39.93
CA ARG A 259 5.78 13.93 38.67
C ARG A 259 5.15 15.30 38.82
N GLY A 260 5.87 16.35 38.40
CA GLY A 260 5.38 17.71 38.51
C GLY A 260 5.15 18.13 39.94
N GLY A 261 6.10 17.83 40.83
CA GLY A 261 5.94 18.16 42.22
C GLY A 261 5.89 19.65 42.48
N LEU A 262 6.74 20.42 41.81
CA LEU A 262 6.79 21.86 42.05
C LEU A 262 5.49 22.53 41.65
N VAL A 263 4.86 22.06 40.58
CA VAL A 263 3.58 22.62 40.16
C VAL A 263 2.54 22.43 41.26
N PHE A 264 2.48 21.22 41.82
CA PHE A 264 1.52 20.96 42.90
C PHE A 264 1.83 21.82 44.12
N ASP A 265 3.11 21.94 44.48
CA ASP A 265 3.48 22.74 45.65
C ASP A 265 3.10 24.19 45.46
N VAL A 266 3.36 24.75 44.28
CA VAL A 266 3.02 26.15 44.01
C VAL A 266 1.52 26.33 43.99
N ALA A 267 0.79 25.41 43.38
CA ALA A 267 -0.66 25.54 43.28
C ALA A 267 -1.33 25.41 44.64
N ASP A 268 -0.74 24.64 45.55
CA ASP A 268 -1.35 24.45 46.87
C ASP A 268 -1.46 25.75 47.65
N LEU A 269 -0.66 26.77 47.30
CA LEU A 269 -0.75 28.06 47.99
C LEU A 269 -2.13 28.68 47.79
N ILE A 270 -2.65 28.65 46.57
CA ILE A 270 -3.95 29.25 46.27
C ILE A 270 -5.05 28.21 46.16
N LYS A 271 -4.73 26.93 46.30
CA LYS A 271 -5.74 25.88 46.18
C LYS A 271 -6.80 26.00 47.26
N ASP A 272 -6.40 25.87 48.52
CA ASP A 272 -7.39 25.84 49.60
C ASP A 272 -7.95 27.22 49.91
N SER A 273 -7.20 28.28 49.62
CA SER A 273 -7.64 29.63 49.99
C SER A 273 -8.81 30.08 49.13
N LEU A 274 -8.75 29.84 47.82
CA LEU A 274 -9.74 30.37 46.88
C LEU A 274 -10.64 29.31 46.27
N ILE A 275 -10.09 28.14 45.91
CA ILE A 275 -10.87 27.16 45.16
C ILE A 275 -11.97 26.56 46.02
N LEU A 276 -11.66 26.24 47.27
CA LEU A 276 -12.64 25.61 48.15
C LEU A 276 -13.86 26.48 48.40
N PRO A 277 -13.74 27.76 48.81
CA PRO A 277 -14.96 28.56 49.01
C PRO A 277 -15.77 28.75 47.75
N GLN A 278 -15.11 29.01 46.62
CA GLN A 278 -15.84 29.22 45.38
C GLN A 278 -16.55 27.95 44.93
N ALA A 279 -15.90 26.79 45.10
CA ALA A 279 -16.53 25.53 44.76
C ALA A 279 -17.77 25.29 45.62
N PHE A 280 -17.66 25.53 46.93
CA PHE A 280 -18.82 25.30 47.79
C PHE A 280 -19.95 26.28 47.49
N LEU A 281 -19.62 27.53 47.22
CA LEU A 281 -20.66 28.51 46.89
C LEU A 281 -21.34 28.17 45.57
N SER A 282 -20.57 27.72 44.57
CA SER A 282 -21.17 27.33 43.30
C SER A 282 -22.04 26.10 43.46
N ALA A 283 -21.63 25.16 44.33
CA ALA A 283 -22.47 24.01 44.62
C ALA A 283 -23.77 24.45 45.29
N MET A 284 -23.69 25.40 46.22
CA MET A 284 -24.89 25.93 46.86
C MET A 284 -25.82 26.56 45.82
N ARG A 285 -25.28 27.43 44.97
CA ARG A 285 -26.09 28.09 43.95
C ARG A 285 -26.54 27.14 42.85
N GLY A 286 -25.94 25.97 42.75
CA GLY A 286 -26.28 25.04 41.68
C GLY A 286 -25.93 25.56 40.30
N ASP A 287 -24.84 26.30 40.19
CA ASP A 287 -24.44 26.85 38.90
C ASP A 287 -23.81 25.77 38.02
N GLU A 288 -23.75 26.06 36.73
CA GLU A 288 -23.13 25.14 35.78
C GLU A 288 -21.62 25.14 35.95
N GLU A 289 -20.97 24.17 35.31
CA GLU A 289 -19.51 24.07 35.39
C GLU A 289 -18.85 25.29 34.77
N GLN A 290 -19.37 25.77 33.64
CA GLN A 290 -18.79 26.94 32.99
C GLN A 290 -18.90 28.18 33.87
N ASP A 291 -20.06 28.37 34.52
CA ASP A 291 -20.24 29.51 35.40
C ASP A 291 -19.30 29.43 36.60
N PHE A 292 -19.15 28.23 37.17
CA PHE A 292 -18.23 28.05 38.29
C PHE A 292 -16.79 28.35 37.87
N ARG A 293 -16.39 27.88 36.69
CA ARG A 293 -15.04 28.15 36.20
C ARG A 293 -14.82 29.64 35.99
N GLN A 294 -15.82 30.32 35.44
CA GLN A 294 -15.72 31.77 35.25
C GLN A 294 -15.59 32.49 36.59
N ALA A 295 -16.37 32.06 37.59
CA ALA A 295 -16.28 32.65 38.91
C ALA A 295 -14.90 32.42 39.52
N CYS A 296 -14.36 31.22 39.36
CA CYS A 296 -13.03 30.91 39.87
C CYS A 296 -11.98 31.78 39.20
N LEU A 297 -12.08 31.95 37.89
CA LEU A 297 -11.11 32.79 37.17
C LEU A 297 -11.21 34.24 37.63
N ASP A 298 -12.44 34.73 37.84
CA ASP A 298 -12.61 36.09 38.32
C ASP A 298 -12.00 36.28 39.70
N ASN A 299 -12.22 35.31 40.59
CA ASN A 299 -11.65 35.40 41.93
C ASN A 299 -10.13 35.35 41.89
N LEU A 300 -9.57 34.47 41.05
CA LEU A 300 -8.12 34.38 40.94
C LEU A 300 -7.52 35.68 40.40
N SER A 301 -8.23 36.32 39.46
CA SER A 301 -7.78 37.62 38.96
C SER A 301 -7.81 38.66 40.07
N ARG A 302 -8.83 38.62 40.94
CA ARG A 302 -8.98 39.62 41.98
C ARG A 302 -7.81 39.61 42.96
N ALA A 303 -7.38 38.42 43.37
CA ALA A 303 -6.39 38.29 44.43
C ALA A 303 -4.96 38.32 43.93
N GLN A 304 -4.75 38.57 42.64
CA GLN A 304 -3.42 38.53 42.05
C GLN A 304 -2.73 37.22 42.38
N ALA A 305 -3.41 36.11 42.13
CA ALA A 305 -2.91 34.79 42.49
C ALA A 305 -1.58 34.51 41.81
N LEU A 306 -1.51 34.71 40.50
CA LEU A 306 -0.29 34.43 39.75
C LEU A 306 0.87 35.28 40.26
N ASP A 307 0.63 36.57 40.49
CA ASP A 307 1.66 37.44 41.02
C ASP A 307 2.09 36.98 42.41
N PHE A 308 1.14 36.52 43.22
CA PHE A 308 1.49 36.04 44.55
C PHE A 308 2.37 34.80 44.50
N MET A 309 2.05 33.85 43.63
CA MET A 309 2.90 32.66 43.52
C MET A 309 4.29 33.01 43.00
N ILE A 310 4.37 33.92 42.02
CA ILE A 310 5.67 34.36 41.54
C ILE A 310 6.47 35.00 42.66
N ASP A 311 5.83 35.89 43.43
CA ASP A 311 6.52 36.58 44.52
C ASP A 311 6.96 35.59 45.60
N THR A 312 6.10 34.61 45.90
CA THR A 312 6.45 33.63 46.92
C THR A 312 7.65 32.79 46.50
N LEU A 313 7.66 32.35 45.24
CA LEU A 313 8.81 31.59 44.74
C LEU A 313 10.08 32.43 44.78
N LYS A 314 9.99 33.69 44.33
CA LYS A 314 11.15 34.57 44.35
C LYS A 314 11.66 34.78 45.77
N ASP A 315 10.74 35.01 46.72
CA ASP A 315 11.14 35.22 48.11
C ASP A 315 11.77 33.96 48.70
N VAL A 316 11.22 32.80 48.37
CA VAL A 316 11.74 31.53 48.89
C VAL A 316 13.16 31.33 48.38
N ALA A 317 13.38 31.62 47.10
CA ALA A 317 14.71 31.53 46.51
C ALA A 317 15.70 32.51 47.13
N GLN A 318 15.26 33.76 47.35
CA GLN A 318 16.19 34.79 47.83
C GLN A 318 16.49 34.63 49.32
N ARG A 319 15.53 34.14 50.10
CA ARG A 319 15.65 34.11 51.55
C ARG A 319 16.33 32.82 51.99
N SER A 320 16.96 32.12 51.06
CA SER A 320 17.72 30.93 51.41
C SER A 320 19.17 31.00 50.95
N THR A 321 19.66 32.15 50.48
CA THR A 321 21.03 32.28 50.02
C THR A 321 21.95 32.69 51.16
N LYS B 10 -3.98 -4.32 -24.56
CA LYS B 10 -2.59 -4.75 -24.55
C LYS B 10 -2.22 -5.34 -23.19
N THR B 11 -1.39 -6.39 -23.21
CA THR B 11 -0.98 -7.06 -21.99
C THR B 11 0.53 -7.13 -21.96
N ILE B 12 1.09 -7.28 -20.76
CA ILE B 12 2.54 -7.37 -20.55
C ILE B 12 3.10 -8.55 -21.32
N LEU B 13 4.39 -8.47 -21.67
CA LEU B 13 5.08 -9.61 -22.26
C LEU B 13 5.01 -10.81 -21.31
N HIS B 14 4.79 -11.98 -21.89
CA HIS B 14 4.55 -13.18 -21.08
C HIS B 14 5.70 -13.51 -20.15
N SER B 15 6.92 -13.09 -20.48
CA SER B 15 8.08 -13.33 -19.64
C SER B 15 8.29 -12.26 -18.58
N LYS B 16 7.48 -11.19 -18.61
CA LYS B 16 7.61 -10.08 -17.67
C LYS B 16 6.40 -9.99 -16.76
N ARG B 17 5.65 -11.09 -16.62
CA ARG B 17 4.46 -11.13 -15.79
C ARG B 17 4.80 -11.72 -14.43
N ALA B 18 4.20 -11.16 -13.39
CA ALA B 18 4.58 -11.47 -12.02
C ALA B 18 3.61 -12.41 -11.31
N ASN B 19 2.31 -12.30 -11.58
CA ASN B 19 1.33 -13.02 -10.79
C ASN B 19 1.22 -14.49 -11.22
N LEU B 20 0.69 -15.30 -10.32
CA LEU B 20 0.32 -16.68 -10.59
C LEU B 20 -0.78 -17.04 -9.60
N TYR B 21 -1.83 -17.69 -10.08
CA TYR B 21 -3.05 -17.88 -9.30
C TYR B 21 -3.30 -19.36 -9.08
N TYR B 22 -3.47 -19.74 -7.82
CA TYR B 22 -3.96 -21.06 -7.44
C TYR B 22 -5.34 -20.87 -6.85
N LEU B 23 -6.35 -21.51 -7.44
CA LEU B 23 -7.74 -21.29 -7.08
C LEU B 23 -8.37 -22.58 -6.58
N GLN B 24 -9.34 -22.43 -5.68
CA GLN B 24 -10.00 -23.57 -5.07
C GLN B 24 -11.41 -23.14 -4.65
N HIS B 25 -12.36 -24.07 -4.82
CA HIS B 25 -13.72 -23.89 -4.33
C HIS B 25 -14.36 -22.62 -4.89
N CYS B 26 -14.08 -22.32 -6.15
CA CYS B 26 -14.55 -21.10 -6.78
C CYS B 26 -15.14 -21.43 -8.14
N ARG B 27 -15.73 -20.41 -8.77
CA ARG B 27 -16.32 -20.53 -10.09
C ARG B 27 -15.76 -19.42 -10.96
N VAL B 28 -14.94 -19.79 -11.94
CA VAL B 28 -14.28 -18.82 -12.80
C VAL B 28 -15.21 -18.52 -13.96
N LEU B 29 -15.52 -17.23 -14.17
CA LEU B 29 -16.50 -16.82 -15.15
C LEU B 29 -16.22 -15.38 -15.57
N VAL B 30 -16.96 -14.92 -16.58
CA VAL B 30 -16.86 -13.55 -17.07
C VAL B 30 -18.05 -12.78 -16.52
N ASN B 31 -17.77 -11.70 -15.79
CA ASN B 31 -18.80 -10.83 -15.22
C ASN B 31 -18.58 -9.41 -15.70
N GLY B 32 -19.41 -8.96 -16.63
CA GLY B 32 -19.25 -7.63 -17.18
C GLY B 32 -17.96 -7.43 -17.95
N GLY B 33 -17.56 -8.42 -18.75
CA GLY B 33 -16.36 -8.32 -19.54
C GLY B 33 -15.07 -8.60 -18.78
N ARG B 34 -15.17 -8.93 -17.49
CA ARG B 34 -14.00 -9.17 -16.65
C ARG B 34 -13.95 -10.63 -16.24
N VAL B 35 -12.75 -11.21 -16.27
CA VAL B 35 -12.57 -12.58 -15.81
C VAL B 35 -12.47 -12.56 -14.29
N GLU B 36 -13.45 -13.18 -13.63
CA GLU B 36 -13.54 -13.18 -12.18
C GLU B 36 -13.91 -14.57 -11.71
N TYR B 37 -13.58 -14.88 -10.46
CA TYR B 37 -14.01 -16.12 -9.83
C TYR B 37 -14.91 -15.80 -8.64
N VAL B 38 -15.88 -16.66 -8.39
CA VAL B 38 -16.94 -16.43 -7.42
C VAL B 38 -16.81 -17.43 -6.29
N THR B 39 -16.86 -16.94 -5.06
CA THR B 39 -16.85 -17.79 -3.87
C THR B 39 -18.14 -17.57 -3.10
N ASP B 40 -18.76 -18.67 -2.66
CA ASP B 40 -20.03 -18.60 -1.96
C ASP B 40 -19.77 -18.44 -0.46
N GLU B 41 -20.24 -17.32 0.10
CA GLU B 41 -20.08 -17.01 1.51
C GLU B 41 -21.32 -17.37 2.32
N GLY B 42 -22.04 -18.41 1.91
CA GLY B 42 -23.25 -18.81 2.60
C GLY B 42 -24.46 -18.03 2.14
N ARG B 43 -24.59 -16.78 2.59
CA ARG B 43 -25.70 -15.92 2.22
C ARG B 43 -25.33 -14.94 1.11
N HIS B 44 -24.11 -14.98 0.61
CA HIS B 44 -23.67 -14.05 -0.42
C HIS B 44 -22.67 -14.74 -1.34
N SER B 45 -22.51 -14.16 -2.53
CA SER B 45 -21.49 -14.60 -3.48
C SER B 45 -20.55 -13.43 -3.74
N HIS B 46 -19.25 -13.69 -3.61
CA HIS B 46 -18.23 -12.65 -3.76
C HIS B 46 -17.50 -12.85 -5.07
N TYR B 47 -17.37 -11.79 -5.84
CA TYR B 47 -16.70 -11.83 -7.13
C TYR B 47 -15.33 -11.17 -7.00
N TRP B 48 -14.28 -11.93 -7.29
CA TRP B 48 -12.91 -11.45 -7.19
C TRP B 48 -12.30 -11.42 -8.58
N ASN B 49 -11.67 -10.29 -8.92
CA ASN B 49 -11.10 -10.13 -10.25
C ASN B 49 -9.75 -10.82 -10.35
N ILE B 50 -9.44 -11.30 -11.55
CA ILE B 50 -8.18 -11.96 -11.86
C ILE B 50 -7.41 -11.06 -12.83
N PRO B 51 -6.23 -10.57 -12.46
CA PRO B 51 -5.47 -9.71 -13.38
C PRO B 51 -4.86 -10.50 -14.53
N ILE B 52 -5.65 -10.74 -15.59
CA ILE B 52 -5.19 -11.58 -16.68
C ILE B 52 -4.00 -10.96 -17.41
N ALA B 53 -3.92 -9.64 -17.43
CA ALA B 53 -2.82 -8.97 -18.13
C ALA B 53 -1.52 -9.00 -17.33
N ASN B 54 -1.52 -9.62 -16.15
CA ASN B 54 -0.32 -9.71 -15.32
C ASN B 54 -0.14 -11.10 -14.73
N THR B 55 -0.91 -12.08 -15.19
CA THR B 55 -0.88 -13.44 -14.67
C THR B 55 -0.29 -14.38 -15.70
N THR B 56 0.72 -15.15 -15.31
CA THR B 56 1.32 -16.11 -16.21
C THR B 56 0.40 -17.30 -16.45
N SER B 57 -0.19 -17.84 -15.39
CA SER B 57 -1.02 -19.04 -15.53
C SER B 57 -1.95 -19.15 -14.34
N LEU B 58 -2.98 -19.97 -14.50
CA LEU B 58 -3.91 -20.32 -13.44
C LEU B 58 -3.72 -21.78 -13.05
N LEU B 59 -4.11 -22.10 -11.82
CA LEU B 59 -4.16 -23.47 -11.33
C LEU B 59 -5.49 -23.64 -10.61
N LEU B 60 -6.33 -24.54 -11.12
CA LEU B 60 -7.65 -24.78 -10.56
C LEU B 60 -7.63 -26.08 -9.77
N GLY B 61 -7.73 -25.96 -8.45
CA GLY B 61 -7.65 -27.12 -7.58
C GLY B 61 -8.97 -27.83 -7.41
N THR B 62 -9.28 -28.23 -6.18
CA THR B 62 -10.50 -28.98 -5.90
C THR B 62 -11.70 -28.04 -5.87
N GLY B 63 -12.81 -28.50 -6.45
CA GLY B 63 -14.03 -27.73 -6.41
C GLY B 63 -14.06 -26.49 -7.26
N THR B 64 -13.22 -26.42 -8.29
CA THR B 64 -13.24 -25.31 -9.22
C THR B 64 -14.04 -25.66 -10.47
N SER B 65 -14.40 -24.64 -11.23
CA SER B 65 -15.07 -24.83 -12.50
C SER B 65 -14.87 -23.58 -13.35
N ILE B 66 -14.84 -23.77 -14.66
CA ILE B 66 -14.60 -22.68 -15.60
C ILE B 66 -15.63 -22.76 -16.72
N THR B 67 -15.88 -21.62 -17.34
CA THR B 67 -16.85 -21.50 -18.43
C THR B 67 -16.13 -21.18 -19.74
N GLN B 68 -16.88 -21.29 -20.84
CA GLN B 68 -16.27 -21.08 -22.15
C GLN B 68 -15.88 -19.63 -22.35
N ALA B 69 -16.70 -18.69 -21.88
CA ALA B 69 -16.36 -17.28 -22.04
C ALA B 69 -15.10 -16.90 -21.26
N ALA B 70 -15.02 -17.36 -20.01
CA ALA B 70 -13.84 -17.07 -19.19
C ALA B 70 -12.61 -17.69 -19.82
N MET B 71 -12.73 -18.92 -20.34
CA MET B 71 -11.58 -19.56 -20.95
C MET B 71 -11.19 -18.88 -22.25
N ARG B 72 -12.17 -18.32 -22.97
CA ARG B 72 -11.86 -17.55 -24.17
C ARG B 72 -11.08 -16.29 -23.83
N GLU B 73 -11.50 -15.57 -22.79
CA GLU B 73 -10.76 -14.37 -22.41
C GLU B 73 -9.41 -14.71 -21.79
N LEU B 74 -9.29 -15.89 -21.19
CA LEU B 74 -7.98 -16.32 -20.68
C LEU B 74 -7.04 -16.66 -21.82
N ALA B 75 -7.50 -17.44 -22.80
CA ALA B 75 -6.71 -17.71 -23.99
C ALA B 75 -6.81 -16.61 -25.03
N ARG B 76 -6.64 -15.36 -24.58
CA ARG B 76 -6.53 -14.22 -25.49
C ARG B 76 -5.42 -13.30 -25.01
N ALA B 77 -5.03 -13.43 -23.74
CA ALA B 77 -3.81 -12.79 -23.26
C ALA B 77 -2.68 -13.79 -23.04
N GLY B 78 -2.79 -15.01 -23.58
CA GLY B 78 -1.77 -16.02 -23.39
C GLY B 78 -1.64 -16.48 -21.96
N VAL B 79 -2.76 -16.76 -21.31
CA VAL B 79 -2.78 -17.23 -19.93
C VAL B 79 -3.11 -18.72 -19.96
N LEU B 80 -2.18 -19.54 -19.48
CA LEU B 80 -2.40 -20.98 -19.43
C LEU B 80 -3.30 -21.33 -18.26
N VAL B 81 -4.04 -22.43 -18.40
CA VAL B 81 -4.95 -22.91 -17.37
C VAL B 81 -4.65 -24.38 -17.11
N GLY B 82 -4.53 -24.74 -15.85
CA GLY B 82 -4.24 -26.12 -15.47
C GLY B 82 -5.14 -26.59 -14.37
N PHE B 83 -5.56 -27.85 -14.46
CA PHE B 83 -6.44 -28.48 -13.48
C PHE B 83 -5.61 -29.39 -12.58
N CYS B 84 -5.09 -28.81 -11.50
CA CYS B 84 -4.30 -29.56 -10.55
C CYS B 84 -5.19 -30.30 -9.56
N GLY B 85 -4.60 -30.85 -8.51
CA GLY B 85 -5.36 -31.49 -7.46
C GLY B 85 -5.06 -30.86 -6.12
N GLY B 86 -6.06 -30.88 -5.25
CA GLY B 86 -5.94 -30.24 -3.95
C GLY B 86 -5.02 -30.98 -3.01
N GLY B 87 -4.44 -30.21 -2.09
CA GLY B 87 -3.57 -30.75 -1.07
C GLY B 87 -2.32 -31.42 -1.60
N GLY B 88 -1.70 -30.82 -2.62
CA GLY B 88 -0.48 -31.35 -3.20
C GLY B 88 -0.64 -32.75 -3.74
N THR B 89 -1.80 -33.03 -4.33
CA THR B 89 -2.12 -34.34 -4.87
C THR B 89 -2.26 -34.24 -6.39
N PRO B 90 -1.75 -35.23 -7.13
CA PRO B 90 -1.93 -35.23 -8.58
C PRO B 90 -3.40 -35.22 -8.97
N LEU B 91 -3.66 -34.87 -10.23
CA LEU B 91 -5.02 -34.96 -10.75
C LEU B 91 -5.60 -36.34 -10.54
N PHE B 92 -4.84 -37.37 -10.91
CA PHE B 92 -5.16 -38.76 -10.59
C PHE B 92 -3.85 -39.54 -10.65
N SER B 93 -3.95 -40.86 -10.51
CA SER B 93 -2.77 -41.73 -10.56
C SER B 93 -3.07 -42.89 -11.50
N ALA B 94 -2.54 -42.81 -12.73
CA ALA B 94 -2.71 -43.87 -13.70
C ALA B 94 -1.80 -45.05 -13.34
N ASN B 95 -2.32 -45.95 -12.49
CA ASN B 95 -1.57 -47.09 -11.99
C ASN B 95 -0.28 -46.64 -11.31
N GLU B 96 0.86 -46.89 -11.95
CA GLU B 96 2.16 -46.62 -11.35
C GLU B 96 2.65 -45.20 -11.60
N VAL B 97 1.97 -44.42 -12.42
CA VAL B 97 2.39 -43.06 -12.76
C VAL B 97 1.27 -42.10 -12.39
N ASP B 98 1.63 -40.86 -12.12
CA ASP B 98 0.67 -39.83 -11.75
C ASP B 98 0.82 -38.61 -12.65
N VAL B 99 -0.29 -37.96 -12.95
CA VAL B 99 -0.30 -36.70 -13.67
C VAL B 99 -0.90 -35.64 -12.75
N GLU B 100 -0.19 -34.52 -12.62
CA GLU B 100 -0.57 -33.48 -11.66
C GLU B 100 -1.41 -32.38 -12.28
N VAL B 101 -1.03 -31.89 -13.46
CA VAL B 101 -1.69 -30.76 -14.09
C VAL B 101 -2.14 -31.17 -15.49
N SER B 102 -3.40 -30.86 -15.81
CA SER B 102 -3.92 -31.01 -17.17
C SER B 102 -3.90 -29.64 -17.82
N TRP B 103 -2.92 -29.41 -18.69
CA TRP B 103 -2.66 -28.07 -19.21
C TRP B 103 -3.55 -27.79 -20.41
N LEU B 104 -4.08 -26.58 -20.45
CA LEU B 104 -4.89 -26.08 -21.57
C LEU B 104 -4.13 -24.91 -22.18
N THR B 105 -3.22 -25.21 -23.08
CA THR B 105 -2.41 -24.18 -23.71
C THR B 105 -3.21 -23.43 -24.76
N PRO B 106 -3.08 -22.10 -24.83
CA PRO B 106 -3.78 -21.34 -25.88
C PRO B 106 -3.34 -21.79 -27.26
N GLN B 107 -4.30 -21.82 -28.19
CA GLN B 107 -4.02 -22.23 -29.56
C GLN B 107 -4.25 -21.13 -30.58
N SER B 108 -5.01 -20.09 -30.25
CA SER B 108 -5.19 -18.98 -31.17
C SER B 108 -3.96 -18.08 -31.28
N GLU B 109 -3.15 -18.02 -30.23
CA GLU B 109 -1.89 -17.29 -30.29
C GLU B 109 -0.86 -18.10 -31.07
N TYR B 110 -0.16 -17.44 -31.99
CA TYR B 110 0.79 -18.08 -32.86
C TYR B 110 2.20 -17.79 -32.35
N ARG B 111 2.94 -18.84 -32.04
CA ARG B 111 4.20 -18.77 -31.33
C ARG B 111 5.38 -18.79 -32.29
N PRO B 112 6.54 -18.26 -31.84
CA PRO B 112 7.75 -18.29 -32.68
C PRO B 112 8.06 -19.66 -33.25
N THR B 113 8.72 -19.70 -34.40
CA THR B 113 8.91 -20.93 -35.15
C THR B 113 10.37 -21.24 -35.45
N GLU B 114 11.29 -20.88 -34.56
CA GLU B 114 12.69 -21.24 -34.74
C GLU B 114 13.15 -22.27 -33.73
N TYR B 115 12.89 -22.00 -32.45
CA TYR B 115 13.25 -22.93 -31.39
C TYR B 115 12.51 -24.25 -31.55
N LEU B 116 11.25 -24.19 -32.01
CA LEU B 116 10.50 -25.41 -32.26
C LEU B 116 11.17 -26.27 -33.34
N GLN B 117 11.62 -25.64 -34.42
CA GLN B 117 12.32 -26.40 -35.46
C GLN B 117 13.62 -27.00 -34.93
N ARG B 118 14.38 -26.24 -34.15
CA ARG B 118 15.60 -26.79 -33.58
C ARG B 118 15.30 -27.99 -32.68
N TRP B 119 14.27 -27.87 -31.84
CA TRP B 119 13.93 -28.93 -30.92
C TRP B 119 13.48 -30.19 -31.65
N VAL B 120 12.62 -30.03 -32.66
CA VAL B 120 12.17 -31.22 -33.40
C VAL B 120 13.30 -31.82 -34.21
N GLY B 121 14.24 -30.99 -34.67
CA GLY B 121 15.39 -31.49 -35.39
C GLY B 121 16.32 -32.34 -34.55
N PHE B 122 16.63 -31.90 -33.33
CA PHE B 122 17.56 -32.65 -32.50
C PHE B 122 16.90 -33.66 -31.59
N TRP B 123 15.57 -33.63 -31.46
CA TRP B 123 14.92 -34.38 -30.40
C TRP B 123 14.85 -35.88 -30.67
N PHE B 124 14.91 -36.30 -31.92
CA PHE B 124 14.68 -37.70 -32.26
C PHE B 124 15.97 -38.53 -32.26
N ASP B 125 17.09 -37.95 -31.85
CA ASP B 125 18.36 -38.68 -31.70
C ASP B 125 18.59 -38.90 -30.22
N GLU B 126 18.70 -40.17 -29.82
CA GLU B 126 18.84 -40.49 -28.40
C GLU B 126 20.12 -39.91 -27.81
N GLU B 127 21.24 -39.99 -28.53
CA GLU B 127 22.48 -39.41 -28.04
C GLU B 127 22.37 -37.89 -27.94
N LYS B 128 21.80 -37.25 -28.95
CA LYS B 128 21.59 -35.81 -28.95
C LYS B 128 20.55 -35.36 -27.94
N ARG B 129 19.74 -36.29 -27.42
CA ARG B 129 18.77 -35.97 -26.39
C ARG B 129 19.31 -36.22 -24.99
N LEU B 130 20.25 -37.15 -24.82
CA LEU B 130 20.98 -37.28 -23.57
C LEU B 130 22.00 -36.16 -23.38
N VAL B 131 22.60 -35.67 -24.48
CA VAL B 131 23.43 -34.48 -24.40
C VAL B 131 22.62 -33.31 -23.84
N ALA B 132 21.37 -33.18 -24.26
CA ALA B 132 20.49 -32.13 -23.76
C ALA B 132 20.18 -32.31 -22.27
N ALA B 133 19.97 -33.54 -21.83
CA ALA B 133 19.71 -33.79 -20.41
C ALA B 133 20.92 -33.42 -19.56
N ARG B 134 22.12 -33.76 -20.02
CA ARG B 134 23.32 -33.36 -19.29
C ARG B 134 23.46 -31.85 -19.20
N HIS B 135 23.22 -31.14 -20.29
CA HIS B 135 23.25 -29.68 -20.28
C HIS B 135 22.17 -29.09 -19.38
N PHE B 136 21.00 -29.72 -19.31
CA PHE B 136 19.95 -29.29 -18.38
C PHE B 136 20.36 -29.46 -16.93
N GLN B 137 20.99 -30.57 -16.57
CA GLN B 137 21.48 -30.76 -15.20
C GLN B 137 22.64 -29.85 -14.84
N ARG B 138 23.50 -29.53 -15.81
CA ARG B 138 24.60 -28.60 -15.55
C ARG B 138 24.12 -27.22 -15.14
N ALA B 139 23.02 -26.73 -15.69
CA ALA B 139 22.44 -25.46 -15.25
C ALA B 139 21.73 -25.56 -13.92
N ARG B 140 21.08 -26.69 -13.65
CA ARG B 140 20.46 -26.91 -12.36
C ARG B 140 21.49 -26.84 -11.24
N LEU B 141 22.63 -27.52 -11.42
CA LEU B 141 23.66 -27.49 -10.40
C LEU B 141 24.20 -26.07 -10.20
N GLU B 142 24.44 -25.36 -11.30
CA GLU B 142 24.98 -24.01 -11.19
C GLU B 142 24.02 -23.09 -10.47
N ARG B 143 22.73 -23.19 -10.76
CA ARG B 143 21.76 -22.33 -10.09
C ARG B 143 21.59 -22.71 -8.62
N ILE B 144 21.69 -24.01 -8.31
CA ILE B 144 21.66 -24.42 -6.91
C ILE B 144 22.80 -23.77 -6.15
N ARG B 145 24.00 -23.87 -6.71
CA ARG B 145 25.18 -23.25 -6.10
C ARG B 145 24.96 -21.76 -5.91
N HIS B 146 24.55 -21.08 -6.97
CA HIS B 146 24.33 -19.64 -6.95
C HIS B 146 23.37 -19.25 -5.83
N SER B 147 22.14 -19.79 -5.87
CA SER B 147 21.11 -19.39 -4.92
C SER B 147 21.51 -19.73 -3.48
N TRP B 148 22.05 -20.94 -3.26
CA TRP B 148 22.32 -21.36 -1.90
C TRP B 148 23.52 -20.64 -1.29
N LEU B 149 24.52 -20.28 -2.10
CA LEU B 149 25.77 -19.75 -1.56
C LEU B 149 26.01 -18.29 -1.91
N GLU B 150 26.00 -17.94 -3.20
CA GLU B 150 26.49 -16.65 -3.66
C GLU B 150 25.40 -15.59 -3.72
N ASP B 151 24.35 -15.74 -2.92
CA ASP B 151 23.29 -14.73 -2.85
C ASP B 151 22.96 -14.46 -1.40
N ARG B 152 22.74 -13.19 -1.09
CA ARG B 152 22.59 -12.75 0.30
C ARG B 152 21.13 -12.76 0.78
N VAL B 153 20.17 -12.67 -0.14
CA VAL B 153 18.77 -12.53 0.27
C VAL B 153 18.33 -13.74 1.08
N LEU B 154 18.71 -14.93 0.65
CA LEU B 154 18.38 -16.14 1.40
C LEU B 154 19.06 -16.17 2.77
N ARG B 155 20.32 -15.75 2.85
CA ARG B 155 21.05 -15.76 4.11
C ARG B 155 20.48 -14.77 5.11
N ASP B 156 20.02 -13.61 4.64
CA ASP B 156 19.46 -12.60 5.52
C ASP B 156 18.09 -12.99 6.05
N ALA B 157 17.46 -14.03 5.50
CA ALA B 157 16.15 -14.48 5.94
C ALA B 157 16.22 -15.68 6.86
N GLY B 158 17.42 -16.12 7.25
CA GLY B 158 17.58 -17.23 8.17
C GLY B 158 18.14 -18.49 7.56
N PHE B 159 18.51 -18.49 6.29
CA PHE B 159 19.09 -19.66 5.64
C PHE B 159 20.62 -19.61 5.78
N ALA B 160 21.17 -20.53 6.57
CA ALA B 160 22.62 -20.59 6.82
C ALA B 160 23.09 -21.99 6.47
N VAL B 161 23.40 -22.20 5.19
CA VAL B 161 23.81 -23.52 4.73
C VAL B 161 25.29 -23.74 5.03
N ASP B 162 25.64 -24.99 5.35
CA ASP B 162 27.02 -25.39 5.55
C ASP B 162 27.72 -25.36 4.20
N ALA B 163 28.52 -24.31 3.98
CA ALA B 163 29.14 -24.05 2.69
C ALA B 163 29.99 -25.22 2.22
N THR B 164 30.80 -25.78 3.11
CA THR B 164 31.67 -26.90 2.73
C THR B 164 30.86 -28.13 2.33
N ALA B 165 29.82 -28.44 3.12
CA ALA B 165 29.01 -29.62 2.82
C ALA B 165 28.26 -29.46 1.50
N LEU B 166 27.70 -28.28 1.25
CA LEU B 166 27.04 -28.04 -0.02
C LEU B 166 28.03 -28.12 -1.18
N ALA B 167 29.22 -27.56 -0.98
CA ALA B 167 30.23 -27.60 -2.04
C ALA B 167 30.62 -29.03 -2.38
N VAL B 168 30.85 -29.86 -1.37
CA VAL B 168 31.28 -31.23 -1.65
C VAL B 168 30.12 -32.03 -2.26
N ALA B 169 28.89 -31.78 -1.80
CA ALA B 169 27.74 -32.47 -2.39
C ALA B 169 27.58 -32.12 -3.86
N VAL B 170 27.69 -30.82 -4.19
CA VAL B 170 27.54 -30.39 -5.58
C VAL B 170 28.70 -30.93 -6.42
N GLU B 171 29.91 -30.94 -5.87
CA GLU B 171 31.05 -31.48 -6.61
C GLU B 171 30.87 -32.95 -6.92
N ASP B 172 30.41 -33.73 -5.93
CA ASP B 172 30.16 -35.15 -6.16
C ASP B 172 29.05 -35.35 -7.19
N SER B 173 28.01 -34.53 -7.13
CA SER B 173 26.93 -34.64 -8.10
C SER B 173 27.43 -34.33 -9.52
N ALA B 174 28.26 -33.30 -9.66
CA ALA B 174 28.82 -32.96 -10.97
C ALA B 174 29.72 -34.08 -11.48
N ARG B 175 30.55 -34.64 -10.61
CA ARG B 175 31.43 -35.73 -11.01
C ARG B 175 30.62 -36.94 -11.47
N ALA B 176 29.53 -37.26 -10.75
CA ALA B 176 28.65 -38.33 -11.20
C ALA B 176 27.98 -38.00 -12.53
N LEU B 177 27.62 -36.73 -12.74
CA LEU B 177 27.01 -36.33 -13.99
C LEU B 177 27.96 -36.52 -15.16
N GLU B 178 29.23 -36.18 -14.97
CA GLU B 178 30.19 -36.26 -16.07
C GLU B 178 30.33 -37.69 -16.59
N GLN B 179 30.24 -38.67 -15.70
CA GLN B 179 30.36 -40.07 -16.07
C GLN B 179 29.00 -40.77 -16.17
N ALA B 180 27.95 -40.04 -16.52
CA ALA B 180 26.63 -40.64 -16.64
C ALA B 180 26.53 -41.46 -17.92
N PRO B 181 26.23 -42.76 -17.83
CA PRO B 181 26.14 -43.57 -19.06
C PRO B 181 24.83 -43.40 -19.80
N ASN B 182 23.73 -43.22 -19.08
CA ASN B 182 22.41 -43.17 -19.70
C ASN B 182 21.47 -42.36 -18.80
N HIS B 183 20.17 -42.45 -19.09
CA HIS B 183 19.18 -41.67 -18.36
C HIS B 183 18.95 -42.18 -16.94
N GLU B 184 18.99 -43.50 -16.74
CA GLU B 184 18.68 -44.06 -15.42
C GLU B 184 19.68 -43.57 -14.37
N HIS B 185 20.97 -43.56 -14.71
CA HIS B 185 21.96 -43.09 -13.75
C HIS B 185 21.82 -41.59 -13.51
N LEU B 186 21.42 -40.84 -14.53
CA LEU B 186 21.18 -39.41 -14.35
C LEU B 186 20.02 -39.19 -13.38
N LEU B 187 18.95 -39.97 -13.51
CA LEU B 187 17.83 -39.87 -12.59
C LEU B 187 18.24 -40.26 -11.17
N THR B 188 19.06 -41.31 -11.05
CA THR B 188 19.52 -41.72 -9.72
C THR B 188 20.37 -40.63 -9.07
N GLU B 189 21.27 -40.02 -9.85
CA GLU B 189 22.07 -38.91 -9.33
C GLU B 189 21.21 -37.72 -8.94
N GLU B 190 20.19 -37.40 -9.74
CA GLU B 190 19.29 -36.30 -9.39
C GLU B 190 18.57 -36.59 -8.08
N ALA B 191 18.09 -37.83 -7.90
CA ALA B 191 17.40 -38.19 -6.67
C ALA B 191 18.34 -38.11 -5.47
N ARG B 192 19.57 -38.60 -5.62
CA ARG B 192 20.54 -38.53 -4.54
C ARG B 192 20.85 -37.10 -4.16
N LEU B 193 21.07 -36.23 -5.15
CA LEU B 193 21.30 -34.82 -4.87
C LEU B 193 20.11 -34.15 -4.20
N SER B 194 18.88 -34.46 -4.64
CA SER B 194 17.71 -33.89 -4.00
C SER B 194 17.57 -34.34 -2.55
N LYS B 195 17.82 -35.61 -2.26
CA LYS B 195 17.75 -36.07 -0.88
C LYS B 195 18.82 -35.41 -0.01
N ARG B 196 20.05 -35.33 -0.48
CA ARG B 196 21.10 -34.67 0.28
C ARG B 196 20.82 -33.19 0.47
N LEU B 197 20.26 -32.51 -0.53
CA LEU B 197 19.84 -31.13 -0.39
C LEU B 197 18.71 -30.96 0.61
N PHE B 198 17.75 -31.89 0.65
CA PHE B 198 16.71 -31.85 1.68
C PHE B 198 17.33 -31.92 3.07
N LYS B 199 18.27 -32.86 3.26
CA LYS B 199 18.91 -32.97 4.57
C LYS B 199 19.67 -31.70 4.93
N LEU B 200 20.42 -31.15 3.98
CA LEU B 200 21.19 -29.94 4.25
C LEU B 200 20.27 -28.76 4.57
N ALA B 201 19.15 -28.64 3.86
CA ALA B 201 18.23 -27.54 4.11
C ALA B 201 17.54 -27.70 5.46
N ALA B 202 17.21 -28.93 5.84
CA ALA B 202 16.64 -29.16 7.16
C ALA B 202 17.61 -28.78 8.25
N GLN B 203 18.88 -29.15 8.09
CA GLN B 203 19.89 -28.76 9.08
C GLN B 203 20.07 -27.24 9.13
N ALA B 204 20.08 -26.59 7.96
CA ALA B 204 20.41 -25.18 7.90
C ALA B 204 19.39 -24.31 8.64
N THR B 205 18.10 -24.63 8.49
CA THR B 205 17.04 -23.87 9.13
C THR B 205 16.66 -24.44 10.49
N ARG B 206 17.54 -25.22 11.11
CA ARG B 206 17.29 -25.96 12.36
C ARG B 206 15.85 -26.49 12.40
N TYR B 207 15.46 -27.14 11.32
CA TYR B 207 14.13 -27.71 11.20
C TYR B 207 13.99 -29.03 11.94
N GLY B 208 15.09 -29.68 12.30
CA GLY B 208 15.03 -30.95 12.99
C GLY B 208 15.39 -32.10 12.08
N GLU B 209 14.60 -33.18 12.15
CA GLU B 209 14.79 -34.35 11.30
C GLU B 209 13.69 -34.36 10.25
N PHE B 210 14.08 -34.30 8.98
CA PHE B 210 13.16 -34.26 7.87
C PHE B 210 13.30 -35.52 7.03
N VAL B 211 12.18 -36.19 6.78
CA VAL B 211 12.13 -37.35 5.90
C VAL B 211 11.08 -37.07 4.83
N ARG B 212 11.50 -37.11 3.57
CA ARG B 212 10.63 -36.71 2.48
C ARG B 212 9.51 -37.73 2.28
N ALA B 213 8.27 -37.24 2.19
CA ALA B 213 7.13 -38.10 1.93
C ALA B 213 6.65 -37.90 0.50
N LYS B 214 6.18 -39.00 -0.11
CA LYS B 214 5.79 -39.01 -1.50
C LYS B 214 4.28 -39.00 -1.66
N ARG B 215 3.84 -38.54 -2.83
CA ARG B 215 2.42 -38.53 -3.21
C ARG B 215 1.59 -37.70 -2.25
N GLY B 216 2.18 -36.66 -1.70
CA GLY B 216 1.45 -35.78 -0.79
C GLY B 216 0.94 -36.46 0.46
N SER B 217 1.74 -37.36 1.04
CA SER B 217 1.35 -38.03 2.27
C SER B 217 1.95 -37.41 3.52
N GLY B 218 2.77 -36.38 3.39
CA GLY B 218 3.42 -35.80 4.53
C GLY B 218 2.47 -34.99 5.40
N GLY B 219 2.87 -34.81 6.65
CA GLY B 219 2.08 -34.04 7.59
C GLY B 219 2.78 -32.79 8.08
N ASP B 220 4.11 -32.85 8.16
CA ASP B 220 4.86 -31.69 8.61
C ASP B 220 4.81 -30.58 7.56
N PRO B 221 4.99 -29.32 7.96
CA PRO B 221 4.85 -28.21 7.00
C PRO B 221 5.79 -28.29 5.83
N ALA B 222 7.01 -28.82 6.01
CA ALA B 222 7.98 -28.85 4.93
C ALA B 222 7.48 -29.70 3.75
N ASN B 223 6.94 -30.88 4.05
CA ASN B 223 6.45 -31.76 2.98
C ASN B 223 5.30 -31.12 2.22
N ARG B 224 4.34 -30.54 2.96
CA ARG B 224 3.21 -29.90 2.31
C ARG B 224 3.65 -28.73 1.46
N PHE B 225 4.58 -27.92 1.96
CA PHE B 225 5.04 -26.76 1.20
C PHE B 225 5.83 -27.18 -0.03
N LEU B 226 6.62 -28.25 0.07
CA LEU B 226 7.31 -28.74 -1.12
C LEU B 226 6.32 -29.23 -2.17
N ASP B 227 5.31 -29.99 -1.73
CA ASP B 227 4.31 -30.49 -2.67
C ASP B 227 3.54 -29.34 -3.32
N HIS B 228 3.30 -28.26 -2.57
CA HIS B 228 2.61 -27.12 -3.14
C HIS B 228 3.49 -26.35 -4.12
N GLY B 229 4.76 -26.11 -3.75
CA GLY B 229 5.66 -25.37 -4.62
C GLY B 229 6.00 -26.09 -5.90
N ASN B 230 5.91 -27.43 -5.91
CA ASN B 230 6.04 -28.17 -7.16
C ASN B 230 5.06 -27.64 -8.20
N TYR B 231 3.85 -27.27 -7.77
CA TYR B 231 2.85 -26.77 -8.72
C TYR B 231 3.25 -25.42 -9.30
N LEU B 232 3.79 -24.52 -8.48
CA LEU B 232 4.27 -23.25 -9.01
C LEU B 232 5.40 -23.46 -10.00
N ALA B 233 6.32 -24.37 -9.68
CA ALA B 233 7.39 -24.69 -10.63
C ALA B 233 6.84 -25.22 -11.94
N TYR B 234 5.85 -26.12 -11.86
CA TYR B 234 5.25 -26.66 -13.07
C TYR B 234 4.56 -25.58 -13.88
N GLY B 235 3.88 -24.65 -13.21
CA GLY B 235 3.21 -23.58 -13.92
C GLY B 235 4.20 -22.69 -14.67
N LEU B 236 5.28 -22.30 -13.99
CA LEU B 236 6.29 -21.48 -14.66
C LEU B 236 6.94 -22.22 -15.82
N ALA B 237 7.23 -23.51 -15.64
CA ALA B 237 7.85 -24.28 -16.70
C ALA B 237 6.93 -24.43 -17.91
N ALA B 238 5.64 -24.68 -17.67
CA ALA B 238 4.69 -24.77 -18.76
C ALA B 238 4.57 -23.44 -19.49
N THR B 239 4.56 -22.34 -18.75
CA THR B 239 4.52 -21.03 -19.39
C THR B 239 5.73 -20.83 -20.29
N ALA B 240 6.92 -21.16 -19.80
CA ALA B 240 8.14 -20.96 -20.58
C ALA B 240 8.13 -21.83 -21.84
N THR B 241 7.77 -23.10 -21.70
CA THR B 241 7.76 -23.99 -22.85
C THR B 241 6.75 -23.54 -23.89
N TRP B 242 5.56 -23.10 -23.46
CA TRP B 242 4.57 -22.60 -24.41
C TRP B 242 5.07 -21.32 -25.08
N VAL B 243 5.73 -20.44 -24.33
CA VAL B 243 6.19 -19.18 -24.90
C VAL B 243 7.22 -19.45 -25.99
N LEU B 244 8.15 -20.37 -25.76
CA LEU B 244 9.12 -20.69 -26.80
C LEU B 244 8.51 -21.47 -27.95
N GLY B 245 7.28 -21.95 -27.83
CA GLY B 245 6.64 -22.70 -28.88
C GLY B 245 6.95 -24.19 -28.88
N ILE B 246 7.70 -24.68 -27.91
CA ILE B 246 8.04 -26.10 -27.84
C ILE B 246 6.90 -26.85 -27.16
N PRO B 247 6.42 -27.95 -27.75
CA PRO B 247 5.35 -28.71 -27.10
C PRO B 247 5.80 -29.31 -25.78
N HIS B 248 4.83 -29.48 -24.88
CA HIS B 248 5.12 -30.05 -23.57
C HIS B 248 5.63 -31.48 -23.66
N GLY B 249 5.22 -32.20 -24.70
CA GLY B 249 5.53 -33.62 -24.77
C GLY B 249 6.97 -33.95 -25.11
N LEU B 250 7.70 -33.01 -25.71
CA LEU B 250 9.07 -33.27 -26.15
C LEU B 250 10.00 -33.14 -24.94
N ALA B 251 10.06 -34.20 -24.14
CA ALA B 251 10.89 -34.23 -22.96
C ALA B 251 12.29 -34.75 -23.30
N VAL B 252 13.24 -34.46 -22.41
CA VAL B 252 14.62 -34.89 -22.62
C VAL B 252 15.06 -35.80 -21.49
N LEU B 253 14.48 -35.60 -20.29
CA LEU B 253 14.84 -36.43 -19.14
C LEU B 253 13.65 -37.16 -18.55
N HIS B 254 12.58 -36.46 -18.21
CA HIS B 254 11.41 -37.07 -17.57
C HIS B 254 10.33 -37.36 -18.62
N GLY B 255 10.67 -38.22 -19.56
CA GLY B 255 9.71 -38.63 -20.57
C GLY B 255 9.32 -40.09 -20.43
N LYS B 256 10.01 -40.79 -19.53
CA LYS B 256 9.78 -42.22 -19.38
C LYS B 256 8.49 -42.50 -18.62
N THR B 257 8.13 -41.65 -17.65
CA THR B 257 7.01 -41.93 -16.77
C THR B 257 6.00 -40.80 -16.66
N ARG B 258 6.28 -39.62 -17.20
CA ARG B 258 5.43 -38.45 -16.99
C ARG B 258 4.98 -37.89 -18.33
N ARG B 259 3.67 -37.76 -18.51
CA ARG B 259 3.13 -37.10 -19.69
C ARG B 259 3.46 -35.62 -19.65
N GLY B 260 3.83 -35.07 -20.80
CA GLY B 260 4.25 -33.68 -20.85
C GLY B 260 5.49 -33.45 -20.02
N GLY B 261 6.53 -34.26 -20.26
CA GLY B 261 7.69 -34.27 -19.39
C GLY B 261 8.60 -33.07 -19.51
N LEU B 262 8.52 -32.34 -20.62
CA LEU B 262 9.35 -31.14 -20.76
C LEU B 262 9.04 -30.13 -19.68
N VAL B 263 7.79 -30.09 -19.21
CA VAL B 263 7.43 -29.19 -18.12
C VAL B 263 8.21 -29.55 -16.86
N PHE B 264 8.27 -30.83 -16.52
CA PHE B 264 9.00 -31.25 -15.33
C PHE B 264 10.50 -31.02 -15.50
N ASP B 265 11.03 -31.30 -16.69
CA ASP B 265 12.45 -31.08 -16.94
C ASP B 265 12.82 -29.62 -16.78
N VAL B 266 11.99 -28.72 -17.30
CA VAL B 266 12.25 -27.28 -17.17
C VAL B 266 12.08 -26.84 -15.72
N ALA B 267 11.09 -27.39 -15.01
CA ALA B 267 10.85 -26.97 -13.64
C ALA B 267 11.95 -27.43 -12.70
N ASP B 268 12.63 -28.53 -13.03
CA ASP B 268 13.70 -29.02 -12.18
C ASP B 268 14.82 -28.00 -12.02
N LEU B 269 14.95 -27.06 -12.96
CA LEU B 269 16.02 -26.07 -12.86
C LEU B 269 15.86 -25.20 -11.62
N ILE B 270 14.63 -24.82 -11.29
CA ILE B 270 14.38 -23.95 -10.15
C ILE B 270 13.75 -24.67 -8.97
N LYS B 271 13.38 -25.94 -9.10
CA LYS B 271 12.72 -26.62 -8.00
C LYS B 271 13.64 -26.75 -6.78
N ASP B 272 14.89 -27.12 -6.99
CA ASP B 272 15.81 -27.36 -5.88
C ASP B 272 16.59 -26.12 -5.45
N SER B 273 16.50 -25.03 -6.19
CA SER B 273 17.30 -23.84 -5.89
C SER B 273 16.52 -22.73 -5.23
N LEU B 274 15.22 -22.61 -5.50
CA LEU B 274 14.40 -21.54 -4.96
C LEU B 274 13.21 -22.05 -4.16
N ILE B 275 12.57 -23.12 -4.61
CA ILE B 275 11.44 -23.68 -3.86
C ILE B 275 11.92 -24.30 -2.55
N LEU B 276 13.03 -25.03 -2.61
CA LEU B 276 13.48 -25.80 -1.44
C LEU B 276 13.83 -24.93 -0.25
N PRO B 277 14.71 -23.92 -0.35
CA PRO B 277 14.97 -23.09 0.83
C PRO B 277 13.74 -22.38 1.36
N GLN B 278 12.87 -21.92 0.45
CA GLN B 278 11.69 -21.18 0.87
C GLN B 278 10.70 -22.05 1.60
N ALA B 279 10.62 -23.34 1.25
CA ALA B 279 9.70 -24.24 1.95
C ALA B 279 10.06 -24.32 3.42
N PHE B 280 11.34 -24.56 3.73
CA PHE B 280 11.74 -24.65 5.13
C PHE B 280 11.71 -23.30 5.82
N LEU B 281 12.03 -22.22 5.10
CA LEU B 281 11.95 -20.90 5.71
C LEU B 281 10.52 -20.57 6.12
N SER B 282 9.54 -20.93 5.28
CA SER B 282 8.15 -20.70 5.63
C SER B 282 7.68 -21.64 6.73
N ALA B 283 8.16 -22.89 6.73
CA ALA B 283 7.79 -23.81 7.79
C ALA B 283 8.25 -23.29 9.14
N MET B 284 9.49 -22.80 9.21
CA MET B 284 10.02 -22.31 10.49
C MET B 284 9.28 -21.05 10.95
N ARG B 285 8.73 -20.29 10.00
CA ARG B 285 8.07 -19.03 10.33
C ARG B 285 6.59 -19.20 10.67
N GLY B 286 6.07 -20.43 10.66
CA GLY B 286 4.67 -20.63 10.92
C GLY B 286 3.77 -20.06 9.86
N ASP B 287 4.12 -20.22 8.59
CA ASP B 287 3.36 -19.67 7.49
C ASP B 287 2.25 -20.63 7.06
N GLU B 288 1.15 -20.06 6.57
CA GLU B 288 0.12 -20.84 5.93
C GLU B 288 0.47 -21.00 4.45
N GLU B 289 -0.37 -21.74 3.71
CA GLU B 289 -0.04 -22.02 2.33
C GLU B 289 -0.06 -20.77 1.47
N GLN B 290 -0.96 -19.82 1.75
CA GLN B 290 -0.98 -18.58 0.99
C GLN B 290 0.29 -17.78 1.18
N ASP B 291 0.79 -17.68 2.41
CA ASP B 291 2.01 -16.94 2.67
C ASP B 291 3.20 -17.61 2.00
N PHE B 292 3.28 -18.94 2.06
CA PHE B 292 4.36 -19.64 1.38
C PHE B 292 4.29 -19.43 -0.12
N ARG B 293 3.08 -19.47 -0.68
CA ARG B 293 2.92 -19.24 -2.12
C ARG B 293 3.40 -17.86 -2.50
N GLN B 294 3.02 -16.84 -1.73
CA GLN B 294 3.46 -15.48 -2.03
C GLN B 294 4.96 -15.34 -1.89
N ALA B 295 5.54 -15.97 -0.86
CA ALA B 295 6.99 -15.93 -0.70
C ALA B 295 7.70 -16.59 -1.87
N CYS B 296 7.19 -17.74 -2.32
CA CYS B 296 7.79 -18.42 -3.47
C CYS B 296 7.67 -17.57 -4.73
N LEU B 297 6.52 -16.95 -4.95
CA LEU B 297 6.37 -16.08 -6.11
C LEU B 297 7.34 -14.90 -6.04
N ASP B 298 7.53 -14.34 -4.85
CA ASP B 298 8.52 -13.28 -4.67
C ASP B 298 9.91 -13.78 -5.03
N ASN B 299 10.27 -14.97 -4.54
CA ASN B 299 11.60 -15.50 -4.84
C ASN B 299 11.78 -15.71 -6.34
N LEU B 300 10.77 -16.25 -7.01
CA LEU B 300 10.88 -16.50 -8.44
C LEU B 300 10.96 -15.20 -9.23
N SER B 301 10.19 -14.18 -8.85
CA SER B 301 10.22 -12.91 -9.57
C SER B 301 11.53 -12.18 -9.34
N ARG B 302 12.03 -12.20 -8.10
CA ARG B 302 13.30 -11.52 -7.79
C ARG B 302 14.47 -12.15 -8.53
N ALA B 303 14.50 -13.48 -8.60
CA ALA B 303 15.57 -14.20 -9.25
C ALA B 303 15.36 -14.39 -10.75
N GLN B 304 14.23 -13.92 -11.29
CA GLN B 304 13.92 -14.04 -12.71
C GLN B 304 13.99 -15.49 -13.16
N ALA B 305 13.21 -16.35 -12.49
CA ALA B 305 13.23 -17.77 -12.79
C ALA B 305 12.67 -18.04 -14.18
N LEU B 306 11.62 -17.33 -14.58
CA LEU B 306 11.04 -17.55 -15.90
C LEU B 306 12.05 -17.19 -17.00
N ASP B 307 12.75 -16.07 -16.83
CA ASP B 307 13.78 -15.70 -17.79
C ASP B 307 14.89 -16.73 -17.83
N PHE B 308 15.28 -17.27 -16.68
CA PHE B 308 16.29 -18.31 -16.66
C PHE B 308 15.83 -19.54 -17.42
N MET B 309 14.57 -19.95 -17.23
CA MET B 309 14.05 -21.11 -17.96
C MET B 309 14.06 -20.87 -19.46
N ILE B 310 13.61 -19.67 -19.88
CA ILE B 310 13.59 -19.35 -21.30
C ILE B 310 14.99 -19.38 -21.88
N ASP B 311 15.94 -18.76 -21.18
CA ASP B 311 17.30 -18.68 -21.69
C ASP B 311 17.96 -20.06 -21.72
N THR B 312 17.70 -20.90 -20.72
CA THR B 312 18.26 -22.25 -20.72
C THR B 312 17.70 -23.07 -21.86
N LEU B 313 16.40 -22.96 -22.12
CA LEU B 313 15.82 -23.67 -23.25
C LEU B 313 16.42 -23.18 -24.56
N LYS B 314 16.60 -21.86 -24.70
CA LYS B 314 17.24 -21.31 -25.89
C LYS B 314 18.65 -21.83 -26.06
N ASP B 315 19.43 -21.87 -24.98
CA ASP B 315 20.81 -22.33 -25.06
C ASP B 315 20.89 -23.80 -25.41
N VAL B 316 20.02 -24.62 -24.85
CA VAL B 316 20.02 -26.04 -25.19
C VAL B 316 19.66 -26.22 -26.66
N ALA B 317 18.65 -25.49 -27.14
CA ALA B 317 18.28 -25.60 -28.55
C ALA B 317 19.41 -25.15 -29.46
N GLN B 318 20.08 -24.06 -29.12
CA GLN B 318 21.16 -23.55 -29.97
C GLN B 318 22.34 -24.50 -29.98
N ARG B 319 22.75 -25.00 -28.81
CA ARG B 319 23.87 -25.94 -28.75
C ARG B 319 23.52 -27.29 -29.35
N SER B 320 22.23 -27.60 -29.50
CA SER B 320 21.85 -28.86 -30.13
C SER B 320 22.35 -28.93 -31.57
N THR B 321 22.29 -27.82 -32.29
CA THR B 321 22.75 -27.77 -33.67
C THR B 321 24.25 -28.06 -33.77
N MET C 1 8.61 -0.08 10.23
CA MET C 1 7.96 -0.77 9.11
C MET C 1 6.96 0.14 8.44
N ASN C 2 6.65 -0.15 7.18
CA ASN C 2 5.60 0.56 6.48
C ASN C 2 4.35 -0.31 6.41
N ILE C 3 3.23 0.22 6.87
CA ILE C 3 1.99 -0.54 6.92
C ILE C 3 0.93 0.19 6.09
N LEU C 4 -0.04 -0.58 5.61
CA LEU C 4 -1.10 -0.05 4.75
C LEU C 4 -2.44 -0.50 5.32
N LEU C 5 -3.21 0.44 5.85
CA LEU C 5 -4.47 0.16 6.50
C LEU C 5 -5.62 0.39 5.54
N VAL C 6 -6.45 -0.64 5.35
CA VAL C 6 -7.60 -0.58 4.45
C VAL C 6 -8.84 -0.88 5.27
N SER C 7 -9.86 -0.05 5.13
CA SER C 7 -11.08 -0.13 5.92
C SER C 7 -12.25 -0.49 5.03
N GLN C 8 -13.04 -1.48 5.45
CA GLN C 8 -14.29 -1.85 4.80
C GLN C 8 -15.49 -1.63 5.73
N CYS C 9 -15.33 -0.74 6.72
CA CYS C 9 -16.36 -0.50 7.71
C CYS C 9 -17.56 0.19 7.06
N GLU C 10 -18.70 0.12 7.75
CA GLU C 10 -19.93 0.72 7.25
C GLU C 10 -20.66 1.38 8.40
N LYS C 11 -21.58 2.28 8.05
CA LYS C 11 -22.56 2.88 8.97
C LYS C 11 -21.81 3.50 10.15
N ARG C 12 -22.13 3.13 11.39
CA ARG C 12 -21.52 3.76 12.56
C ARG C 12 -20.07 3.35 12.76
N ALA C 13 -19.65 2.20 12.26
CA ALA C 13 -18.27 1.75 12.42
C ALA C 13 -17.29 2.57 11.60
N LEU C 14 -17.71 3.08 10.45
CA LEU C 14 -16.82 3.86 9.60
C LEU C 14 -16.40 5.15 10.27
N SER C 15 -17.32 5.81 10.97
CA SER C 15 -16.99 7.06 11.65
C SER C 15 -15.90 6.85 12.69
N GLU C 16 -16.04 5.82 13.52
CA GLU C 16 -15.04 5.53 14.53
C GLU C 16 -13.73 5.03 13.95
N THR C 17 -13.77 4.23 12.88
CA THR C 17 -12.55 3.82 12.22
C THR C 17 -11.79 5.00 11.65
N ARG C 18 -12.49 5.93 10.99
CA ARG C 18 -11.84 7.15 10.51
C ARG C 18 -11.26 7.96 11.66
N ARG C 19 -12.05 8.13 12.73
CA ARG C 19 -11.58 8.90 13.87
C ARG C 19 -10.32 8.33 14.47
N ILE C 20 -10.24 7.01 14.61
CA ILE C 20 -9.06 6.38 15.18
C ILE C 20 -7.87 6.38 14.22
N LEU C 21 -8.08 6.06 12.95
CA LEU C 21 -6.99 5.90 12.00
C LEU C 21 -6.44 7.23 11.49
N ASP C 22 -7.21 8.31 11.55
CA ASP C 22 -6.68 9.60 11.12
C ASP C 22 -5.62 10.13 12.07
N GLN C 23 -5.54 9.59 13.28
CA GLN C 23 -4.55 10.01 14.26
C GLN C 23 -3.25 9.23 14.15
N PHE C 24 -3.25 8.09 13.47
CA PHE C 24 -2.08 7.23 13.40
C PHE C 24 -1.48 7.14 12.00
N ALA C 25 -2.12 7.70 10.99
CA ALA C 25 -1.69 7.47 9.63
C ALA C 25 -2.17 8.61 8.74
N GLU C 26 -1.62 8.64 7.52
CA GLU C 26 -2.03 9.58 6.49
C GLU C 26 -2.92 8.86 5.47
N ARG C 27 -3.92 9.57 4.97
CA ARG C 27 -4.81 9.00 3.97
C ARG C 27 -4.10 8.88 2.63
N ARG C 28 -4.39 7.79 1.93
CA ARG C 28 -3.96 7.62 0.55
C ARG C 28 -5.13 7.57 -0.43
N GLY C 29 -6.24 6.95 -0.04
CA GLY C 29 -7.42 6.93 -0.87
C GLY C 29 -8.66 7.32 -0.08
N GLU C 30 -9.83 6.88 -0.54
CA GLU C 30 -11.06 7.15 0.19
C GLU C 30 -11.12 6.39 1.50
N ARG C 31 -10.69 5.13 1.53
CA ARG C 31 -10.69 4.31 2.72
C ARG C 31 -9.35 3.61 2.92
N THR C 32 -8.25 4.30 2.64
CA THR C 32 -6.93 3.71 2.68
C THR C 32 -5.99 4.65 3.41
N TRP C 33 -5.26 4.11 4.40
CA TRP C 33 -4.25 4.85 5.12
C TRP C 33 -2.90 4.18 4.93
N GLN C 34 -1.83 4.91 5.26
CA GLN C 34 -0.48 4.36 5.16
C GLN C 34 0.46 5.23 5.96
N THR C 35 1.34 4.59 6.74
CA THR C 35 2.25 5.32 7.60
C THR C 35 3.43 4.42 7.95
N PRO C 36 4.61 4.98 8.15
CA PRO C 36 5.65 4.25 8.88
C PRO C 36 5.25 4.09 10.33
N ILE C 37 5.64 2.98 10.94
CA ILE C 37 5.23 2.67 12.30
C ILE C 37 6.23 1.71 12.91
N THR C 38 6.23 1.64 14.23
CA THR C 38 7.03 0.68 14.98
C THR C 38 6.13 -0.45 15.48
N GLN C 39 6.76 -1.52 15.96
CA GLN C 39 6.00 -2.67 16.43
C GLN C 39 5.13 -2.30 17.63
N ALA C 40 5.68 -1.54 18.58
CA ALA C 40 4.90 -1.13 19.74
C ALA C 40 3.73 -0.24 19.32
N GLY C 41 3.97 0.70 18.41
CA GLY C 41 2.89 1.53 17.92
C GLY C 41 1.85 0.74 17.15
N LEU C 42 2.29 -0.26 16.40
CA LEU C 42 1.35 -1.12 15.69
C LEU C 42 0.47 -1.88 16.66
N ASP C 43 1.05 -2.40 17.75
CA ASP C 43 0.24 -3.08 18.75
C ASP C 43 -0.73 -2.14 19.42
N THR C 44 -0.28 -0.91 19.71
CA THR C 44 -1.17 0.08 20.30
C THR C 44 -2.35 0.38 19.38
N LEU C 45 -2.07 0.56 18.08
CA LEU C 45 -3.15 0.82 17.12
C LEU C 45 -4.11 -0.36 17.05
N ARG C 46 -3.58 -1.59 17.01
CA ARG C 46 -4.45 -2.76 16.92
C ARG C 46 -5.34 -2.87 18.14
N ARG C 47 -4.79 -2.64 19.34
CA ARG C 47 -5.60 -2.75 20.55
C ARG C 47 -6.63 -1.63 20.62
N LEU C 48 -6.28 -0.42 20.18
CA LEU C 48 -7.26 0.65 20.13
C LEU C 48 -8.40 0.31 19.17
N LEU C 49 -8.08 -0.24 18.01
CA LEU C 49 -9.11 -0.62 17.05
C LEU C 49 -9.99 -1.73 17.60
N LYS C 50 -9.39 -2.70 18.31
CA LYS C 50 -10.17 -3.83 18.81
C LYS C 50 -11.04 -3.44 20.00
N LYS C 51 -10.62 -2.43 20.77
CA LYS C 51 -11.42 -2.02 21.93
C LYS C 51 -12.77 -1.46 21.50
N SER C 52 -12.76 -0.47 20.60
CA SER C 52 -13.99 0.13 20.08
C SER C 52 -14.27 -0.42 18.69
N ALA C 53 -14.76 -1.66 18.65
CA ALA C 53 -15.06 -2.34 17.40
C ALA C 53 -16.50 -2.84 17.43
N ARG C 54 -17.29 -2.44 16.43
CA ARG C 54 -18.67 -2.89 16.31
C ARG C 54 -18.72 -4.12 15.41
N ARG C 55 -19.93 -4.52 15.01
CA ARG C 55 -20.09 -5.64 14.09
C ARG C 55 -19.73 -5.27 12.66
N ASN C 56 -19.81 -3.99 12.30
CA ASN C 56 -19.50 -3.54 10.94
C ASN C 56 -18.03 -3.20 10.77
N THR C 57 -17.23 -3.20 11.83
CA THR C 57 -15.82 -2.86 11.73
C THR C 57 -15.07 -3.89 10.90
N ALA C 58 -14.23 -3.41 9.98
CA ALA C 58 -13.40 -4.30 9.17
C ALA C 58 -12.18 -3.49 8.73
N VAL C 59 -11.06 -3.71 9.40
CA VAL C 59 -9.80 -3.02 9.10
C VAL C 59 -8.72 -4.06 8.88
N ALA C 60 -8.01 -3.95 7.76
CA ALA C 60 -6.91 -4.83 7.43
C ALA C 60 -5.61 -4.04 7.37
N CYS C 61 -4.53 -4.65 7.88
CA CYS C 61 -3.22 -4.03 7.87
C CYS C 61 -2.27 -4.90 7.09
N HIS C 62 -1.67 -4.35 6.04
CA HIS C 62 -0.71 -5.05 5.20
C HIS C 62 0.71 -4.63 5.57
N TRP C 63 1.66 -5.41 5.08
CA TRP C 63 3.07 -5.20 5.39
C TRP C 63 3.89 -5.72 4.21
N ILE C 64 5.06 -5.13 4.03
CA ILE C 64 5.92 -5.44 2.89
C ILE C 64 7.09 -6.27 3.41
N ARG C 65 6.99 -7.58 3.28
CA ARG C 65 8.10 -8.48 3.59
C ARG C 65 8.66 -9.03 2.27
N GLY C 66 9.85 -8.58 1.92
CA GLY C 66 10.43 -8.94 0.64
C GLY C 66 9.81 -8.15 -0.49
N ARG C 67 10.62 -7.75 -1.46
CA ARG C 67 10.13 -6.99 -2.61
C ARG C 67 9.05 -7.77 -3.35
N ASP C 68 7.99 -7.10 -3.78
CA ASP C 68 6.91 -7.71 -4.56
C ASP C 68 6.15 -8.76 -3.76
N HIS C 69 6.23 -8.68 -2.43
CA HIS C 69 5.53 -9.61 -1.55
C HIS C 69 4.95 -8.84 -0.38
N SER C 70 3.64 -8.60 -0.41
CA SER C 70 2.93 -8.01 0.71
C SER C 70 2.41 -9.11 1.63
N GLU C 71 2.22 -8.77 2.91
CA GLU C 71 1.82 -9.77 3.89
C GLU C 71 0.76 -9.14 4.79
N LEU C 72 -0.41 -9.76 4.84
CA LEU C 72 -1.47 -9.35 5.75
C LEU C 72 -1.05 -9.60 7.20
N LEU C 73 -0.99 -8.53 8.00
CA LEU C 73 -0.59 -8.66 9.39
C LEU C 73 -1.74 -9.09 10.29
N TRP C 74 -2.91 -8.45 10.18
CA TRP C 74 -4.06 -8.80 10.99
C TRP C 74 -5.30 -8.15 10.39
N ILE C 75 -6.45 -8.64 10.81
CA ILE C 75 -7.74 -8.05 10.46
C ILE C 75 -8.52 -7.84 11.73
N VAL C 76 -9.01 -6.62 11.94
CA VAL C 76 -9.78 -6.27 13.13
C VAL C 76 -11.23 -6.15 12.69
N GLY C 77 -12.10 -6.99 13.27
CA GLY C 77 -13.52 -6.93 12.99
C GLY C 77 -13.95 -8.05 12.06
N ASP C 78 -14.88 -7.73 11.17
CA ASP C 78 -15.45 -8.71 10.25
C ASP C 78 -14.41 -9.11 9.22
N ALA C 79 -13.88 -10.33 9.34
CA ALA C 79 -12.84 -10.84 8.46
C ALA C 79 -13.40 -11.45 7.18
N SER C 80 -14.72 -11.49 7.01
CA SER C 80 -15.31 -12.05 5.81
C SER C 80 -15.31 -11.08 4.63
N ARG C 81 -15.01 -9.80 4.87
CA ARG C 81 -14.95 -8.83 3.80
C ARG C 81 -13.68 -8.92 2.97
N PHE C 82 -12.66 -9.59 3.49
CA PHE C 82 -11.40 -9.79 2.80
C PHE C 82 -11.16 -11.29 2.60
N ASN C 83 -10.46 -11.63 1.52
CA ASN C 83 -10.07 -13.00 1.29
C ASN C 83 -8.83 -13.31 2.13
N ALA C 84 -8.19 -14.45 1.87
CA ALA C 84 -7.02 -14.83 2.66
C ALA C 84 -5.88 -13.85 2.49
N GLN C 85 -5.66 -13.37 1.25
CA GLN C 85 -4.58 -12.43 0.98
C GLN C 85 -4.94 -11.00 1.32
N GLY C 86 -6.18 -10.72 1.70
CA GLY C 86 -6.58 -9.39 2.07
C GLY C 86 -7.21 -8.56 0.98
N ALA C 87 -7.54 -9.16 -0.16
CA ALA C 87 -8.17 -8.42 -1.24
C ALA C 87 -9.63 -8.14 -0.91
N VAL C 88 -10.33 -7.47 -1.81
CA VAL C 88 -11.75 -7.19 -1.60
C VAL C 88 -12.54 -7.60 -2.85
N PRO C 89 -13.75 -8.10 -2.69
CA PRO C 89 -14.54 -8.48 -3.87
C PRO C 89 -14.94 -7.25 -4.67
N THR C 90 -15.07 -7.45 -5.99
CA THR C 90 -15.52 -6.36 -6.86
C THR C 90 -17.03 -6.20 -6.84
N ASN C 91 -17.77 -7.19 -6.34
CA ASN C 91 -19.22 -7.14 -6.25
C ASN C 91 -19.69 -8.28 -5.38
N ARG C 92 -20.61 -7.98 -4.47
CA ARG C 92 -21.22 -8.97 -3.59
C ARG C 92 -22.71 -9.02 -3.84
N THR C 93 -23.24 -10.22 -4.08
CA THR C 93 -24.66 -10.39 -4.37
C THR C 93 -25.19 -11.54 -3.52
N CYS C 94 -26.49 -11.47 -3.23
CA CYS C 94 -27.15 -12.49 -2.42
C CYS C 94 -27.23 -13.83 -3.15
N ASP C 105 -27.01 -25.42 10.90
CA ASP C 105 -27.14 -26.86 10.76
C ASP C 105 -27.97 -27.44 11.90
N TRP C 106 -28.62 -26.56 12.65
CA TRP C 106 -29.43 -27.01 13.78
C TRP C 106 -30.70 -27.67 13.27
N HIS C 107 -30.87 -28.94 13.61
CA HIS C 107 -32.02 -29.72 13.15
C HIS C 107 -33.14 -29.80 14.18
N SER C 108 -33.01 -29.11 15.31
CA SER C 108 -34.06 -29.10 16.31
C SER C 108 -34.26 -27.71 16.88
N ALA C 109 -33.89 -26.67 16.12
CA ALA C 109 -34.04 -25.30 16.60
C ALA C 109 -35.50 -24.91 16.71
N GLU C 110 -36.33 -25.31 15.75
CA GLU C 110 -37.74 -24.91 15.77
C GLU C 110 -38.47 -25.55 16.94
N ASP C 111 -38.21 -26.83 17.21
CA ASP C 111 -38.86 -27.49 18.33
C ASP C 111 -38.49 -26.84 19.66
N ILE C 112 -37.22 -26.54 19.85
CA ILE C 112 -36.76 -25.84 21.05
C ILE C 112 -37.40 -24.47 21.15
N ARG C 113 -37.48 -23.73 20.04
CA ARG C 113 -38.10 -22.42 20.05
C ARG C 113 -39.57 -22.48 20.45
N LEU C 114 -40.34 -23.40 19.87
CA LEU C 114 -41.74 -23.57 20.22
C LEU C 114 -41.93 -23.96 21.69
N LEU C 115 -41.14 -24.93 22.16
CA LEU C 115 -41.26 -25.33 23.57
C LEU C 115 -40.91 -24.19 24.50
N THR C 116 -39.85 -23.45 24.19
CA THR C 116 -39.44 -22.32 25.03
C THR C 116 -40.50 -21.25 25.05
N VAL C 117 -41.09 -20.92 23.89
CA VAL C 117 -42.09 -19.86 23.84
C VAL C 117 -43.34 -20.27 24.61
N MET C 118 -43.78 -21.52 24.45
CA MET C 118 -44.96 -21.97 25.16
C MET C 118 -44.74 -21.99 26.68
N ALA C 119 -43.59 -22.50 27.11
CA ALA C 119 -43.26 -22.47 28.53
C ALA C 119 -43.09 -21.06 29.06
N ALA C 120 -42.65 -20.12 28.22
CA ALA C 120 -42.58 -18.72 28.65
C ALA C 120 -43.97 -18.14 28.83
N LEU C 121 -44.90 -18.46 27.92
CA LEU C 121 -46.26 -17.98 28.05
C LEU C 121 -46.93 -18.52 29.30
N PHE C 122 -46.69 -19.79 29.63
CA PHE C 122 -47.32 -20.41 30.80
C PHE C 122 -46.43 -20.41 32.03
N HIS C 123 -45.29 -19.71 32.02
CA HIS C 123 -44.31 -19.89 33.08
C HIS C 123 -44.73 -19.19 34.38
N ASP C 124 -45.28 -17.99 34.30
CA ASP C 124 -45.67 -17.23 35.48
C ASP C 124 -47.18 -17.11 35.62
N ILE C 125 -47.93 -18.08 35.06
CA ILE C 125 -49.38 -18.05 35.16
C ILE C 125 -49.85 -18.25 36.59
N GLY C 126 -48.98 -18.73 37.47
CA GLY C 126 -49.33 -18.93 38.86
C GLY C 126 -49.24 -17.70 39.73
N LYS C 127 -48.80 -16.57 39.19
CA LYS C 127 -48.74 -15.33 39.95
C LYS C 127 -50.09 -14.65 40.06
N ALA C 128 -51.13 -15.19 39.40
CA ALA C 128 -52.47 -14.66 39.52
C ALA C 128 -53.12 -14.96 40.86
N SER C 129 -52.46 -15.74 41.71
CA SER C 129 -53.04 -16.13 42.99
C SER C 129 -53.32 -14.92 43.86
N GLN C 130 -54.40 -14.99 44.63
CA GLN C 130 -54.72 -13.92 45.56
C GLN C 130 -53.62 -13.74 46.59
N ALA C 131 -53.05 -14.85 47.08
CA ALA C 131 -51.98 -14.76 48.06
C ALA C 131 -50.77 -14.03 47.49
N PHE C 132 -50.38 -14.36 46.25
CA PHE C 132 -49.23 -13.71 45.64
C PHE C 132 -49.49 -12.24 45.39
N GLN C 133 -50.69 -11.91 44.91
CA GLN C 133 -51.02 -10.50 44.68
C GLN C 133 -51.00 -9.71 45.97
N ALA C 134 -51.55 -10.28 47.04
CA ALA C 134 -51.52 -9.62 48.35
C ALA C 134 -50.09 -9.44 48.84
N LYS C 135 -49.26 -10.48 48.67
CA LYS C 135 -47.86 -10.38 49.10
C LYS C 135 -47.12 -9.30 48.33
N LEU C 136 -47.38 -9.20 47.02
CA LEU C 136 -46.79 -8.12 46.23
C LEU C 136 -47.26 -6.76 46.73
N ARG C 137 -48.55 -6.64 47.03
CA ARG C 137 -49.09 -5.38 47.54
C ARG C 137 -48.82 -5.16 49.01
N ASN C 138 -48.38 -6.18 49.75
CA ASN C 138 -48.14 -6.06 51.19
C ASN C 138 -46.82 -5.32 51.40
N ARG C 139 -46.91 -4.00 51.56
CA ARG C 139 -45.73 -3.20 51.85
C ARG C 139 -45.23 -3.38 53.28
N GLY C 140 -46.00 -4.03 54.15
CA GLY C 140 -45.62 -4.25 55.53
C GLY C 140 -44.65 -5.38 55.70
N LYS C 141 -44.78 -6.09 56.81
CA LYS C 141 -43.88 -7.21 57.09
C LYS C 141 -44.12 -8.34 56.09
N PRO C 142 -43.08 -8.82 55.42
CA PRO C 142 -43.28 -9.88 54.43
C PRO C 142 -43.75 -11.18 55.08
N MET C 143 -44.56 -11.92 54.33
CA MET C 143 -45.05 -13.23 54.73
C MET C 143 -44.70 -14.22 53.63
N ALA C 144 -43.98 -15.28 53.99
CA ALA C 144 -43.54 -16.26 53.00
C ALA C 144 -44.74 -16.98 52.40
N ASP C 145 -44.75 -17.08 51.08
CA ASP C 145 -45.82 -17.77 50.38
C ASP C 145 -45.77 -19.27 50.69
N ALA C 146 -46.94 -19.86 50.92
CA ALA C 146 -47.00 -21.29 51.24
C ALA C 146 -46.51 -22.13 50.06
N TYR C 147 -46.93 -21.78 48.85
CA TYR C 147 -46.60 -22.53 47.65
C TYR C 147 -45.82 -21.65 46.69
N ARG C 148 -44.82 -22.24 46.04
CA ARG C 148 -44.03 -21.53 45.05
C ARG C 148 -44.86 -21.28 43.80
N HIS C 149 -44.66 -20.12 43.18
CA HIS C 149 -45.49 -19.75 42.03
C HIS C 149 -45.27 -20.68 40.84
N GLU C 150 -44.08 -21.30 40.74
CA GLU C 150 -43.87 -22.28 39.70
C GLU C 150 -44.78 -23.49 39.88
N TRP C 151 -44.97 -23.93 41.11
CA TRP C 151 -45.81 -25.09 41.36
C TRP C 151 -47.26 -24.83 40.98
N VAL C 152 -47.79 -23.67 41.37
CA VAL C 152 -49.17 -23.36 41.02
C VAL C 152 -49.30 -23.10 39.52
N SER C 153 -48.25 -22.57 38.89
CA SER C 153 -48.26 -22.45 37.43
C SER C 153 -48.37 -23.83 36.77
N LEU C 154 -47.60 -24.80 37.26
CA LEU C 154 -47.68 -26.16 36.74
C LEU C 154 -49.05 -26.75 36.97
N ARG C 155 -49.63 -26.50 38.15
CA ARG C 155 -50.97 -27.00 38.46
C ARG C 155 -52.01 -26.40 37.52
N LEU C 156 -51.87 -25.10 37.22
CA LEU C 156 -52.79 -24.45 36.28
C LEU C 156 -52.62 -25.03 34.88
N PHE C 157 -51.39 -25.34 34.49
CA PHE C 157 -51.16 -26.01 33.22
C PHE C 157 -51.86 -27.38 33.20
N GLU C 158 -51.76 -28.12 34.30
CA GLU C 158 -52.46 -29.39 34.40
C GLU C 158 -53.96 -29.21 34.28
N ALA C 159 -54.50 -28.17 34.91
CA ALA C 159 -55.93 -27.87 34.84
C ALA C 159 -56.36 -27.59 33.41
N PHE C 160 -55.65 -26.71 32.73
CA PHE C 160 -55.98 -26.35 31.36
C PHE C 160 -55.88 -27.56 30.43
N VAL C 161 -54.81 -28.32 30.56
CA VAL C 161 -54.58 -29.45 29.67
C VAL C 161 -55.61 -30.55 29.92
N GLY C 162 -56.07 -30.69 31.16
CA GLY C 162 -57.00 -31.73 31.52
C GLY C 162 -56.29 -33.06 31.67
N PRO C 163 -56.67 -33.82 32.70
CA PRO C 163 -56.04 -35.13 32.91
C PRO C 163 -56.39 -36.10 31.80
N GLY C 164 -55.41 -36.90 31.41
CA GLY C 164 -55.62 -37.96 30.44
C GLY C 164 -55.84 -37.49 29.02
N SER C 165 -55.91 -36.18 28.83
CA SER C 165 -56.16 -35.64 27.49
C SER C 165 -55.01 -35.94 26.56
N SER C 166 -55.33 -36.17 25.29
CA SER C 166 -54.31 -36.45 24.30
C SER C 166 -53.49 -35.19 24.00
N ASP C 167 -52.32 -35.42 23.38
CA ASP C 167 -51.40 -34.33 23.06
C ASP C 167 -51.87 -33.47 21.90
N GLU C 168 -53.03 -33.78 21.32
CA GLU C 168 -53.56 -32.97 20.22
C GLU C 168 -54.81 -32.24 20.67
N ASP C 169 -55.56 -32.84 21.60
CA ASP C 169 -56.82 -32.25 22.05
C ASP C 169 -56.58 -30.90 22.71
N TRP C 170 -55.65 -30.86 23.68
CA TRP C 170 -55.38 -29.61 24.38
C TRP C 170 -54.75 -28.59 23.45
N LEU C 171 -53.89 -29.04 22.53
CA LEU C 171 -53.26 -28.12 21.58
C LEU C 171 -54.32 -27.46 20.70
N ARG C 172 -55.28 -28.25 20.21
CA ARG C 172 -56.33 -27.70 19.36
C ARG C 172 -57.27 -26.81 20.17
N ARG C 173 -57.55 -27.17 21.42
CA ARG C 173 -58.41 -26.34 22.26
C ARG C 173 -57.76 -24.98 22.51
N LEU C 174 -56.45 -24.98 22.78
CA LEU C 174 -55.75 -23.71 22.98
C LEU C 174 -55.61 -22.95 21.67
N ALA C 175 -55.57 -23.65 20.54
CA ALA C 175 -55.46 -23.01 19.24
C ALA C 175 -56.76 -22.37 18.78
N ASP C 176 -57.87 -22.61 19.49
CA ASP C 176 -59.15 -22.00 19.16
C ASP C 176 -59.25 -20.68 19.91
N LYS C 177 -59.10 -19.57 19.17
CA LYS C 177 -59.15 -18.26 19.80
C LYS C 177 -60.53 -17.96 20.38
N ARG C 178 -61.59 -18.53 19.80
CA ARG C 178 -62.95 -18.33 20.29
C ARG C 178 -63.26 -19.31 21.43
N GLU C 179 -62.47 -19.21 22.49
CA GLU C 179 -62.62 -20.09 23.64
C GLU C 179 -62.39 -19.30 24.92
N THR C 180 -63.44 -19.17 25.73
CA THR C 180 -63.33 -18.50 27.02
C THR C 180 -63.98 -19.34 28.10
N GLY C 181 -63.81 -20.66 27.99
CA GLY C 181 -64.41 -21.59 28.93
C GLY C 181 -63.60 -21.75 30.20
N ASP C 182 -63.71 -20.78 31.11
CA ASP C 182 -62.96 -20.79 32.36
C ASP C 182 -63.42 -21.90 33.29
N ALA C 183 -64.38 -22.72 32.85
CA ALA C 183 -64.81 -23.86 33.64
C ALA C 183 -63.68 -24.86 33.85
N TRP C 184 -62.62 -24.77 33.04
CA TRP C 184 -61.46 -25.64 33.23
C TRP C 184 -60.81 -25.39 34.59
N LEU C 185 -61.02 -24.22 35.19
CA LEU C 185 -60.50 -23.97 36.52
C LEU C 185 -61.12 -24.90 37.55
N SER C 186 -62.36 -25.34 37.33
CA SER C 186 -62.98 -26.29 38.24
C SER C 186 -62.28 -27.65 38.18
N GLN C 187 -61.73 -28.00 37.02
CA GLN C 187 -61.01 -29.26 36.87
C GLN C 187 -59.68 -29.27 37.59
N LEU C 188 -59.23 -28.12 38.09
CA LEU C 188 -57.94 -28.02 38.76
C LEU C 188 -57.94 -28.80 40.07
N ALA C 189 -56.75 -29.23 40.48
CA ALA C 189 -56.52 -29.87 41.75
C ALA C 189 -55.95 -28.84 42.74
N ARG C 190 -55.63 -29.29 43.94
CA ARG C 190 -55.09 -28.40 44.96
C ARG C 190 -54.31 -29.24 45.96
N ASP C 191 -53.00 -29.03 46.01
CA ASP C 191 -52.18 -29.73 46.99
C ASP C 191 -52.56 -29.32 48.42
N ASP C 192 -53.09 -28.10 48.57
CA ASP C 192 -53.58 -27.67 49.88
C ASP C 192 -54.74 -28.55 50.34
N ARG C 193 -55.60 -28.95 49.40
CA ARG C 193 -56.69 -29.85 49.73
C ARG C 193 -56.15 -31.22 50.15
N GLN C 194 -56.97 -31.97 50.87
CA GLN C 194 -56.55 -33.25 51.44
C GLN C 194 -56.54 -34.35 50.40
N SER C 195 -56.38 -35.60 50.85
CA SER C 195 -56.33 -36.83 50.07
C SER C 195 -55.05 -36.95 49.25
N ALA C 196 -54.12 -36.00 49.35
CA ALA C 196 -52.83 -36.04 48.67
C ALA C 196 -53.02 -36.26 47.18
N PRO C 197 -53.43 -35.24 46.43
CA PRO C 197 -53.67 -35.42 44.99
C PRO C 197 -52.41 -35.90 44.28
N PRO C 198 -52.55 -36.77 43.28
CA PRO C 198 -51.36 -37.31 42.61
C PRO C 198 -50.57 -36.22 41.91
N GLY C 199 -49.25 -36.44 41.83
CA GLY C 199 -48.38 -35.52 41.14
C GLY C 199 -48.76 -35.38 39.68
N PRO C 200 -48.53 -34.19 39.13
CA PRO C 200 -48.96 -33.93 37.74
C PRO C 200 -48.20 -34.75 36.73
N PHE C 201 -47.13 -35.42 37.16
CA PHE C 201 -46.29 -36.20 36.27
C PHE C 201 -46.55 -37.69 36.31
N GLN C 202 -47.17 -38.19 37.38
CA GLN C 202 -47.42 -39.63 37.49
C GLN C 202 -48.45 -40.08 36.47
N LYS C 203 -48.31 -41.34 36.04
CA LYS C 203 -49.28 -42.00 35.16
C LYS C 203 -49.64 -41.15 33.94
N SER C 204 -50.92 -40.86 33.78
CA SER C 204 -51.42 -40.10 32.63
C SER C 204 -52.06 -38.78 33.05
N ARG C 205 -51.56 -38.14 34.11
CA ARG C 205 -52.06 -36.84 34.53
C ARG C 205 -51.60 -35.77 33.55
N LEU C 206 -50.64 -36.10 32.69
CA LEU C 206 -50.10 -35.17 31.71
C LEU C 206 -49.70 -35.93 30.47
N PRO C 207 -50.08 -35.49 29.28
CA PRO C 207 -49.64 -36.15 28.04
C PRO C 207 -48.15 -35.94 27.83
N PRO C 208 -47.49 -36.83 27.07
CA PRO C 208 -46.03 -36.73 26.85
C PRO C 208 -45.63 -35.60 25.89
N LEU C 209 -45.63 -34.38 26.45
CA LEU C 209 -45.32 -33.13 25.77
C LEU C 209 -45.74 -32.00 26.70
N ALA C 210 -46.98 -32.06 27.16
CA ALA C 210 -47.37 -31.22 28.29
C ALA C 210 -46.51 -31.51 29.50
N GLN C 211 -46.01 -32.74 29.63
CA GLN C 211 -45.05 -33.04 30.69
C GLN C 211 -43.76 -32.26 30.51
N ALA C 212 -43.26 -32.18 29.27
CA ALA C 212 -42.05 -31.40 29.01
C ALA C 212 -42.27 -29.92 29.31
N VAL C 213 -43.41 -29.39 28.87
CA VAL C 213 -43.71 -27.98 29.13
C VAL C 213 -43.87 -27.73 30.62
N GLY C 214 -44.46 -28.69 31.33
CA GLY C 214 -44.62 -28.55 32.77
C GLY C 214 -43.28 -28.58 33.50
N TRP C 215 -42.36 -29.43 33.05
CA TRP C 215 -41.04 -29.43 33.65
C TRP C 215 -40.31 -28.12 33.38
N LEU C 216 -40.47 -27.57 32.17
CA LEU C 216 -39.88 -26.27 31.88
C LEU C 216 -40.48 -25.19 32.77
N ILE C 217 -41.78 -25.26 33.02
CA ILE C 217 -42.43 -24.27 33.88
C ILE C 217 -41.94 -24.39 35.31
N VAL C 218 -41.93 -25.62 35.85
CA VAL C 218 -41.63 -25.84 37.26
C VAL C 218 -40.17 -25.64 37.59
N SER C 219 -39.29 -25.59 36.60
CA SER C 219 -37.85 -25.47 36.82
C SER C 219 -37.29 -24.23 36.14
N HIS C 220 -38.05 -23.14 36.13
CA HIS C 220 -37.56 -21.87 35.60
C HIS C 220 -36.96 -20.98 36.68
N HIS C 221 -36.95 -21.44 37.93
CA HIS C 221 -36.23 -20.76 39.00
C HIS C 221 -35.29 -21.68 39.77
N ARG C 222 -35.61 -22.96 39.91
CA ARG C 222 -34.75 -23.90 40.61
C ARG C 222 -35.09 -25.31 40.11
N LEU C 223 -34.13 -26.22 40.30
CA LEU C 223 -34.32 -27.59 39.84
C LEU C 223 -35.18 -28.35 40.83
N PRO C 224 -36.09 -29.20 40.36
CA PRO C 224 -36.95 -29.94 41.27
C PRO C 224 -36.21 -30.98 42.09
N ASN C 225 -35.43 -30.54 43.08
CA ASN C 225 -34.69 -31.44 43.93
C ASN C 225 -35.57 -31.93 45.08
N GLY C 226 -35.79 -33.24 45.13
CA GLY C 226 -36.65 -33.81 46.15
C GLY C 226 -35.95 -34.85 47.02
N ASP C 227 -36.45 -36.07 47.00
CA ASP C 227 -35.89 -37.15 47.81
C ASP C 227 -35.90 -38.46 47.04
N HIS C 228 -35.62 -39.57 47.73
CA HIS C 228 -35.57 -40.90 47.13
C HIS C 228 -34.61 -40.95 45.94
N ALA C 232 -34.47 -46.72 40.98
CA ALA C 232 -35.70 -46.86 40.19
C ALA C 232 -36.45 -45.53 40.12
N SER C 233 -36.42 -44.78 41.23
CA SER C 233 -37.08 -43.48 41.25
C SER C 233 -36.44 -42.52 40.25
N LEU C 234 -35.10 -42.52 40.19
CA LEU C 234 -34.40 -41.63 39.27
C LEU C 234 -34.71 -41.98 37.82
N ALA C 235 -34.74 -43.29 37.51
CA ALA C 235 -34.99 -43.71 36.14
C ALA C 235 -36.40 -43.36 35.68
N ARG C 236 -37.33 -43.20 36.63
CA ARG C 236 -38.73 -42.92 36.29
C ARG C 236 -39.03 -41.43 36.16
N LEU C 237 -38.03 -40.58 36.24
CA LEU C 237 -38.26 -39.14 36.17
C LEU C 237 -38.87 -38.77 34.80
N PRO C 238 -39.70 -37.73 34.74
CA PRO C 238 -40.09 -36.80 35.80
C PRO C 238 -41.29 -37.24 36.63
N ALA C 239 -41.73 -38.49 36.48
CA ALA C 239 -42.94 -39.00 37.14
C ALA C 239 -42.94 -38.85 38.67
N PRO C 240 -41.86 -39.18 39.38
CA PRO C 240 -41.90 -39.10 40.84
C PRO C 240 -41.85 -37.69 41.42
N ILE C 241 -42.03 -36.65 40.61
CA ILE C 241 -42.06 -35.30 41.15
C ILE C 241 -43.34 -35.10 41.97
N GLN C 242 -43.18 -34.56 43.17
CA GLN C 242 -44.30 -34.35 44.07
C GLN C 242 -44.29 -32.91 44.56
N SER C 243 -45.34 -32.54 45.27
CA SER C 243 -45.45 -31.17 45.79
C SER C 243 -44.33 -30.86 46.76
N GLN C 244 -43.94 -31.83 47.60
CA GLN C 244 -42.86 -31.63 48.55
C GLN C 244 -41.50 -31.44 47.88
N TRP C 245 -41.38 -31.80 46.60
CA TRP C 245 -40.10 -31.67 45.91
C TRP C 245 -39.76 -30.22 45.59
N CYS C 246 -40.75 -29.41 45.25
CA CYS C 246 -40.54 -28.04 44.81
C CYS C 246 -41.01 -27.08 45.91
N GLY C 247 -40.05 -26.61 46.71
CA GLY C 247 -40.35 -25.64 47.74
C GLY C 247 -41.29 -26.13 48.82
N ALA C 248 -42.41 -25.43 48.98
CA ALA C 248 -43.47 -25.75 49.95
C ALA C 248 -43.01 -25.50 51.37
N ARG C 249 -43.89 -24.93 52.20
CA ARG C 249 -43.58 -24.61 53.58
C ARG C 249 -44.74 -25.03 54.47
N ASP C 250 -44.43 -25.31 55.73
CA ASP C 250 -45.43 -25.69 56.71
C ASP C 250 -46.18 -24.44 57.16
N ALA C 251 -47.41 -24.28 56.68
CA ALA C 251 -48.21 -23.10 56.96
C ALA C 251 -49.63 -23.50 57.33
N ASP C 252 -50.37 -22.56 57.92
CA ASP C 252 -51.75 -22.81 58.29
C ASP C 252 -52.60 -23.02 57.05
N ALA C 253 -53.80 -23.60 57.26
CA ALA C 253 -54.68 -23.91 56.14
C ALA C 253 -55.12 -22.66 55.38
N LYS C 254 -55.25 -21.52 56.05
CA LYS C 254 -55.65 -20.29 55.37
C LYS C 254 -54.62 -19.87 54.35
N GLU C 255 -53.34 -19.90 54.73
CA GLU C 255 -52.28 -19.53 53.80
C GLU C 255 -52.22 -20.48 52.61
N LYS C 256 -52.36 -21.78 52.86
CA LYS C 256 -52.34 -22.77 51.80
C LYS C 256 -53.50 -22.58 50.84
N ALA C 257 -54.69 -22.30 51.38
CA ALA C 257 -55.87 -22.11 50.54
C ALA C 257 -55.77 -20.82 49.74
N ALA C 258 -55.13 -19.79 50.31
CA ALA C 258 -55.03 -18.48 49.69
C ALA C 258 -54.28 -18.54 48.36
N CYS C 259 -53.37 -19.50 48.22
CA CYS C 259 -52.57 -19.62 47.01
C CYS C 259 -53.35 -20.20 45.83
N TRP C 260 -54.58 -20.65 46.04
CA TRP C 260 -55.35 -21.30 44.98
C TRP C 260 -56.53 -20.47 44.46
N GLN C 261 -57.01 -19.52 45.26
CA GLN C 261 -58.14 -18.70 44.83
C GLN C 261 -57.67 -17.59 43.91
N PHE C 262 -58.33 -17.44 42.76
CA PHE C 262 -58.01 -16.42 41.77
C PHE C 262 -59.20 -15.47 41.66
N PRO C 263 -59.18 -14.35 42.38
CA PRO C 263 -60.33 -13.43 42.30
C PRO C 263 -60.37 -12.65 41.00
N HIS C 264 -59.22 -12.14 40.54
CA HIS C 264 -59.16 -11.33 39.34
C HIS C 264 -59.05 -12.16 38.06
N GLY C 265 -59.01 -13.48 38.18
CA GLY C 265 -58.95 -14.34 37.01
C GLY C 265 -57.57 -14.46 36.41
N LEU C 266 -57.26 -15.64 35.88
CA LEU C 266 -55.96 -15.91 35.26
C LEU C 266 -55.83 -15.08 33.99
N PRO C 267 -54.60 -14.83 33.51
CA PRO C 267 -54.45 -14.04 32.28
C PRO C 267 -54.90 -14.79 31.04
N PHE C 268 -56.14 -15.29 31.08
CA PHE C 268 -56.77 -15.91 29.92
C PHE C 268 -57.77 -14.98 29.24
N ALA C 269 -58.27 -13.98 29.97
CA ALA C 269 -59.24 -13.04 29.40
C ALA C 269 -58.56 -12.05 28.47
N SER C 270 -57.29 -11.75 28.73
CA SER C 270 -56.54 -10.83 27.90
C SER C 270 -56.50 -11.32 26.45
N ALA C 271 -56.82 -10.44 25.51
CA ALA C 271 -56.91 -10.85 24.11
C ALA C 271 -55.55 -11.19 23.55
N HIS C 272 -54.54 -10.38 23.83
CA HIS C 272 -53.21 -10.59 23.25
C HIS C 272 -52.61 -11.91 23.75
N TRP C 273 -52.74 -12.19 25.04
CA TRP C 273 -52.18 -13.41 25.60
C TRP C 273 -52.80 -14.64 24.96
N ARG C 274 -54.13 -14.68 24.87
CA ARG C 274 -54.79 -15.82 24.26
C ARG C 274 -54.49 -15.92 22.78
N ALA C 275 -54.37 -14.79 22.08
CA ALA C 275 -54.04 -14.80 20.67
C ALA C 275 -52.66 -15.40 20.44
N ARG C 276 -51.68 -14.98 21.25
CA ARG C 276 -50.33 -15.53 21.12
C ARG C 276 -50.30 -17.01 21.48
N THR C 277 -51.05 -17.40 22.51
CA THR C 277 -51.12 -18.81 22.88
C THR C 277 -51.69 -19.64 21.74
N ALA C 278 -52.77 -19.15 21.12
CA ALA C 278 -53.39 -19.86 20.01
C ALA C 278 -52.44 -19.94 18.82
N LEU C 279 -51.71 -18.86 18.54
CA LEU C 279 -50.74 -18.85 17.45
C LEU C 279 -49.66 -19.91 17.70
N CYS C 280 -49.15 -19.96 18.92
CA CYS C 280 -48.12 -20.96 19.25
C CYS C 280 -48.66 -22.37 19.13
N ALA C 281 -49.88 -22.60 19.63
CA ALA C 281 -50.47 -23.94 19.55
C ALA C 281 -50.68 -24.36 18.11
N GLN C 282 -51.17 -23.44 17.27
CA GLN C 282 -51.37 -23.76 15.86
C GLN C 282 -50.04 -24.03 15.16
N SER C 283 -49.01 -23.26 15.50
CA SER C 283 -47.70 -23.51 14.92
C SER C 283 -47.16 -24.88 15.32
N MET C 284 -47.37 -25.27 16.58
CA MET C 284 -46.95 -26.59 17.02
C MET C 284 -47.71 -27.68 16.29
N LEU C 285 -49.02 -27.49 16.11
CA LEU C 285 -49.83 -28.51 15.44
C LEU C 285 -49.44 -28.63 13.97
N GLU C 286 -49.10 -27.51 13.32
CA GLU C 286 -48.76 -27.52 11.91
C GLU C 286 -47.46 -28.30 11.66
N ARG C 287 -46.55 -28.27 12.63
CA ARG C 287 -45.25 -28.91 12.51
C ARG C 287 -45.40 -30.41 12.27
N PRO C 288 -44.76 -30.95 11.23
CA PRO C 288 -44.92 -32.37 10.92
C PRO C 288 -44.16 -33.25 11.90
N GLY C 289 -44.87 -34.17 12.54
CA GLY C 289 -44.25 -35.11 13.46
C GLY C 289 -43.84 -34.55 14.80
N LEU C 290 -44.23 -33.30 15.10
CA LEU C 290 -43.84 -32.69 16.37
C LEU C 290 -44.46 -33.43 17.55
N LEU C 291 -45.72 -33.85 17.41
CA LEU C 291 -46.43 -34.50 18.51
C LEU C 291 -46.07 -35.98 18.59
N ALA C 292 -45.06 -36.41 17.83
CA ALA C 292 -44.61 -37.79 17.84
C ALA C 292 -43.33 -37.98 18.65
N ARG C 293 -42.47 -36.96 18.69
CA ARG C 293 -41.20 -37.04 19.41
C ARG C 293 -41.39 -36.72 20.89
N GLY C 294 -42.64 -36.68 21.35
CA GLY C 294 -42.97 -36.32 22.70
C GLY C 294 -42.13 -36.99 23.77
N PRO C 295 -42.24 -38.32 23.88
CA PRO C 295 -41.39 -39.02 24.86
C PRO C 295 -39.90 -38.86 24.58
N ALA C 296 -39.51 -38.78 23.31
CA ALA C 296 -38.11 -38.58 22.98
C ALA C 296 -37.63 -37.21 23.44
N LEU C 297 -38.41 -36.17 23.16
CA LEU C 297 -38.04 -34.81 23.56
C LEU C 297 -38.02 -34.66 25.07
N LEU C 298 -38.96 -35.32 25.76
CA LEU C 298 -39.04 -35.17 27.21
C LEU C 298 -37.76 -35.65 27.90
N HIS C 299 -37.21 -36.77 27.45
CA HIS C 299 -36.01 -37.35 28.07
C HIS C 299 -34.73 -36.91 27.38
N ASP C 300 -34.80 -35.98 26.42
CA ASP C 300 -33.62 -35.52 25.71
C ASP C 300 -32.95 -34.42 26.51
N SER C 301 -31.76 -34.69 27.04
CA SER C 301 -31.07 -33.71 27.87
C SER C 301 -30.73 -32.45 27.07
N TYR C 302 -30.31 -32.62 25.82
CA TYR C 302 -29.93 -31.47 25.00
C TYR C 302 -31.10 -30.52 24.81
N VAL C 303 -32.24 -31.05 24.35
CA VAL C 303 -33.39 -30.19 24.04
C VAL C 303 -33.88 -29.49 25.31
N MET C 304 -34.06 -30.27 26.38
CA MET C 304 -34.58 -29.69 27.62
C MET C 304 -33.64 -28.64 28.19
N HIS C 305 -32.34 -28.90 28.19
CA HIS C 305 -31.43 -27.96 28.84
C HIS C 305 -31.20 -26.71 28.00
N VAL C 306 -31.13 -26.85 26.67
CA VAL C 306 -31.09 -25.66 25.83
C VAL C 306 -32.37 -24.84 25.91
N SER C 307 -33.54 -25.47 25.97
CA SER C 307 -34.79 -24.75 26.18
C SER C 307 -34.83 -24.03 27.51
N ARG C 308 -34.41 -24.70 28.59
CA ARG C 308 -34.38 -24.08 29.91
C ARG C 308 -33.40 -22.92 29.98
N LEU C 309 -32.24 -23.03 29.35
CA LEU C 309 -31.31 -21.90 29.33
C LEU C 309 -31.93 -20.68 28.67
N ILE C 310 -32.57 -20.87 27.51
CA ILE C 310 -33.20 -19.76 26.81
C ILE C 310 -34.32 -19.17 27.65
N LEU C 311 -35.17 -20.02 28.22
CA LEU C 311 -36.27 -19.54 29.04
C LEU C 311 -35.77 -18.73 30.22
N MET C 312 -34.78 -19.24 30.93
CA MET C 312 -34.26 -18.57 32.11
C MET C 312 -33.55 -17.27 31.77
N LEU C 313 -32.77 -17.24 30.69
CA LEU C 313 -32.11 -15.99 30.31
C LEU C 313 -33.13 -14.95 29.89
N ALA C 314 -34.15 -15.34 29.13
CA ALA C 314 -35.18 -14.39 28.73
C ALA C 314 -35.93 -13.86 29.94
N ASP C 315 -36.26 -14.74 30.89
CA ASP C 315 -36.92 -14.30 32.11
C ASP C 315 -36.05 -13.35 32.91
N HIS C 316 -34.76 -13.66 33.06
CA HIS C 316 -33.83 -12.77 33.76
C HIS C 316 -33.73 -11.41 33.10
N HIS C 317 -33.69 -11.37 31.76
CA HIS C 317 -33.62 -10.09 31.08
C HIS C 317 -34.90 -9.28 31.29
N TYR C 318 -36.06 -9.92 31.10
CA TYR C 318 -37.31 -9.16 31.12
C TYR C 318 -37.72 -8.78 32.54
N SER C 319 -37.24 -9.51 33.55
CA SER C 319 -37.59 -9.18 34.91
C SER C 319 -36.95 -7.87 35.37
N SER C 320 -35.96 -7.38 34.64
CA SER C 320 -35.29 -6.13 34.99
C SER C 320 -35.75 -4.95 34.13
N LEU C 321 -36.44 -5.21 33.02
CA LEU C 321 -36.87 -4.15 32.13
C LEU C 321 -37.94 -3.28 32.82
N PRO C 322 -38.00 -2.00 32.46
CA PRO C 322 -39.06 -1.14 33.00
C PRO C 322 -40.40 -1.45 32.37
N ALA C 323 -41.45 -0.95 33.02
CA ALA C 323 -42.82 -1.20 32.59
C ALA C 323 -43.05 -0.72 31.16
N ASP C 324 -43.81 -1.50 30.38
CA ASP C 324 -44.14 -1.15 29.02
C ASP C 324 -45.65 -1.19 28.84
N SER C 325 -46.22 -0.11 28.30
CA SER C 325 -47.65 -0.02 28.04
C SER C 325 -47.98 -0.26 26.58
N ARG C 326 -47.00 -0.69 25.79
CA ARG C 326 -47.20 -0.96 24.37
C ARG C 326 -47.62 -2.40 24.09
N LEU C 327 -47.71 -3.24 25.12
CA LEU C 327 -48.14 -4.62 24.95
C LEU C 327 -48.86 -5.06 26.21
N GLY C 328 -49.79 -5.99 26.04
CA GLY C 328 -50.60 -6.44 27.15
C GLY C 328 -51.79 -5.54 27.41
N ASP C 329 -52.77 -6.02 28.16
CA ASP C 329 -53.94 -5.21 28.50
C ASP C 329 -53.49 -4.00 29.31
N PRO C 330 -53.78 -2.78 28.84
CA PRO C 330 -53.35 -1.59 29.60
C PRO C 330 -53.93 -1.52 31.01
N ASN C 331 -55.15 -1.99 31.21
CA ASN C 331 -55.82 -1.93 32.51
C ASN C 331 -56.03 -3.33 33.07
N PHE C 332 -55.04 -4.19 32.90
CA PHE C 332 -55.11 -5.53 33.48
C PHE C 332 -55.06 -5.43 35.00
N PRO C 333 -55.83 -6.25 35.72
CA PRO C 333 -55.87 -6.13 37.18
C PRO C 333 -54.66 -6.76 37.87
N LEU C 334 -54.06 -7.74 37.22
CA LEU C 334 -52.97 -8.50 37.83
C LEU C 334 -51.65 -7.76 37.68
N HIS C 335 -50.63 -8.28 38.38
CA HIS C 335 -49.28 -7.76 38.32
C HIS C 335 -48.29 -8.90 38.48
N ALA C 336 -47.05 -8.65 38.05
CA ALA C 336 -46.00 -9.65 38.09
C ALA C 336 -44.89 -9.34 39.08
N ASN C 337 -44.47 -8.08 39.17
CA ASN C 337 -43.38 -7.72 40.07
C ASN C 337 -43.50 -6.26 40.45
N THR C 338 -42.77 -5.88 41.50
CA THR C 338 -42.70 -4.51 41.96
C THR C 338 -41.25 -4.05 41.93
N ASP C 339 -41.03 -2.79 41.56
CA ASP C 339 -39.69 -2.24 41.50
C ASP C 339 -39.07 -2.24 42.89
N ARG C 340 -37.84 -2.75 43.00
CA ARG C 340 -37.16 -2.82 44.29
C ARG C 340 -36.79 -1.43 44.82
N ASP C 341 -36.67 -0.43 43.94
CA ASP C 341 -36.30 0.90 44.40
C ASP C 341 -37.39 1.52 45.25
N SER C 342 -38.66 1.35 44.87
CA SER C 342 -39.77 1.99 45.55
C SER C 342 -40.81 1.03 46.10
N GLY C 343 -40.98 -0.14 45.48
CA GLY C 343 -41.99 -1.08 45.89
C GLY C 343 -43.31 -0.98 45.15
N LYS C 344 -43.50 0.08 44.35
CA LYS C 344 -44.71 0.20 43.57
C LYS C 344 -44.78 -0.88 42.49
N LEU C 345 -46.00 -1.26 42.14
CA LEU C 345 -46.20 -2.29 41.12
C LEU C 345 -45.62 -1.84 39.80
N LYS C 346 -44.95 -2.76 39.10
CA LYS C 346 -44.20 -2.43 37.89
C LYS C 346 -44.80 -3.05 36.63
N GLN C 347 -44.93 -4.37 36.60
CA GLN C 347 -45.28 -5.08 35.37
C GLN C 347 -46.57 -5.86 35.56
N ARG C 348 -47.47 -5.73 34.58
CA ARG C 348 -48.65 -6.57 34.52
C ARG C 348 -48.26 -7.99 34.11
N LEU C 349 -49.05 -8.96 34.57
CA LEU C 349 -48.70 -10.35 34.34
C LEU C 349 -48.70 -10.69 32.86
N ASP C 350 -49.70 -10.18 32.12
CA ASP C 350 -49.76 -10.43 30.69
C ASP C 350 -48.54 -9.84 29.97
N GLU C 351 -48.17 -8.61 30.33
CA GLU C 351 -46.99 -8.00 29.71
C GLU C 351 -45.73 -8.79 30.01
N HIS C 352 -45.58 -9.24 31.26
CA HIS C 352 -44.40 -10.03 31.62
C HIS C 352 -44.33 -11.32 30.81
N LEU C 353 -45.45 -12.05 30.75
CA LEU C 353 -45.45 -13.31 30.01
C LEU C 353 -45.16 -13.10 28.53
N LEU C 354 -45.80 -12.10 27.93
CA LEU C 354 -45.57 -11.82 26.52
C LEU C 354 -44.14 -11.38 26.23
N GLY C 355 -43.55 -10.57 27.10
CA GLY C 355 -42.17 -10.16 26.92
C GLY C 355 -41.19 -11.32 27.06
N VAL C 356 -41.44 -12.20 28.03
CA VAL C 356 -40.58 -13.35 28.23
C VAL C 356 -40.65 -14.26 27.01
N ALA C 357 -41.85 -14.44 26.47
CA ALA C 357 -42.00 -15.20 25.23
C ALA C 357 -41.32 -14.55 24.03
N LEU C 358 -41.46 -13.24 23.86
CA LEU C 358 -40.80 -12.55 22.76
C LEU C 358 -39.28 -12.70 22.85
N HIS C 359 -38.73 -12.50 24.05
CA HIS C 359 -37.28 -12.63 24.20
C HIS C 359 -36.83 -14.08 24.08
N SER C 360 -37.67 -15.02 24.49
CA SER C 360 -37.35 -16.43 24.29
C SER C 360 -37.25 -16.76 22.81
N ARG C 361 -38.20 -16.27 22.01
CA ARG C 361 -38.14 -16.49 20.57
C ARG C 361 -36.91 -15.80 19.96
N LYS C 362 -36.62 -14.57 20.39
CA LYS C 362 -35.45 -13.86 19.88
C LYS C 362 -34.15 -14.57 20.21
N LEU C 363 -34.02 -15.08 21.44
CA LEU C 363 -32.83 -15.82 21.83
C LEU C 363 -32.70 -17.13 21.08
N ALA C 364 -33.82 -17.84 20.88
CA ALA C 364 -33.78 -19.07 20.10
C ALA C 364 -33.32 -18.80 18.68
N GLY C 365 -33.77 -17.69 18.09
CA GLY C 365 -33.26 -17.32 16.79
C GLY C 365 -31.79 -16.92 16.82
N THR C 366 -31.36 -16.27 17.90
CA THR C 366 -30.00 -15.77 17.98
C THR C 366 -28.98 -16.89 18.12
N LEU C 367 -29.31 -17.92 18.89
CA LEU C 367 -28.33 -18.96 19.25
C LEU C 367 -27.59 -19.57 18.06
N PRO C 368 -28.23 -19.94 16.94
CA PRO C 368 -27.46 -20.54 15.85
C PRO C 368 -26.40 -19.62 15.24
N ARG C 369 -26.51 -18.31 15.42
CA ARG C 369 -25.54 -17.37 14.87
C ARG C 369 -24.32 -17.18 15.75
N LEU C 370 -24.31 -17.80 16.93
CA LEU C 370 -23.25 -17.60 17.92
C LEU C 370 -21.91 -18.17 17.49
N GLU C 371 -21.88 -19.07 16.51
CA GLU C 371 -20.64 -19.69 16.05
C GLU C 371 -19.92 -18.82 15.04
N ARG C 372 -20.49 -17.68 14.67
CA ARG C 372 -19.85 -16.80 13.70
C ARG C 372 -19.89 -15.35 14.18
N GLN C 373 -20.84 -15.04 15.07
CA GLN C 373 -20.94 -13.68 15.58
C GLN C 373 -19.99 -13.40 16.74
N LEU C 374 -19.51 -14.44 17.43
CA LEU C 374 -18.67 -14.25 18.60
C LEU C 374 -17.21 -14.07 18.18
N PRO C 375 -16.45 -13.25 18.91
CA PRO C 375 -15.04 -13.04 18.55
C PRO C 375 -14.23 -14.33 18.66
N ARG C 376 -13.29 -14.49 17.74
CA ARG C 376 -12.42 -15.66 17.70
C ARG C 376 -10.99 -15.19 17.52
N LEU C 377 -10.05 -16.10 17.78
CA LEU C 377 -8.63 -15.82 17.64
C LEU C 377 -8.09 -16.53 16.41
N ALA C 378 -7.63 -15.73 15.44
CA ALA C 378 -7.15 -16.27 14.17
C ALA C 378 -5.83 -15.61 13.80
N ARG C 379 -5.14 -16.21 12.84
CA ARG C 379 -3.87 -15.74 12.28
C ARG C 379 -2.75 -15.67 13.30
N HIS C 380 -2.90 -16.29 14.47
CA HIS C 380 -1.83 -16.27 15.46
C HIS C 380 -0.63 -17.05 14.94
N LYS C 381 0.54 -16.44 15.02
CA LYS C 381 1.76 -17.07 14.54
C LYS C 381 2.54 -17.80 15.63
N GLY C 382 2.39 -17.38 16.89
CA GLY C 382 3.05 -18.07 17.98
C GLY C 382 2.59 -19.50 18.18
N PHE C 383 1.42 -19.86 17.64
CA PHE C 383 0.92 -21.22 17.71
C PHE C 383 1.30 -22.07 16.51
N THR C 384 1.73 -21.44 15.41
CA THR C 384 2.16 -22.16 14.22
C THR C 384 3.67 -22.15 14.03
N ARG C 385 4.36 -21.19 14.63
CA ARG C 385 5.82 -21.12 14.52
C ARG C 385 6.46 -22.38 15.07
N ARG C 386 7.39 -22.94 14.30
CA ARG C 386 8.11 -24.12 14.77
C ARG C 386 9.23 -23.71 15.72
N VAL C 387 9.67 -24.67 16.52
CA VAL C 387 10.66 -24.42 17.55
C VAL C 387 12.05 -24.63 16.97
N GLU C 388 13.05 -24.07 17.65
CA GLU C 388 14.44 -24.24 17.27
C GLU C 388 15.25 -25.07 18.25
N GLN C 389 14.75 -25.30 19.46
CA GLN C 389 15.51 -26.07 20.42
C GLN C 389 15.04 -27.52 20.45
N PRO C 390 15.98 -28.47 20.53
CA PRO C 390 15.58 -29.89 20.55
C PRO C 390 14.78 -30.29 21.77
N ARG C 391 14.81 -29.51 22.84
CA ARG C 391 14.03 -29.83 24.03
C ARG C 391 12.53 -29.73 23.75
N PHE C 392 12.09 -28.62 23.18
CA PHE C 392 10.68 -28.36 22.96
C PHE C 392 10.25 -28.80 21.55
N ARG C 393 10.60 -30.03 21.19
CA ARG C 393 10.31 -30.53 19.85
C ARG C 393 9.15 -31.52 19.83
N TRP C 394 8.53 -31.76 20.99
CA TRP C 394 7.28 -32.51 21.04
C TRP C 394 6.07 -31.60 20.85
N GLN C 395 6.21 -30.30 21.11
CA GLN C 395 5.17 -29.33 20.84
C GLN C 395 4.81 -29.26 19.37
N ASP C 396 5.75 -29.60 18.49
CA ASP C 396 5.51 -29.65 17.05
C ASP C 396 4.90 -30.97 16.61
N LYS C 397 5.32 -32.09 17.19
CA LYS C 397 4.67 -33.35 16.92
C LYS C 397 3.20 -33.32 17.35
N ALA C 398 2.90 -32.75 18.52
CA ALA C 398 1.52 -32.59 18.94
C ALA C 398 0.71 -31.70 18.01
N TYR C 399 1.28 -30.59 17.56
CA TYR C 399 0.59 -29.72 16.61
C TYR C 399 0.31 -30.45 15.30
N ASP C 400 1.29 -31.20 14.79
CA ASP C 400 1.08 -31.94 13.56
C ASP C 400 0.02 -33.02 13.73
N CYS C 401 0.03 -33.72 14.87
CA CYS C 401 -0.98 -34.72 15.12
C CYS C 401 -2.38 -34.10 15.19
N ALA C 402 -2.50 -32.95 15.85
CA ALA C 402 -3.81 -32.30 15.92
C ALA C 402 -4.28 -31.84 14.54
N MET C 403 -3.37 -31.28 13.73
CA MET C 403 -3.74 -30.88 12.38
C MET C 403 -4.13 -32.05 11.50
N ALA C 404 -3.49 -33.21 11.68
CA ALA C 404 -3.87 -34.39 10.90
C ALA C 404 -5.30 -34.82 11.23
N CYS C 405 -5.77 -34.53 12.45
CA CYS C 405 -7.10 -34.93 12.87
C CYS C 405 -8.16 -33.86 12.69
N ARG C 406 -7.77 -32.59 12.47
CA ARG C 406 -8.71 -31.47 12.46
C ARG C 406 -10.07 -31.79 11.86
N GLU C 407 -10.10 -32.35 10.65
CA GLU C 407 -11.38 -32.57 9.97
C GLU C 407 -12.20 -33.64 10.67
N GLN C 408 -11.58 -34.78 10.99
CA GLN C 408 -12.30 -35.84 11.68
C GLN C 408 -12.75 -35.42 13.06
N ALA C 409 -11.96 -34.61 13.76
CA ALA C 409 -12.34 -34.09 15.07
C ALA C 409 -13.55 -33.16 14.95
N MET C 410 -13.56 -32.30 13.93
CA MET C 410 -14.69 -31.42 13.70
C MET C 410 -15.94 -32.25 13.38
N GLU C 411 -15.78 -33.31 12.60
CA GLU C 411 -16.91 -34.13 12.18
C GLU C 411 -17.45 -35.04 13.29
N HIS C 412 -16.61 -35.51 14.20
CA HIS C 412 -17.01 -36.52 15.16
C HIS C 412 -16.78 -36.15 16.62
N GLY C 413 -15.83 -35.27 16.91
CA GLY C 413 -15.56 -34.89 18.29
C GLY C 413 -14.10 -35.05 18.65
N PHE C 414 -13.77 -34.91 19.94
CA PHE C 414 -12.38 -34.98 20.36
C PHE C 414 -12.26 -35.28 21.85
N PHE C 415 -11.34 -36.17 22.22
CA PHE C 415 -11.02 -36.45 23.62
C PHE C 415 -9.51 -36.63 23.70
N GLY C 416 -8.80 -35.54 23.97
CA GLY C 416 -7.35 -35.56 24.00
C GLY C 416 -6.80 -35.76 25.40
N LEU C 417 -5.57 -36.27 25.46
CA LEU C 417 -4.89 -36.56 26.71
C LEU C 417 -3.45 -36.10 26.60
N ASN C 418 -3.10 -35.01 27.29
CA ASN C 418 -1.75 -34.47 27.31
C ASN C 418 -1.04 -35.05 28.52
N LEU C 419 -0.29 -36.14 28.30
CA LEU C 419 0.36 -36.87 29.38
C LEU C 419 1.85 -36.54 29.50
N ALA C 420 2.27 -35.40 28.97
CA ALA C 420 3.68 -35.03 29.05
C ALA C 420 4.08 -34.76 30.49
N SER C 421 5.31 -35.10 30.83
CA SER C 421 5.79 -34.91 32.20
C SER C 421 5.92 -33.43 32.52
N THR C 422 5.98 -33.14 33.82
CA THR C 422 6.05 -31.77 34.31
C THR C 422 7.32 -31.08 33.84
N GLY C 423 7.26 -29.77 33.64
CA GLY C 423 8.40 -29.00 33.22
C GLY C 423 8.67 -28.97 31.74
N CYS C 424 7.86 -29.67 30.93
CA CYS C 424 8.06 -29.73 29.50
C CYS C 424 7.37 -28.60 28.75
N GLY C 425 6.63 -27.74 29.43
CA GLY C 425 5.92 -26.67 28.76
C GLY C 425 4.61 -27.15 28.16
N LYS C 426 3.72 -27.67 29.00
CA LYS C 426 2.47 -28.24 28.53
C LYS C 426 1.42 -27.19 28.18
N THR C 427 1.55 -25.96 28.70
CA THR C 427 0.54 -24.94 28.43
C THR C 427 0.59 -24.52 26.96
N LEU C 428 1.79 -24.25 26.44
CA LEU C 428 1.92 -23.92 25.04
C LEU C 428 1.50 -25.09 24.16
N ALA C 429 1.77 -26.32 24.61
CA ALA C 429 1.34 -27.49 23.85
C ALA C 429 -0.18 -27.57 23.77
N ASN C 430 -0.86 -27.32 24.89
CA ASN C 430 -2.32 -27.35 24.88
C ASN C 430 -2.89 -26.26 23.98
N GLY C 431 -2.31 -25.06 24.06
CA GLY C 431 -2.76 -23.98 23.19
C GLY C 431 -2.58 -24.32 21.73
N ARG C 432 -1.41 -24.88 21.38
CA ARG C 432 -1.14 -25.23 19.99
C ARG C 432 -2.05 -26.34 19.51
N ILE C 433 -2.32 -27.33 20.36
CA ILE C 433 -3.21 -28.42 19.97
C ILE C 433 -4.60 -27.89 19.67
N LEU C 434 -5.17 -27.12 20.60
CA LEU C 434 -6.53 -26.64 20.39
C LEU C 434 -6.61 -25.59 19.31
N TYR C 435 -5.51 -24.90 18.99
CA TYR C 435 -5.51 -24.01 17.84
C TYR C 435 -5.43 -24.78 16.54
N ALA C 436 -4.69 -25.89 16.53
CA ALA C 436 -4.63 -26.74 15.34
C ALA C 436 -5.97 -27.37 15.04
N LEU C 437 -6.72 -27.74 16.08
CA LEU C 437 -8.03 -28.35 15.86
C LEU C 437 -9.05 -27.39 15.25
N ALA C 438 -8.76 -26.10 15.22
CA ALA C 438 -9.70 -25.10 14.72
C ALA C 438 -9.56 -24.91 13.22
N ASP C 439 -10.62 -24.39 12.61
CA ASP C 439 -10.59 -24.08 11.18
C ASP C 439 -9.72 -22.86 10.95
N PRO C 440 -8.71 -22.92 10.08
CA PRO C 440 -7.78 -21.79 9.92
C PRO C 440 -8.45 -20.51 9.46
N GLN C 441 -9.51 -20.61 8.65
CA GLN C 441 -10.15 -19.41 8.13
C GLN C 441 -10.83 -18.61 9.24
N ARG C 442 -11.48 -19.29 10.18
CA ARG C 442 -12.25 -18.62 11.21
C ARG C 442 -11.41 -18.27 12.43
N GLY C 443 -10.82 -19.27 13.07
CA GLY C 443 -10.01 -19.07 14.25
C GLY C 443 -10.38 -20.07 15.32
N ALA C 444 -9.89 -19.83 16.54
CA ALA C 444 -10.05 -20.77 17.63
C ALA C 444 -10.68 -20.08 18.84
N ARG C 445 -11.42 -20.86 19.62
CA ARG C 445 -12.02 -20.42 20.87
C ARG C 445 -11.97 -21.57 21.86
N PHE C 446 -11.24 -21.38 22.97
CA PHE C 446 -11.14 -22.45 23.95
C PHE C 446 -10.92 -21.86 25.34
N SER C 447 -11.19 -22.69 26.34
CA SER C 447 -11.09 -22.30 27.74
C SER C 447 -10.00 -23.12 28.42
N ILE C 448 -9.33 -22.52 29.39
CA ILE C 448 -8.28 -23.17 30.16
C ILE C 448 -8.77 -23.26 31.60
N ALA C 449 -9.35 -24.40 31.96
CA ALA C 449 -9.92 -24.59 33.29
C ALA C 449 -8.87 -25.21 34.19
N LEU C 450 -8.17 -24.37 34.95
CA LEU C 450 -7.18 -24.87 35.89
C LEU C 450 -7.86 -25.58 37.06
N GLY C 451 -7.22 -26.63 37.56
CA GLY C 451 -7.79 -27.40 38.64
C GLY C 451 -7.47 -26.85 40.02
N LEU C 452 -7.65 -25.55 40.20
CA LEU C 452 -7.35 -24.87 41.44
C LEU C 452 -8.63 -24.34 42.08
N ARG C 453 -8.57 -24.14 43.40
CA ARG C 453 -9.72 -23.61 44.11
C ARG C 453 -9.93 -22.13 43.82
N SER C 454 -8.84 -21.36 43.75
CA SER C 454 -8.93 -19.94 43.47
C SER C 454 -7.79 -19.54 42.55
N LEU C 455 -8.10 -18.81 41.49
CA LEU C 455 -7.12 -18.35 40.52
C LEU C 455 -6.68 -16.95 40.87
N THR C 456 -5.38 -16.78 41.12
CA THR C 456 -4.84 -15.46 41.35
C THR C 456 -4.54 -14.77 40.02
N LEU C 457 -4.34 -13.45 40.09
CA LEU C 457 -3.99 -12.70 38.88
C LEU C 457 -2.63 -13.11 38.34
N GLN C 458 -1.72 -13.53 39.22
CA GLN C 458 -0.39 -13.94 38.78
C GLN C 458 -0.45 -15.15 37.86
N THR C 459 -1.31 -16.12 38.20
CA THR C 459 -1.43 -17.30 37.35
C THR C 459 -2.01 -16.94 35.99
N GLY C 460 -2.99 -16.04 35.94
CA GLY C 460 -3.52 -15.60 34.67
C GLY C 460 -2.49 -14.86 33.82
N GLN C 461 -1.70 -13.99 34.44
CA GLN C 461 -0.64 -13.31 33.71
C GLN C 461 0.40 -14.30 33.21
N ALA C 462 0.69 -15.34 34.00
CA ALA C 462 1.62 -16.37 33.56
C ALA C 462 1.06 -17.13 32.36
N TYR C 463 -0.25 -17.42 32.37
CA TYR C 463 -0.87 -18.05 31.20
C TYR C 463 -0.76 -17.16 29.97
N ARG C 464 -1.01 -15.86 30.15
CA ARG C 464 -0.87 -14.93 29.03
C ARG C 464 0.54 -14.92 28.48
N GLU C 465 1.54 -14.91 29.38
CA GLU C 465 2.93 -14.88 28.93
C GLU C 465 3.31 -16.18 28.22
N ARG C 466 2.91 -17.32 28.78
CA ARG C 466 3.28 -18.61 28.18
C ARG C 466 2.64 -18.78 26.81
N LEU C 467 1.37 -18.41 26.68
CA LEU C 467 0.71 -18.48 25.38
C LEU C 467 1.06 -17.29 24.48
N GLY C 468 1.71 -16.27 25.01
CA GLY C 468 2.04 -15.10 24.21
C GLY C 468 0.84 -14.31 23.76
N LEU C 469 -0.17 -14.15 24.62
CA LEU C 469 -1.38 -13.44 24.28
C LEU C 469 -1.56 -12.24 25.22
N GLY C 470 -2.08 -11.15 24.68
CA GLY C 470 -2.38 -9.98 25.47
C GLY C 470 -3.74 -10.09 26.13
N ASP C 471 -4.14 -9.01 26.80
CA ASP C 471 -5.44 -8.98 27.43
C ASP C 471 -6.57 -8.66 26.45
N ASP C 472 -6.23 -8.39 25.19
CA ASP C 472 -7.24 -8.25 24.15
C ASP C 472 -7.66 -9.58 23.55
N ASP C 473 -6.91 -10.66 23.82
CA ASP C 473 -7.23 -11.99 23.33
C ASP C 473 -7.51 -13.00 24.43
N LEU C 474 -6.96 -12.82 25.63
CA LEU C 474 -7.15 -13.75 26.74
C LEU C 474 -7.72 -12.99 27.92
N ALA C 475 -8.82 -13.49 28.47
CA ALA C 475 -9.42 -12.94 29.67
C ALA C 475 -9.10 -13.82 30.87
N ILE C 476 -9.15 -13.23 32.06
CA ILE C 476 -8.86 -13.92 33.30
C ILE C 476 -10.04 -13.72 34.24
N LEU C 477 -10.64 -14.82 34.68
CA LEU C 477 -11.70 -14.78 35.68
C LEU C 477 -11.07 -15.00 37.05
N VAL C 478 -10.64 -13.91 37.69
CA VAL C 478 -9.90 -14.01 38.94
C VAL C 478 -10.84 -14.41 40.08
N GLY C 479 -10.23 -14.83 41.18
CA GLY C 479 -10.99 -15.27 42.33
C GLY C 479 -11.45 -16.72 42.19
N GLY C 480 -12.27 -17.13 43.14
CA GLY C 480 -12.82 -18.47 43.12
C GLY C 480 -14.33 -18.48 43.19
N SER C 481 -14.94 -19.62 42.89
CA SER C 481 -16.39 -19.72 42.97
C SER C 481 -16.84 -19.68 44.42
N ALA C 482 -18.08 -19.22 44.62
CA ALA C 482 -18.63 -19.01 45.96
C ALA C 482 -19.89 -19.85 46.10
N ALA C 483 -19.93 -20.66 47.17
CA ALA C 483 -21.14 -21.39 47.49
C ALA C 483 -22.23 -20.44 47.99
N ARG C 484 -23.47 -20.87 47.88
CA ARG C 484 -24.60 -20.03 48.23
C ARG C 484 -24.53 -19.62 49.69
N GLU C 485 -24.40 -18.31 49.92
CA GLU C 485 -24.41 -17.75 51.26
C GLU C 485 -25.57 -16.79 51.41
N LEU C 486 -25.81 -15.95 50.41
CA LEU C 486 -26.92 -15.02 50.34
C LEU C 486 -28.24 -15.70 50.00
N PHE C 487 -28.26 -17.03 49.97
CA PHE C 487 -29.46 -17.76 49.58
C PHE C 487 -30.62 -17.57 50.56
N GLU C 488 -30.34 -17.04 51.75
CA GLU C 488 -31.38 -16.85 52.75
C GLU C 488 -31.83 -15.41 52.85
N LYS C 489 -30.90 -14.46 52.76
CA LYS C 489 -31.20 -13.04 52.94
C LYS C 489 -31.63 -12.35 51.66
N GLN C 490 -30.79 -12.38 50.63
CA GLN C 490 -31.11 -11.69 49.38
C GLN C 490 -32.32 -12.32 48.69
N GLN C 491 -32.48 -13.63 48.81
CA GLN C 491 -33.62 -14.30 48.20
C GLN C 491 -34.93 -13.78 48.76
N GLU C 492 -34.95 -13.40 50.04
CA GLU C 492 -36.14 -12.81 50.65
C GLU C 492 -36.57 -11.55 49.93
N ARG C 493 -35.63 -10.62 49.72
CA ARG C 493 -35.94 -9.37 49.04
C ARG C 493 -36.32 -9.63 47.58
N LEU C 494 -35.60 -10.54 46.92
CA LEU C 494 -35.90 -10.83 45.52
C LEU C 494 -37.28 -11.43 45.35
N GLU C 495 -37.70 -12.31 46.26
CA GLU C 495 -39.05 -12.87 46.18
C GLU C 495 -40.10 -11.85 46.57
N ARG C 496 -39.78 -10.96 47.52
CA ARG C 496 -40.71 -9.91 47.91
C ARG C 496 -40.99 -8.97 46.74
N SER C 497 -39.94 -8.61 45.99
CA SER C 497 -40.12 -7.77 44.83
C SER C 497 -40.87 -8.46 43.71
N GLY C 498 -41.06 -9.77 43.79
CA GLY C 498 -41.77 -10.51 42.77
C GLY C 498 -40.93 -10.91 41.56
N SER C 499 -39.66 -10.54 41.54
CA SER C 499 -38.74 -10.91 40.46
C SER C 499 -37.61 -11.73 41.07
N GLU C 500 -37.82 -13.04 41.14
CA GLU C 500 -36.81 -13.93 41.69
C GLU C 500 -35.69 -14.24 40.71
N SER C 501 -35.80 -13.79 39.46
CA SER C 501 -34.77 -13.99 38.45
C SER C 501 -34.02 -12.71 38.16
N ALA C 502 -33.84 -11.87 39.19
CA ALA C 502 -33.10 -10.63 39.05
C ALA C 502 -31.69 -10.71 39.58
N GLN C 503 -31.32 -11.80 40.26
CA GLN C 503 -29.95 -11.98 40.71
C GLN C 503 -29.00 -12.10 39.53
N GLU C 504 -27.78 -11.60 39.69
CA GLU C 504 -26.82 -11.57 38.60
C GLU C 504 -26.50 -12.99 38.15
N LEU C 505 -26.27 -13.13 36.84
CA LEU C 505 -25.99 -14.45 36.27
C LEU C 505 -24.72 -15.05 36.83
N LEU C 506 -23.76 -14.22 37.21
CA LEU C 506 -22.52 -14.66 37.82
C LEU C 506 -22.34 -13.91 39.14
N ALA C 507 -21.42 -14.39 39.97
CA ALA C 507 -21.26 -13.85 41.31
C ALA C 507 -20.87 -12.38 41.30
N GLU C 508 -20.86 -11.73 42.46
CA GLU C 508 -20.68 -10.30 42.56
C GLU C 508 -19.20 -9.93 42.65
N ASN C 509 -18.45 -10.56 43.54
CA ASN C 509 -17.03 -10.22 43.69
C ASN C 509 -16.21 -10.63 42.49
N SER C 510 -16.67 -11.62 41.72
CA SER C 510 -15.91 -12.11 40.59
C SER C 510 -15.77 -11.05 39.51
N HIS C 511 -14.55 -10.93 38.98
CA HIS C 511 -14.20 -9.93 37.98
C HIS C 511 -13.50 -10.61 36.81
N VAL C 512 -13.83 -10.16 35.60
CA VAL C 512 -13.24 -10.70 34.38
C VAL C 512 -12.27 -9.64 33.87
N HIS C 513 -10.99 -9.97 33.85
CA HIS C 513 -9.96 -9.03 33.40
C HIS C 513 -9.81 -9.14 31.89
N PHE C 514 -10.61 -8.38 31.15
CA PHE C 514 -10.61 -8.44 29.69
C PHE C 514 -10.71 -7.03 29.14
N ALA C 515 -10.01 -6.77 28.04
CA ALA C 515 -9.96 -5.45 27.41
C ALA C 515 -10.14 -5.58 25.90
N GLY C 516 -11.15 -6.34 25.49
CA GLY C 516 -11.36 -6.60 24.08
C GLY C 516 -12.70 -6.13 23.55
N THR C 517 -13.15 -6.76 22.46
CA THR C 517 -14.36 -6.33 21.76
C THR C 517 -15.62 -6.64 22.57
N LEU C 518 -16.18 -5.62 23.23
CA LEU C 518 -17.41 -5.78 23.99
C LEU C 518 -18.52 -4.86 23.50
N GLU C 519 -18.31 -4.19 22.36
CA GLU C 519 -19.22 -3.14 21.92
C GLU C 519 -20.53 -3.69 21.38
N ASP C 520 -20.46 -4.55 20.37
CA ASP C 520 -21.68 -5.02 19.71
C ASP C 520 -21.79 -6.54 19.74
N GLY C 521 -21.53 -7.15 20.89
CA GLY C 521 -21.63 -8.58 21.02
C GLY C 521 -23.02 -9.09 20.74
N PRO C 522 -23.12 -10.32 20.24
CA PRO C 522 -24.44 -10.86 19.88
C PRO C 522 -25.41 -10.94 21.05
N LEU C 523 -24.92 -11.22 22.26
CA LEU C 523 -25.79 -11.36 23.41
C LEU C 523 -25.66 -10.19 24.36
N ARG C 524 -25.40 -9.00 23.81
CA ARG C 524 -25.29 -7.81 24.65
C ARG C 524 -26.62 -7.47 25.30
N GLU C 525 -27.72 -7.71 24.59
CA GLU C 525 -29.04 -7.30 25.07
C GLU C 525 -29.38 -7.98 26.40
N TRP C 526 -29.13 -9.29 26.49
CA TRP C 526 -29.52 -10.03 27.68
C TRP C 526 -28.44 -10.01 28.75
N LEU C 527 -27.19 -10.21 28.35
CA LEU C 527 -26.10 -10.30 29.31
C LEU C 527 -25.68 -8.95 29.88
N GLY C 528 -25.77 -7.89 29.09
CA GLY C 528 -25.30 -6.57 29.46
C GLY C 528 -24.18 -6.14 28.54
N ARG C 529 -23.46 -5.12 28.93
CA ARG C 529 -22.35 -4.66 28.12
C ARG C 529 -21.01 -4.78 28.80
N ASN C 530 -20.89 -4.31 30.05
CA ASN C 530 -19.69 -4.52 30.85
C ASN C 530 -19.89 -5.59 31.92
N SER C 531 -21.02 -6.30 31.86
CA SER C 531 -21.30 -7.36 32.82
C SER C 531 -20.30 -8.50 32.67
N ALA C 532 -20.02 -9.18 33.76
CA ALA C 532 -19.05 -10.26 33.78
C ALA C 532 -19.47 -11.46 32.96
N GLY C 533 -20.71 -11.58 32.52
CA GLY C 533 -21.07 -12.66 31.62
C GLY C 533 -20.74 -12.33 30.19
N ASN C 534 -20.94 -11.05 29.82
CA ASN C 534 -20.59 -10.60 28.49
C ASN C 534 -19.10 -10.67 28.21
N ARG C 535 -18.26 -10.32 29.19
CA ARG C 535 -16.82 -10.47 29.01
C ARG C 535 -16.43 -11.94 29.01
N LEU C 536 -17.10 -12.76 29.81
CA LEU C 536 -16.82 -14.19 29.84
C LEU C 536 -17.12 -14.84 28.49
N LEU C 537 -18.15 -14.35 27.80
CA LEU C 537 -18.54 -14.92 26.52
C LEU C 537 -17.80 -14.30 25.33
N GLN C 538 -17.46 -13.02 25.41
CA GLN C 538 -16.82 -12.34 24.29
C GLN C 538 -15.33 -12.64 24.18
N ALA C 539 -14.73 -13.24 25.20
CA ALA C 539 -13.30 -13.48 25.20
C ALA C 539 -12.98 -14.70 24.35
N PRO C 540 -12.13 -14.58 23.33
CA PRO C 540 -11.80 -15.76 22.51
C PRO C 540 -11.18 -16.88 23.32
N ILE C 541 -10.35 -16.54 24.31
CA ILE C 541 -9.67 -17.51 25.15
C ILE C 541 -9.85 -17.08 26.61
N LEU C 542 -10.28 -18.00 27.45
CA LEU C 542 -10.61 -17.72 28.84
C LEU C 542 -9.74 -18.56 29.76
N ALA C 543 -9.23 -17.92 30.81
CA ALA C 543 -8.43 -18.59 31.84
C ALA C 543 -9.21 -18.54 33.14
N CYS C 544 -9.90 -19.63 33.45
CA CYS C 544 -10.71 -19.73 34.65
C CYS C 544 -10.32 -21.00 35.40
N THR C 545 -11.09 -21.33 36.43
CA THR C 545 -10.91 -22.57 37.18
C THR C 545 -12.07 -23.51 36.88
N ILE C 546 -11.84 -24.80 37.16
CA ILE C 546 -12.90 -25.79 36.94
C ILE C 546 -14.08 -25.52 37.85
N ASP C 547 -13.84 -24.90 39.01
CA ASP C 547 -14.93 -24.52 39.89
C ASP C 547 -15.80 -23.41 39.30
N HIS C 548 -15.27 -22.65 38.34
CA HIS C 548 -16.08 -21.65 37.65
C HIS C 548 -17.01 -22.28 36.62
N LEU C 549 -16.59 -23.38 35.99
CA LEU C 549 -17.41 -24.05 35.00
C LEU C 549 -18.31 -25.12 35.58
N MET C 550 -18.03 -25.57 36.81
CA MET C 550 -18.93 -26.51 37.46
C MET C 550 -20.36 -26.01 37.61
N PRO C 551 -20.64 -24.74 37.94
CA PRO C 551 -22.03 -24.29 38.03
C PRO C 551 -22.85 -24.50 36.77
N ALA C 552 -22.22 -24.81 35.63
CA ALA C 552 -22.99 -25.16 34.45
C ALA C 552 -23.84 -26.40 34.70
N SER C 553 -23.26 -27.41 35.34
CA SER C 553 -23.93 -28.67 35.57
C SER C 553 -24.37 -28.88 37.01
N GLU C 554 -23.87 -28.08 37.96
CA GLU C 554 -24.18 -28.28 39.37
C GLU C 554 -24.86 -27.07 39.99
N SER C 555 -25.71 -26.39 39.22
CA SER C 555 -26.50 -25.28 39.73
C SER C 555 -27.92 -25.76 40.00
N LEU C 556 -28.35 -25.64 41.25
CA LEU C 556 -29.68 -26.09 41.64
C LEU C 556 -30.67 -24.93 41.76
N ARG C 557 -30.27 -23.85 42.41
CA ARG C 557 -31.15 -22.71 42.68
C ARG C 557 -30.49 -21.44 42.14
N GLY C 558 -30.98 -20.96 41.02
CA GLY C 558 -30.51 -19.69 40.49
C GLY C 558 -30.15 -19.82 39.02
N GLY C 559 -29.76 -18.69 38.46
CA GLY C 559 -29.36 -18.62 37.06
C GLY C 559 -27.86 -18.70 36.88
N HIS C 560 -27.17 -19.33 37.85
CA HIS C 560 -25.73 -19.44 37.78
C HIS C 560 -25.25 -20.33 36.64
N GLN C 561 -26.16 -21.10 36.03
CA GLN C 561 -25.80 -22.06 35.01
C GLN C 561 -25.79 -21.49 33.60
N ILE C 562 -26.08 -20.20 33.42
CA ILE C 562 -26.23 -19.67 32.07
C ILE C 562 -24.88 -19.36 31.44
N ALA C 563 -24.11 -18.46 32.06
CA ALA C 563 -22.84 -18.05 31.46
C ALA C 563 -21.86 -19.21 31.29
N PRO C 564 -21.62 -20.06 32.30
CA PRO C 564 -20.76 -21.23 32.05
C PRO C 564 -21.28 -22.12 30.94
N LEU C 565 -22.60 -22.30 30.83
CA LEU C 565 -23.13 -23.15 29.79
C LEU C 565 -22.93 -22.55 28.41
N LEU C 566 -23.14 -21.23 28.28
CA LEU C 566 -22.91 -20.59 27.00
C LEU C 566 -21.44 -20.67 26.61
N ARG C 567 -20.54 -20.51 27.59
CA ARG C 567 -19.12 -20.68 27.31
C ARG C 567 -18.83 -22.11 26.84
N LEU C 568 -19.48 -23.09 27.46
CA LEU C 568 -19.29 -24.49 27.05
C LEU C 568 -19.76 -24.72 25.61
N MET C 569 -20.91 -24.18 25.26
CA MET C 569 -21.41 -24.36 23.90
C MET C 569 -20.58 -23.60 22.87
N THR C 570 -19.95 -22.49 23.26
CA THR C 570 -19.26 -21.64 22.31
C THR C 570 -17.74 -21.66 22.49
N SER C 571 -17.18 -22.78 22.95
CA SER C 571 -15.74 -22.88 23.13
C SER C 571 -15.34 -24.34 23.30
N ASP C 572 -14.04 -24.59 23.19
CA ASP C 572 -13.45 -25.88 23.52
C ASP C 572 -13.15 -25.90 25.02
N LEU C 573 -12.38 -26.88 25.48
CA LEU C 573 -12.16 -27.03 26.91
C LEU C 573 -10.80 -27.67 27.18
N VAL C 574 -10.06 -27.08 28.11
CA VAL C 574 -8.82 -27.65 28.63
C VAL C 574 -8.97 -27.80 30.14
N LEU C 575 -8.62 -28.96 30.66
CA LEU C 575 -8.71 -29.24 32.10
C LEU C 575 -7.29 -29.41 32.63
N ASP C 576 -6.65 -28.31 32.99
CA ASP C 576 -5.31 -28.34 33.55
C ASP C 576 -5.34 -28.95 34.95
N GLU C 577 -4.38 -29.82 35.24
CA GLU C 577 -4.25 -30.44 36.55
C GLU C 577 -5.57 -31.07 36.99
N VAL C 578 -6.23 -31.76 36.06
CA VAL C 578 -7.57 -32.27 36.31
C VAL C 578 -7.59 -33.34 37.40
N ASP C 579 -6.48 -34.05 37.61
CA ASP C 579 -6.43 -35.06 38.65
C ASP C 579 -6.22 -34.48 40.04
N ASP C 580 -5.94 -33.18 40.14
CA ASP C 580 -5.76 -32.56 41.46
C ASP C 580 -7.05 -32.55 42.26
N PHE C 581 -8.18 -32.79 41.63
CA PHE C 581 -9.46 -32.78 42.33
C PHE C 581 -9.51 -33.88 43.37
N ASP C 582 -10.15 -33.58 44.50
CA ASP C 582 -10.35 -34.58 45.53
C ASP C 582 -11.27 -35.68 45.03
N ILE C 583 -11.11 -36.88 45.61
CA ILE C 583 -11.83 -38.05 45.12
C ILE C 583 -13.33 -37.84 45.21
N ASP C 584 -13.80 -37.16 46.25
CA ASP C 584 -15.23 -36.93 46.42
C ASP C 584 -15.77 -35.99 45.35
N ASP C 585 -14.92 -35.15 44.77
CA ASP C 585 -15.34 -34.19 43.76
C ASP C 585 -15.23 -34.74 42.34
N LEU C 586 -14.81 -35.99 42.18
CA LEU C 586 -14.70 -36.58 40.84
C LEU C 586 -16.04 -36.67 40.10
N PRO C 587 -17.14 -37.12 40.71
CA PRO C 587 -18.39 -37.21 39.93
C PRO C 587 -18.85 -35.88 39.35
N ALA C 588 -18.61 -34.78 40.05
CA ALA C 588 -18.95 -33.46 39.50
C ALA C 588 -18.14 -33.18 38.24
N LEU C 589 -16.86 -33.53 38.25
CA LEU C 589 -16.02 -33.36 37.07
C LEU C 589 -16.51 -34.26 35.92
N SER C 590 -16.93 -35.48 36.24
CA SER C 590 -17.47 -36.36 35.21
C SER C 590 -18.73 -35.77 34.59
N ARG C 591 -19.59 -35.19 35.41
CA ARG C 591 -20.79 -34.54 34.90
C ARG C 591 -20.43 -33.36 33.99
N LEU C 592 -19.42 -32.59 34.42
CA LEU C 592 -18.99 -31.45 33.61
C LEU C 592 -18.45 -31.91 32.26
N VAL C 593 -17.68 -32.99 32.25
CA VAL C 593 -17.15 -33.52 30.98
C VAL C 593 -18.30 -34.02 30.12
N HIS C 594 -19.28 -34.68 30.73
CA HIS C 594 -20.43 -35.17 29.95
C HIS C 594 -21.18 -34.02 29.31
N TRP C 595 -21.37 -32.92 30.04
CA TRP C 595 -22.08 -31.79 29.44
C TRP C 595 -21.20 -31.04 28.44
N ALA C 596 -19.89 -31.08 28.62
CA ALA C 596 -19.00 -30.53 27.60
C ALA C 596 -19.12 -31.30 26.30
N GLY C 597 -19.24 -32.62 26.38
CA GLY C 597 -19.47 -33.43 25.20
C GLY C 597 -20.90 -33.33 24.69
N LEU C 598 -21.81 -32.89 25.56
CA LEU C 598 -23.22 -32.79 25.22
C LEU C 598 -23.51 -31.59 24.31
N PHE C 599 -22.83 -30.47 24.52
CA PHE C 599 -23.12 -29.25 23.79
C PHE C 599 -22.09 -28.96 22.70
N GLY C 600 -21.34 -29.98 22.28
CA GLY C 600 -20.46 -29.85 21.13
C GLY C 600 -19.07 -29.36 21.43
N SER C 601 -18.68 -29.27 22.69
CA SER C 601 -17.33 -28.84 23.00
C SER C 601 -16.34 -29.99 22.80
N ARG C 602 -15.07 -29.64 22.66
CA ARG C 602 -13.99 -30.61 22.53
C ARG C 602 -13.07 -30.47 23.73
N VAL C 603 -12.90 -31.56 24.47
CA VAL C 603 -12.22 -31.54 25.77
C VAL C 603 -10.83 -32.10 25.59
N LEU C 604 -9.84 -31.44 26.19
CA LEU C 604 -8.46 -31.90 26.20
C LEU C 604 -7.98 -31.93 27.64
N LEU C 605 -7.73 -33.13 28.16
CA LEU C 605 -7.22 -33.27 29.52
C LEU C 605 -5.70 -33.09 29.52
N SER C 606 -5.23 -32.24 30.43
CA SER C 606 -3.81 -31.89 30.50
C SER C 606 -3.32 -32.19 31.91
N SER C 607 -2.87 -33.42 32.14
CA SER C 607 -2.26 -33.79 33.39
C SER C 607 -1.22 -34.88 33.15
N ALA C 608 -0.17 -34.86 33.95
CA ALA C 608 0.94 -35.80 33.80
C ALA C 608 0.76 -37.09 34.57
N THR C 609 -0.26 -37.20 35.42
CA THR C 609 -0.45 -38.33 36.32
C THR C 609 -1.88 -38.83 36.25
N LEU C 610 -2.39 -39.03 35.03
CA LEU C 610 -3.78 -39.46 34.85
C LEU C 610 -3.86 -40.97 34.98
N PRO C 611 -4.56 -41.50 35.98
CA PRO C 611 -4.72 -42.95 36.10
C PRO C 611 -5.68 -43.48 35.05
N PRO C 612 -5.58 -44.76 34.69
CA PRO C 612 -6.45 -45.30 33.63
C PRO C 612 -7.92 -45.25 33.96
N ALA C 613 -8.31 -45.47 35.21
CA ALA C 613 -9.73 -45.53 35.56
C ALA C 613 -10.41 -44.18 35.36
N LEU C 614 -9.76 -43.12 35.83
CA LEU C 614 -10.32 -41.77 35.64
C LEU C 614 -10.46 -41.43 34.17
N VAL C 615 -9.45 -41.77 33.37
CA VAL C 615 -9.49 -41.47 31.94
C VAL C 615 -10.61 -42.26 31.27
N GLN C 616 -10.77 -43.53 31.63
CA GLN C 616 -11.84 -44.33 31.05
C GLN C 616 -13.21 -43.76 31.40
N GLY C 617 -13.41 -43.39 32.67
CA GLY C 617 -14.69 -42.81 33.05
C GLY C 617 -14.99 -41.51 32.32
N LEU C 618 -13.99 -40.63 32.22
CA LEU C 618 -14.20 -39.36 31.53
C LEU C 618 -14.48 -39.59 30.05
N PHE C 619 -13.79 -40.56 29.43
CA PHE C 619 -14.05 -40.85 28.03
C PHE C 619 -15.45 -41.38 27.83
N GLU C 620 -15.92 -42.26 28.73
CA GLU C 620 -17.28 -42.76 28.62
C GLU C 620 -18.29 -41.63 28.73
N ALA C 621 -18.06 -40.71 29.68
CA ALA C 621 -18.96 -39.57 29.82
C ALA C 621 -18.98 -38.72 28.55
N TYR C 622 -17.80 -38.44 28.00
CA TYR C 622 -17.73 -37.61 26.80
C TYR C 622 -18.41 -38.29 25.62
N ARG C 623 -18.22 -39.59 25.46
CA ARG C 623 -18.83 -40.31 24.35
C ARG C 623 -20.36 -40.31 24.48
N SER C 624 -20.84 -40.53 25.70
CA SER C 624 -22.28 -40.53 25.94
C SER C 624 -22.87 -39.17 25.61
N GLY C 625 -22.20 -38.10 26.02
CA GLY C 625 -22.68 -36.77 25.67
C GLY C 625 -22.62 -36.49 24.17
N ARG C 626 -21.54 -36.93 23.53
CA ARG C 626 -21.35 -36.65 22.11
C ARG C 626 -22.38 -37.37 21.25
N GLU C 627 -22.83 -38.55 21.68
CA GLU C 627 -23.88 -39.24 20.91
C GLU C 627 -25.14 -38.38 20.82
N ILE C 628 -25.63 -37.90 21.96
CA ILE C 628 -26.81 -37.05 21.97
C ILE C 628 -26.57 -35.74 21.24
N PHE C 629 -25.38 -35.15 21.36
CA PHE C 629 -25.09 -33.95 20.57
C PHE C 629 -25.16 -34.23 19.06
N GLN C 630 -24.59 -35.35 18.62
CA GLN C 630 -24.63 -35.71 17.22
C GLN C 630 -26.05 -35.99 16.75
N ARG C 631 -26.95 -36.38 17.65
CA ARG C 631 -28.34 -36.61 17.29
C ARG C 631 -29.11 -35.32 17.03
N HIS C 632 -28.50 -34.15 17.29
CA HIS C 632 -29.23 -32.89 17.18
C HIS C 632 -28.51 -31.84 16.34
N ARG C 633 -27.21 -32.01 16.13
CA ARG C 633 -26.42 -30.99 15.43
C ARG C 633 -25.46 -31.69 14.47
N GLY C 634 -25.66 -31.46 13.18
CA GLY C 634 -24.78 -32.02 12.16
C GLY C 634 -25.51 -32.89 11.17
N ALA C 635 -24.78 -33.44 10.21
CA ALA C 635 -25.37 -34.35 9.24
C ALA C 635 -25.87 -35.61 9.95
N PRO C 636 -27.14 -35.98 9.79
CA PRO C 636 -27.65 -37.16 10.50
C PRO C 636 -26.97 -38.44 10.02
N GLY C 637 -26.87 -39.40 10.93
CA GLY C 637 -26.36 -40.72 10.63
C GLY C 637 -24.90 -40.93 10.94
N ARG C 638 -24.17 -39.88 11.36
CA ARG C 638 -22.77 -40.04 11.69
C ARG C 638 -22.60 -40.98 12.87
N ALA C 639 -21.62 -41.88 12.77
CA ALA C 639 -21.32 -42.83 13.81
C ALA C 639 -20.50 -42.17 14.91
N THR C 640 -20.79 -42.52 16.16
CA THR C 640 -20.11 -41.94 17.31
C THR C 640 -18.73 -42.57 17.43
N GLU C 641 -17.77 -42.02 16.69
CA GLU C 641 -16.38 -42.46 16.72
C GLU C 641 -15.55 -41.29 17.23
N ILE C 642 -15.37 -41.22 18.55
CA ILE C 642 -14.64 -40.12 19.16
C ILE C 642 -13.20 -40.16 18.71
N ARG C 643 -12.70 -39.04 18.18
CA ARG C 643 -11.33 -38.95 17.69
C ARG C 643 -10.41 -38.75 18.89
N CYS C 644 -10.04 -39.86 19.52
CA CYS C 644 -9.14 -39.83 20.66
C CYS C 644 -7.72 -39.57 20.21
N ALA C 645 -6.98 -38.80 21.01
CA ALA C 645 -5.60 -38.48 20.73
C ALA C 645 -4.78 -38.57 22.01
N TRP C 646 -3.51 -38.95 21.86
CA TRP C 646 -2.59 -39.04 22.98
C TRP C 646 -1.35 -38.21 22.66
N PHE C 647 -0.97 -37.33 23.59
CA PHE C 647 0.19 -36.48 23.43
C PHE C 647 1.16 -36.71 24.59
N ASP C 648 2.45 -36.61 24.29
CA ASP C 648 3.47 -36.84 25.29
C ASP C 648 4.75 -36.14 24.84
N GLU C 649 5.74 -36.14 25.73
CA GLU C 649 7.04 -35.52 25.46
C GLU C 649 7.84 -36.27 24.42
N PHE C 650 7.43 -37.49 24.04
CA PHE C 650 8.19 -38.31 23.11
C PHE C 650 7.49 -38.52 21.77
N SER C 651 6.16 -38.51 21.73
CA SER C 651 5.44 -38.73 20.48
C SER C 651 3.99 -38.29 20.59
N SER C 652 3.20 -38.54 19.55
CA SER C 652 1.77 -38.23 19.57
C SER C 652 1.01 -39.15 18.64
N GLN C 653 -0.05 -39.78 19.13
CA GLN C 653 -0.85 -40.72 18.35
C GLN C 653 -2.27 -40.18 18.24
N SER C 654 -3.10 -40.90 17.49
CA SER C 654 -4.49 -40.52 17.29
C SER C 654 -5.24 -41.66 16.62
N SER C 655 -6.45 -41.91 17.10
CA SER C 655 -7.29 -42.97 16.54
C SER C 655 -8.73 -42.71 16.93
N ALA C 656 -9.64 -43.36 16.21
CA ALA C 656 -11.07 -43.25 16.48
C ALA C 656 -11.52 -44.45 17.30
N HIS C 657 -12.40 -44.19 18.27
CA HIS C 657 -12.88 -45.23 19.16
C HIS C 657 -14.34 -44.98 19.48
N GLY C 658 -15.17 -46.01 19.29
CA GLY C 658 -16.60 -45.88 19.53
C GLY C 658 -17.06 -46.53 20.81
N ALA C 659 -16.15 -47.19 21.53
CA ALA C 659 -16.47 -47.87 22.77
C ALA C 659 -15.28 -47.78 23.72
N VAL C 660 -15.55 -47.99 25.01
CA VAL C 660 -14.51 -47.90 26.03
C VAL C 660 -13.63 -49.14 25.98
N THR C 661 -14.02 -50.13 25.15
CA THR C 661 -13.25 -51.35 25.01
C THR C 661 -12.02 -51.21 24.13
N SER C 662 -12.08 -50.42 23.06
CA SER C 662 -10.92 -50.16 22.22
C SER C 662 -10.10 -48.98 22.70
N PHE C 663 -10.76 -47.96 23.27
CA PHE C 663 -10.04 -46.83 23.83
C PHE C 663 -9.14 -47.25 24.98
N SER C 664 -9.61 -48.18 25.82
CA SER C 664 -8.77 -48.67 26.90
C SER C 664 -7.53 -49.38 26.37
N GLU C 665 -7.69 -50.19 25.33
CA GLU C 665 -6.54 -50.87 24.74
C GLU C 665 -5.55 -49.88 24.15
N ALA C 666 -6.04 -48.86 23.42
CA ALA C 666 -5.15 -47.86 22.85
C ALA C 666 -4.43 -47.07 23.94
N HIS C 667 -5.15 -46.70 25.01
CA HIS C 667 -4.51 -46.00 26.11
C HIS C 667 -3.44 -46.85 26.77
N ALA C 668 -3.73 -48.15 26.97
CA ALA C 668 -2.75 -49.04 27.57
C ALA C 668 -1.51 -49.16 26.67
N THR C 669 -1.71 -49.24 25.37
CA THR C 669 -0.58 -49.31 24.44
C THR C 669 0.28 -48.05 24.54
N PHE C 670 -0.35 -46.88 24.51
CA PHE C 670 0.42 -45.64 24.61
C PHE C 670 1.13 -45.54 25.95
N VAL C 671 0.48 -45.96 27.03
CA VAL C 671 1.09 -45.90 28.35
C VAL C 671 2.29 -46.82 28.42
N ALA C 672 2.18 -48.01 27.83
CA ALA C 672 3.30 -48.95 27.82
C ALA C 672 4.48 -48.38 27.04
N GLN C 673 4.20 -47.79 25.88
CA GLN C 673 5.28 -47.19 25.09
C GLN C 673 5.94 -46.04 25.85
N ARG C 674 5.13 -45.20 26.49
CA ARG C 674 5.67 -44.08 27.25
C ARG C 674 6.49 -44.55 28.43
N LEU C 675 6.06 -45.61 29.12
CA LEU C 675 6.84 -46.15 30.23
C LEU C 675 8.16 -46.71 29.74
N ALA C 676 8.15 -47.41 28.60
CA ALA C 676 9.38 -47.96 28.05
C ALA C 676 10.35 -46.84 27.71
N LYS C 677 9.87 -45.74 27.14
CA LYS C 677 10.73 -44.61 26.87
C LYS C 677 11.14 -43.87 28.14
N LEU C 678 10.33 -43.95 29.19
CA LEU C 678 10.63 -43.27 30.44
C LEU C 678 11.71 -44.00 31.24
N GLU C 679 11.79 -45.32 31.11
CA GLU C 679 12.78 -46.07 31.87
C GLU C 679 14.20 -45.67 31.47
N GLN C 680 14.43 -45.45 30.17
CA GLN C 680 15.77 -45.14 29.67
C GLN C 680 16.26 -43.74 30.03
N LEU C 681 15.38 -42.89 30.57
CA LEU C 681 15.78 -41.53 30.93
C LEU C 681 16.80 -41.56 32.06
N PRO C 682 17.78 -40.66 32.02
CA PRO C 682 18.73 -40.55 33.13
C PRO C 682 18.04 -40.04 34.38
N PRO C 683 18.56 -40.37 35.57
CA PRO C 683 17.90 -39.91 36.80
C PRO C 683 18.30 -38.50 37.17
N ARG C 684 17.34 -37.72 37.67
CA ARG C 684 17.60 -36.36 38.11
C ARG C 684 17.04 -36.10 39.51
N ARG C 685 16.36 -37.08 40.10
CA ARG C 685 15.80 -36.93 41.44
C ARG C 685 16.00 -38.22 42.21
N GLN C 686 16.47 -38.11 43.45
CA GLN C 686 16.66 -39.26 44.32
C GLN C 686 16.00 -38.97 45.66
N ALA C 687 15.15 -39.91 46.09
CA ALA C 687 14.36 -39.73 47.30
C ALA C 687 14.91 -40.59 48.43
N GLN C 688 14.98 -40.00 49.61
CA GLN C 688 15.45 -40.68 50.82
C GLN C 688 14.40 -40.56 51.90
N LEU C 689 14.05 -41.69 52.52
CA LEU C 689 13.08 -41.69 53.60
C LEU C 689 13.72 -41.24 54.90
N CYS C 690 13.03 -40.36 55.62
CA CYS C 690 13.50 -39.84 56.90
C CYS C 690 12.49 -40.22 57.98
N THR C 691 12.98 -40.77 59.08
CA THR C 691 12.15 -41.18 60.20
C THR C 691 12.17 -40.10 61.27
N VAL C 692 10.98 -39.65 61.67
CA VAL C 692 10.85 -38.57 62.64
C VAL C 692 10.50 -39.16 64.00
N HIS C 693 10.90 -38.46 65.06
CA HIS C 693 10.70 -38.92 66.43
C HIS C 693 9.34 -38.41 66.92
N ALA C 694 8.44 -39.33 67.25
CA ALA C 694 7.11 -38.98 67.73
C ALA C 694 7.16 -38.57 69.20
N ALA C 698 1.61 -31.95 71.72
CA ALA C 698 0.73 -31.33 70.73
C ALA C 698 1.51 -30.46 69.76
N ARG C 699 0.86 -29.41 69.28
CA ARG C 699 1.44 -28.50 68.30
C ARG C 699 2.74 -27.83 68.76
N PRO C 700 2.77 -27.16 69.94
CA PRO C 700 3.96 -26.36 70.28
C PRO C 700 5.20 -27.20 70.54
N ALA C 701 5.03 -28.50 70.76
CA ALA C 701 6.14 -29.41 70.98
C ALA C 701 6.49 -30.19 69.72
N LEU C 702 5.50 -30.71 69.01
CA LEU C 702 5.76 -31.44 67.78
C LEU C 702 6.38 -30.52 66.72
N CYS C 703 5.85 -29.30 66.60
CA CYS C 703 6.41 -28.35 65.65
C CYS C 703 7.84 -27.97 66.03
N ARG C 704 8.10 -27.80 67.33
CA ARG C 704 9.45 -27.50 67.79
C ARG C 704 10.42 -28.62 67.47
N GLU C 705 10.00 -29.87 67.67
CA GLU C 705 10.86 -31.01 67.35
C GLU C 705 11.14 -31.06 65.84
N LEU C 706 10.10 -30.86 65.03
CA LEU C 706 10.29 -30.87 63.58
C LEU C 706 11.23 -29.76 63.15
N ALA C 707 11.08 -28.56 63.72
CA ALA C 707 11.99 -27.47 63.40
C ALA C 707 13.41 -27.78 63.83
N GLY C 708 13.58 -28.49 64.95
CA GLY C 708 14.91 -28.91 65.34
C GLY C 708 15.54 -29.85 64.33
N GLN C 709 14.77 -30.83 63.85
CA GLN C 709 15.33 -31.78 62.88
C GLN C 709 15.61 -31.12 61.53
N MET C 710 14.73 -30.23 61.09
CA MET C 710 14.87 -29.61 59.77
C MET C 710 15.94 -28.54 59.74
N ASN C 711 16.71 -28.42 60.81
CA ASN C 711 17.98 -27.69 60.75
C ASN C 711 19.11 -28.57 60.25
N THR C 712 19.31 -29.73 60.88
CA THR C 712 20.30 -30.68 60.40
C THR C 712 19.96 -31.19 59.01
N TRP C 713 18.66 -31.46 58.76
CA TRP C 713 18.25 -31.95 57.45
C TRP C 713 18.53 -30.92 56.37
N MET C 714 18.17 -29.66 56.62
CA MET C 714 18.44 -28.61 55.64
C MET C 714 19.93 -28.40 55.45
N ALA C 715 20.71 -28.50 56.54
CA ALA C 715 22.15 -28.36 56.42
C ALA C 715 22.74 -29.46 55.54
N ASP C 716 22.31 -30.70 55.75
CA ASP C 716 22.80 -31.82 54.96
C ASP C 716 22.42 -31.66 53.49
N LEU C 717 21.18 -31.26 53.22
CA LEU C 717 20.74 -31.09 51.85
C LEU C 717 21.49 -29.95 51.16
N HIS C 718 21.73 -28.85 51.88
CA HIS C 718 22.48 -27.74 51.30
C HIS C 718 23.92 -28.15 51.03
N ARG C 719 24.53 -28.91 51.94
CA ARG C 719 25.89 -29.37 51.72
C ARG C 719 25.96 -30.29 50.50
N CYS C 720 24.97 -31.17 50.34
CA CYS C 720 24.96 -32.06 49.20
C CYS C 720 24.74 -31.30 47.89
N HIS C 721 23.76 -30.41 47.86
CA HIS C 721 23.38 -29.70 46.65
C HIS C 721 23.34 -28.20 46.91
N HIS C 722 24.04 -27.44 46.05
CA HIS C 722 24.08 -25.99 46.18
C HIS C 722 24.71 -25.37 44.93
N THR C 723 24.90 -24.05 44.94
CA THR C 723 25.55 -23.36 43.85
C THR C 723 26.71 -22.56 44.42
N GLU C 724 27.84 -22.59 43.71
CA GLU C 724 29.06 -21.97 44.21
C GLU C 724 29.52 -20.92 43.23
N HIS C 725 29.83 -19.73 43.75
CA HIS C 725 30.33 -18.63 42.93
C HIS C 725 31.00 -17.63 43.87
N GLN C 726 32.28 -17.34 43.60
CA GLN C 726 33.06 -16.40 44.40
C GLN C 726 33.12 -16.83 45.85
N GLY C 727 33.12 -18.14 46.10
CA GLY C 727 33.22 -18.64 47.46
C GLY C 727 31.96 -18.50 48.28
N ARG C 728 30.82 -18.25 47.65
CA ARG C 728 29.55 -18.11 48.33
C ARG C 728 28.59 -19.16 47.81
N ARG C 729 27.94 -19.87 48.73
CA ARG C 729 27.09 -21.02 48.40
C ARG C 729 25.64 -20.69 48.74
N ILE C 730 24.80 -20.63 47.71
CA ILE C 730 23.36 -20.41 47.88
C ILE C 730 22.61 -21.63 47.36
N SER C 731 21.59 -22.05 48.09
CA SER C 731 20.74 -23.17 47.68
C SER C 731 19.29 -22.84 47.98
N PHE C 732 18.42 -23.16 47.02
CA PHE C 732 16.98 -22.92 47.17
C PHE C 732 16.29 -24.23 47.52
N GLY C 733 15.48 -24.20 48.58
CA GLY C 733 14.81 -25.39 49.05
C GLY C 733 13.33 -25.15 49.26
N LEU C 734 12.59 -26.25 49.33
CA LEU C 734 11.15 -26.22 49.51
C LEU C 734 10.75 -27.20 50.61
N LEU C 735 9.86 -26.75 51.50
CA LEU C 735 9.29 -27.61 52.53
C LEU C 735 7.77 -27.55 52.38
N ARG C 736 7.16 -28.69 52.04
CA ARG C 736 5.73 -28.76 51.84
C ARG C 736 5.07 -29.48 53.01
N LEU C 737 4.00 -28.89 53.54
CA LEU C 737 3.24 -29.48 54.63
C LEU C 737 1.78 -29.63 54.21
N ALA C 738 1.13 -30.67 54.73
CA ALA C 738 -0.20 -31.03 54.26
C ALA C 738 -1.22 -29.95 54.58
N ASN C 739 -1.26 -29.48 55.83
CA ASN C 739 -2.23 -28.51 56.28
C ASN C 739 -1.57 -27.18 56.58
N ILE C 740 -2.41 -26.15 56.75
CA ILE C 740 -1.91 -24.78 56.94
C ILE C 740 -1.60 -24.45 58.39
N GLU C 741 -2.47 -24.82 59.33
CA GLU C 741 -2.22 -24.51 60.74
C GLU C 741 -0.95 -25.21 61.23
N PRO C 742 -0.73 -26.50 60.95
CA PRO C 742 0.59 -27.07 61.23
C PRO C 742 1.71 -26.37 60.49
N LEU C 743 1.45 -25.90 59.26
CA LEU C 743 2.48 -25.16 58.53
C LEU C 743 2.84 -23.87 59.26
N ILE C 744 1.85 -23.14 59.77
CA ILE C 744 2.14 -21.90 60.48
C ILE C 744 2.85 -22.19 61.79
N GLU C 745 2.44 -23.25 62.49
CA GLU C 745 3.11 -23.60 63.74
C GLU C 745 4.57 -23.96 63.49
N LEU C 746 4.84 -24.73 62.44
CA LEU C 746 6.21 -25.10 62.11
C LEU C 746 7.00 -23.88 61.63
N ALA C 747 6.34 -22.94 60.96
CA ALA C 747 7.01 -21.71 60.57
C ALA C 747 7.45 -20.92 61.80
N GLN C 748 6.57 -20.80 62.79
CA GLN C 748 6.95 -20.15 64.04
C GLN C 748 8.10 -20.89 64.72
N ALA C 749 8.03 -22.22 64.74
CA ALA C 749 9.07 -23.00 65.41
C ALA C 749 10.43 -22.80 64.74
N ILE C 750 10.45 -22.79 63.40
CA ILE C 750 11.71 -22.53 62.69
C ILE C 750 12.18 -21.11 62.95
N LEU C 751 11.26 -20.15 62.89
CA LEU C 751 11.64 -18.75 63.01
C LEU C 751 12.25 -18.44 64.37
N ALA C 752 11.66 -18.97 65.43
CA ALA C 752 12.19 -18.78 66.78
C ALA C 752 13.09 -19.97 67.12
N GLN C 753 13.98 -20.31 66.18
CA GLN C 753 15.00 -21.32 66.45
C GLN C 753 16.34 -20.89 65.89
N GLY C 754 16.31 -20.04 64.87
CA GLY C 754 17.52 -19.51 64.27
C GLY C 754 18.15 -20.45 63.26
N ALA C 755 19.26 -19.98 62.71
CA ALA C 755 20.06 -20.74 61.74
C ALA C 755 20.69 -21.95 62.41
N PRO C 756 20.89 -23.06 61.71
CA PRO C 756 21.48 -24.24 62.37
C PRO C 756 22.90 -24.00 62.85
N GLU C 757 23.83 -23.67 61.95
CA GLU C 757 25.18 -23.29 62.34
C GLU C 757 25.86 -22.53 61.21
N GLY C 758 26.07 -21.23 61.39
CA GLY C 758 26.68 -20.41 60.37
C GLY C 758 25.96 -20.39 59.04
N LEU C 759 24.81 -21.05 58.93
CA LEU C 759 24.08 -21.20 57.68
C LEU C 759 22.91 -20.22 57.68
N HIS C 760 23.12 -19.04 57.09
CA HIS C 760 22.09 -18.02 57.10
C HIS C 760 20.89 -18.48 56.29
N VAL C 761 19.70 -18.35 56.87
CA VAL C 761 18.48 -18.93 56.33
C VAL C 761 17.49 -17.80 56.04
N HIS C 762 16.98 -17.77 54.81
CA HIS C 762 15.88 -16.90 54.43
C HIS C 762 14.64 -17.76 54.22
N LEU C 763 13.57 -17.43 54.92
CA LEU C 763 12.34 -18.22 54.88
C LEU C 763 11.23 -17.44 54.20
N CYS C 764 10.44 -18.15 53.39
CA CYS C 764 9.27 -17.59 52.73
C CYS C 764 8.08 -18.48 53.04
N VAL C 765 7.02 -17.88 53.58
CA VAL C 765 5.78 -18.61 53.87
C VAL C 765 4.79 -18.32 52.75
N TYR C 766 4.21 -19.39 52.20
CA TYR C 766 3.34 -19.27 51.04
C TYR C 766 2.26 -20.33 51.16
N HIS C 767 1.04 -19.91 51.51
CA HIS C 767 -0.11 -20.80 51.53
C HIS C 767 -1.30 -20.03 50.98
N SER C 768 -2.49 -20.61 51.12
CA SER C 768 -3.69 -20.08 50.50
C SER C 768 -4.51 -19.19 51.43
N ARG C 769 -4.05 -18.95 52.65
CA ARG C 769 -4.79 -18.16 53.62
C ARG C 769 -4.38 -16.70 53.64
N HIS C 770 -3.41 -16.31 52.82
CA HIS C 770 -3.04 -14.90 52.70
C HIS C 770 -4.08 -14.15 51.88
N PRO C 771 -4.09 -12.83 51.97
CA PRO C 771 -4.92 -12.04 51.05
C PRO C 771 -4.52 -12.31 49.61
N LEU C 772 -5.52 -12.28 48.72
CA LEU C 772 -5.29 -12.71 47.34
C LEU C 772 -4.21 -11.88 46.66
N LEU C 773 -4.21 -10.56 46.88
CA LEU C 773 -3.14 -9.73 46.33
C LEU C 773 -1.80 -10.07 46.97
N VAL C 774 -1.79 -10.34 48.28
CA VAL C 774 -0.55 -10.75 48.94
C VAL C 774 -0.07 -12.08 48.39
N ARG C 775 -1.00 -13.02 48.18
CA ARG C 775 -0.64 -14.32 47.62
C ARG C 775 -0.06 -14.17 46.23
N SER C 776 -0.68 -13.32 45.41
CA SER C 776 -0.17 -13.04 44.07
C SER C 776 1.20 -12.36 44.09
N ALA C 777 1.46 -11.48 45.06
CA ALA C 777 2.78 -10.89 45.21
C ALA C 777 3.85 -11.92 45.58
N ILE C 778 3.53 -12.81 46.52
CA ILE C 778 4.45 -13.88 46.86
C ILE C 778 4.72 -14.77 45.65
N GLU C 779 3.68 -15.13 44.90
CA GLU C 779 3.85 -15.91 43.69
C GLU C 779 4.67 -15.18 42.64
N ARG C 780 4.47 -13.87 42.50
CA ARG C 780 5.24 -13.08 41.55
C ARG C 780 6.72 -13.07 41.90
N GLN C 781 7.06 -12.91 43.17
CA GLN C 781 8.45 -12.94 43.57
C GLN C 781 9.07 -14.33 43.41
N LEU C 782 8.33 -15.38 43.81
CA LEU C 782 8.84 -16.73 43.72
C LEU C 782 8.96 -17.23 42.29
N ASP C 783 8.16 -16.71 41.36
CA ASP C 783 8.25 -17.09 39.96
C ASP C 783 9.33 -16.33 39.21
N GLU C 784 9.87 -15.26 39.79
CA GLU C 784 10.95 -14.50 39.19
C GLU C 784 12.31 -14.87 39.79
N LEU C 785 12.35 -15.26 41.04
CA LEU C 785 13.61 -15.66 41.67
C LEU C 785 13.95 -17.12 41.49
N LEU C 786 12.96 -17.98 41.28
CA LEU C 786 13.19 -19.41 41.15
C LEU C 786 13.19 -19.90 39.71
N LYS C 787 13.61 -19.07 38.77
CA LYS C 787 13.82 -19.47 37.38
C LYS C 787 15.31 -19.72 37.19
N ARG C 788 15.67 -20.97 36.89
CA ARG C 788 17.06 -21.38 36.86
C ARG C 788 17.36 -22.02 35.51
N SER C 789 18.64 -22.29 35.29
CA SER C 789 19.11 -22.96 34.08
C SER C 789 20.50 -23.50 34.35
N ASP C 790 21.00 -24.31 33.42
CA ASP C 790 22.33 -24.88 33.55
C ASP C 790 23.39 -23.79 33.40
N ASP C 791 24.35 -23.78 34.33
CA ASP C 791 25.45 -22.82 34.33
C ASP C 791 24.94 -21.37 34.32
N ASP C 792 24.11 -21.05 35.32
CA ASP C 792 23.53 -19.71 35.46
C ASP C 792 23.98 -19.01 36.72
N ALA C 793 25.13 -19.43 37.29
CA ALA C 793 25.57 -18.85 38.55
C ALA C 793 25.88 -17.36 38.42
N ALA C 794 26.49 -16.97 37.30
CA ALA C 794 26.85 -15.56 37.11
C ALA C 794 25.61 -14.66 37.10
N ALA C 795 24.55 -15.09 36.42
CA ALA C 795 23.31 -14.32 36.44
C ALA C 795 22.55 -14.51 37.75
N LEU C 796 22.64 -15.69 38.36
CA LEU C 796 21.94 -15.94 39.61
C LEU C 796 22.46 -15.01 40.72
N PHE C 797 23.77 -14.84 40.82
CA PHE C 797 24.33 -13.99 41.85
C PHE C 797 24.15 -12.51 41.57
N ALA C 798 23.77 -12.13 40.34
CA ALA C 798 23.59 -10.73 39.99
C ALA C 798 22.16 -10.26 40.12
N ARG C 799 21.23 -11.12 40.50
CA ARG C 799 19.82 -10.73 40.62
C ARG C 799 19.65 -9.81 41.81
N PRO C 800 18.95 -8.68 41.66
CA PRO C 800 18.94 -7.64 42.71
C PRO C 800 18.50 -8.13 44.08
N THR C 801 17.36 -8.82 44.16
CA THR C 801 16.85 -9.27 45.44
C THR C 801 17.84 -10.23 46.10
N LEU C 802 18.40 -11.14 45.31
CA LEU C 802 19.44 -12.02 45.82
C LEU C 802 20.69 -11.25 46.21
N ALA C 803 21.06 -10.26 45.39
CA ALA C 803 22.28 -9.48 45.60
C ALA C 803 22.29 -8.80 46.96
N LYS C 804 21.24 -8.05 47.27
CA LYS C 804 21.16 -7.31 48.53
C LYS C 804 21.23 -8.27 49.72
N ALA C 805 20.49 -9.37 49.64
CA ALA C 805 20.46 -10.33 50.74
C ALA C 805 21.83 -10.97 50.96
N LEU C 806 22.53 -11.29 49.87
CA LEU C 806 23.85 -11.90 49.99
C LEU C 806 24.87 -10.90 50.52
N GLN C 807 24.84 -9.67 50.01
CA GLN C 807 25.84 -8.68 50.38
C GLN C 807 25.66 -8.20 51.81
N ALA C 808 24.41 -8.17 52.29
CA ALA C 808 24.14 -7.67 53.64
C ALA C 808 24.84 -8.52 54.70
N SER C 809 24.78 -9.84 54.56
CA SER C 809 25.38 -10.75 55.51
C SER C 809 26.83 -11.04 55.12
N THR C 810 27.58 -11.59 56.08
CA THR C 810 28.97 -11.96 55.86
C THR C 810 29.16 -13.47 55.72
N GLU C 811 28.14 -14.27 56.05
CA GLU C 811 28.26 -15.71 55.88
C GLU C 811 28.31 -16.09 54.41
N ARG C 812 29.17 -17.04 54.09
CA ARG C 812 29.32 -17.47 52.70
C ARG C 812 28.21 -18.41 52.26
N ASP C 813 27.44 -18.94 53.21
CA ASP C 813 26.41 -19.93 52.92
C ASP C 813 25.04 -19.35 53.21
N HIS C 814 24.12 -19.50 52.25
CA HIS C 814 22.75 -19.00 52.38
C HIS C 814 21.77 -20.12 52.02
N LEU C 815 20.69 -20.22 52.77
CA LEU C 815 19.64 -21.21 52.54
C LEU C 815 18.32 -20.48 52.31
N PHE C 816 17.93 -20.36 51.04
CA PHE C 816 16.66 -19.72 50.69
C PHE C 816 15.59 -20.81 50.68
N VAL C 817 14.78 -20.83 51.74
CA VAL C 817 13.82 -21.90 51.97
C VAL C 817 12.42 -21.36 51.71
N VAL C 818 11.58 -22.19 51.09
CA VAL C 818 10.18 -21.87 50.84
C VAL C 818 9.34 -22.87 51.63
N LEU C 819 8.48 -22.37 52.49
CA LEU C 819 7.53 -23.20 53.23
C LEU C 819 6.17 -23.04 52.59
N ALA C 820 5.69 -24.08 51.92
CA ALA C 820 4.51 -23.98 51.07
C ALA C 820 3.49 -25.05 51.41
N SER C 821 2.22 -24.70 51.21
CA SER C 821 1.11 -25.63 51.34
C SER C 821 0.99 -26.41 50.04
N PRO C 822 0.02 -27.34 49.95
CA PRO C 822 -0.17 -28.06 48.67
C PRO C 822 -0.56 -27.15 47.51
N VAL C 823 -0.68 -25.84 47.75
CA VAL C 823 -0.97 -24.90 46.69
C VAL C 823 0.21 -24.68 45.76
N ALA C 824 1.39 -25.15 46.13
CA ALA C 824 2.59 -24.96 45.33
C ALA C 824 2.82 -26.06 44.32
N GLU C 825 1.92 -27.03 44.21
CA GLU C 825 2.07 -28.11 43.25
C GLU C 825 1.48 -27.79 41.88
N VAL C 826 0.54 -26.84 41.81
CA VAL C 826 -0.19 -26.54 40.59
C VAL C 826 0.12 -25.11 40.17
N GLY C 827 0.55 -24.92 38.93
CA GLY C 827 0.79 -23.61 38.39
C GLY C 827 2.11 -22.98 38.76
N ARG C 828 2.95 -23.66 39.53
CA ARG C 828 4.23 -23.13 39.97
C ARG C 828 5.35 -23.78 39.18
N ASP C 829 6.07 -22.97 38.39
CA ASP C 829 7.23 -23.45 37.63
C ASP C 829 8.49 -23.00 38.36
N HIS C 830 8.90 -23.81 39.34
CA HIS C 830 10.01 -23.48 40.21
C HIS C 830 11.05 -24.58 40.17
N ASP C 831 12.32 -24.17 40.22
CA ASP C 831 13.45 -25.10 40.18
C ASP C 831 14.18 -25.01 41.53
N TYR C 832 13.96 -26.00 42.38
CA TYR C 832 14.60 -26.06 43.69
C TYR C 832 15.82 -26.97 43.63
N ASP C 833 16.72 -26.80 44.60
CA ASP C 833 17.87 -27.69 44.71
C ASP C 833 17.57 -28.90 45.56
N TRP C 834 16.68 -28.76 46.55
CA TRP C 834 16.33 -29.85 47.45
C TRP C 834 14.94 -29.59 48.01
N ALA C 835 14.35 -30.62 48.59
CA ALA C 835 13.00 -30.52 49.11
C ALA C 835 12.79 -31.51 50.25
N ILE C 836 12.06 -31.07 51.27
CA ILE C 836 11.60 -31.93 52.35
C ILE C 836 10.09 -31.95 52.28
N VAL C 837 9.52 -33.13 52.06
CA VAL C 837 8.11 -33.26 51.72
C VAL C 837 7.44 -34.25 52.66
N GLU C 838 6.34 -33.84 53.25
CA GLU C 838 5.47 -34.75 54.00
C GLU C 838 4.62 -35.55 53.04
N PRO C 839 4.32 -36.80 53.37
CA PRO C 839 3.56 -37.64 52.44
C PRO C 839 2.06 -37.49 52.57
N SER C 840 1.41 -37.13 51.46
CA SER C 840 -0.05 -37.04 51.42
C SER C 840 -0.61 -38.04 50.42
N SER C 841 -0.09 -38.00 49.19
CA SER C 841 -0.50 -38.91 48.14
C SER C 841 0.61 -38.98 47.11
N MET C 842 0.62 -40.05 46.31
CA MET C 842 1.70 -40.27 45.35
C MET C 842 1.76 -39.15 44.31
N ARG C 843 0.61 -38.60 43.94
CA ARG C 843 0.56 -37.52 42.97
C ARG C 843 1.31 -36.30 43.51
N SER C 844 1.12 -36.00 44.80
CA SER C 844 1.84 -34.88 45.40
C SER C 844 3.34 -35.13 45.37
N ILE C 845 3.76 -36.36 45.68
CA ILE C 845 5.18 -36.69 45.68
C ILE C 845 5.76 -36.49 44.28
N ILE C 846 5.05 -36.98 43.27
CA ILE C 846 5.53 -36.87 41.89
C ILE C 846 5.62 -35.41 41.46
N GLN C 847 4.58 -34.62 41.78
CA GLN C 847 4.57 -33.23 41.37
C GLN C 847 5.68 -32.44 42.05
N LEU C 848 5.93 -32.69 43.34
CA LEU C 848 6.99 -31.97 44.03
C LEU C 848 8.37 -32.46 43.61
N ALA C 849 8.50 -33.74 43.23
CA ALA C 849 9.74 -34.21 42.66
C ALA C 849 10.01 -33.52 41.32
N GLY C 850 8.98 -33.35 40.52
CA GLY C 850 9.13 -32.73 39.22
C GLY C 850 9.53 -31.27 39.24
N ARG C 851 9.82 -30.74 40.43
CA ARG C 851 10.22 -29.35 40.58
C ARG C 851 11.64 -29.14 41.09
N ILE C 852 12.25 -30.13 41.73
CA ILE C 852 13.65 -30.01 42.13
C ILE C 852 14.51 -30.32 40.91
N ARG C 853 15.30 -29.34 40.48
CA ARG C 853 16.08 -29.44 39.26
C ARG C 853 15.19 -29.77 38.08
N ARG C 854 14.22 -28.90 37.78
CA ARG C 854 13.31 -29.16 36.67
C ARG C 854 13.78 -28.44 35.41
N HIS C 855 14.55 -27.37 35.59
CA HIS C 855 15.11 -26.63 34.47
C HIS C 855 16.56 -26.99 34.18
N ARG C 856 17.30 -27.45 35.18
CA ARG C 856 18.71 -27.74 35.03
C ARG C 856 18.93 -29.20 34.66
N SER C 857 20.12 -29.49 34.15
CA SER C 857 20.53 -30.83 33.77
C SER C 857 21.85 -31.16 34.45
N GLY C 858 22.04 -32.45 34.73
CA GLY C 858 23.23 -32.89 35.43
C GLY C 858 22.97 -33.20 36.88
N PHE C 859 23.07 -34.48 37.25
CA PHE C 859 22.78 -34.94 38.59
C PHE C 859 24.05 -35.44 39.26
N SER C 860 24.24 -35.04 40.53
CA SER C 860 25.40 -35.46 41.29
C SER C 860 25.24 -36.83 41.95
N GLY C 861 24.03 -37.38 41.95
CA GLY C 861 23.77 -38.69 42.49
C GLY C 861 23.37 -38.70 43.96
N GLU C 862 23.67 -37.64 44.70
CA GLU C 862 23.28 -37.56 46.09
C GLU C 862 21.79 -37.30 46.21
N ALA C 863 21.21 -37.74 47.33
CA ALA C 863 19.78 -37.56 47.55
C ALA C 863 19.43 -36.09 47.66
N ASN C 864 18.38 -35.68 46.94
CA ASN C 864 17.92 -34.30 46.96
C ASN C 864 16.49 -34.15 47.46
N LEU C 865 15.70 -35.20 47.46
CA LEU C 865 14.33 -35.18 47.97
C LEU C 865 14.26 -36.04 49.22
N TYR C 866 13.73 -35.48 50.30
CA TYR C 866 13.59 -36.18 51.57
C TYR C 866 12.12 -36.31 51.92
N LEU C 867 11.66 -37.54 52.13
CA LEU C 867 10.28 -37.82 52.49
C LEU C 867 10.24 -38.26 53.95
N LEU C 868 9.38 -37.60 54.73
CA LEU C 868 9.19 -38.01 56.12
C LEU C 868 8.54 -39.38 56.18
N SER C 869 8.89 -40.15 57.21
CA SER C 869 8.35 -41.50 57.33
C SER C 869 6.84 -41.49 57.50
N ARG C 870 6.31 -40.55 58.29
CA ARG C 870 4.88 -40.43 58.50
C ARG C 870 4.51 -38.95 58.58
N ASN C 871 3.28 -38.65 58.18
CA ASN C 871 2.80 -37.28 58.15
C ASN C 871 2.39 -36.83 59.54
N ILE C 872 2.14 -35.52 59.66
CA ILE C 872 1.80 -34.94 60.96
C ILE C 872 0.50 -35.54 61.49
N ARG C 873 -0.45 -35.80 60.60
CA ARG C 873 -1.75 -36.30 61.01
C ARG C 873 -1.64 -37.71 61.60
N SER C 874 -0.51 -38.37 61.37
CA SER C 874 -0.21 -39.66 61.99
C SER C 874 0.56 -39.50 63.30
N LEU C 875 1.43 -38.49 63.38
CA LEU C 875 2.12 -38.22 64.63
C LEU C 875 1.13 -37.81 65.72
N GLU C 876 0.12 -37.02 65.36
CA GLU C 876 -0.92 -36.67 66.32
C GLU C 876 -1.79 -37.86 66.70
N GLY C 877 -1.69 -38.98 65.99
CA GLY C 877 -2.46 -40.16 66.30
C GLY C 877 -3.82 -40.23 65.64
N GLN C 878 -4.16 -39.28 64.78
CA GLN C 878 -5.44 -39.31 64.10
C GLN C 878 -5.49 -40.45 63.09
N ASN C 879 -6.68 -41.03 62.92
CA ASN C 879 -6.90 -42.08 61.95
C ASN C 879 -8.24 -41.82 61.26
N PRO C 880 -8.30 -41.88 59.92
CA PRO C 880 -7.21 -42.20 58.97
C PRO C 880 -6.19 -41.08 58.86
N ALA C 881 -4.92 -41.43 58.64
CA ALA C 881 -3.85 -40.44 58.59
C ALA C 881 -3.71 -39.76 57.24
N PHE C 882 -4.12 -40.42 56.16
CA PHE C 882 -4.01 -39.86 54.81
C PHE C 882 -5.38 -39.36 54.39
N GLN C 883 -5.70 -38.14 54.82
CA GLN C 883 -6.99 -37.53 54.52
C GLN C 883 -6.86 -36.02 54.51
N ARG C 884 -7.53 -35.38 53.55
CA ARG C 884 -7.61 -33.93 53.43
C ARG C 884 -6.24 -33.27 53.46
N PRO C 885 -5.42 -33.41 52.40
CA PRO C 885 -5.65 -34.19 51.19
C PRO C 885 -5.28 -35.66 51.39
N GLY C 886 -5.75 -36.55 50.53
CA GLY C 886 -5.42 -37.96 50.65
C GLY C 886 -6.55 -38.81 50.12
N PHE C 887 -6.38 -40.12 50.28
CA PHE C 887 -7.35 -41.10 49.81
C PHE C 887 -7.83 -42.05 50.90
N GLU C 888 -7.17 -42.12 52.05
CA GLU C 888 -7.54 -43.07 53.07
C GLU C 888 -8.88 -42.69 53.69
N THR C 889 -9.75 -43.67 53.84
CA THR C 889 -11.07 -43.51 54.42
C THR C 889 -11.33 -44.68 55.35
N PRO C 890 -12.30 -44.55 56.28
CA PRO C 890 -12.69 -45.73 57.07
C PRO C 890 -13.16 -46.89 56.22
N ASP C 891 -13.79 -46.63 55.07
CA ASP C 891 -14.22 -47.71 54.20
C ASP C 891 -13.05 -48.34 53.46
N PHE C 892 -11.96 -47.59 53.27
CA PHE C 892 -10.75 -48.09 52.60
C PHE C 892 -9.54 -47.79 53.48
N PRO C 893 -9.40 -48.50 54.59
CA PRO C 893 -8.32 -48.19 55.53
C PRO C 893 -6.97 -48.72 55.06
N LEU C 894 -5.93 -48.22 55.70
CA LEU C 894 -4.56 -48.64 55.44
C LEU C 894 -4.01 -49.34 56.67
N ASP C 895 -3.29 -50.43 56.43
CA ASP C 895 -2.72 -51.22 57.54
C ASP C 895 -1.50 -50.57 58.17
N SER C 896 -0.93 -49.54 57.54
CA SER C 896 0.23 -48.86 58.09
C SER C 896 0.22 -47.41 57.62
N HIS C 897 0.93 -46.56 58.37
CA HIS C 897 1.09 -45.16 58.02
C HIS C 897 2.55 -44.75 57.94
N ASP C 898 3.45 -45.71 57.81
CA ASP C 898 4.88 -45.47 57.66
C ASP C 898 5.26 -45.65 56.21
N LEU C 899 6.00 -44.69 55.65
CA LEU C 899 6.39 -44.76 54.25
C LEU C 899 7.32 -45.94 53.96
N HIS C 900 7.94 -46.53 54.98
CA HIS C 900 8.83 -47.65 54.77
C HIS C 900 8.09 -48.90 54.29
N ASP C 901 6.78 -48.95 54.44
CA ASP C 901 5.98 -50.09 54.02
C ASP C 901 5.04 -49.79 52.87
N LEU C 902 4.54 -48.56 52.76
CA LEU C 902 3.57 -48.22 51.73
C LEU C 902 4.21 -47.98 50.37
N LEU C 903 5.53 -47.80 50.31
CA LEU C 903 6.23 -47.48 49.07
C LEU C 903 7.18 -48.60 48.70
N ASP C 904 7.24 -48.90 47.41
CA ASP C 904 8.24 -49.83 46.91
C ASP C 904 9.62 -49.18 46.97
N PRO C 905 10.61 -49.83 47.59
CA PRO C 905 11.94 -49.19 47.70
C PRO C 905 12.58 -48.89 46.36
N ALA C 906 12.21 -49.62 45.31
CA ALA C 906 12.78 -49.35 43.98
C ALA C 906 12.31 -48.02 43.41
N LEU C 907 11.25 -47.44 43.97
CA LEU C 907 10.73 -46.17 43.46
C LEU C 907 11.62 -44.99 43.84
N LEU C 908 12.31 -45.08 44.97
CA LEU C 908 13.13 -43.96 45.42
C LEU C 908 14.29 -43.69 44.48
N ALA C 909 14.72 -44.70 43.72
CA ALA C 909 15.84 -44.50 42.80
C ALA C 909 15.46 -43.55 41.67
N ARG C 910 14.22 -43.62 41.19
CA ARG C 910 13.78 -42.78 40.08
C ARG C 910 12.28 -42.53 40.26
N ILE C 911 11.91 -41.28 40.49
CA ILE C 911 10.51 -40.89 40.71
C ILE C 911 10.02 -40.16 39.47
N ASP C 912 8.98 -40.69 38.86
CA ASP C 912 8.34 -40.05 37.72
C ASP C 912 6.86 -40.43 37.76
N ALA C 913 6.16 -40.21 36.63
CA ALA C 913 4.74 -40.50 36.58
C ALA C 913 4.43 -41.99 36.46
N SER C 914 5.45 -42.83 36.32
CA SER C 914 5.25 -44.26 36.08
C SER C 914 4.34 -44.94 37.09
N PRO C 915 4.51 -44.77 38.41
CA PRO C 915 3.59 -45.46 39.34
C PRO C 915 2.15 -45.01 39.22
N ARG C 916 1.89 -43.82 38.69
CA ARG C 916 0.53 -43.30 38.64
C ARG C 916 -0.15 -43.58 37.30
N ILE C 917 0.58 -43.53 36.19
CA ILE C 917 -0.04 -43.72 34.88
C ILE C 917 -0.50 -45.16 34.71
N VAL C 918 0.30 -46.12 35.14
CA VAL C 918 0.01 -47.53 34.92
C VAL C 918 -0.68 -48.09 36.17
N GLU C 919 -1.45 -49.15 35.97
CA GLU C 919 -2.21 -49.78 37.04
C GLU C 919 -1.55 -51.08 37.47
N PRO C 920 -0.94 -51.15 38.65
CA PRO C 920 -0.29 -52.39 39.08
C PRO C 920 -1.28 -53.51 39.29
N PHE C 921 -0.81 -54.74 39.07
CA PHE C 921 -1.61 -55.94 39.28
C PHE C 921 -0.71 -57.01 39.91
N PRO C 922 -1.21 -57.72 40.93
CA PRO C 922 -2.52 -57.60 41.57
C PRO C 922 -2.59 -56.40 42.51
N LEU C 923 -3.80 -55.89 42.77
CA LEU C 923 -3.96 -54.67 43.57
C LEU C 923 -3.97 -55.04 45.05
N PHE C 924 -3.06 -54.44 45.81
CA PHE C 924 -3.06 -54.56 47.26
C PHE C 924 -3.53 -53.24 47.86
N PRO C 925 -4.84 -53.06 48.03
CA PRO C 925 -5.38 -51.74 48.37
C PRO C 925 -5.23 -51.34 49.82
N ARG C 926 -4.56 -52.14 50.65
CA ARG C 926 -4.40 -51.77 52.05
C ARG C 926 -2.96 -51.88 52.52
N SER C 927 -2.01 -52.03 51.61
CA SER C 927 -0.59 -52.03 51.95
C SER C 927 0.26 -51.13 51.06
N ARG C 928 -0.22 -50.73 49.88
CA ARG C 928 0.51 -49.85 48.99
C ARG C 928 -0.33 -48.61 48.73
N LEU C 929 0.32 -47.45 48.77
CA LEU C 929 -0.40 -46.18 48.63
C LEU C 929 -0.99 -46.03 47.23
N VAL C 930 -0.17 -46.24 46.20
CA VAL C 930 -0.66 -46.11 44.83
C VAL C 930 -1.72 -47.17 44.53
N ASP C 931 -1.58 -48.36 45.14
CA ASP C 931 -2.61 -49.38 44.97
C ASP C 931 -3.94 -48.92 45.58
N LEU C 932 -3.88 -48.28 46.74
CA LEU C 932 -5.10 -47.74 47.34
C LEU C 932 -5.73 -46.68 46.46
N GLU C 933 -4.91 -45.77 45.92
CA GLU C 933 -5.43 -44.73 45.04
C GLU C 933 -6.11 -45.32 43.82
N HIS C 934 -5.45 -46.28 43.17
CA HIS C 934 -6.03 -46.89 41.98
C HIS C 934 -7.30 -47.68 42.31
N ARG C 935 -7.30 -48.38 43.46
CA ARG C 935 -8.48 -49.12 43.85
C ARG C 935 -9.67 -48.20 44.08
N ARG C 936 -9.46 -47.10 44.78
CA ARG C 936 -10.55 -46.15 45.01
C ARG C 936 -11.03 -45.55 43.70
N LEU C 937 -10.11 -45.16 42.83
CA LEU C 937 -10.50 -44.52 41.57
C LEU C 937 -11.28 -45.47 40.68
N ARG C 938 -10.86 -46.73 40.61
CA ARG C 938 -11.61 -47.71 39.82
C ARG C 938 -12.90 -48.15 40.50
N ALA C 939 -13.00 -48.00 41.81
CA ALA C 939 -14.25 -48.30 42.50
C ALA C 939 -15.29 -47.22 42.24
N LEU C 940 -14.88 -45.95 42.24
CA LEU C 940 -15.85 -44.87 42.08
C LEU C 940 -16.14 -44.60 40.60
N MET C 941 -15.09 -44.35 39.81
CA MET C 941 -15.30 -43.90 38.44
C MET C 941 -15.96 -44.97 37.57
N LEU C 942 -15.49 -46.21 37.65
CA LEU C 942 -16.01 -47.23 36.74
C LEU C 942 -17.16 -48.01 37.36
N ALA C 943 -16.88 -48.74 38.43
CA ALA C 943 -17.83 -49.65 39.07
C ALA C 943 -17.16 -50.47 40.16
N ASP C 944 -16.41 -51.49 39.74
CA ASP C 944 -15.73 -52.42 40.65
C ASP C 944 -16.71 -53.06 41.62
N ASP C 945 -16.20 -53.59 42.73
CA ASP C 945 -17.04 -54.24 43.73
C ASP C 945 -17.74 -53.21 44.61
N LEU C 951 -25.29 -45.21 44.05
CA LEU C 951 -25.42 -44.00 43.25
C LEU C 951 -24.26 -43.87 42.29
N GLY C 952 -24.32 -44.64 41.20
CA GLY C 952 -23.21 -44.69 40.27
C GLY C 952 -23.09 -43.42 39.44
N VAL C 953 -21.86 -43.13 39.02
CA VAL C 953 -21.63 -42.01 38.12
C VAL C 953 -22.37 -42.16 36.80
N PRO C 954 -22.40 -43.33 36.14
CA PRO C 954 -23.09 -43.42 34.84
C PRO C 954 -24.57 -43.06 34.88
N LEU C 955 -25.18 -42.99 36.06
CA LEU C 955 -26.60 -42.66 36.13
C LEU C 955 -26.89 -41.24 35.66
N TRP C 956 -25.87 -40.40 35.52
CA TRP C 956 -26.08 -39.04 35.03
C TRP C 956 -26.56 -39.04 33.58
N TRP C 957 -26.15 -40.03 32.78
CA TRP C 957 -26.57 -40.11 31.39
C TRP C 957 -27.34 -41.37 31.05
N GLN C 958 -27.26 -42.43 31.86
CA GLN C 958 -28.04 -43.63 31.60
C GLN C 958 -29.51 -43.42 31.93
N THR C 959 -29.80 -42.72 33.03
CA THR C 959 -31.16 -42.45 33.47
C THR C 959 -31.43 -40.95 33.37
N PRO C 960 -32.68 -40.55 33.17
CA PRO C 960 -32.98 -39.11 33.07
C PRO C 960 -32.86 -38.39 34.40
N ALA C 961 -31.70 -38.51 35.05
CA ALA C 961 -31.45 -37.83 36.31
C ALA C 961 -31.09 -36.37 36.13
N SER C 962 -30.81 -35.92 34.90
CA SER C 962 -30.52 -34.53 34.66
C SER C 962 -31.75 -33.64 34.84
N LEU C 963 -32.94 -34.23 34.87
CA LEU C 963 -34.17 -33.46 35.05
C LEU C 963 -34.42 -33.08 36.50
N SER C 964 -33.60 -33.56 37.43
CA SER C 964 -33.73 -33.22 38.84
C SER C 964 -32.34 -32.99 39.42
N GLY C 965 -32.31 -32.37 40.60
CA GLY C 965 -31.05 -32.07 41.26
C GLY C 965 -30.66 -33.11 42.27
N ALA C 966 -31.22 -34.32 42.14
CA ALA C 966 -30.94 -35.37 43.11
C ALA C 966 -29.48 -35.79 43.09
N LEU C 967 -28.89 -35.92 41.90
CA LEU C 967 -27.50 -36.34 41.80
C LEU C 967 -26.56 -35.31 42.39
N GLN C 968 -26.82 -34.02 42.14
CA GLN C 968 -25.97 -32.96 42.68
C GLN C 968 -25.98 -32.92 44.20
N THR C 969 -27.05 -33.41 44.83
CA THR C 969 -27.11 -33.46 46.29
C THR C 969 -26.58 -34.77 46.85
N SER C 970 -26.77 -35.88 46.14
CA SER C 970 -26.25 -37.15 46.61
C SER C 970 -24.73 -37.21 46.51
N GLN C 971 -24.17 -36.58 45.48
CA GLN C 971 -22.73 -36.54 45.27
C GLN C 971 -22.30 -35.08 45.12
N PRO C 972 -22.28 -34.33 46.21
CA PRO C 972 -22.03 -32.89 46.12
C PRO C 972 -20.59 -32.59 45.71
N PHE C 973 -20.36 -31.32 45.39
CA PHE C 973 -19.07 -30.83 44.94
C PHE C 973 -18.55 -29.80 45.94
N ARG C 974 -17.31 -29.98 46.39
CA ARG C 974 -16.70 -29.11 47.40
C ARG C 974 -17.56 -29.06 48.67
N ALA C 975 -18.07 -30.22 49.08
CA ALA C 975 -18.89 -30.29 50.27
C ALA C 975 -18.03 -30.25 51.54
N GLY C 976 -18.70 -30.18 52.68
CA GLY C 976 -18.01 -30.19 53.96
C GLY C 976 -17.90 -28.84 54.61
N ALA C 977 -16.70 -28.24 54.55
CA ALA C 977 -16.46 -26.97 55.21
C ALA C 977 -17.30 -25.86 54.58
N LYS C 978 -17.79 -24.96 55.43
CA LYS C 978 -18.57 -23.80 55.00
C LYS C 978 -17.73 -22.56 55.30
N GLU C 979 -16.93 -22.16 54.32
CA GLU C 979 -16.04 -21.01 54.50
C GLU C 979 -16.82 -19.70 54.37
N ARG C 980 -16.24 -18.65 54.95
CA ARG C 980 -16.82 -17.31 54.89
C ARG C 980 -15.75 -16.35 54.37
N CYS C 981 -16.20 -15.36 53.60
CA CYS C 981 -15.30 -14.41 52.97
C CYS C 981 -14.96 -13.28 53.94
N TYR C 982 -13.66 -13.05 54.12
CA TYR C 982 -13.17 -11.97 54.98
C TYR C 982 -12.18 -11.13 54.20
N ALA C 983 -11.89 -9.94 54.73
CA ALA C 983 -10.92 -9.05 54.10
C ALA C 983 -10.40 -8.06 55.12
N LEU C 984 -9.25 -7.46 54.82
CA LEU C 984 -8.66 -6.41 55.64
C LEU C 984 -9.01 -5.07 55.00
N LEU C 985 -10.26 -4.66 55.20
CA LEU C 985 -10.75 -3.45 54.56
C LEU C 985 -10.25 -2.22 55.32
N PRO C 986 -9.63 -1.25 54.64
CA PRO C 986 -9.28 0.00 55.30
C PRO C 986 -10.53 0.78 55.68
N ASP C 987 -10.41 1.56 56.75
CA ASP C 987 -11.53 2.39 57.19
C ASP C 987 -11.87 3.44 56.13
N GLU C 988 -13.16 3.75 56.02
CA GLU C 988 -13.60 4.73 55.04
C GLU C 988 -13.03 6.11 55.33
N ASP C 989 -13.07 6.53 56.60
CA ASP C 989 -12.56 7.86 56.95
C ASP C 989 -11.04 7.89 56.91
N ASP C 990 -10.38 6.88 57.48
CA ASP C 990 -8.93 6.84 57.58
C ASP C 990 -8.40 5.67 56.76
N GLU C 991 -7.57 5.96 55.76
CA GLU C 991 -7.00 4.91 54.93
C GLU C 991 -5.96 4.10 55.69
N GLU C 992 -5.23 4.73 56.62
CA GLU C 992 -4.19 4.02 57.36
C GLU C 992 -4.79 2.91 58.22
N ARG C 993 -5.91 3.18 58.88
CA ARG C 993 -6.53 2.19 59.74
C ARG C 993 -7.15 1.07 58.89
N LEU C 994 -6.89 -0.18 59.29
CA LEU C 994 -7.43 -1.35 58.61
C LEU C 994 -8.40 -2.07 59.53
N HIS C 995 -9.50 -2.54 58.95
CA HIS C 995 -10.55 -3.21 59.71
C HIS C 995 -10.77 -4.62 59.16
N PHE C 996 -10.85 -5.59 60.05
CA PHE C 996 -11.15 -6.97 59.69
C PHE C 996 -12.65 -7.08 59.44
N SER C 997 -13.04 -7.17 58.18
CA SER C 997 -14.44 -7.16 57.78
C SER C 997 -14.91 -8.58 57.47
N ARG C 998 -16.18 -8.72 57.09
CA ARG C 998 -16.74 -10.01 56.70
C ARG C 998 -17.91 -9.84 55.74
N TYR C 999 -17.77 -10.33 54.52
CA TYR C 999 -18.87 -10.29 53.56
C TYR C 999 -20.04 -11.13 54.07
N GLU C 1000 -21.14 -10.48 54.45
CA GLU C 1000 -22.29 -11.22 54.94
C GLU C 1000 -23.36 -11.36 53.86
N GLU C 1001 -23.87 -10.24 53.36
CA GLU C 1001 -24.81 -10.22 52.25
C GLU C 1001 -24.67 -8.87 51.53
N GLY C 1002 -23.82 -8.85 50.51
CA GLY C 1002 -23.57 -7.62 49.78
C GLY C 1002 -23.13 -6.44 50.62
N THR C 1003 -22.75 -6.68 51.87
CA THR C 1003 -22.38 -5.62 52.80
C THR C 1003 -21.26 -6.14 53.71
N TRP C 1004 -20.15 -5.41 53.76
CA TRP C 1004 -19.02 -5.80 54.58
C TRP C 1004 -19.26 -5.32 56.01
N SER C 1005 -19.54 -6.26 56.91
CA SER C 1005 -19.68 -5.93 58.33
C SER C 1005 -18.32 -5.64 58.94
N ASN C 1006 -18.28 -5.36 60.24
CA ASN C 1006 -17.05 -5.01 60.94
C ASN C 1006 -16.80 -5.98 62.08
N GLN C 1007 -15.63 -6.62 62.06
CA GLN C 1007 -15.32 -7.71 62.99
C GLN C 1007 -13.91 -7.56 63.58
N ASP C 1008 -13.60 -6.35 64.06
CA ASP C 1008 -12.29 -6.15 64.68
C ASP C 1008 -12.09 -6.99 65.93
N ASN C 1009 -13.19 -7.37 66.60
CA ASN C 1009 -13.08 -8.15 67.83
C ASN C 1009 -12.56 -9.56 67.58
N LEU C 1010 -12.66 -10.06 66.36
CA LEU C 1010 -12.26 -11.43 66.04
C LEU C 1010 -10.81 -11.54 65.60
N LEU C 1011 -10.09 -10.43 65.46
CA LEU C 1011 -8.72 -10.44 64.97
C LEU C 1011 -7.78 -9.91 66.04
N ARG C 1012 -6.62 -10.56 66.17
CA ARG C 1012 -5.60 -10.15 67.11
C ARG C 1012 -4.23 -10.28 66.44
N ASN C 1013 -3.28 -9.49 66.94
CA ASN C 1013 -1.93 -9.52 66.41
C ASN C 1013 -1.18 -10.74 66.93
N LEU C 1014 -0.21 -11.19 66.14
CA LEU C 1014 0.63 -12.34 66.49
C LEU C 1014 2.08 -11.88 66.60
N ASP C 1015 2.75 -12.29 67.68
CA ASP C 1015 4.13 -11.91 67.93
C ASP C 1015 5.06 -13.04 67.46
N LEU C 1016 6.07 -12.66 66.69
CA LEU C 1016 7.04 -13.60 66.14
C LEU C 1016 8.42 -13.30 66.70
N THR C 1017 9.11 -14.35 67.12
CA THR C 1017 10.46 -14.25 67.68
C THR C 1017 11.47 -14.72 66.63
N TYR C 1018 12.55 -13.96 66.48
CA TYR C 1018 13.56 -14.23 65.47
C TYR C 1018 14.81 -14.80 66.12
N GLY C 1019 15.32 -15.90 65.57
CA GLY C 1019 16.53 -16.51 66.07
C GLY C 1019 17.77 -15.91 65.43
N PRO C 1020 18.93 -16.49 65.72
CA PRO C 1020 20.18 -15.97 65.15
C PRO C 1020 20.24 -16.20 63.65
N ARG C 1021 20.56 -15.12 62.92
CA ARG C 1021 20.84 -15.17 61.49
C ARG C 1021 19.72 -15.80 60.67
N ILE C 1022 18.49 -15.32 60.85
CA ILE C 1022 17.37 -15.80 60.06
C ILE C 1022 16.39 -14.67 59.77
N GLN C 1023 16.30 -14.27 58.50
CA GLN C 1023 15.32 -13.28 58.10
C GLN C 1023 14.30 -13.91 57.15
N THR C 1024 13.33 -13.10 56.73
CA THR C 1024 12.27 -13.54 55.84
C THR C 1024 12.46 -12.92 54.46
N TRP C 1025 12.39 -13.75 53.43
CA TRP C 1025 12.48 -13.30 52.05
C TRP C 1025 11.17 -13.62 51.33
N GLY C 1026 10.96 -12.95 50.20
CA GLY C 1026 9.78 -13.18 49.40
C GLY C 1026 8.48 -12.91 50.11
N THR C 1027 8.43 -11.79 50.83
CA THR C 1027 7.23 -11.33 51.51
C THR C 1027 6.76 -10.02 50.89
N VAL C 1028 5.66 -9.48 51.41
CA VAL C 1028 5.09 -8.25 50.87
C VAL C 1028 4.32 -7.55 51.98
N ASN C 1029 4.32 -6.21 51.91
CA ASN C 1029 3.53 -5.40 52.82
C ASN C 1029 2.13 -5.21 52.24
N TYR C 1030 1.12 -5.45 53.07
CA TYR C 1030 -0.26 -5.41 52.59
C TYR C 1030 -0.65 -4.03 52.08
N ARG C 1031 -0.24 -2.98 52.80
CA ARG C 1031 -0.62 -1.63 52.41
C ARG C 1031 0.01 -1.23 51.09
N GLU C 1032 1.32 -1.45 50.94
CA GLU C 1032 2.01 -1.06 49.72
C GLU C 1032 1.46 -1.82 48.51
N GLU C 1033 1.26 -3.14 48.66
CA GLU C 1033 0.71 -3.91 47.55
C GLU C 1033 -0.71 -3.47 47.22
N LEU C 1034 -1.51 -3.19 48.25
CA LEU C 1034 -2.89 -2.75 48.01
C LEU C 1034 -2.92 -1.45 47.22
N VAL C 1035 -2.12 -0.47 47.65
CA VAL C 1035 -2.13 0.82 46.94
C VAL C 1035 -1.55 0.67 45.55
N ALA C 1036 -0.53 -0.18 45.39
CA ALA C 1036 0.07 -0.38 44.07
C ALA C 1036 -0.93 -1.00 43.09
N MET C 1037 -1.66 -2.02 43.54
CA MET C 1037 -2.61 -2.67 42.64
C MET C 1037 -3.84 -1.80 42.41
N ALA C 1038 -4.24 -1.01 43.40
CA ALA C 1038 -5.32 -0.05 43.19
C ALA C 1038 -4.92 0.99 42.14
N GLY C 1039 -3.69 1.46 42.19
CA GLY C 1039 -3.22 2.37 41.16
C GLY C 1039 -3.11 1.72 39.80
N ARG C 1040 -2.66 0.46 39.75
CA ARG C 1040 -2.56 -0.24 38.49
C ARG C 1040 -3.92 -0.46 37.85
N GLU C 1041 -4.92 -0.84 38.65
CA GLU C 1041 -6.25 -1.08 38.13
C GLU C 1041 -7.11 0.18 38.04
N ASP C 1042 -6.58 1.33 38.49
CA ASP C 1042 -7.31 2.59 38.46
C ASP C 1042 -8.66 2.48 39.18
N LEU C 1043 -8.62 1.92 40.39
CA LEU C 1043 -9.82 1.68 41.17
C LEU C 1043 -9.65 2.29 42.55
N ASP C 1044 -10.77 2.52 43.21
CA ASP C 1044 -10.75 3.04 44.58
C ASP C 1044 -10.06 2.04 45.51
N LEU C 1045 -9.34 2.58 46.49
CA LEU C 1045 -8.53 1.73 47.36
C LEU C 1045 -9.39 0.75 48.15
N ARG C 1046 -10.48 1.22 48.74
CA ARG C 1046 -11.40 0.32 49.42
C ARG C 1046 -12.07 -0.63 48.43
N GLN C 1047 -12.44 -0.14 47.25
CA GLN C 1047 -13.02 -1.02 46.24
C GLN C 1047 -12.03 -2.10 45.83
N CYS C 1048 -10.76 -1.74 45.67
CA CYS C 1048 -9.74 -2.74 45.37
C CYS C 1048 -9.60 -3.74 46.50
N ALA C 1049 -9.67 -3.29 47.75
CA ALA C 1049 -9.57 -4.20 48.88
C ALA C 1049 -10.73 -5.19 48.90
N MET C 1050 -11.94 -4.73 48.63
CA MET C 1050 -13.11 -5.61 48.61
C MET C 1050 -13.19 -6.46 47.35
N ARG C 1051 -12.46 -6.09 46.29
CA ARG C 1051 -12.51 -6.86 45.05
C ARG C 1051 -11.39 -7.87 44.89
N TYR C 1052 -10.21 -7.65 45.48
CA TYR C 1052 -9.11 -8.58 45.30
C TYR C 1052 -8.32 -8.83 46.58
N GLY C 1053 -8.96 -8.78 47.74
CA GLY C 1053 -8.27 -9.03 48.99
C GLY C 1053 -9.02 -9.99 49.89
N GLU C 1054 -9.81 -10.87 49.29
CA GLU C 1054 -10.62 -11.80 50.07
C GLU C 1054 -9.74 -12.90 50.68
N VAL C 1055 -10.18 -13.38 51.84
CA VAL C 1055 -9.60 -14.55 52.47
C VAL C 1055 -10.72 -15.45 52.96
N ARG C 1056 -10.74 -16.70 52.52
CA ARG C 1056 -11.78 -17.64 52.93
C ARG C 1056 -11.32 -18.43 54.14
N LEU C 1057 -11.97 -18.23 55.28
CA LEU C 1057 -11.63 -18.91 56.51
C LEU C 1057 -12.86 -19.60 57.08
N ARG C 1058 -12.66 -20.80 57.61
CA ARG C 1058 -13.73 -21.51 58.28
C ARG C 1058 -14.16 -20.76 59.53
N GLU C 1059 -15.46 -20.77 59.82
CA GLU C 1059 -16.01 -20.00 60.92
C GLU C 1059 -15.50 -20.55 62.25
N ASN C 1060 -14.79 -19.72 63.00
CA ASN C 1060 -14.28 -20.07 64.32
C ASN C 1060 -14.77 -19.05 65.33
N THR C 1061 -15.29 -19.54 66.46
CA THR C 1061 -15.89 -18.65 67.44
C THR C 1061 -14.85 -17.73 68.09
N GLN C 1062 -13.69 -18.27 68.43
CA GLN C 1062 -12.69 -17.48 69.15
C GLN C 1062 -12.13 -16.37 68.27
N GLY C 1063 -11.75 -16.69 67.04
CA GLY C 1063 -11.19 -15.74 66.11
C GLY C 1063 -9.88 -16.24 65.55
N TRP C 1064 -9.11 -15.33 64.98
CA TRP C 1064 -7.84 -15.66 64.35
C TRP C 1064 -6.78 -14.65 64.76
N SER C 1065 -5.53 -15.07 64.67
CA SER C 1065 -4.37 -14.22 64.89
C SER C 1065 -3.67 -13.99 63.55
N TYR C 1066 -3.47 -12.73 63.19
CA TYR C 1066 -2.98 -12.37 61.87
C TYR C 1066 -1.59 -11.75 61.97
N HIS C 1067 -0.68 -12.24 61.13
CA HIS C 1067 0.63 -11.64 60.93
C HIS C 1067 0.89 -11.52 59.44
N PRO C 1068 1.47 -10.39 59.00
CA PRO C 1068 1.67 -10.21 57.55
C PRO C 1068 2.52 -11.28 56.90
N TYR C 1069 3.50 -11.83 57.62
CA TYR C 1069 4.39 -12.83 57.05
C TYR C 1069 3.92 -14.26 57.27
N LEU C 1070 2.83 -14.47 58.01
CA LEU C 1070 2.35 -15.80 58.30
C LEU C 1070 0.88 -16.02 57.94
N GLY C 1071 0.17 -14.98 57.52
CA GLY C 1071 -1.23 -15.12 57.22
C GLY C 1071 -2.07 -15.26 58.49
N PHE C 1072 -3.33 -15.61 58.30
CA PHE C 1072 -4.25 -15.75 59.42
C PHE C 1072 -4.16 -17.15 60.01
N LYS C 1073 -3.80 -17.22 61.28
CA LYS C 1073 -3.75 -18.47 62.03
C LYS C 1073 -4.95 -18.52 62.97
N LYS C 1074 -5.66 -19.65 62.97
CA LYS C 1074 -6.79 -19.80 63.86
C LYS C 1074 -6.35 -19.74 65.32
N TYR C 1075 -7.12 -19.01 66.11
CA TYR C 1075 -6.82 -18.82 67.53
C TYR C 1075 -7.91 -19.48 68.36
N ASN C 1076 -7.50 -20.07 69.48
CA ASN C 1076 -8.45 -20.75 70.36
C ASN C 1076 -8.21 -20.39 71.82
N MET D 1 8.85 -5.79 -8.16
CA MET D 1 8.52 -4.77 -7.18
C MET D 1 7.06 -4.86 -6.78
N ASN D 2 6.74 -4.36 -5.60
CA ASN D 2 5.35 -4.26 -5.17
C ASN D 2 4.88 -2.82 -5.32
N ILE D 3 3.80 -2.61 -6.05
CA ILE D 3 3.29 -1.27 -6.31
C ILE D 3 1.87 -1.16 -5.79
N LEU D 4 1.48 0.05 -5.43
CA LEU D 4 0.16 0.32 -4.86
C LEU D 4 -0.49 1.44 -5.66
N LEU D 5 -1.54 1.11 -6.40
CA LEU D 5 -2.21 2.05 -7.29
C LEU D 5 -3.44 2.61 -6.60
N VAL D 6 -3.51 3.94 -6.52
CA VAL D 6 -4.62 4.64 -5.90
C VAL D 6 -5.24 5.56 -6.93
N SER D 7 -6.56 5.51 -7.06
CA SER D 7 -7.29 6.25 -8.08
C SER D 7 -8.17 7.30 -7.43
N GLN D 8 -8.10 8.53 -7.95
CA GLN D 8 -9.00 9.60 -7.55
C GLN D 8 -9.85 10.08 -8.72
N CYS D 9 -10.06 9.22 -9.71
CA CYS D 9 -10.79 9.57 -10.91
C CYS D 9 -12.26 9.77 -10.58
N GLU D 10 -12.96 10.47 -11.48
CA GLU D 10 -14.37 10.76 -11.30
C GLU D 10 -15.10 10.60 -12.62
N LYS D 11 -16.42 10.45 -12.53
CA LYS D 11 -17.35 10.49 -13.67
C LYS D 11 -16.90 9.47 -14.72
N ARG D 12 -16.64 9.88 -15.96
CA ARG D 12 -16.31 8.93 -17.03
C ARG D 12 -14.91 8.36 -16.90
N ALA D 13 -14.00 9.04 -16.20
CA ALA D 13 -12.64 8.55 -16.06
C ALA D 13 -12.53 7.38 -15.12
N LEU D 14 -13.41 7.31 -14.11
CA LEU D 14 -13.36 6.21 -13.15
C LEU D 14 -13.65 4.87 -13.82
N SER D 15 -14.61 4.84 -14.74
CA SER D 15 -14.95 3.60 -15.42
C SER D 15 -13.76 3.05 -16.18
N GLU D 16 -13.09 3.90 -16.95
CA GLU D 16 -11.92 3.46 -17.71
C GLU D 16 -10.73 3.13 -16.83
N THR D 17 -10.51 3.88 -15.75
CA THR D 17 -9.45 3.52 -14.82
C THR D 17 -9.69 2.16 -14.18
N ARG D 18 -10.93 1.88 -13.75
CA ARG D 18 -11.25 0.55 -13.23
C ARG D 18 -11.04 -0.51 -14.29
N ARG D 19 -11.52 -0.27 -15.51
CA ARG D 19 -11.39 -1.25 -16.58
C ARG D 19 -9.93 -1.58 -16.87
N ILE D 20 -9.06 -0.57 -16.89
CA ILE D 20 -7.66 -0.81 -17.15
C ILE D 20 -6.93 -1.45 -15.97
N LEU D 21 -7.17 -0.98 -14.75
CA LEU D 21 -6.43 -1.43 -13.59
C LEU D 21 -6.89 -2.79 -13.06
N ASP D 22 -8.12 -3.21 -13.36
CA ASP D 22 -8.57 -4.52 -12.92
C ASP D 22 -7.86 -5.64 -13.66
N GLN D 23 -7.23 -5.34 -14.79
CA GLN D 23 -6.51 -6.34 -15.56
C GLN D 23 -5.05 -6.48 -15.13
N PHE D 24 -4.52 -5.52 -14.40
CA PHE D 24 -3.11 -5.51 -14.02
C PHE D 24 -2.88 -5.71 -12.53
N ALA D 25 -3.93 -5.70 -11.72
CA ALA D 25 -3.75 -5.68 -10.28
C ALA D 25 -4.97 -6.25 -9.59
N GLU D 26 -4.83 -6.51 -8.29
CA GLU D 26 -5.92 -6.94 -7.43
C GLU D 26 -6.39 -5.78 -6.57
N ARG D 27 -7.69 -5.72 -6.35
CA ARG D 27 -8.26 -4.66 -5.53
C ARG D 27 -7.92 -4.89 -4.06
N ARG D 28 -7.65 -3.79 -3.35
CA ARG D 28 -7.52 -3.81 -1.90
C ARG D 28 -8.58 -3.01 -1.19
N GLY D 29 -8.99 -1.88 -1.76
CA GLY D 29 -10.06 -1.08 -1.20
C GLY D 29 -11.10 -0.73 -2.24
N GLU D 30 -11.85 0.35 -2.01
CA GLU D 30 -12.81 0.82 -3.01
C GLU D 30 -12.12 1.37 -4.25
N ARG D 31 -11.03 2.11 -4.08
CA ARG D 31 -10.30 2.69 -5.20
C ARG D 31 -8.80 2.44 -5.07
N THR D 32 -8.42 1.25 -4.60
CA THR D 32 -7.03 0.93 -4.33
C THR D 32 -6.70 -0.44 -4.90
N TRP D 33 -5.63 -0.51 -5.68
CA TRP D 33 -5.13 -1.75 -6.23
C TRP D 33 -3.71 -2.00 -5.71
N GLN D 34 -3.24 -3.24 -5.87
CA GLN D 34 -1.90 -3.59 -5.44
C GLN D 34 -1.51 -4.91 -6.09
N THR D 35 -0.29 -4.98 -6.63
CA THR D 35 0.17 -6.16 -7.32
C THR D 35 1.69 -6.17 -7.34
N PRO D 36 2.31 -7.34 -7.34
CA PRO D 36 3.71 -7.42 -7.77
C PRO D 36 3.79 -7.16 -9.27
N ILE D 37 4.90 -6.55 -9.70
CA ILE D 37 5.05 -6.13 -11.09
C ILE D 37 6.53 -6.01 -11.40
N THR D 38 6.85 -6.04 -12.69
CA THR D 38 8.20 -5.79 -13.17
C THR D 38 8.27 -4.39 -13.77
N GLN D 39 9.51 -3.94 -14.04
CA GLN D 39 9.70 -2.61 -14.59
C GLN D 39 9.04 -2.47 -15.96
N ALA D 40 9.20 -3.48 -16.82
CA ALA D 40 8.59 -3.43 -18.14
C ALA D 40 7.07 -3.42 -18.04
N GLY D 41 6.51 -4.25 -17.17
CA GLY D 41 5.07 -4.24 -16.97
C GLY D 41 4.58 -2.94 -16.38
N LEU D 42 5.37 -2.33 -15.50
CA LEU D 42 4.99 -1.04 -14.93
C LEU D 42 4.96 0.04 -16.01
N ASP D 43 5.95 0.03 -16.91
CA ASP D 43 5.95 0.98 -18.02
C ASP D 43 4.77 0.75 -18.94
N THR D 44 4.44 -0.52 -19.21
CA THR D 44 3.28 -0.82 -20.05
C THR D 44 2.00 -0.30 -19.42
N LEU D 45 1.83 -0.51 -18.11
CA LEU D 45 0.65 -0.01 -17.42
C LEU D 45 0.59 1.51 -17.45
N ARG D 46 1.73 2.18 -17.23
CA ARG D 46 1.73 3.63 -17.24
C ARG D 46 1.36 4.18 -18.61
N ARG D 47 1.90 3.58 -19.67
CA ARG D 47 1.59 4.06 -21.01
C ARG D 47 0.13 3.78 -21.38
N LEU D 48 -0.40 2.63 -20.96
CA LEU D 48 -1.82 2.36 -21.19
C LEU D 48 -2.70 3.38 -20.48
N LEU D 49 -2.36 3.71 -19.22
CA LEU D 49 -3.13 4.69 -18.48
C LEU D 49 -3.04 6.06 -19.14
N LYS D 50 -1.85 6.44 -19.62
CA LYS D 50 -1.68 7.77 -20.20
C LYS D 50 -2.33 7.89 -21.57
N LYS D 51 -2.45 6.78 -22.30
CA LYS D 51 -3.08 6.85 -23.63
C LYS D 51 -4.54 7.24 -23.52
N SER D 52 -5.31 6.51 -22.71
CA SER D 52 -6.73 6.80 -22.52
C SER D 52 -6.90 7.50 -21.18
N ALA D 53 -6.56 8.79 -21.15
CA ALA D 53 -6.65 9.60 -19.95
C ALA D 53 -7.47 10.85 -20.25
N ARG D 54 -8.52 11.07 -19.47
CA ARG D 54 -9.35 12.26 -19.61
C ARG D 54 -8.85 13.35 -18.66
N ARG D 55 -9.65 14.41 -18.51
CA ARG D 55 -9.31 15.46 -17.56
C ARG D 55 -9.54 15.05 -16.11
N ASN D 56 -10.43 14.10 -15.87
CA ASN D 56 -10.73 13.65 -14.51
C ASN D 56 -9.83 12.51 -14.05
N THR D 57 -8.99 11.98 -14.93
CA THR D 57 -8.14 10.86 -14.56
C THR D 57 -7.11 11.30 -13.52
N ALA D 58 -6.94 10.47 -12.48
CA ALA D 58 -5.93 10.75 -11.45
C ALA D 58 -5.56 9.40 -10.83
N VAL D 59 -4.41 8.87 -11.23
CA VAL D 59 -3.93 7.59 -10.73
C VAL D 59 -2.51 7.79 -10.20
N ALA D 60 -2.26 7.36 -8.97
CA ALA D 60 -0.95 7.43 -8.36
C ALA D 60 -0.43 6.04 -8.09
N CYS D 61 0.87 5.84 -8.32
CA CYS D 61 1.53 4.56 -8.08
C CYS D 61 2.62 4.76 -7.05
N HIS D 62 2.52 4.03 -5.93
CA HIS D 62 3.48 4.09 -4.86
C HIS D 62 4.43 2.90 -4.93
N TRP D 63 5.54 3.01 -4.19
CA TRP D 63 6.57 1.99 -4.21
C TRP D 63 7.24 1.99 -2.84
N ILE D 64 7.83 0.86 -2.48
CA ILE D 64 8.43 0.67 -1.16
C ILE D 64 9.94 0.59 -1.35
N ARG D 65 10.62 1.72 -1.22
CA ARG D 65 12.07 1.76 -1.24
C ARG D 65 12.57 1.93 0.19
N GLY D 66 13.13 0.86 0.75
CA GLY D 66 13.52 0.89 2.15
C GLY D 66 12.34 0.71 3.06
N ARG D 67 12.51 -0.04 4.15
CA ARG D 67 11.44 -0.27 5.11
C ARG D 67 10.94 1.05 5.68
N ASP D 68 9.62 1.19 5.84
CA ASP D 68 9.01 2.37 6.44
C ASP D 68 9.22 3.61 5.58
N HIS D 69 9.52 3.42 4.30
CA HIS D 69 9.73 4.53 3.36
C HIS D 69 9.02 4.20 2.06
N SER D 70 7.86 4.83 1.84
CA SER D 70 7.15 4.70 0.58
C SER D 70 7.61 5.80 -0.37
N GLU D 71 7.52 5.52 -1.67
CA GLU D 71 8.01 6.46 -2.68
C GLU D 71 7.00 6.50 -3.83
N LEU D 72 6.48 7.70 -4.10
CA LEU D 72 5.62 7.91 -5.25
C LEU D 72 6.41 7.76 -6.54
N LEU D 73 5.96 6.83 -7.40
CA LEU D 73 6.63 6.60 -8.67
C LEU D 73 6.19 7.56 -9.75
N TRP D 74 4.89 7.75 -9.94
CA TRP D 74 4.38 8.66 -10.95
C TRP D 74 2.90 8.92 -10.67
N ILE D 75 2.37 9.97 -11.30
CA ILE D 75 0.96 10.29 -11.25
C ILE D 75 0.49 10.50 -12.69
N VAL D 76 -0.57 9.81 -13.07
CA VAL D 76 -1.13 9.90 -14.42
C VAL D 76 -2.42 10.71 -14.31
N GLY D 77 -2.46 11.85 -14.99
CA GLY D 77 -3.65 12.69 -15.02
C GLY D 77 -3.50 13.90 -14.11
N ASP D 78 -4.61 14.26 -13.47
CA ASP D 78 -4.67 15.44 -12.62
C ASP D 78 -3.83 15.20 -11.37
N ALA D 79 -2.68 15.86 -11.29
CA ALA D 79 -1.76 15.70 -10.18
C ALA D 79 -2.08 16.61 -9.00
N SER D 80 -3.12 17.44 -9.11
CA SER D 80 -3.50 18.32 -8.01
C SER D 80 -4.31 17.61 -6.94
N ARG D 81 -4.80 16.41 -7.20
CA ARG D 81 -5.56 15.66 -6.21
C ARG D 81 -4.69 15.04 -5.14
N PHE D 82 -3.38 14.93 -5.38
CA PHE D 82 -2.44 14.39 -4.43
C PHE D 82 -1.41 15.46 -4.08
N ASN D 83 -0.89 15.40 -2.86
CA ASN D 83 0.19 16.28 -2.46
C ASN D 83 1.51 15.72 -2.99
N ALA D 84 2.63 16.29 -2.53
CA ALA D 84 3.93 15.84 -3.02
C ALA D 84 4.19 14.38 -2.68
N GLN D 85 3.82 13.97 -1.46
CA GLN D 85 4.05 12.60 -1.03
C GLN D 85 2.98 11.62 -1.54
N GLY D 86 1.94 12.12 -2.19
CA GLY D 86 0.91 11.26 -2.74
C GLY D 86 -0.29 11.04 -1.86
N ALA D 87 -0.44 11.79 -0.77
CA ALA D 87 -1.59 11.65 0.10
C ALA D 87 -2.82 12.28 -0.57
N VAL D 88 -3.95 12.23 0.12
CA VAL D 88 -5.18 12.83 -0.40
C VAL D 88 -5.80 13.72 0.68
N PRO D 89 -6.42 14.83 0.30
CA PRO D 89 -7.06 15.68 1.31
C PRO D 89 -8.28 14.99 1.92
N THR D 90 -8.54 15.32 3.19
CA THR D 90 -9.71 14.79 3.86
C THR D 90 -10.98 15.56 3.52
N ASN D 91 -10.85 16.76 2.95
CA ASN D 91 -11.99 17.57 2.56
C ASN D 91 -11.49 18.71 1.69
N ARG D 92 -12.20 18.96 0.59
CA ARG D 92 -11.90 20.06 -0.31
C ARG D 92 -13.08 21.00 -0.37
N THR D 93 -12.82 22.29 -0.18
CA THR D 93 -13.86 23.31 -0.18
C THR D 93 -13.43 24.48 -1.04
N CYS D 94 -14.40 25.18 -1.60
CA CYS D 94 -14.14 26.33 -2.46
C CYS D 94 -13.55 27.49 -1.67
N ASP D 105 -3.57 35.69 -14.52
CA ASP D 105 -2.83 36.92 -14.31
C ASP D 105 -2.90 37.81 -15.56
N TRP D 106 -3.74 37.42 -16.51
CA TRP D 106 -3.89 38.17 -17.74
C TRP D 106 -4.59 39.49 -17.47
N HIS D 107 -3.89 40.59 -17.73
CA HIS D 107 -4.41 41.93 -17.46
C HIS D 107 -5.02 42.58 -18.69
N SER D 108 -5.09 41.88 -19.82
CA SER D 108 -5.70 42.43 -21.03
C SER D 108 -6.58 41.39 -21.71
N ALA D 109 -7.05 40.39 -20.97
CA ALA D 109 -7.88 39.34 -21.56
C ALA D 109 -9.23 39.89 -22.00
N GLU D 110 -9.83 40.78 -21.21
CA GLU D 110 -11.15 41.30 -21.55
C GLU D 110 -11.11 42.17 -22.80
N ASP D 111 -10.08 43.01 -22.93
CA ASP D 111 -9.95 43.85 -24.12
C ASP D 111 -9.80 43.00 -25.37
N ILE D 112 -8.95 41.98 -25.32
CA ILE D 112 -8.78 41.06 -26.43
C ILE D 112 -10.07 40.33 -26.75
N ARG D 113 -10.80 39.88 -25.73
CA ARG D 113 -12.06 39.20 -25.95
C ARG D 113 -13.08 40.08 -26.65
N LEU D 114 -13.25 41.32 -26.18
CA LEU D 114 -14.15 42.27 -26.82
C LEU D 114 -13.76 42.59 -28.26
N LEU D 115 -12.48 42.84 -28.50
CA LEU D 115 -12.03 43.12 -29.86
C LEU D 115 -12.27 41.93 -30.78
N THR D 116 -11.96 40.72 -30.29
CA THR D 116 -12.17 39.53 -31.10
C THR D 116 -13.64 39.33 -31.42
N VAL D 117 -14.52 39.53 -30.43
CA VAL D 117 -15.94 39.31 -30.66
C VAL D 117 -16.47 40.32 -31.67
N MET D 118 -16.10 41.60 -31.51
CA MET D 118 -16.58 42.61 -32.43
C MET D 118 -16.08 42.38 -33.85
N ALA D 119 -14.78 42.08 -34.01
CA ALA D 119 -14.24 41.76 -35.32
C ALA D 119 -14.84 40.48 -35.90
N ALA D 120 -15.24 39.53 -35.06
CA ALA D 120 -15.92 38.34 -35.56
C ALA D 120 -17.31 38.69 -36.08
N LEU D 121 -18.03 39.53 -35.36
CA LEU D 121 -19.36 39.95 -35.81
C LEU D 121 -19.29 40.70 -37.13
N PHE D 122 -18.28 41.56 -37.30
CA PHE D 122 -18.15 42.34 -38.52
C PHE D 122 -17.21 41.72 -39.55
N HIS D 123 -16.73 40.50 -39.33
CA HIS D 123 -15.64 39.98 -40.16
C HIS D 123 -16.11 39.57 -41.55
N ASP D 124 -17.27 38.94 -41.68
CA ASP D 124 -17.77 38.49 -42.97
C ASP D 124 -18.98 39.29 -43.43
N ILE D 125 -19.10 40.54 -42.97
CA ILE D 125 -20.22 41.38 -43.37
C ILE D 125 -20.17 41.73 -44.85
N GLY D 126 -19.01 41.53 -45.49
CA GLY D 126 -18.87 41.79 -46.90
C GLY D 126 -19.35 40.71 -47.82
N LYS D 127 -19.79 39.58 -47.27
CA LYS D 127 -20.34 38.49 -48.08
C LYS D 127 -21.77 38.75 -48.51
N ALA D 128 -22.38 39.84 -48.05
CA ALA D 128 -23.72 40.22 -48.48
C ALA D 128 -23.76 40.75 -49.90
N SER D 129 -22.60 40.93 -50.54
CA SER D 129 -22.56 41.49 -51.87
C SER D 129 -23.31 40.63 -52.87
N GLN D 130 -23.94 41.28 -53.84
CA GLN D 130 -24.66 40.55 -54.88
C GLN D 130 -23.70 39.68 -55.68
N ALA D 131 -22.51 40.19 -55.98
CA ALA D 131 -21.52 39.41 -56.73
C ALA D 131 -21.14 38.14 -55.96
N PHE D 132 -20.88 38.27 -54.67
CA PHE D 132 -20.49 37.10 -53.88
C PHE D 132 -21.63 36.09 -53.77
N GLN D 133 -22.86 36.58 -53.56
CA GLN D 133 -23.99 35.67 -53.48
C GLN D 133 -24.20 34.93 -54.81
N ALA D 134 -24.07 35.64 -55.92
CA ALA D 134 -24.20 35.00 -57.23
C ALA D 134 -23.09 33.98 -57.44
N LYS D 135 -21.86 34.31 -57.04
CA LYS D 135 -20.75 33.37 -57.19
C LYS D 135 -20.97 32.13 -56.36
N LEU D 136 -21.49 32.29 -55.15
CA LEU D 136 -21.82 31.14 -54.32
C LEU D 136 -22.91 30.29 -54.98
N ARG D 137 -23.93 30.95 -55.54
CA ARG D 137 -25.00 30.23 -56.23
C ARG D 137 -24.62 29.77 -57.62
N ASN D 138 -23.53 30.30 -58.20
CA ASN D 138 -23.13 29.95 -59.55
C ASN D 138 -22.46 28.57 -59.54
N ARG D 139 -23.25 27.54 -59.79
CA ARG D 139 -22.70 26.19 -59.90
C ARG D 139 -21.92 25.97 -61.18
N GLY D 140 -21.97 26.90 -62.12
CA GLY D 140 -21.28 26.75 -63.40
C GLY D 140 -19.81 27.09 -63.32
N LYS D 141 -19.30 27.69 -64.39
CA LYS D 141 -17.89 28.05 -64.46
C LYS D 141 -17.56 29.11 -63.42
N PRO D 142 -16.47 28.95 -62.67
CA PRO D 142 -16.13 29.94 -61.65
C PRO D 142 -15.77 31.29 -62.28
N MET D 143 -16.10 32.35 -61.55
CA MET D 143 -15.73 33.71 -61.91
C MET D 143 -15.08 34.36 -60.69
N ALA D 144 -13.82 34.74 -60.82
CA ALA D 144 -13.09 35.31 -59.69
C ALA D 144 -13.69 36.64 -59.28
N ASP D 145 -13.91 36.80 -57.97
CA ASP D 145 -14.45 38.05 -57.46
C ASP D 145 -13.44 39.18 -57.64
N ALA D 146 -13.92 40.33 -58.09
CA ALA D 146 -13.03 41.47 -58.30
C ALA D 146 -12.41 41.94 -56.98
N TYR D 147 -13.21 41.99 -55.91
CA TYR D 147 -12.75 42.46 -54.62
C TYR D 147 -12.88 41.35 -53.59
N ARG D 148 -11.89 41.26 -52.71
CA ARG D 148 -11.91 40.28 -51.63
C ARG D 148 -12.97 40.66 -50.59
N HIS D 149 -13.63 39.65 -50.03
CA HIS D 149 -14.73 39.92 -49.12
C HIS D 149 -14.25 40.62 -47.84
N GLU D 150 -13.00 40.42 -47.45
CA GLU D 150 -12.46 41.16 -46.31
C GLU D 150 -12.41 42.66 -46.60
N TRP D 151 -12.03 43.04 -47.82
CA TRP D 151 -11.94 44.45 -48.16
C TRP D 151 -13.31 45.12 -48.11
N VAL D 152 -14.33 44.48 -48.68
CA VAL D 152 -15.65 45.08 -48.65
C VAL D 152 -16.22 45.05 -47.23
N SER D 153 -15.87 44.05 -46.44
CA SER D 153 -16.26 44.07 -45.03
C SER D 153 -15.67 45.28 -44.31
N LEU D 154 -14.40 45.56 -44.56
CA LEU D 154 -13.76 46.74 -43.97
C LEU D 154 -14.43 48.01 -44.46
N ARG D 155 -14.80 48.05 -45.74
CA ARG D 155 -15.48 49.23 -46.29
C ARG D 155 -16.83 49.43 -45.63
N LEU D 156 -17.57 48.35 -45.39
CA LEU D 156 -18.84 48.45 -44.69
C LEU D 156 -18.65 48.91 -43.25
N PHE D 157 -17.57 48.45 -42.62
CA PHE D 157 -17.25 48.97 -41.28
C PHE D 157 -17.00 50.46 -41.32
N GLU D 158 -16.26 50.93 -42.33
CA GLU D 158 -16.07 52.37 -42.52
C GLU D 158 -17.40 53.08 -42.70
N ALA D 159 -18.30 52.51 -43.48
CA ALA D 159 -19.62 53.10 -43.73
C ALA D 159 -20.40 53.24 -42.44
N PHE D 160 -20.47 52.16 -41.66
CA PHE D 160 -21.22 52.18 -40.41
C PHE D 160 -20.62 53.17 -39.42
N VAL D 161 -19.30 53.14 -39.25
CA VAL D 161 -18.65 54.00 -38.27
C VAL D 161 -18.75 55.47 -38.69
N GLY D 162 -18.72 55.74 -39.99
CA GLY D 162 -18.74 57.09 -40.49
C GLY D 162 -17.38 57.74 -40.38
N PRO D 163 -16.98 58.47 -41.42
CA PRO D 163 -15.67 59.15 -41.38
C PRO D 163 -15.63 60.23 -40.31
N GLY D 164 -14.45 60.37 -39.69
CA GLY D 164 -14.23 61.43 -38.74
C GLY D 164 -14.95 61.25 -37.41
N SER D 165 -15.85 60.29 -37.34
CA SER D 165 -16.63 60.08 -36.12
C SER D 165 -15.71 59.67 -34.97
N SER D 166 -16.04 60.15 -33.77
CA SER D 166 -15.26 59.83 -32.60
C SER D 166 -15.46 58.36 -32.21
N ASP D 167 -14.54 57.87 -31.38
CA ASP D 167 -14.56 56.48 -30.93
C ASP D 167 -15.70 56.18 -29.97
N GLU D 168 -16.56 57.15 -29.69
CA GLU D 168 -17.70 56.92 -28.80
C GLU D 168 -19.01 57.06 -29.56
N ASP D 169 -19.03 57.91 -30.60
CA ASP D 169 -20.26 58.14 -31.35
C ASP D 169 -20.78 56.86 -31.97
N TRP D 170 -19.92 56.16 -32.72
CA TRP D 170 -20.34 54.90 -33.33
C TRP D 170 -20.61 53.84 -32.28
N LEU D 171 -19.88 53.87 -31.17
CA LEU D 171 -20.11 52.90 -30.11
C LEU D 171 -21.53 53.01 -29.55
N ARG D 172 -21.95 54.21 -29.19
CA ARG D 172 -23.31 54.37 -28.66
C ARG D 172 -24.35 54.22 -29.75
N ARG D 173 -24.01 54.56 -30.99
CA ARG D 173 -24.95 54.36 -32.09
C ARG D 173 -25.25 52.88 -32.29
N LEU D 174 -24.20 52.05 -32.26
CA LEU D 174 -24.41 50.61 -32.41
C LEU D 174 -25.00 50.01 -31.14
N ALA D 175 -24.77 50.63 -29.98
CA ALA D 175 -25.32 50.15 -28.73
C ALA D 175 -26.81 50.43 -28.59
N ASP D 176 -27.39 51.22 -29.50
CA ASP D 176 -28.83 51.51 -29.49
C ASP D 176 -29.52 50.46 -30.34
N LYS D 177 -30.22 49.54 -29.68
CA LYS D 177 -30.91 48.48 -30.39
C LYS D 177 -32.04 49.03 -31.27
N ARG D 178 -32.65 50.14 -30.86
CA ARG D 178 -33.73 50.76 -31.64
C ARG D 178 -33.15 51.65 -32.74
N GLU D 179 -32.37 51.02 -33.61
CA GLU D 179 -31.72 51.74 -34.71
C GLU D 179 -31.76 50.87 -35.96
N THR D 180 -32.46 51.35 -36.98
CA THR D 180 -32.52 50.66 -38.26
C THR D 180 -32.29 51.65 -39.40
N GLY D 181 -31.41 52.62 -39.17
CA GLY D 181 -31.12 53.65 -40.15
C GLY D 181 -30.13 53.21 -41.20
N ASP D 182 -30.60 52.42 -42.18
CA ASP D 182 -29.74 51.90 -43.24
C ASP D 182 -29.24 53.00 -44.16
N ALA D 183 -29.57 54.26 -43.85
CA ALA D 183 -29.07 55.38 -44.65
C ALA D 183 -27.55 55.49 -44.55
N TRP D 184 -26.95 54.84 -43.55
CA TRP D 184 -25.50 54.81 -43.43
C TRP D 184 -24.85 54.13 -44.63
N LEU D 185 -25.61 53.28 -45.34
CA LEU D 185 -25.07 52.66 -46.55
C LEU D 185 -24.79 53.71 -47.62
N SER D 186 -25.55 54.80 -47.64
CA SER D 186 -25.28 55.87 -48.60
C SER D 186 -23.95 56.55 -48.30
N GLN D 187 -23.55 56.60 -47.03
CA GLN D 187 -22.28 57.20 -46.64
C GLN D 187 -21.08 56.36 -47.06
N LEU D 188 -21.31 55.14 -47.54
CA LEU D 188 -20.23 54.25 -47.91
C LEU D 188 -19.48 54.78 -49.13
N ALA D 189 -18.22 54.37 -49.24
CA ALA D 189 -17.39 54.65 -50.39
C ALA D 189 -17.35 53.42 -51.30
N ARG D 190 -16.59 53.51 -52.37
CA ARG D 190 -16.48 52.39 -53.31
C ARG D 190 -15.18 52.53 -54.08
N ASP D 191 -14.27 51.58 -53.90
CA ASP D 191 -13.03 51.60 -54.65
C ASP D 191 -13.28 51.41 -56.14
N ASP D 192 -14.40 50.76 -56.49
CA ASP D 192 -14.77 50.62 -57.90
C ASP D 192 -15.05 51.99 -58.51
N ARG D 193 -15.64 52.89 -57.74
CA ARG D 193 -15.88 54.25 -58.22
C ARG D 193 -14.56 54.97 -58.43
N GLN D 194 -14.59 56.02 -59.25
CA GLN D 194 -13.37 56.74 -59.63
C GLN D 194 -12.92 57.69 -58.53
N SER D 195 -11.95 58.55 -58.85
CA SER D 195 -11.34 59.56 -58.00
C SER D 195 -10.45 58.95 -56.92
N ALA D 196 -10.27 57.62 -56.90
CA ALA D 196 -9.39 56.94 -55.97
C ALA D 196 -9.71 57.32 -54.53
N PRO D 197 -10.79 56.80 -53.95
CA PRO D 197 -11.17 57.18 -52.58
C PRO D 197 -10.06 56.88 -51.61
N PRO D 198 -9.87 57.72 -50.59
CA PRO D 198 -8.75 57.52 -49.66
C PRO D 198 -8.89 56.22 -48.91
N GLY D 199 -7.74 55.65 -48.54
CA GLY D 199 -7.70 54.42 -47.78
C GLY D 199 -8.41 54.58 -46.45
N PRO D 200 -9.01 53.49 -45.97
CA PRO D 200 -9.82 53.58 -44.74
C PRO D 200 -8.98 53.85 -43.50
N PHE D 201 -7.66 53.84 -43.65
CA PHE D 201 -6.77 54.03 -42.51
C PHE D 201 -6.06 55.38 -42.50
N GLN D 202 -6.05 56.10 -43.62
CA GLN D 202 -5.38 57.39 -43.67
C GLN D 202 -6.13 58.43 -42.86
N LYS D 203 -5.38 59.39 -42.32
CA LYS D 203 -5.93 60.54 -41.61
C LYS D 203 -6.96 60.15 -40.57
N SER D 204 -8.18 60.68 -40.70
CA SER D 204 -9.26 60.44 -39.75
C SER D 204 -10.44 59.72 -40.39
N ARG D 205 -10.19 58.85 -41.37
CA ARG D 205 -11.25 58.06 -41.99
C ARG D 205 -11.73 56.98 -41.03
N LEU D 206 -10.98 56.75 -39.95
CA LEU D 206 -11.32 55.75 -38.95
C LEU D 206 -10.81 56.20 -37.59
N PRO D 207 -11.62 56.15 -36.55
CA PRO D 207 -11.15 56.49 -35.21
C PRO D 207 -10.15 55.45 -34.71
N PRO D 208 -9.27 55.82 -33.77
CA PRO D 208 -8.24 54.88 -33.26
C PRO D 208 -8.79 53.81 -32.31
N LEU D 209 -9.39 52.79 -32.92
CA LEU D 209 -10.03 51.65 -32.27
C LEU D 209 -10.82 50.91 -33.33
N ALA D 210 -11.68 51.65 -34.03
CA ALA D 210 -12.25 51.14 -35.27
C ALA D 210 -11.16 50.78 -36.26
N GLN D 211 -10.01 51.46 -36.19
CA GLN D 211 -8.87 51.08 -37.02
C GLN D 211 -8.36 49.69 -36.66
N ALA D 212 -8.25 49.40 -35.36
CA ALA D 212 -7.82 48.07 -34.94
C ALA D 212 -8.83 47.00 -35.36
N VAL D 213 -10.13 47.30 -35.17
CA VAL D 213 -11.15 46.34 -35.57
C VAL D 213 -11.13 46.13 -37.09
N GLY D 214 -10.89 47.20 -37.85
CA GLY D 214 -10.81 47.07 -39.28
C GLY D 214 -9.60 46.27 -39.74
N TRP D 215 -8.47 46.43 -39.05
CA TRP D 215 -7.31 45.60 -39.37
C TRP D 215 -7.58 44.14 -39.05
N LEU D 216 -8.27 43.87 -37.94
CA LEU D 216 -8.65 42.49 -37.62
C LEU D 216 -9.58 41.93 -38.69
N ILE D 217 -10.51 42.73 -39.17
CA ILE D 217 -11.43 42.28 -40.22
C ILE D 217 -10.68 41.99 -41.51
N VAL D 218 -9.84 42.94 -41.95
CA VAL D 218 -9.19 42.84 -43.25
C VAL D 218 -8.09 41.79 -43.29
N SER D 219 -7.65 41.31 -42.13
CA SER D 219 -6.55 40.35 -42.05
C SER D 219 -6.96 39.06 -41.36
N HIS D 220 -8.19 38.61 -41.60
CA HIS D 220 -8.65 37.34 -41.07
C HIS D 220 -8.47 36.19 -42.06
N HIS D 221 -7.95 36.46 -43.26
CA HIS D 221 -7.54 35.42 -44.19
C HIS D 221 -6.11 35.55 -44.66
N ARG D 222 -5.62 36.76 -44.90
CA ARG D 222 -4.24 36.98 -45.30
C ARG D 222 -3.71 38.17 -44.50
N LEU D 223 -2.49 38.58 -44.84
CA LEU D 223 -1.94 39.79 -44.25
C LEU D 223 -1.93 40.90 -45.29
N PRO D 224 -2.17 42.15 -44.90
CA PRO D 224 -2.20 43.24 -45.89
C PRO D 224 -0.82 43.53 -46.46
N ASN D 225 -0.31 42.63 -47.30
CA ASN D 225 0.99 42.80 -47.92
C ASN D 225 0.85 43.63 -49.19
N GLY D 226 1.49 44.80 -49.21
CA GLY D 226 1.39 45.69 -50.34
C GLY D 226 2.74 46.04 -50.95
N ASP D 227 3.07 47.34 -50.96
CA ASP D 227 4.32 47.80 -51.53
C ASP D 227 4.89 48.95 -50.71
N HIS D 228 5.92 49.62 -51.25
CA HIS D 228 6.60 50.72 -50.57
C HIS D 228 7.09 50.32 -49.19
N ALA D 232 9.56 55.17 -43.87
CA ALA D 232 8.50 56.04 -43.37
C ALA D 232 7.14 55.40 -43.55
N SER D 233 6.96 54.70 -44.68
CA SER D 233 5.69 54.02 -44.94
C SER D 233 5.42 52.93 -43.90
N LEU D 234 6.46 52.16 -43.56
CA LEU D 234 6.29 51.09 -42.59
C LEU D 234 5.96 51.64 -41.21
N ALA D 235 6.62 52.72 -40.81
CA ALA D 235 6.38 53.29 -39.48
C ALA D 235 4.98 53.89 -39.36
N ARG D 236 4.37 54.24 -40.49
CA ARG D 236 3.06 54.88 -40.49
C ARG D 236 1.91 53.89 -40.52
N LEU D 237 2.18 52.59 -40.44
CA LEU D 237 1.14 51.59 -40.52
C LEU D 237 0.15 51.77 -39.37
N PRO D 238 -1.14 51.44 -39.57
CA PRO D 238 -1.75 50.83 -40.76
C PRO D 238 -2.22 51.85 -41.80
N ALA D 239 -1.85 53.12 -41.66
CA ALA D 239 -2.34 54.20 -42.53
C ALA D 239 -2.08 53.96 -44.02
N PRO D 240 -0.91 53.51 -44.46
CA PRO D 240 -0.66 53.36 -45.89
C PRO D 240 -1.34 52.16 -46.55
N ILE D 241 -2.28 51.51 -45.87
CA ILE D 241 -3.01 50.41 -46.50
C ILE D 241 -3.94 50.95 -47.58
N GLN D 242 -3.91 50.33 -48.75
CA GLN D 242 -4.71 50.76 -49.87
C GLN D 242 -5.45 49.56 -50.45
N SER D 243 -6.37 49.84 -51.37
CA SER D 243 -7.16 48.79 -51.99
C SER D 243 -6.27 47.80 -52.74
N GLN D 244 -5.21 48.29 -53.37
CA GLN D 244 -4.29 47.43 -54.10
C GLN D 244 -3.48 46.52 -53.18
N TRP D 245 -3.44 46.81 -51.88
CA TRP D 245 -2.67 45.99 -50.96
C TRP D 245 -3.33 44.65 -50.67
N CYS D 246 -4.66 44.61 -50.60
CA CYS D 246 -5.41 43.41 -50.22
C CYS D 246 -6.11 42.87 -51.45
N GLY D 247 -5.50 41.86 -52.08
CA GLY D 247 -6.11 41.19 -53.22
C GLY D 247 -6.30 42.09 -54.42
N ALA D 248 -7.55 42.21 -54.87
CA ALA D 248 -7.95 43.04 -56.01
C ALA D 248 -7.47 42.44 -57.32
N ARG D 249 -8.32 42.48 -58.35
CA ARG D 249 -7.99 41.93 -59.65
C ARG D 249 -8.46 42.88 -60.74
N ASP D 250 -7.79 42.81 -61.89
CA ASP D 250 -8.14 43.65 -63.03
C ASP D 250 -9.38 43.07 -63.70
N ALA D 251 -10.53 43.71 -63.50
CA ALA D 251 -11.81 43.23 -64.01
C ALA D 251 -12.58 44.38 -64.63
N ASP D 252 -13.59 44.02 -65.43
CA ASP D 252 -14.43 45.02 -66.06
C ASP D 252 -15.24 45.78 -65.01
N ALA D 253 -15.77 46.94 -65.42
CA ALA D 253 -16.52 47.79 -64.49
C ALA D 253 -17.75 47.10 -63.92
N LYS D 254 -18.37 46.20 -64.68
CA LYS D 254 -19.56 45.50 -64.20
C LYS D 254 -19.22 44.63 -63.00
N GLU D 255 -18.11 43.88 -63.07
CA GLU D 255 -17.70 43.03 -61.97
C GLU D 255 -17.37 43.85 -60.74
N LYS D 256 -16.66 44.95 -60.92
CA LYS D 256 -16.28 45.83 -59.82
C LYS D 256 -17.52 46.43 -59.15
N ALA D 257 -18.49 46.86 -59.96
CA ALA D 257 -19.70 47.47 -59.42
C ALA D 257 -20.56 46.43 -58.71
N ALA D 258 -20.57 45.19 -59.21
CA ALA D 258 -21.40 44.13 -58.66
C ALA D 258 -21.03 43.82 -57.21
N CYS D 259 -19.78 44.08 -56.84
CA CYS D 259 -19.30 43.78 -55.50
C CYS D 259 -19.82 44.75 -54.44
N TRP D 260 -20.49 45.84 -54.85
CA TRP D 260 -20.94 46.86 -53.91
C TRP D 260 -22.46 46.90 -53.73
N GLN D 261 -23.23 46.39 -54.68
CA GLN D 261 -24.68 46.41 -54.57
C GLN D 261 -25.14 45.31 -53.63
N PHE D 262 -26.02 45.67 -52.69
CA PHE D 262 -26.57 44.74 -51.71
C PHE D 262 -28.08 44.69 -51.89
N PRO D 263 -28.58 43.74 -52.69
CA PRO D 263 -30.04 43.67 -52.90
C PRO D 263 -30.80 43.15 -51.70
N HIS D 264 -30.28 42.11 -51.04
CA HIS D 264 -30.95 41.50 -49.90
C HIS D 264 -30.63 42.19 -48.59
N GLY D 265 -29.80 43.23 -48.62
CA GLY D 265 -29.48 43.98 -47.41
C GLY D 265 -28.44 43.29 -46.54
N LEU D 266 -27.62 44.09 -45.87
CA LEU D 266 -26.58 43.58 -44.98
C LEU D 266 -27.21 42.92 -43.77
N PRO D 267 -26.50 42.02 -43.07
CA PRO D 267 -27.10 41.37 -41.89
C PRO D 267 -27.29 42.32 -40.73
N PHE D 268 -27.95 43.45 -40.97
CA PHE D 268 -28.30 44.40 -39.94
C PHE D 268 -29.77 44.33 -39.56
N ALA D 269 -30.62 43.79 -40.44
CA ALA D 269 -32.05 43.68 -40.15
C ALA D 269 -32.31 42.55 -39.16
N SER D 270 -31.46 41.52 -39.17
CA SER D 270 -31.61 40.39 -38.27
C SER D 270 -31.58 40.86 -36.82
N ALA D 271 -32.56 40.42 -36.02
CA ALA D 271 -32.67 40.91 -34.65
C ALA D 271 -31.52 40.41 -33.79
N HIS D 272 -31.16 39.13 -33.92
CA HIS D 272 -30.11 38.55 -33.07
C HIS D 272 -28.76 39.20 -33.33
N TRP D 273 -28.43 39.44 -34.61
CA TRP D 273 -27.14 40.04 -34.94
C TRP D 273 -27.02 41.44 -34.35
N ARG D 274 -28.04 42.28 -34.55
CA ARG D 274 -28.02 43.62 -34.00
C ARG D 274 -28.03 43.60 -32.47
N ALA D 275 -28.76 42.67 -31.87
CA ALA D 275 -28.78 42.57 -30.41
C ALA D 275 -27.40 42.24 -29.87
N ARG D 276 -26.72 41.27 -30.48
CA ARG D 276 -25.37 40.91 -30.03
C ARG D 276 -24.40 42.06 -30.27
N THR D 277 -24.52 42.75 -31.40
CA THR D 277 -23.65 43.89 -31.67
C THR D 277 -23.84 44.98 -30.63
N ALA D 278 -25.10 45.26 -30.28
CA ALA D 278 -25.39 46.28 -29.29
C ALA D 278 -24.86 45.87 -27.92
N LEU D 279 -25.00 44.58 -27.58
CA LEU D 279 -24.49 44.08 -26.31
C LEU D 279 -22.97 44.26 -26.23
N CYS D 280 -22.27 43.92 -27.32
CA CYS D 280 -20.82 44.10 -27.34
C CYS D 280 -20.43 45.57 -27.25
N ALA D 281 -21.14 46.44 -27.96
CA ALA D 281 -20.83 47.86 -27.92
C ALA D 281 -21.05 48.43 -26.52
N GLN D 282 -22.14 48.03 -25.87
CA GLN D 282 -22.40 48.49 -24.50
C GLN D 282 -21.35 47.96 -23.54
N SER D 283 -20.93 46.71 -23.72
CA SER D 283 -19.86 46.16 -22.88
C SER D 283 -18.57 46.93 -23.04
N MET D 284 -18.23 47.29 -24.28
CA MET D 284 -17.03 48.10 -24.52
C MET D 284 -17.15 49.47 -23.88
N LEU D 285 -18.32 50.10 -24.01
CA LEU D 285 -18.50 51.43 -23.43
C LEU D 285 -18.43 51.40 -21.91
N GLU D 286 -18.98 50.35 -21.30
CA GLU D 286 -18.99 50.26 -19.84
C GLU D 286 -17.57 50.13 -19.28
N ARG D 287 -16.68 49.50 -20.05
CA ARG D 287 -15.31 49.24 -19.63
C ARG D 287 -14.58 50.54 -19.32
N PRO D 288 -13.97 50.66 -18.14
CA PRO D 288 -13.29 51.92 -17.78
C PRO D 288 -11.98 52.08 -18.53
N GLY D 289 -11.85 53.20 -19.23
CA GLY D 289 -10.61 53.50 -19.92
C GLY D 289 -10.36 52.72 -21.19
N LEU D 290 -11.34 51.93 -21.66
CA LEU D 290 -11.15 51.12 -22.85
C LEU D 290 -10.93 51.99 -24.08
N LEU D 291 -11.66 53.10 -24.17
CA LEU D 291 -11.60 53.97 -25.34
C LEU D 291 -10.41 54.91 -25.26
N ALA D 292 -9.55 54.73 -24.25
CA ALA D 292 -8.37 55.56 -24.07
C ALA D 292 -7.10 54.89 -24.58
N ARG D 293 -7.05 53.56 -24.52
CA ARG D 293 -5.86 52.81 -24.95
C ARG D 293 -5.90 52.57 -26.45
N GLY D 294 -6.81 53.22 -27.16
CA GLY D 294 -7.01 53.03 -28.58
C GLY D 294 -5.74 53.01 -29.40
N PRO D 295 -5.03 54.13 -29.45
CA PRO D 295 -3.75 54.14 -30.18
C PRO D 295 -2.74 53.16 -29.62
N ALA D 296 -2.73 52.94 -28.31
CA ALA D 296 -1.82 51.98 -27.71
C ALA D 296 -2.17 50.56 -28.15
N LEU D 297 -3.46 50.23 -28.12
CA LEU D 297 -3.89 48.88 -28.50
C LEU D 297 -3.67 48.63 -29.98
N LEU D 298 -3.86 49.65 -30.82
CA LEU D 298 -3.71 49.47 -32.26
C LEU D 298 -2.30 49.04 -32.62
N HIS D 299 -1.29 49.66 -32.01
CA HIS D 299 0.10 49.36 -32.32
C HIS D 299 0.70 48.29 -31.42
N ASP D 300 -0.11 47.65 -30.57
CA ASP D 300 0.39 46.62 -29.67
C ASP D 300 0.44 45.29 -30.40
N SER D 301 1.65 44.76 -30.59
CA SER D 301 1.79 43.50 -31.31
C SER D 301 1.15 42.35 -30.55
N TYR D 302 1.30 42.32 -29.23
CA TYR D 302 0.77 41.23 -28.43
C TYR D 302 -0.76 41.17 -28.54
N VAL D 303 -1.42 42.29 -28.26
CA VAL D 303 -2.88 42.31 -28.26
C VAL D 303 -3.41 41.98 -29.65
N MET D 304 -2.85 42.62 -30.68
CA MET D 304 -3.34 42.44 -32.04
C MET D 304 -3.15 40.99 -32.50
N HIS D 305 -1.99 40.41 -32.23
CA HIS D 305 -1.72 39.07 -32.75
C HIS D 305 -2.45 37.99 -31.97
N VAL D 306 -2.58 38.13 -30.65
CA VAL D 306 -3.42 37.20 -29.91
C VAL D 306 -4.88 37.33 -30.30
N SER D 307 -5.37 38.53 -30.60
CA SER D 307 -6.72 38.68 -31.13
C SER D 307 -6.89 38.02 -32.49
N ARG D 308 -5.94 38.23 -33.40
CA ARG D 308 -6.03 37.62 -34.72
C ARG D 308 -5.95 36.10 -34.68
N LEU D 309 -5.12 35.54 -33.82
CA LEU D 309 -5.08 34.08 -33.67
C LEU D 309 -6.42 33.53 -33.23
N ILE D 310 -7.04 34.16 -32.23
CA ILE D 310 -8.33 33.70 -31.73
C ILE D 310 -9.39 33.81 -32.82
N LEU D 311 -9.44 34.96 -33.49
CA LEU D 311 -10.43 35.17 -34.54
C LEU D 311 -10.28 34.14 -35.65
N MET D 312 -9.04 33.92 -36.12
CA MET D 312 -8.80 32.98 -37.20
C MET D 312 -9.09 31.55 -36.81
N LEU D 313 -8.73 31.14 -35.60
CA LEU D 313 -9.04 29.77 -35.17
C LEU D 313 -10.54 29.57 -35.04
N ALA D 314 -11.26 30.55 -34.48
CA ALA D 314 -12.71 30.43 -34.37
C ALA D 314 -13.36 30.36 -35.75
N ASP D 315 -12.90 31.20 -36.68
CA ASP D 315 -13.41 31.16 -38.04
C ASP D 315 -13.13 29.82 -38.72
N HIS D 316 -11.92 29.28 -38.56
CA HIS D 316 -11.58 27.98 -39.12
C HIS D 316 -12.45 26.87 -38.54
N HIS D 317 -12.71 26.90 -37.24
CA HIS D 317 -13.57 25.88 -36.65
C HIS D 317 -15.00 25.99 -37.18
N TYR D 318 -15.56 27.20 -37.19
CA TYR D 318 -16.97 27.33 -37.52
C TYR D 318 -17.22 27.20 -39.02
N SER D 319 -16.20 27.40 -39.85
CA SER D 319 -16.39 27.26 -41.28
C SER D 319 -16.59 25.80 -41.69
N SER D 320 -16.31 24.86 -40.80
CA SER D 320 -16.49 23.44 -41.09
C SER D 320 -17.72 22.85 -40.43
N LEU D 321 -18.31 23.54 -39.46
CA LEU D 321 -19.47 23.00 -38.76
C LEU D 321 -20.67 22.91 -39.70
N PRO D 322 -21.55 21.94 -39.48
CA PRO D 322 -22.77 21.86 -40.28
C PRO D 322 -23.76 22.95 -39.93
N ALA D 323 -24.74 23.14 -40.82
CA ALA D 323 -25.73 24.20 -40.66
C ALA D 323 -26.49 24.06 -39.35
N ASP D 324 -26.78 25.18 -38.70
CA ASP D 324 -27.52 25.20 -37.45
C ASP D 324 -28.71 26.13 -37.59
N SER D 325 -29.90 25.62 -37.24
CA SER D 325 -31.13 26.41 -37.28
C SER D 325 -31.53 26.91 -35.89
N ARG D 326 -30.66 26.74 -34.90
CA ARG D 326 -30.93 27.18 -33.53
C ARG D 326 -30.47 28.60 -33.27
N LEU D 327 -29.83 29.25 -34.24
CA LEU D 327 -29.38 30.62 -34.08
C LEU D 327 -29.42 31.31 -35.43
N GLY D 328 -29.63 32.63 -35.40
CA GLY D 328 -29.76 33.40 -36.62
C GLY D 328 -31.17 33.35 -37.16
N ASP D 329 -31.49 34.28 -38.07
CA ASP D 329 -32.80 34.31 -38.70
C ASP D 329 -33.02 33.01 -39.49
N PRO D 330 -34.06 32.23 -39.18
CA PRO D 330 -34.27 30.98 -39.91
C PRO D 330 -34.48 31.16 -41.40
N ASN D 331 -35.10 32.26 -41.82
CA ASN D 331 -35.38 32.52 -43.24
C ASN D 331 -34.60 33.74 -43.72
N PHE D 332 -33.35 33.85 -43.29
CA PHE D 332 -32.49 34.92 -43.78
C PHE D 332 -32.18 34.70 -45.25
N PRO D 333 -32.16 35.76 -46.06
CA PRO D 333 -31.95 35.58 -47.50
C PRO D 333 -30.50 35.32 -47.88
N LEU D 334 -29.57 35.79 -47.04
CA LEU D 334 -28.16 35.70 -47.37
C LEU D 334 -27.59 34.34 -46.99
N HIS D 335 -26.36 34.09 -47.44
CA HIS D 335 -25.64 32.87 -47.11
C HIS D 335 -24.15 33.19 -47.00
N ALA D 336 -23.44 32.31 -46.31
CA ALA D 336 -22.00 32.49 -46.06
C ALA D 336 -21.13 31.51 -46.81
N ASN D 337 -21.50 30.24 -46.88
CA ASN D 337 -20.69 29.25 -47.57
C ASN D 337 -21.58 28.11 -48.05
N THR D 338 -21.04 27.32 -48.97
CA THR D 338 -21.71 26.15 -49.50
C THR D 338 -20.86 24.92 -49.23
N ASP D 339 -21.51 23.81 -48.88
CA ASP D 339 -20.81 22.57 -48.60
C ASP D 339 -20.05 22.11 -49.84
N ARG D 340 -18.77 21.77 -49.66
CA ARG D 340 -17.94 21.34 -50.78
C ARG D 340 -18.36 19.98 -51.32
N ASP D 341 -19.03 19.16 -50.51
CA ASP D 341 -19.43 17.83 -50.96
C ASP D 341 -20.48 17.91 -52.07
N SER D 342 -21.44 18.83 -51.94
CA SER D 342 -22.55 18.93 -52.88
C SER D 342 -22.67 20.28 -53.56
N GLY D 343 -22.23 21.36 -52.93
CA GLY D 343 -22.37 22.69 -53.49
C GLY D 343 -23.61 23.44 -53.04
N LYS D 344 -24.55 22.78 -52.37
CA LYS D 344 -25.73 23.45 -51.86
C LYS D 344 -25.36 24.41 -50.75
N LEU D 345 -26.14 25.49 -50.63
CA LEU D 345 -25.88 26.48 -49.60
C LEU D 345 -25.99 25.86 -48.21
N LYS D 346 -25.06 26.23 -47.33
CA LYS D 346 -24.95 25.61 -46.02
C LYS D 346 -25.29 26.56 -44.88
N GLN D 347 -24.59 27.67 -44.76
CA GLN D 347 -24.70 28.54 -43.59
C GLN D 347 -25.20 29.92 -43.99
N ARG D 348 -26.20 30.40 -43.25
CA ARG D 348 -26.63 31.79 -43.38
C ARG D 348 -25.56 32.71 -42.80
N LEU D 349 -25.47 33.92 -43.36
CA LEU D 349 -24.42 34.84 -42.97
C LEU D 349 -24.54 35.22 -41.49
N ASP D 350 -25.76 35.46 -41.03
CA ASP D 350 -25.96 35.80 -39.63
C ASP D 350 -25.53 34.66 -38.72
N GLU D 351 -25.88 33.42 -39.07
CA GLU D 351 -25.49 32.27 -38.27
C GLU D 351 -23.98 32.12 -38.23
N HIS D 352 -23.32 32.30 -39.38
CA HIS D 352 -21.87 32.20 -39.43
C HIS D 352 -21.22 33.24 -38.55
N LEU D 353 -21.65 34.50 -38.66
CA LEU D 353 -21.05 35.56 -37.87
C LEU D 353 -21.27 35.33 -36.38
N LEU D 354 -22.49 34.96 -35.99
CA LEU D 354 -22.78 34.71 -34.58
C LEU D 354 -22.00 33.52 -34.03
N GLY D 355 -21.85 32.45 -34.80
CA GLY D 355 -21.06 31.32 -34.36
C GLY D 355 -19.59 31.64 -34.22
N VAL D 356 -19.06 32.41 -35.16
CA VAL D 356 -17.65 32.80 -35.12
C VAL D 356 -17.41 33.67 -33.89
N ALA D 357 -18.33 34.57 -33.58
CA ALA D 357 -18.24 35.37 -32.36
C ALA D 357 -18.35 34.54 -31.09
N LEU D 358 -19.28 33.59 -31.04
CA LEU D 358 -19.40 32.71 -29.87
C LEU D 358 -18.12 31.92 -29.64
N HIS D 359 -17.56 31.35 -30.70
CA HIS D 359 -16.33 30.57 -30.55
C HIS D 359 -15.14 31.46 -30.25
N SER D 360 -15.16 32.70 -30.76
CA SER D 360 -14.10 33.64 -30.40
C SER D 360 -14.14 33.95 -28.91
N ARG D 361 -15.33 34.19 -28.37
CA ARG D 361 -15.45 34.42 -26.93
C ARG D 361 -15.01 33.20 -26.13
N LYS D 362 -15.43 32.01 -26.57
CA LYS D 362 -15.04 30.79 -25.86
C LYS D 362 -13.52 30.57 -25.90
N LEU D 363 -12.88 30.83 -27.03
CA LEU D 363 -11.44 30.70 -27.13
C LEU D 363 -10.71 31.71 -26.26
N ALA D 364 -11.18 32.97 -26.26
CA ALA D 364 -10.58 33.97 -25.39
C ALA D 364 -10.72 33.58 -23.93
N GLY D 365 -11.83 32.95 -23.58
CA GLY D 365 -12.00 32.47 -22.22
C GLY D 365 -11.06 31.32 -21.88
N THR D 366 -10.88 30.38 -22.83
CA THR D 366 -10.15 29.17 -22.50
C THR D 366 -8.64 29.36 -22.60
N LEU D 367 -8.20 30.43 -23.27
CA LEU D 367 -6.76 30.66 -23.39
C LEU D 367 -6.02 30.79 -22.05
N PRO D 368 -6.50 31.53 -21.06
CA PRO D 368 -5.76 31.62 -19.79
C PRO D 368 -5.61 30.29 -19.06
N ARG D 369 -6.45 29.31 -19.33
CA ARG D 369 -6.37 28.02 -18.65
C ARG D 369 -5.36 27.07 -19.29
N LEU D 370 -4.75 27.47 -20.40
CA LEU D 370 -3.84 26.62 -21.15
C LEU D 370 -2.56 26.31 -20.42
N GLU D 371 -2.20 27.11 -19.41
CA GLU D 371 -0.95 26.90 -18.66
C GLU D 371 -1.11 25.85 -17.57
N ARG D 372 -2.31 25.31 -17.39
CA ARG D 372 -2.53 24.30 -16.36
C ARG D 372 -3.32 23.12 -16.92
N GLN D 373 -4.06 23.36 -18.00
CA GLN D 373 -4.85 22.29 -18.61
C GLN D 373 -4.04 21.40 -19.55
N LEU D 374 -2.96 21.92 -20.12
CA LEU D 374 -2.15 21.18 -21.08
C LEU D 374 -1.22 20.21 -20.38
N PRO D 375 -0.96 19.04 -20.98
CA PRO D 375 -0.06 18.07 -20.34
C PRO D 375 1.35 18.62 -20.20
N ARG D 376 1.99 18.26 -19.09
CA ARG D 376 3.35 18.67 -18.80
C ARG D 376 4.16 17.46 -18.35
N LEU D 377 5.47 17.60 -18.42
CA LEU D 377 6.39 16.55 -17.99
C LEU D 377 6.95 16.90 -16.62
N ALA D 378 6.66 16.06 -15.63
CA ALA D 378 7.08 16.30 -14.26
C ALA D 378 7.65 15.03 -13.66
N ARG D 379 8.40 15.19 -12.58
CA ARG D 379 8.97 14.11 -11.77
C ARG D 379 9.99 13.28 -12.52
N HIS D 380 10.50 13.75 -13.66
CA HIS D 380 11.52 13.00 -14.38
C HIS D 380 12.80 12.96 -13.56
N LYS D 381 13.34 11.75 -13.39
CA LYS D 381 14.57 11.56 -12.62
C LYS D 381 15.83 11.60 -13.47
N GLY D 382 15.72 11.28 -14.76
CA GLY D 382 16.87 11.36 -15.65
C GLY D 382 17.42 12.76 -15.81
N PHE D 383 16.61 13.78 -15.52
CA PHE D 383 17.05 15.16 -15.59
C PHE D 383 17.60 15.69 -14.28
N THR D 384 17.33 15.03 -13.17
CA THR D 384 17.84 15.43 -11.86
C THR D 384 18.97 14.54 -11.36
N ARG D 385 19.07 13.31 -11.86
CA ARG D 385 20.13 12.40 -11.45
C ARG D 385 21.49 12.99 -11.75
N ARG D 386 22.39 12.95 -10.77
CA ARG D 386 23.74 13.44 -10.99
C ARG D 386 24.57 12.39 -11.72
N VAL D 387 25.64 12.86 -12.33
CA VAL D 387 26.49 12.01 -13.17
C VAL D 387 27.57 11.37 -12.31
N GLU D 388 28.17 10.30 -12.83
CA GLU D 388 29.27 9.63 -12.16
C GLU D 388 30.59 9.73 -12.92
N GLN D 389 30.56 10.10 -14.20
CA GLN D 389 31.81 10.20 -14.95
C GLN D 389 32.32 11.63 -14.95
N PRO D 390 33.63 11.82 -14.78
CA PRO D 390 34.18 13.19 -14.68
C PRO D 390 34.03 14.02 -15.94
N ARG D 391 33.84 13.40 -17.10
CA ARG D 391 33.73 14.18 -18.33
C ARG D 391 32.39 14.87 -18.43
N PHE D 392 31.31 14.20 -18.03
CA PHE D 392 29.97 14.76 -18.11
C PHE D 392 29.59 15.47 -16.81
N ARG D 393 30.50 16.31 -16.32
CA ARG D 393 30.28 16.97 -15.03
C ARG D 393 29.95 18.45 -15.21
N TRP D 394 29.92 18.94 -16.43
CA TRP D 394 29.39 20.27 -16.72
C TRP D 394 27.87 20.25 -16.86
N GLN D 395 27.28 19.09 -17.15
CA GLN D 395 25.83 18.94 -17.18
C GLN D 395 25.21 19.18 -15.81
N ASP D 396 25.96 18.98 -14.73
CA ASP D 396 25.49 19.26 -13.38
C ASP D 396 25.72 20.71 -12.98
N LYS D 397 26.84 21.32 -13.39
CA LYS D 397 27.01 22.74 -13.18
C LYS D 397 25.95 23.55 -13.89
N ALA D 398 25.62 23.19 -15.13
CA ALA D 398 24.53 23.84 -15.86
C ALA D 398 23.18 23.67 -15.17
N TYR D 399 22.88 22.47 -14.68
CA TYR D 399 21.63 22.26 -13.96
C TYR D 399 21.57 23.10 -12.70
N ASP D 400 22.67 23.17 -11.94
CA ASP D 400 22.70 23.98 -10.74
C ASP D 400 22.54 25.46 -11.07
N CYS D 401 23.20 25.92 -12.14
CA CYS D 401 23.05 27.32 -12.53
C CYS D 401 21.62 27.64 -12.92
N ALA D 402 20.97 26.74 -13.66
CA ALA D 402 19.58 26.97 -14.05
C ALA D 402 18.67 26.98 -12.83
N MET D 403 18.88 26.06 -11.89
CA MET D 403 18.08 26.03 -10.68
C MET D 403 18.28 27.27 -9.82
N ALA D 404 19.50 27.81 -9.78
CA ALA D 404 19.72 29.05 -9.03
C ALA D 404 18.95 30.22 -9.63
N CYS D 405 18.67 30.18 -10.93
CA CYS D 405 17.98 31.26 -11.61
C CYS D 405 16.48 31.05 -11.73
N ARG D 406 15.98 29.82 -11.53
CA ARG D 406 14.58 29.49 -11.76
C ARG D 406 13.61 30.62 -11.43
N GLU D 407 13.69 31.17 -10.22
CA GLU D 407 12.72 32.17 -9.78
C GLU D 407 12.83 33.45 -10.60
N GLN D 408 14.06 33.98 -10.74
CA GLN D 408 14.25 35.21 -11.51
C GLN D 408 13.93 35.01 -12.98
N ALA D 409 14.21 33.83 -13.53
CA ALA D 409 13.84 33.52 -14.91
C ALA D 409 12.34 33.52 -15.09
N MET D 410 11.61 32.93 -14.15
CA MET D 410 10.15 32.93 -14.20
C MET D 410 9.62 34.35 -14.11
N GLU D 411 10.23 35.16 -13.25
CA GLU D 411 9.77 36.53 -13.01
C GLU D 411 10.10 37.49 -14.15
N HIS D 412 11.22 37.30 -14.84
CA HIS D 412 11.70 38.30 -15.80
C HIS D 412 11.95 37.75 -17.20
N GLY D 413 12.25 36.46 -17.34
CA GLY D 413 12.53 35.90 -18.66
C GLY D 413 13.82 35.13 -18.70
N PHE D 414 14.26 34.73 -19.89
CA PHE D 414 15.47 33.92 -20.00
C PHE D 414 16.05 33.98 -21.41
N PHE D 415 17.37 34.12 -21.51
CA PHE D 415 18.07 34.05 -22.79
C PHE D 415 19.37 33.30 -22.54
N GLY D 416 19.34 31.98 -22.73
CA GLY D 416 20.48 31.13 -22.45
C GLY D 416 21.32 30.86 -23.68
N LEU D 417 22.59 30.54 -23.45
CA LEU D 417 23.55 30.27 -24.51
C LEU D 417 24.38 29.06 -24.13
N ASN D 418 24.14 27.93 -24.81
CA ASN D 418 24.88 26.70 -24.57
C ASN D 418 26.02 26.65 -25.57
N LEU D 419 27.21 27.09 -25.12
CA LEU D 419 28.37 27.21 -25.99
C LEU D 419 29.35 26.05 -25.82
N ALA D 420 28.89 24.93 -25.30
CA ALA D 420 29.78 23.78 -25.10
C ALA D 420 30.23 23.22 -26.44
N SER D 421 31.46 22.74 -26.49
CA SER D 421 32.01 22.22 -27.73
C SER D 421 31.29 20.92 -28.13
N THR D 422 31.44 20.57 -29.41
CA THR D 422 30.79 19.40 -29.97
C THR D 422 31.27 18.12 -29.31
N GLY D 423 30.39 17.12 -29.23
CA GLY D 423 30.74 15.84 -28.63
C GLY D 423 30.63 15.77 -27.14
N CYS D 424 30.24 16.85 -26.48
CA CYS D 424 30.13 16.88 -25.02
C CYS D 424 28.76 16.45 -24.53
N GLY D 425 27.82 16.13 -25.41
CA GLY D 425 26.48 15.77 -25.00
C GLY D 425 25.65 16.98 -24.62
N LYS D 426 25.42 17.86 -25.59
CA LYS D 426 24.69 19.09 -25.32
C LYS D 426 23.18 18.90 -25.28
N THR D 427 22.66 17.81 -25.85
CA THR D 427 21.22 17.62 -25.86
C THR D 427 20.69 17.36 -24.45
N LEU D 428 21.35 16.46 -23.71
CA LEU D 428 20.97 16.22 -22.33
C LEU D 428 21.14 17.48 -21.49
N ALA D 429 22.19 18.26 -21.76
CA ALA D 429 22.39 19.50 -21.03
C ALA D 429 21.24 20.47 -21.28
N ASN D 430 20.81 20.61 -22.53
CA ASN D 430 19.69 21.51 -22.84
C ASN D 430 18.42 21.03 -22.15
N GLY D 431 18.15 19.73 -22.20
CA GLY D 431 16.99 19.20 -21.52
C GLY D 431 17.02 19.46 -20.03
N ARG D 432 18.18 19.23 -19.40
CA ARG D 432 18.31 19.44 -17.97
C ARG D 432 18.16 20.91 -17.61
N ILE D 433 18.72 21.81 -18.42
CA ILE D 433 18.60 23.24 -18.15
C ILE D 433 17.14 23.67 -18.20
N LEU D 434 16.44 23.32 -19.27
CA LEU D 434 15.06 23.76 -19.39
C LEU D 434 14.13 23.04 -18.42
N TYR D 435 14.52 21.86 -17.94
CA TYR D 435 13.74 21.23 -16.88
C TYR D 435 14.00 21.89 -15.53
N ALA D 436 15.23 22.34 -15.29
CA ALA D 436 15.53 23.04 -14.05
C ALA D 436 14.80 24.38 -14.00
N LEU D 437 14.65 25.05 -15.15
CA LEU D 437 13.96 26.33 -15.16
C LEU D 437 12.47 26.21 -14.85
N ALA D 438 11.92 25.01 -14.84
CA ALA D 438 10.49 24.81 -14.63
C ALA D 438 10.17 24.69 -13.14
N ASP D 439 8.90 24.94 -12.81
CA ASP D 439 8.44 24.78 -11.45
C ASP D 439 8.34 23.30 -11.11
N PRO D 440 8.97 22.83 -10.04
CA PRO D 440 8.99 21.38 -9.77
C PRO D 440 7.60 20.78 -9.56
N GLN D 441 6.68 21.54 -8.98
CA GLN D 441 5.36 20.99 -8.69
C GLN D 441 4.59 20.69 -9.96
N ARG D 442 4.69 21.56 -10.97
CA ARG D 442 3.90 21.40 -12.19
C ARG D 442 4.61 20.53 -13.22
N GLY D 443 5.78 20.94 -13.66
CA GLY D 443 6.55 20.21 -14.65
C GLY D 443 7.09 21.15 -15.70
N ALA D 444 7.58 20.58 -16.80
CA ALA D 444 8.24 21.34 -17.84
C ALA D 444 7.59 21.08 -19.19
N ARG D 445 7.66 22.09 -20.05
CA ARG D 445 7.19 22.00 -21.43
C ARG D 445 8.12 22.83 -22.31
N PHE D 446 8.80 22.17 -23.24
CA PHE D 446 9.73 22.88 -24.11
C PHE D 446 9.83 22.19 -25.45
N SER D 447 10.32 22.94 -26.44
CA SER D 447 10.47 22.46 -27.81
C SER D 447 11.95 22.43 -28.18
N ILE D 448 12.31 21.50 -29.05
CA ILE D 448 13.68 21.35 -29.52
C ILE D 448 13.65 21.60 -31.02
N ALA D 449 13.95 22.84 -31.41
CA ALA D 449 13.89 23.24 -32.82
C ALA D 449 15.28 23.05 -33.43
N LEU D 450 15.49 21.91 -34.08
CA LEU D 450 16.74 21.65 -34.77
C LEU D 450 16.88 22.56 -35.98
N GLY D 451 18.13 22.94 -36.27
CA GLY D 451 18.39 23.83 -37.38
C GLY D 451 18.58 23.11 -38.71
N LEU D 452 17.70 22.14 -38.99
CA LEU D 452 17.79 21.34 -40.19
C LEU D 452 16.62 21.64 -41.11
N ARG D 453 16.80 21.36 -42.41
CA ARG D 453 15.73 21.59 -43.37
C ARG D 453 14.64 20.55 -43.27
N SER D 454 15.02 19.29 -43.03
CA SER D 454 14.05 18.21 -42.89
C SER D 454 14.51 17.27 -41.79
N LEU D 455 13.61 16.94 -40.88
CA LEU D 455 13.90 16.07 -39.76
C LEU D 455 13.48 14.65 -40.10
N THR D 456 14.43 13.73 -40.08
CA THR D 456 14.11 12.32 -40.28
C THR D 456 13.66 11.70 -38.96
N LEU D 457 13.05 10.52 -39.07
CA LEU D 457 12.62 9.81 -37.87
C LEU D 457 13.80 9.36 -37.03
N GLN D 458 14.94 9.09 -37.66
CA GLN D 458 16.12 8.65 -36.92
C GLN D 458 16.60 9.73 -35.95
N THR D 459 16.59 11.00 -36.38
CA THR D 459 17.01 12.07 -35.50
C THR D 459 16.06 12.22 -34.31
N GLY D 460 14.76 12.07 -34.56
CA GLY D 460 13.81 12.12 -33.45
C GLY D 460 14.00 10.98 -32.47
N GLN D 461 14.23 9.77 -32.97
CA GLN D 461 14.49 8.65 -32.08
C GLN D 461 15.78 8.87 -31.30
N ALA D 462 16.79 9.46 -31.94
CA ALA D 462 18.03 9.79 -31.24
C ALA D 462 17.79 10.80 -30.13
N TYR D 463 16.96 11.81 -30.40
CA TYR D 463 16.60 12.76 -29.35
C TYR D 463 15.90 12.06 -28.19
N ARG D 464 14.97 11.16 -28.50
CA ARG D 464 14.28 10.41 -27.46
C ARG D 464 15.27 9.60 -26.62
N GLU D 465 16.23 8.95 -27.27
CA GLU D 465 17.20 8.14 -26.55
C GLU D 465 18.11 8.99 -25.69
N ARG D 466 18.61 10.11 -26.24
CA ARG D 466 19.52 10.96 -25.49
C ARG D 466 18.84 11.56 -24.28
N LEU D 467 17.61 12.04 -24.44
CA LEU D 467 16.87 12.58 -23.31
C LEU D 467 16.25 11.49 -22.44
N GLY D 468 16.25 10.24 -22.90
CA GLY D 468 15.66 9.15 -22.14
C GLY D 468 14.16 9.26 -21.99
N LEU D 469 13.46 9.65 -23.05
CA LEU D 469 12.02 9.83 -23.02
C LEU D 469 11.37 8.92 -24.05
N GLY D 470 10.20 8.39 -23.71
CA GLY D 470 9.43 7.59 -24.64
C GLY D 470 8.59 8.44 -25.56
N ASP D 471 7.76 7.76 -26.35
CA ASP D 471 6.86 8.47 -27.25
C ASP D 471 5.59 8.94 -26.55
N ASP D 472 5.43 8.63 -25.27
CA ASP D 472 4.34 9.20 -24.48
C ASP D 472 4.70 10.56 -23.90
N ASP D 473 5.97 10.95 -23.93
CA ASP D 473 6.41 12.25 -23.44
C ASP D 473 7.02 13.14 -24.50
N LEU D 474 7.57 12.58 -25.56
CA LEU D 474 8.22 13.35 -26.62
C LEU D 474 7.59 13.00 -27.96
N ALA D 475 7.13 14.02 -28.68
CA ALA D 475 6.60 13.86 -30.02
C ALA D 475 7.63 14.29 -31.05
N ILE D 476 7.48 13.76 -32.26
CA ILE D 476 8.38 14.06 -33.37
C ILE D 476 7.54 14.54 -34.54
N LEU D 477 7.82 15.74 -35.02
CA LEU D 477 7.18 16.27 -36.22
C LEU D 477 8.10 15.98 -37.40
N VAL D 478 7.91 14.82 -38.03
CA VAL D 478 8.81 14.38 -39.08
C VAL D 478 8.55 15.17 -40.35
N GLY D 479 9.49 15.08 -41.29
CA GLY D 479 9.41 15.80 -42.53
C GLY D 479 9.87 17.24 -42.39
N GLY D 480 9.65 18.00 -43.46
CA GLY D 480 10.01 19.40 -43.48
C GLY D 480 8.85 20.30 -43.85
N SER D 481 9.01 21.60 -43.61
CA SER D 481 7.96 22.54 -43.97
C SER D 481 7.89 22.68 -45.48
N ALA D 482 6.71 23.06 -45.97
CA ALA D 482 6.42 23.14 -47.39
C ALA D 482 5.97 24.56 -47.74
N ALA D 483 6.64 25.16 -48.72
CA ALA D 483 6.21 26.45 -49.24
C ALA D 483 4.90 26.30 -50.00
N ARG D 484 4.19 27.41 -50.16
CA ARG D 484 2.88 27.38 -50.80
C ARG D 484 3.00 26.90 -52.24
N GLU D 485 2.35 25.77 -52.52
CA GLU D 485 2.30 25.22 -53.86
C GLU D 485 0.86 25.14 -54.34
N LEU D 486 -0.03 24.67 -53.46
CA LEU D 486 -1.48 24.58 -53.70
C LEU D 486 -2.17 25.92 -53.61
N PHE D 487 -1.42 27.01 -53.47
CA PHE D 487 -2.03 28.33 -53.29
C PHE D 487 -2.81 28.80 -54.51
N GLU D 488 -2.63 28.15 -55.66
CA GLU D 488 -3.31 28.56 -56.88
C GLU D 488 -4.52 27.67 -57.19
N LYS D 489 -4.41 26.37 -56.95
CA LYS D 489 -5.46 25.42 -57.29
C LYS D 489 -6.47 25.20 -56.18
N GLN D 490 -6.01 24.76 -55.00
CA GLN D 490 -6.91 24.48 -53.90
C GLN D 490 -7.60 25.75 -53.40
N GLN D 491 -6.90 26.88 -53.40
CA GLN D 491 -7.50 28.13 -52.95
C GLN D 491 -8.70 28.50 -53.80
N GLU D 492 -8.67 28.16 -55.09
CA GLU D 492 -9.80 28.42 -55.97
C GLU D 492 -11.05 27.67 -55.48
N ARG D 493 -10.89 26.38 -55.17
CA ARG D 493 -12.00 25.58 -54.68
C ARG D 493 -12.49 26.10 -53.33
N LEU D 494 -11.57 26.46 -52.45
CA LEU D 494 -11.96 26.95 -51.13
C LEU D 494 -12.70 28.27 -51.22
N GLU D 495 -12.29 29.15 -52.14
CA GLU D 495 -13.01 30.41 -52.34
C GLU D 495 -14.36 30.17 -53.00
N ARG D 496 -14.44 29.18 -53.90
CA ARG D 496 -15.71 28.84 -54.52
C ARG D 496 -16.71 28.35 -53.48
N SER D 497 -16.26 27.50 -52.55
CA SER D 497 -17.13 27.00 -51.50
C SER D 497 -17.52 28.09 -50.51
N GLY D 498 -16.88 29.25 -50.56
CA GLY D 498 -17.20 30.33 -49.64
C GLY D 498 -16.56 30.23 -48.28
N SER D 499 -15.79 29.17 -48.02
CA SER D 499 -15.08 28.96 -46.76
C SER D 499 -13.59 28.90 -47.08
N GLU D 500 -12.95 30.07 -47.11
CA GLU D 500 -11.51 30.14 -47.39
C GLU D 500 -10.66 29.77 -46.18
N SER D 501 -11.27 29.58 -45.02
CA SER D 501 -10.56 29.19 -43.80
C SER D 501 -10.82 27.72 -43.46
N ALA D 502 -10.98 26.89 -44.48
CA ALA D 502 -11.21 25.47 -44.29
C ALA D 502 -9.96 24.63 -44.49
N GLN D 503 -8.87 25.20 -45.01
CA GLN D 503 -7.62 24.48 -45.15
C GLN D 503 -7.06 24.11 -43.79
N GLU D 504 -6.38 22.97 -43.71
CA GLU D 504 -5.87 22.47 -42.44
C GLU D 504 -4.88 23.46 -41.84
N LEU D 505 -4.89 23.54 -40.51
CA LEU D 505 -4.01 24.47 -39.81
C LEU D 505 -2.55 24.17 -40.05
N LEU D 506 -2.20 22.90 -40.21
CA LEU D 506 -0.85 22.46 -40.50
C LEU D 506 -0.87 21.70 -41.82
N ALA D 507 0.30 21.46 -42.39
CA ALA D 507 0.39 20.88 -43.73
C ALA D 507 -0.20 19.47 -43.76
N GLU D 508 -0.29 18.89 -44.96
CA GLU D 508 -0.99 17.62 -45.16
C GLU D 508 -0.04 16.43 -44.94
N ASN D 509 1.11 16.42 -45.60
CA ASN D 509 2.01 15.27 -45.49
C ASN D 509 2.65 15.20 -44.10
N SER D 510 2.72 16.32 -43.38
CA SER D 510 3.37 16.34 -42.08
C SER D 510 2.62 15.48 -41.08
N HIS D 511 3.38 14.68 -40.32
CA HIS D 511 2.85 13.75 -39.34
C HIS D 511 3.54 13.95 -38.01
N VAL D 512 2.78 13.86 -36.93
CA VAL D 512 3.29 14.02 -35.57
C VAL D 512 3.30 12.64 -34.94
N HIS D 513 4.48 12.13 -34.63
CA HIS D 513 4.63 10.81 -34.03
C HIS D 513 4.50 10.92 -32.51
N PHE D 514 3.27 10.77 -32.01
CA PHE D 514 3.01 10.93 -30.59
C PHE D 514 1.97 9.90 -30.16
N ALA D 515 2.13 9.36 -28.96
CA ALA D 515 1.25 8.33 -28.43
C ALA D 515 0.87 8.64 -26.98
N GLY D 516 0.47 9.89 -26.74
CA GLY D 516 0.16 10.31 -25.39
C GLY D 516 -1.27 10.78 -25.20
N THR D 517 -1.49 11.61 -24.17
CA THR D 517 -2.82 12.04 -23.79
C THR D 517 -3.43 12.99 -24.83
N LEU D 518 -4.38 12.48 -25.62
CA LEU D 518 -5.08 13.28 -26.62
C LEU D 518 -6.58 13.25 -26.43
N GLU D 519 -7.07 12.68 -25.33
CA GLU D 519 -8.49 12.42 -25.16
C GLU D 519 -9.28 13.68 -24.85
N ASP D 520 -8.91 14.39 -23.78
CA ASP D 520 -9.70 15.54 -23.36
C ASP D 520 -8.86 16.81 -23.34
N GLY D 521 -8.10 17.05 -24.39
CA GLY D 521 -7.27 18.24 -24.48
C GLY D 521 -8.11 19.50 -24.45
N PRO D 522 -7.56 20.57 -23.86
CA PRO D 522 -8.33 21.82 -23.74
C PRO D 522 -8.80 22.39 -25.07
N LEU D 523 -8.00 22.26 -26.12
CA LEU D 523 -8.37 22.82 -27.41
C LEU D 523 -8.74 21.72 -28.40
N ARG D 524 -9.37 20.66 -27.91
CA ARG D 524 -9.83 19.59 -28.80
C ARG D 524 -10.96 20.08 -29.71
N GLU D 525 -11.77 21.01 -29.21
CA GLU D 525 -12.93 21.46 -29.96
C GLU D 525 -12.53 22.08 -31.30
N TRP D 526 -11.51 22.93 -31.29
CA TRP D 526 -11.15 23.66 -32.49
C TRP D 526 -10.09 22.92 -33.31
N LEU D 527 -9.07 22.37 -32.65
CA LEU D 527 -7.97 21.74 -33.35
C LEU D 527 -8.34 20.37 -33.91
N GLY D 528 -9.19 19.61 -33.22
CA GLY D 528 -9.52 18.26 -33.59
C GLY D 528 -9.12 17.32 -32.49
N ARG D 529 -9.12 16.02 -32.79
CA ARG D 529 -8.71 15.05 -31.78
C ARG D 529 -7.45 14.31 -32.16
N ASN D 530 -7.38 13.78 -33.38
CA ASN D 530 -6.15 13.17 -33.90
C ASN D 530 -5.45 14.07 -34.90
N SER D 531 -5.90 15.31 -35.02
CA SER D 531 -5.28 16.26 -35.94
C SER D 531 -3.86 16.59 -35.50
N ALA D 532 -3.01 16.87 -36.48
CA ALA D 532 -1.60 17.15 -36.21
C ALA D 532 -1.38 18.41 -35.38
N GLY D 533 -2.36 19.30 -35.25
CA GLY D 533 -2.18 20.45 -34.38
C GLY D 533 -2.43 20.07 -32.93
N ASN D 534 -3.41 19.20 -32.72
CA ASN D 534 -3.71 18.71 -31.37
C ASN D 534 -2.57 17.92 -30.77
N ARG D 535 -1.91 17.06 -31.56
CA ARG D 535 -0.75 16.34 -31.07
C ARG D 535 0.44 17.28 -30.89
N LEU D 536 0.57 18.28 -31.76
CA LEU D 536 1.65 19.25 -31.61
C LEU D 536 1.50 20.05 -30.33
N LEU D 537 0.27 20.32 -29.90
CA LEU D 537 0.05 21.09 -28.69
C LEU D 537 -0.01 20.24 -27.43
N GLN D 538 -0.47 18.99 -27.53
CA GLN D 538 -0.61 18.14 -26.35
C GLN D 538 0.69 17.51 -25.91
N ALA D 539 1.73 17.56 -26.74
CA ALA D 539 2.99 16.90 -26.41
C ALA D 539 3.77 17.75 -25.43
N PRO D 540 4.15 17.22 -24.26
CA PRO D 540 4.94 18.02 -23.32
C PRO D 540 6.26 18.48 -23.91
N ILE D 541 6.90 17.66 -24.71
CA ILE D 541 8.18 17.97 -25.33
C ILE D 541 8.08 17.64 -26.82
N LEU D 542 8.48 18.57 -27.67
CA LEU D 542 8.34 18.44 -29.11
C LEU D 542 9.71 18.51 -29.77
N ALA D 543 9.95 17.63 -30.72
CA ALA D 543 11.20 17.60 -31.49
C ALA D 543 10.85 17.92 -32.94
N CYS D 544 10.98 19.20 -33.30
CA CYS D 544 10.69 19.68 -34.64
C CYS D 544 11.92 20.41 -35.18
N THR D 545 11.75 21.02 -36.34
CA THR D 545 12.77 21.87 -36.93
C THR D 545 12.39 23.33 -36.79
N ILE D 546 13.36 24.22 -36.98
CA ILE D 546 13.07 25.64 -36.92
C ILE D 546 12.11 26.03 -38.03
N ASP D 547 12.23 25.39 -39.20
CA ASP D 547 11.32 25.67 -40.31
C ASP D 547 9.87 25.34 -39.98
N HIS D 548 9.64 24.48 -38.99
CA HIS D 548 8.26 24.20 -38.57
C HIS D 548 7.69 25.32 -37.73
N LEU D 549 8.53 25.99 -36.93
CA LEU D 549 8.08 27.09 -36.10
C LEU D 549 8.15 28.43 -36.80
N MET D 550 8.85 28.53 -37.92
CA MET D 550 8.89 29.78 -38.67
C MET D 550 7.51 30.25 -39.14
N PRO D 551 6.60 29.39 -39.63
CA PRO D 551 5.28 29.89 -40.03
C PRO D 551 4.53 30.63 -38.94
N ALA D 552 4.97 30.57 -37.68
CA ALA D 552 4.35 31.39 -36.64
C ALA D 552 4.49 32.87 -36.97
N SER D 553 5.68 33.28 -37.42
CA SER D 553 5.96 34.68 -37.71
C SER D 553 6.05 34.99 -39.19
N GLU D 554 6.14 33.98 -40.06
CA GLU D 554 6.32 34.22 -41.50
C GLU D 554 5.18 33.62 -42.31
N SER D 555 3.96 33.65 -41.79
CA SER D 555 2.79 33.19 -42.53
C SER D 555 2.03 34.41 -43.05
N LEU D 556 1.91 34.50 -44.38
CA LEU D 556 1.23 35.63 -44.99
C LEU D 556 -0.19 35.30 -45.39
N ARG D 557 -0.40 34.18 -46.09
CA ARG D 557 -1.72 33.80 -46.60
C ARG D 557 -2.05 32.42 -46.08
N GLY D 558 -2.85 32.35 -45.03
CA GLY D 558 -3.32 31.08 -44.52
C GLY D 558 -3.34 31.07 -43.01
N GLY D 559 -3.85 29.95 -42.48
CA GLY D 559 -3.91 29.75 -41.04
C GLY D 559 -2.74 28.94 -40.52
N HIS D 560 -1.63 28.96 -41.26
CA HIS D 560 -0.46 28.18 -40.86
C HIS D 560 0.17 28.71 -39.58
N GLN D 561 -0.20 29.91 -39.14
CA GLN D 561 0.43 30.56 -38.00
C GLN D 561 -0.19 30.18 -36.67
N ILE D 562 -1.22 29.34 -36.63
CA ILE D 562 -1.93 29.09 -35.38
C ILE D 562 -1.19 28.08 -34.52
N ALA D 563 -1.01 26.86 -35.02
CA ALA D 563 -0.39 25.82 -34.20
C ALA D 563 1.03 26.16 -33.75
N PRO D 564 1.93 26.62 -34.62
CA PRO D 564 3.24 27.07 -34.11
C PRO D 564 3.14 28.17 -33.07
N LEU D 565 2.21 29.10 -33.24
CA LEU D 565 2.08 30.18 -32.27
C LEU D 565 1.58 29.67 -30.93
N LEU D 566 0.61 28.76 -30.94
CA LEU D 566 0.12 28.19 -29.69
C LEU D 566 1.23 27.40 -28.99
N ARG D 567 2.03 26.67 -29.77
CA ARG D 567 3.19 25.99 -29.18
C ARG D 567 4.16 26.99 -28.56
N LEU D 568 4.38 28.13 -29.24
CA LEU D 568 5.27 29.15 -28.69
C LEU D 568 4.74 29.71 -27.38
N MET D 569 3.44 30.00 -27.31
CA MET D 569 2.88 30.54 -26.08
C MET D 569 2.87 29.51 -24.95
N THR D 570 2.77 28.22 -25.29
CA THR D 570 2.60 27.19 -24.28
C THR D 570 3.83 26.29 -24.13
N SER D 571 5.02 26.82 -24.38
CA SER D 571 6.24 26.03 -24.24
C SER D 571 7.45 26.95 -24.23
N ASP D 572 8.59 26.38 -23.82
CA ASP D 572 9.88 27.05 -23.94
C ASP D 572 10.43 26.77 -25.33
N LEU D 573 11.72 27.06 -25.55
CA LEU D 573 12.28 26.95 -26.89
C LEU D 573 13.76 26.64 -26.83
N VAL D 574 14.19 25.67 -27.63
CA VAL D 574 15.60 25.34 -27.83
C VAL D 574 15.89 25.45 -29.33
N LEU D 575 16.97 26.12 -29.68
CA LEU D 575 17.38 26.30 -31.07
C LEU D 575 18.69 25.57 -31.30
N ASP D 576 18.60 24.28 -31.61
CA ASP D 576 19.78 23.47 -31.86
C ASP D 576 20.41 23.87 -33.19
N GLU D 577 21.74 23.99 -33.20
CA GLU D 577 22.49 24.33 -34.41
C GLU D 577 21.92 25.58 -35.07
N VAL D 578 21.60 26.59 -34.24
CA VAL D 578 20.91 27.78 -34.73
C VAL D 578 21.75 28.58 -35.71
N ASP D 579 23.09 28.47 -35.65
CA ASP D 579 23.93 29.20 -36.58
C ASP D 579 24.06 28.51 -37.94
N ASP D 580 23.53 27.29 -38.07
CA ASP D 580 23.58 26.60 -39.36
C ASP D 580 22.77 27.31 -40.43
N PHE D 581 21.88 28.22 -40.03
CA PHE D 581 21.04 28.91 -40.99
C PHE D 581 21.87 29.78 -41.93
N ASP D 582 21.45 29.82 -43.20
CA ASP D 582 22.12 30.67 -44.17
C ASP D 582 21.95 32.14 -43.80
N ILE D 583 22.92 32.95 -44.22
CA ILE D 583 22.95 34.35 -43.81
C ILE D 583 21.67 35.08 -44.23
N ASP D 584 21.11 34.69 -45.38
CA ASP D 584 19.89 35.34 -45.85
C ASP D 584 18.69 34.98 -44.97
N ASP D 585 18.74 33.85 -44.28
CA ASP D 585 17.63 33.40 -43.44
C ASP D 585 17.76 33.87 -41.99
N LEU D 586 18.80 34.63 -41.65
CA LEU D 586 18.96 35.12 -40.28
C LEU D 586 17.84 36.06 -39.85
N PRO D 587 17.40 37.05 -40.65
CA PRO D 587 16.32 37.93 -40.16
C PRO D 587 15.05 37.21 -39.79
N ALA D 588 14.71 36.14 -40.51
CA ALA D 588 13.54 35.34 -40.15
C ALA D 588 13.71 34.73 -38.76
N LEU D 589 14.91 34.21 -38.48
CA LEU D 589 15.18 33.65 -37.17
C LEU D 589 15.11 34.72 -36.08
N SER D 590 15.58 35.93 -36.39
CA SER D 590 15.49 37.02 -35.43
C SER D 590 14.04 37.36 -35.13
N ARG D 591 13.20 37.36 -36.17
CA ARG D 591 11.76 37.58 -35.97
C ARG D 591 11.16 36.48 -35.09
N LEU D 592 11.56 35.24 -35.35
CA LEU D 592 11.05 34.12 -34.55
C LEU D 592 11.44 34.26 -33.09
N VAL D 593 12.69 34.65 -32.83
CA VAL D 593 13.13 34.85 -31.46
C VAL D 593 12.37 36.00 -30.81
N HIS D 594 12.12 37.08 -31.57
CA HIS D 594 11.37 38.19 -31.03
C HIS D 594 9.96 37.77 -30.63
N TRP D 595 9.31 36.95 -31.46
CA TRP D 595 7.97 36.51 -31.11
C TRP D 595 7.99 35.45 -30.02
N ALA D 596 9.08 34.69 -29.89
CA ALA D 596 9.22 33.80 -28.75
C ALA D 596 9.30 34.58 -27.46
N GLY D 597 10.02 35.71 -27.46
CA GLY D 597 10.07 36.57 -26.31
C GLY D 597 8.78 37.36 -26.11
N LEU D 598 8.01 37.50 -27.19
CA LEU D 598 6.78 38.28 -27.15
C LEU D 598 5.66 37.55 -26.43
N PHE D 599 5.57 36.23 -26.57
CA PHE D 599 4.46 35.46 -26.01
C PHE D 599 4.86 34.70 -24.76
N GLY D 600 5.94 35.13 -24.08
CA GLY D 600 6.30 34.58 -22.81
C GLY D 600 7.15 33.33 -22.83
N SER D 601 7.68 32.94 -23.98
CA SER D 601 8.53 31.77 -24.02
C SER D 601 9.93 32.13 -23.54
N ARG D 602 10.68 31.08 -23.19
CA ARG D 602 12.07 31.22 -22.76
C ARG D 602 12.96 30.48 -23.74
N VAL D 603 13.88 31.19 -24.36
CA VAL D 603 14.67 30.68 -25.47
C VAL D 603 16.06 30.32 -24.97
N LEU D 604 16.55 29.16 -25.39
CA LEU D 604 17.90 28.71 -25.07
C LEU D 604 18.59 28.35 -26.38
N LEU D 605 19.62 29.10 -26.75
CA LEU D 605 20.38 28.83 -27.95
C LEU D 605 21.45 27.79 -27.66
N SER D 606 21.50 26.75 -28.50
CA SER D 606 22.42 25.63 -28.31
C SER D 606 23.26 25.47 -29.56
N SER D 607 24.40 26.18 -29.59
CA SER D 607 25.36 26.03 -30.67
C SER D 607 26.74 26.31 -30.14
N ALA D 608 27.73 25.60 -30.71
CA ALA D 608 29.11 25.71 -30.25
C ALA D 608 29.90 26.80 -30.95
N THR D 609 29.34 27.44 -31.98
CA THR D 609 30.05 28.39 -32.82
C THR D 609 29.22 29.65 -33.02
N LEU D 610 28.70 30.20 -31.93
CA LEU D 610 27.85 31.38 -32.00
C LEU D 610 28.72 32.63 -32.04
N PRO D 611 28.70 33.40 -33.13
CA PRO D 611 29.45 34.65 -33.18
C PRO D 611 28.81 35.72 -32.30
N PRO D 612 29.58 36.70 -31.85
CA PRO D 612 28.99 37.73 -30.97
C PRO D 612 27.89 38.55 -31.60
N ALA D 613 27.98 38.84 -32.90
CA ALA D 613 26.99 39.71 -33.53
C ALA D 613 25.62 39.06 -33.58
N LEU D 614 25.57 37.78 -33.97
CA LEU D 614 24.30 37.06 -34.01
C LEU D 614 23.68 36.97 -32.63
N VAL D 615 24.50 36.68 -31.62
CA VAL D 615 24.00 36.57 -30.25
C VAL D 615 23.45 37.92 -29.78
N GLN D 616 24.16 39.00 -30.07
CA GLN D 616 23.68 40.33 -29.68
C GLN D 616 22.36 40.66 -30.34
N GLY D 617 22.24 40.38 -31.64
CA GLY D 617 20.99 40.66 -32.33
C GLY D 617 19.82 39.85 -31.77
N LEU D 618 20.06 38.55 -31.52
CA LEU D 618 19.00 37.72 -30.97
C LEU D 618 18.61 38.17 -29.57
N PHE D 619 19.59 38.57 -28.75
CA PHE D 619 19.27 39.07 -27.43
C PHE D 619 18.46 40.36 -27.49
N GLU D 620 18.81 41.26 -28.40
CA GLU D 620 18.03 42.48 -28.53
C GLU D 620 16.59 42.16 -28.94
N ALA D 621 16.42 41.24 -29.88
CA ALA D 621 15.08 40.84 -30.29
C ALA D 621 14.29 40.27 -29.12
N TYR D 622 14.93 39.38 -28.34
CA TYR D 622 14.24 38.76 -27.21
C TYR D 622 13.87 39.80 -26.16
N ARG D 623 14.76 40.73 -25.86
CA ARG D 623 14.48 41.75 -24.86
C ARG D 623 13.32 42.65 -25.31
N SER D 624 13.33 43.04 -26.59
CA SER D 624 12.27 43.87 -27.12
C SER D 624 10.94 43.15 -27.02
N GLY D 625 10.90 41.86 -27.35
CA GLY D 625 9.66 41.11 -27.21
C GLY D 625 9.23 40.95 -25.76
N ARG D 626 10.20 40.70 -24.87
CA ARG D 626 9.88 40.45 -23.48
C ARG D 626 9.32 41.70 -22.80
N GLU D 627 9.77 42.89 -23.21
CA GLU D 627 9.21 44.10 -22.62
C GLU D 627 7.70 44.18 -22.88
N ILE D 628 7.30 44.05 -24.14
CA ILE D 628 5.87 44.07 -24.48
C ILE D 628 5.10 42.94 -23.82
N PHE D 629 5.69 41.74 -23.72
CA PHE D 629 5.03 40.69 -22.97
C PHE D 629 4.81 41.07 -21.50
N GLN D 630 5.82 41.68 -20.88
CA GLN D 630 5.71 42.09 -19.48
C GLN D 630 4.67 43.17 -19.29
N ARG D 631 4.39 43.99 -20.30
CA ARG D 631 3.35 45.00 -20.19
C ARG D 631 1.95 44.41 -20.21
N HIS D 632 1.80 43.10 -20.42
CA HIS D 632 0.46 42.52 -20.55
C HIS D 632 0.23 41.34 -19.62
N ARG D 633 1.29 40.67 -19.17
CA ARG D 633 1.15 39.47 -18.34
C ARG D 633 2.13 39.57 -17.17
N GLY D 634 1.58 39.56 -15.96
CA GLY D 634 2.40 39.58 -14.76
C GLY D 634 2.12 40.78 -13.88
N ALA D 635 2.83 40.87 -12.76
CA ALA D 635 2.69 42.03 -11.88
C ALA D 635 3.20 43.26 -12.60
N PRO D 636 2.40 44.33 -12.70
CA PRO D 636 2.85 45.52 -13.43
C PRO D 636 4.02 46.18 -12.73
N GLY D 637 4.89 46.81 -13.53
CA GLY D 637 6.00 47.58 -13.03
C GLY D 637 7.34 46.85 -13.03
N ARG D 638 7.35 45.56 -13.35
CA ARG D 638 8.61 44.82 -13.38
C ARG D 638 9.54 45.39 -14.44
N ALA D 639 10.81 45.52 -14.07
CA ALA D 639 11.83 46.04 -14.97
C ALA D 639 12.32 44.93 -15.90
N THR D 640 12.52 45.29 -17.17
CA THR D 640 12.93 44.32 -18.18
C THR D 640 14.42 44.01 -17.97
N GLU D 641 14.69 43.06 -17.08
CA GLU D 641 16.04 42.59 -16.79
C GLU D 641 16.09 41.12 -17.18
N ILE D 642 16.48 40.85 -18.43
CA ILE D 642 16.51 39.49 -18.94
C ILE D 642 17.57 38.69 -18.19
N ARG D 643 17.17 37.53 -17.67
CA ARG D 643 18.08 36.68 -16.91
C ARG D 643 18.92 35.88 -17.89
N CYS D 644 20.00 36.50 -18.35
CA CYS D 644 20.91 35.85 -19.27
C CYS D 644 21.78 34.82 -18.54
N ALA D 645 22.05 33.72 -19.23
CA ALA D 645 22.87 32.66 -18.67
C ALA D 645 23.82 32.15 -19.74
N TRP D 646 25.01 31.72 -19.30
CA TRP D 646 26.02 31.16 -20.19
C TRP D 646 26.41 29.78 -19.68
N PHE D 647 26.39 28.80 -20.57
CA PHE D 647 26.75 27.43 -20.23
C PHE D 647 27.86 26.96 -21.15
N ASP D 648 28.75 26.13 -20.59
CA ASP D 648 29.90 25.63 -21.34
C ASP D 648 30.37 24.35 -20.67
N GLU D 649 31.32 23.70 -21.33
CA GLU D 649 31.91 22.46 -20.85
C GLU D 649 32.77 22.66 -19.60
N PHE D 650 33.09 23.90 -19.24
CA PHE D 650 33.97 24.18 -18.11
C PHE D 650 33.29 24.88 -16.95
N SER D 651 32.23 25.63 -17.18
CA SER D 651 31.57 26.36 -16.10
C SER D 651 30.18 26.82 -16.51
N SER D 652 29.53 27.63 -15.67
CA SER D 652 28.22 28.18 -15.98
C SER D 652 27.97 29.45 -15.18
N GLN D 653 27.63 30.54 -15.86
CA GLN D 653 27.41 31.83 -15.23
C GLN D 653 25.96 32.26 -15.45
N SER D 654 25.59 33.38 -14.84
CA SER D 654 24.24 33.90 -14.95
C SER D 654 24.20 35.31 -14.40
N SER D 655 23.49 36.20 -15.09
CA SER D 655 23.34 37.58 -14.64
C SER D 655 22.15 38.20 -15.33
N ALA D 656 21.68 39.31 -14.78
CA ALA D 656 20.57 40.06 -15.35
C ALA D 656 21.09 41.22 -16.17
N HIS D 657 20.46 41.47 -17.31
CA HIS D 657 20.90 42.52 -18.22
C HIS D 657 19.68 43.18 -18.85
N GLY D 658 19.62 44.51 -18.77
CA GLY D 658 18.49 45.23 -19.31
C GLY D 658 18.79 45.95 -20.62
N ALA D 659 20.04 45.87 -21.08
CA ALA D 659 20.46 46.50 -22.31
C ALA D 659 21.53 45.66 -22.98
N VAL D 660 21.70 45.88 -24.28
CA VAL D 660 22.68 45.12 -25.05
C VAL D 660 24.09 45.62 -24.75
N THR D 661 24.19 46.68 -23.94
CA THR D 661 25.48 47.23 -23.55
C THR D 661 26.18 46.45 -22.46
N SER D 662 25.44 45.91 -21.48
CA SER D 662 26.03 45.08 -20.44
C SER D 662 26.05 43.60 -20.82
N PHE D 663 25.06 43.14 -21.57
CA PHE D 663 25.06 41.76 -22.04
C PHE D 663 26.25 41.49 -22.95
N SER D 664 26.60 42.45 -23.80
CA SER D 664 27.76 42.27 -24.66
C SER D 664 29.04 42.13 -23.84
N GLU D 665 29.19 42.96 -22.80
CA GLU D 665 30.36 42.86 -21.94
C GLU D 665 30.42 41.52 -21.22
N ALA D 666 29.29 41.06 -20.69
CA ALA D 666 29.27 39.77 -20.00
C ALA D 666 29.59 38.63 -20.96
N HIS D 667 29.02 38.67 -22.17
CA HIS D 667 29.32 37.65 -23.17
C HIS D 667 30.80 37.66 -23.54
N ALA D 668 31.38 38.85 -23.70
CA ALA D 668 32.80 38.93 -24.02
C ALA D 668 33.64 38.36 -22.89
N THR D 669 33.27 38.65 -21.65
CA THR D 669 34.01 38.10 -20.51
C THR D 669 33.95 36.57 -20.51
N PHE D 670 32.76 36.00 -20.68
CA PHE D 670 32.64 34.56 -20.70
C PHE D 670 33.40 33.95 -21.87
N VAL D 671 33.36 34.60 -23.03
CA VAL D 671 34.08 34.08 -24.20
C VAL D 671 35.58 34.10 -23.95
N ALA D 672 36.07 35.17 -23.32
CA ALA D 672 37.50 35.27 -23.02
C ALA D 672 37.92 34.16 -22.05
N GLN D 673 37.12 33.93 -21.01
CA GLN D 673 37.43 32.87 -20.06
C GLN D 673 37.43 31.50 -20.74
N ARG D 674 36.42 31.27 -21.59
CA ARG D 674 36.33 29.99 -22.29
C ARG D 674 37.50 29.79 -23.24
N LEU D 675 37.93 30.85 -23.94
CA LEU D 675 39.08 30.74 -24.81
C LEU D 675 40.36 30.45 -24.01
N ALA D 676 40.51 31.10 -22.87
CA ALA D 676 41.68 30.84 -22.03
C ALA D 676 41.71 29.38 -21.59
N LYS D 677 40.56 28.85 -21.20
CA LYS D 677 40.51 27.43 -20.82
C LYS D 677 40.65 26.51 -22.03
N LEU D 678 40.28 26.99 -23.22
CA LEU D 678 40.38 26.17 -24.43
C LEU D 678 41.82 26.05 -24.93
N GLU D 679 42.63 27.09 -24.70
CA GLU D 679 44.01 27.04 -25.17
C GLU D 679 44.79 25.91 -24.51
N GLN D 680 44.57 25.69 -23.21
CA GLN D 680 45.32 24.68 -22.47
C GLN D 680 44.92 23.25 -22.82
N LEU D 681 43.86 23.05 -23.59
CA LEU D 681 43.45 21.70 -23.95
C LEU D 681 44.48 21.03 -24.84
N PRO D 682 44.71 19.73 -24.66
CA PRO D 682 45.61 19.00 -25.55
C PRO D 682 45.03 18.92 -26.95
N PRO D 683 45.87 18.78 -27.97
CA PRO D 683 45.34 18.72 -29.34
C PRO D 683 44.89 17.32 -29.72
N ARG D 684 43.78 17.23 -30.46
CA ARG D 684 43.27 15.96 -30.95
C ARG D 684 42.98 16.00 -32.44
N ARG D 685 43.21 17.12 -33.11
CA ARG D 685 42.97 17.24 -34.54
C ARG D 685 44.05 18.10 -35.15
N GLN D 686 44.59 17.66 -36.29
CA GLN D 686 45.60 18.42 -37.03
C GLN D 686 45.17 18.49 -38.49
N ALA D 687 45.16 19.71 -39.03
CA ALA D 687 44.69 19.95 -40.38
C ALA D 687 45.86 20.28 -41.30
N GLN D 688 45.82 19.69 -42.50
CA GLN D 688 46.85 19.92 -43.51
C GLN D 688 46.16 20.34 -44.82
N LEU D 689 46.66 21.42 -45.41
CA LEU D 689 46.12 21.90 -46.68
C LEU D 689 46.64 21.04 -47.82
N CYS D 690 45.76 20.75 -48.78
CA CYS D 690 46.11 19.97 -49.96
C CYS D 690 45.79 20.79 -51.20
N THR D 691 46.74 20.86 -52.12
CA THR D 691 46.59 21.62 -53.36
C THR D 691 46.17 20.68 -54.47
N VAL D 692 45.10 21.04 -55.17
CA VAL D 692 44.55 20.22 -56.24
C VAL D 692 44.95 20.79 -57.58
N HIS D 693 45.05 19.92 -58.59
CA HIS D 693 45.44 20.30 -59.93
C HIS D 693 44.19 20.66 -60.72
N ALA D 694 44.10 21.92 -61.13
CA ALA D 694 42.95 22.39 -61.90
C ALA D 694 42.99 21.89 -63.33
N ALA D 698 35.33 19.66 -67.32
CA ALA D 698 34.05 19.78 -66.65
C ALA D 698 33.90 18.70 -65.58
N ARG D 699 32.66 18.29 -65.33
CA ARG D 699 32.35 17.30 -64.31
C ARG D 699 33.02 15.94 -64.55
N PRO D 700 32.90 15.31 -65.74
CA PRO D 700 33.43 13.95 -65.88
C PRO D 700 34.94 13.88 -65.80
N ALA D 701 35.62 15.01 -65.99
CA ALA D 701 37.08 15.08 -65.89
C ALA D 701 37.54 15.53 -64.51
N LEU D 702 36.93 16.58 -63.97
CA LEU D 702 37.30 17.06 -62.64
C LEU D 702 37.01 15.99 -61.59
N CYS D 703 35.86 15.32 -61.70
CA CYS D 703 35.53 14.27 -60.75
C CYS D 703 36.52 13.11 -60.85
N ARG D 704 36.89 12.73 -62.07
CA ARG D 704 37.85 11.66 -62.25
C ARG D 704 39.22 12.01 -61.65
N GLU D 705 39.70 13.23 -61.90
CA GLU D 705 40.98 13.65 -61.34
C GLU D 705 40.93 13.69 -59.83
N LEU D 706 39.85 14.22 -59.27
CA LEU D 706 39.73 14.31 -57.83
C LEU D 706 39.68 12.92 -57.20
N ALA D 707 38.92 12.01 -57.80
CA ALA D 707 38.89 10.63 -57.31
C ALA D 707 40.25 9.97 -57.45
N GLY D 708 41.03 10.34 -58.46
CA GLY D 708 42.39 9.83 -58.55
C GLY D 708 43.25 10.27 -57.38
N GLN D 709 43.17 11.56 -57.04
CA GLN D 709 43.96 12.06 -55.91
C GLN D 709 43.49 11.48 -54.59
N MET D 710 42.18 11.30 -54.42
CA MET D 710 41.63 10.85 -53.15
C MET D 710 41.85 9.37 -52.91
N ASN D 711 42.58 8.71 -53.81
CA ASN D 711 43.09 7.37 -53.53
C ASN D 711 44.41 7.41 -52.78
N THR D 712 45.39 8.16 -53.29
CA THR D 712 46.63 8.36 -52.57
C THR D 712 46.39 9.05 -51.24
N TRP D 713 45.51 10.07 -51.24
CA TRP D 713 45.22 10.78 -50.00
C TRP D 713 44.60 9.87 -48.96
N MET D 714 43.61 9.06 -49.37
CA MET D 714 42.98 8.14 -48.44
C MET D 714 43.96 7.09 -47.94
N ALA D 715 44.82 6.59 -48.83
CA ALA D 715 45.83 5.61 -48.42
C ALA D 715 46.78 6.20 -47.38
N ASP D 716 47.23 7.44 -47.62
CA ASP D 716 48.13 8.11 -46.68
C ASP D 716 47.46 8.30 -45.33
N LEU D 717 46.20 8.77 -45.34
CA LEU D 717 45.50 9.00 -44.09
C LEU D 717 45.25 7.69 -43.34
N HIS D 718 44.92 6.62 -44.06
CA HIS D 718 44.71 5.34 -43.41
C HIS D 718 46.01 4.80 -42.81
N ARG D 719 47.11 4.97 -43.53
CA ARG D 719 48.41 4.55 -43.01
C ARG D 719 48.77 5.34 -41.74
N CYS D 720 48.49 6.64 -41.75
CA CYS D 720 48.79 7.46 -40.58
C CYS D 720 47.91 7.07 -39.39
N HIS D 721 46.61 6.95 -39.62
CA HIS D 721 45.63 6.70 -38.56
C HIS D 721 44.76 5.52 -38.93
N HIS D 722 44.67 4.54 -38.01
CA HIS D 722 43.86 3.34 -38.23
C HIS D 722 43.70 2.57 -36.93
N THR D 723 43.09 1.38 -37.01
CA THR D 723 42.94 0.52 -35.85
C THR D 723 43.48 -0.85 -36.23
N GLU D 724 44.26 -1.45 -35.32
CA GLU D 724 44.92 -2.71 -35.61
C GLU D 724 44.47 -3.75 -34.61
N HIS D 725 44.10 -4.93 -35.13
CA HIS D 725 43.69 -6.04 -34.28
C HIS D 725 43.79 -7.32 -35.12
N GLN D 726 44.56 -8.29 -34.63
CA GLN D 726 44.76 -9.56 -35.31
C GLN D 726 45.34 -9.37 -36.71
N GLY D 727 46.17 -8.35 -36.87
CA GLY D 727 46.82 -8.10 -38.14
C GLY D 727 45.91 -7.52 -39.22
N ARG D 728 44.77 -6.97 -38.83
CA ARG D 728 43.82 -6.38 -39.77
C ARG D 728 43.61 -4.92 -39.39
N ARG D 729 43.71 -4.03 -40.36
CA ARG D 729 43.69 -2.58 -40.13
C ARG D 729 42.44 -1.99 -40.78
N ILE D 730 41.51 -1.52 -39.94
CA ILE D 730 40.30 -0.86 -40.42
C ILE D 730 40.33 0.60 -39.97
N SER D 731 39.96 1.50 -40.86
CA SER D 731 39.87 2.93 -40.56
C SER D 731 38.61 3.49 -41.18
N PHE D 732 37.91 4.35 -40.43
CA PHE D 732 36.69 4.99 -40.88
C PHE D 732 36.99 6.42 -41.30
N GLY D 733 36.57 6.80 -42.50
CA GLY D 733 36.85 8.11 -43.03
C GLY D 733 35.60 8.79 -43.53
N LEU D 734 35.69 10.11 -43.68
CA LEU D 734 34.60 10.95 -44.13
C LEU D 734 35.09 11.90 -45.21
N LEU D 735 34.31 12.00 -46.29
CA LEU D 735 34.59 12.96 -47.36
C LEU D 735 33.34 13.84 -47.52
N ARG D 736 33.51 15.14 -47.35
CA ARG D 736 32.40 16.07 -47.43
C ARG D 736 32.57 16.98 -48.65
N LEU D 737 31.51 17.07 -49.46
CA LEU D 737 31.49 17.94 -50.62
C LEU D 737 30.34 18.93 -50.48
N ALA D 738 30.55 20.13 -51.02
CA ALA D 738 29.61 21.23 -50.79
C ALA D 738 28.25 20.95 -51.41
N ASN D 739 28.22 20.51 -52.66
CA ASN D 739 26.98 20.27 -53.38
C ASN D 739 26.76 18.78 -53.60
N ILE D 740 25.54 18.43 -54.03
CA ILE D 740 25.16 17.03 -54.19
C ILE D 740 25.51 16.47 -55.56
N GLU D 741 25.22 17.20 -56.64
CA GLU D 741 25.53 16.73 -57.98
C GLU D 741 27.03 16.49 -58.16
N PRO D 742 27.91 17.42 -57.74
CA PRO D 742 29.33 17.09 -57.72
C PRO D 742 29.65 15.91 -56.83
N LEU D 743 28.94 15.76 -55.71
CA LEU D 743 29.15 14.61 -54.84
C LEU D 743 28.82 13.31 -55.56
N ILE D 744 27.72 13.28 -56.30
CA ILE D 744 27.34 12.06 -57.02
C ILE D 744 28.33 11.79 -58.15
N GLU D 745 28.78 12.83 -58.85
CA GLU D 745 29.77 12.65 -59.91
C GLU D 745 31.06 12.08 -59.34
N LEU D 746 31.52 12.61 -58.20
CA LEU D 746 32.71 12.08 -57.55
C LEU D 746 32.49 10.65 -57.08
N ALA D 747 31.29 10.33 -56.60
CA ALA D 747 30.99 8.97 -56.17
C ALA D 747 31.13 8.00 -57.33
N GLN D 748 30.58 8.36 -58.49
CA GLN D 748 30.76 7.54 -59.68
C GLN D 748 32.22 7.41 -60.04
N ALA D 749 32.97 8.52 -59.97
CA ALA D 749 34.37 8.51 -60.35
C ALA D 749 35.18 7.56 -59.48
N ILE D 750 34.99 7.62 -58.17
CA ILE D 750 35.76 6.75 -57.27
C ILE D 750 35.28 5.30 -57.41
N LEU D 751 33.97 5.11 -57.56
CA LEU D 751 33.42 3.76 -57.64
C LEU D 751 33.93 3.02 -58.86
N ALA D 752 33.95 3.68 -60.02
CA ALA D 752 34.47 3.07 -61.24
C ALA D 752 35.93 3.44 -61.39
N GLN D 753 36.68 3.31 -60.30
CA GLN D 753 38.13 3.47 -60.35
C GLN D 753 38.82 2.38 -59.52
N GLY D 754 38.10 1.86 -58.54
CA GLY D 754 38.61 0.78 -57.71
C GLY D 754 39.42 1.27 -56.53
N ALA D 755 39.90 0.30 -55.76
CA ALA D 755 40.75 0.54 -54.59
C ALA D 755 42.10 1.07 -55.03
N PRO D 756 42.78 1.87 -54.20
CA PRO D 756 44.08 2.40 -54.63
C PRO D 756 45.14 1.32 -54.83
N GLU D 757 45.47 0.56 -53.79
CA GLU D 757 46.36 -0.58 -53.93
C GLU D 757 46.25 -1.50 -52.73
N GLY D 758 45.74 -2.72 -52.93
CA GLY D 758 45.63 -3.70 -51.88
C GLY D 758 44.80 -3.29 -50.67
N LEU D 759 44.21 -2.09 -50.68
CA LEU D 759 43.41 -1.60 -49.56
C LEU D 759 41.94 -1.64 -49.97
N HIS D 760 41.21 -2.60 -49.44
CA HIS D 760 39.79 -2.76 -49.77
C HIS D 760 39.02 -1.57 -49.24
N VAL D 761 38.13 -1.03 -50.07
CA VAL D 761 37.42 0.21 -49.78
C VAL D 761 35.92 -0.07 -49.77
N HIS D 762 35.25 0.33 -48.69
CA HIS D 762 33.80 0.31 -48.61
C HIS D 762 33.31 1.76 -48.64
N LEU D 763 32.41 2.07 -49.57
CA LEU D 763 31.91 3.42 -49.74
C LEU D 763 30.44 3.50 -49.34
N CYS D 764 30.08 4.60 -48.66
CA CYS D 764 28.71 4.89 -48.30
C CYS D 764 28.36 6.29 -48.79
N VAL D 765 27.27 6.41 -49.52
CA VAL D 765 26.80 7.70 -50.01
C VAL D 765 25.64 8.15 -49.14
N TYR D 766 25.73 9.38 -48.64
CA TYR D 766 24.75 9.90 -47.69
C TYR D 766 24.56 11.39 -47.98
N HIS D 767 23.45 11.73 -48.60
CA HIS D 767 23.08 13.13 -48.83
C HIS D 767 21.58 13.26 -48.60
N SER D 768 21.05 14.45 -48.90
CA SER D 768 19.66 14.77 -48.61
C SER D 768 18.72 14.47 -49.77
N ARG D 769 19.22 13.92 -50.87
CA ARG D 769 18.40 13.66 -52.04
C ARG D 769 17.84 12.24 -52.07
N HIS D 770 18.16 11.41 -51.08
CA HIS D 770 17.58 10.08 -50.99
C HIS D 770 16.16 10.15 -50.48
N PRO D 771 15.37 9.10 -50.66
CA PRO D 771 14.06 9.02 -49.99
C PRO D 771 14.24 9.08 -48.48
N LEU D 772 13.25 9.71 -47.82
CA LEU D 772 13.39 10.01 -46.40
C LEU D 772 13.59 8.74 -45.58
N LEU D 773 12.85 7.67 -45.89
CA LEU D 773 13.07 6.41 -45.18
C LEU D 773 14.44 5.83 -45.49
N VAL D 774 14.88 5.95 -46.75
CA VAL D 774 16.23 5.50 -47.11
C VAL D 774 17.27 6.32 -46.36
N ARG D 775 17.07 7.64 -46.30
CA ARG D 775 18.01 8.50 -45.59
C ARG D 775 18.07 8.14 -44.11
N SER D 776 16.92 7.87 -43.50
CA SER D 776 16.87 7.44 -42.10
C SER D 776 17.53 6.09 -41.90
N ALA D 777 17.41 5.16 -42.84
CA ALA D 777 18.12 3.88 -42.76
C ALA D 777 19.64 4.05 -42.82
N ILE D 778 20.12 4.88 -43.75
CA ILE D 778 21.54 5.18 -43.79
C ILE D 778 22.03 5.81 -42.50
N GLU D 779 21.26 6.77 -41.97
CA GLU D 779 21.61 7.38 -40.69
C GLU D 779 21.59 6.37 -39.54
N ARG D 780 20.62 5.46 -39.54
CA ARG D 780 20.53 4.44 -38.50
C ARG D 780 21.75 3.53 -38.53
N GLN D 781 22.21 3.12 -39.71
CA GLN D 781 23.39 2.28 -39.78
C GLN D 781 24.66 3.04 -39.41
N LEU D 782 24.80 4.27 -39.91
CA LEU D 782 26.00 5.06 -39.62
C LEU D 782 26.08 5.53 -38.18
N ASP D 783 24.95 5.68 -37.49
CA ASP D 783 24.93 6.06 -36.09
C ASP D 783 25.18 4.90 -35.15
N GLU D 784 25.15 3.67 -35.64
CA GLU D 784 25.39 2.49 -34.83
C GLU D 784 26.78 1.92 -35.09
N LEU D 785 27.25 1.98 -36.33
CA LEU D 785 28.59 1.50 -36.64
C LEU D 785 29.69 2.50 -36.30
N LEU D 786 29.41 3.79 -36.32
CA LEU D 786 30.42 4.81 -36.05
C LEU D 786 30.42 5.30 -34.61
N LYS D 787 30.03 4.45 -33.67
CA LYS D 787 30.13 4.75 -32.24
C LYS D 787 31.38 4.06 -31.71
N ARG D 788 32.34 4.87 -31.25
CA ARG D 788 33.66 4.36 -30.88
C ARG D 788 33.97 4.78 -29.46
N SER D 789 35.10 4.29 -28.95
CA SER D 789 35.60 4.63 -27.63
C SER D 789 37.06 4.22 -27.56
N ASP D 790 37.72 4.65 -26.49
CA ASP D 790 39.13 4.29 -26.30
C ASP D 790 39.28 2.81 -26.01
N ASP D 791 40.21 2.16 -26.71
CA ASP D 791 40.50 0.74 -26.54
C ASP D 791 39.24 -0.11 -26.75
N ASP D 792 38.62 0.05 -27.93
CA ASP D 792 37.41 -0.68 -28.27
C ASP D 792 37.61 -1.61 -29.47
N ALA D 793 38.86 -2.00 -29.75
CA ALA D 793 39.14 -2.82 -30.93
C ALA D 793 38.45 -4.17 -30.84
N ALA D 794 38.44 -4.78 -29.64
CA ALA D 794 37.84 -6.09 -29.49
C ALA D 794 36.35 -6.07 -29.81
N ALA D 795 35.64 -5.04 -29.35
CA ALA D 795 34.23 -4.92 -29.67
C ALA D 795 34.03 -4.41 -31.10
N LEU D 796 34.94 -3.56 -31.60
CA LEU D 796 34.81 -3.04 -32.95
C LEU D 796 34.89 -4.16 -33.99
N PHE D 797 35.82 -5.09 -33.81
CA PHE D 797 35.99 -6.18 -34.77
C PHE D 797 34.91 -7.23 -34.64
N ALA D 798 34.13 -7.23 -33.56
CA ALA D 798 33.09 -8.23 -33.35
C ALA D 798 31.71 -7.76 -33.80
N ARG D 799 31.59 -6.54 -34.30
CA ARG D 799 30.28 -6.05 -34.73
C ARG D 799 29.85 -6.76 -36.01
N PRO D 800 28.61 -7.25 -36.09
CA PRO D 800 28.21 -8.14 -37.20
C PRO D 800 28.44 -7.58 -38.59
N THR D 801 27.97 -6.36 -38.85
CA THR D 801 28.10 -5.77 -40.18
C THR D 801 29.57 -5.62 -40.55
N LEU D 802 30.37 -5.15 -39.59
CA LEU D 802 31.81 -5.07 -39.80
C LEU D 802 32.42 -6.46 -39.98
N ALA D 803 31.94 -7.43 -39.20
CA ALA D 803 32.50 -8.78 -39.18
C ALA D 803 32.39 -9.45 -40.55
N LYS D 804 31.20 -9.44 -41.14
CA LYS D 804 30.97 -10.10 -42.43
C LYS D 804 31.82 -9.45 -43.52
N ALA D 805 31.87 -8.12 -43.53
CA ALA D 805 32.64 -7.41 -44.54
C ALA D 805 34.12 -7.72 -44.41
N LEU D 806 34.63 -7.77 -43.18
CA LEU D 806 36.05 -8.06 -42.98
C LEU D 806 36.38 -9.50 -43.35
N GLN D 807 35.50 -10.43 -42.97
CA GLN D 807 35.78 -11.84 -43.20
C GLN D 807 35.64 -12.22 -44.68
N ALA D 808 34.76 -11.53 -45.40
CA ALA D 808 34.55 -11.87 -46.81
C ALA D 808 35.81 -11.65 -47.63
N SER D 809 36.51 -10.54 -47.39
CA SER D 809 37.72 -10.21 -48.12
C SER D 809 38.94 -10.82 -47.43
N THR D 810 40.04 -10.87 -48.18
CA THR D 810 41.31 -11.38 -47.67
C THR D 810 42.33 -10.28 -47.40
N GLU D 811 42.08 -9.07 -47.86
CA GLU D 811 42.99 -7.97 -47.60
C GLU D 811 42.97 -7.60 -46.12
N ARG D 812 44.16 -7.33 -45.56
CA ARG D 812 44.25 -6.98 -44.15
C ARG D 812 43.85 -5.55 -43.88
N ASP D 813 43.76 -4.72 -44.91
CA ASP D 813 43.46 -3.30 -44.77
C ASP D 813 42.09 -3.00 -45.34
N HIS D 814 41.28 -2.26 -44.58
CA HIS D 814 39.94 -1.89 -45.00
C HIS D 814 39.74 -0.39 -44.77
N LEU D 815 39.14 0.29 -45.75
CA LEU D 815 38.88 1.71 -45.68
C LEU D 815 37.38 1.93 -45.80
N PHE D 816 36.72 2.11 -44.66
CA PHE D 816 35.28 2.38 -44.62
C PHE D 816 35.08 3.89 -44.75
N VAL D 817 34.68 4.33 -45.95
CA VAL D 817 34.62 5.73 -46.30
C VAL D 817 33.16 6.16 -46.38
N VAL D 818 32.87 7.34 -45.84
CA VAL D 818 31.55 7.94 -45.91
C VAL D 818 31.65 9.18 -46.80
N LEU D 819 30.87 9.20 -47.88
CA LEU D 819 30.78 10.37 -48.74
C LEU D 819 29.48 11.09 -48.39
N ALA D 820 29.60 12.27 -47.78
CA ALA D 820 28.46 12.95 -47.19
C ALA D 820 28.38 14.39 -47.67
N SER D 821 27.14 14.87 -47.77
CA SER D 821 26.86 16.26 -48.07
C SER D 821 26.97 17.06 -46.78
N PRO D 822 26.76 18.39 -46.82
CA PRO D 822 26.78 19.16 -45.56
C PRO D 822 25.70 18.76 -44.57
N VAL D 823 24.88 17.77 -44.92
CA VAL D 823 23.85 17.25 -44.01
C VAL D 823 24.45 16.44 -42.87
N ALA D 824 25.74 16.09 -42.95
CA ALA D 824 26.37 15.27 -41.93
C ALA D 824 26.98 16.10 -40.80
N GLU D 825 26.82 17.42 -40.84
CA GLU D 825 27.38 18.27 -39.79
C GLU D 825 26.45 18.42 -38.59
N VAL D 826 25.14 18.25 -38.78
CA VAL D 826 24.15 18.52 -37.76
C VAL D 826 23.44 17.22 -37.41
N GLY D 827 23.42 16.89 -36.12
CA GLY D 827 22.70 15.75 -35.62
C GLY D 827 23.41 14.41 -35.76
N ARG D 828 24.63 14.40 -36.28
CA ARG D 828 25.39 13.18 -36.48
C ARG D 828 26.49 13.09 -35.43
N ASP D 829 26.41 12.07 -34.57
CA ASP D 829 27.42 11.82 -33.56
C ASP D 829 28.28 10.65 -34.03
N HIS D 830 29.31 10.99 -34.81
CA HIS D 830 30.16 9.99 -35.44
C HIS D 830 31.62 10.26 -35.08
N ASP D 831 32.38 9.18 -34.94
CA ASP D 831 33.80 9.24 -34.61
C ASP D 831 34.59 8.65 -35.77
N TYR D 832 35.18 9.51 -36.59
CA TYR D 832 35.99 9.09 -37.71
C TYR D 832 37.46 9.10 -37.34
N ASP D 833 38.27 8.38 -38.13
CA ASP D 833 39.71 8.41 -37.93
C ASP D 833 40.38 9.51 -38.76
N TRP D 834 39.81 9.84 -39.91
CA TRP D 834 40.37 10.85 -40.79
C TRP D 834 39.25 11.43 -41.63
N ALA D 835 39.53 12.58 -42.26
CA ALA D 835 38.51 13.26 -43.05
C ALA D 835 39.18 14.09 -44.14
N ILE D 836 38.56 14.13 -45.31
CA ILE D 836 38.96 15.02 -46.39
C ILE D 836 37.78 15.95 -46.64
N VAL D 837 38.01 17.26 -46.50
CA VAL D 837 36.94 18.24 -46.46
C VAL D 837 37.22 19.34 -47.47
N GLU D 838 36.21 19.66 -48.28
CA GLU D 838 36.25 20.83 -49.13
C GLU D 838 35.84 22.05 -48.31
N PRO D 839 36.46 23.21 -48.57
CA PRO D 839 36.15 24.39 -47.75
C PRO D 839 34.91 25.14 -48.22
N SER D 840 33.95 25.32 -47.31
CA SER D 840 32.77 26.12 -47.60
C SER D 840 32.70 27.31 -46.64
N SER D 841 32.81 27.03 -45.35
CA SER D 841 32.80 28.05 -44.31
C SER D 841 33.51 27.49 -43.09
N MET D 842 34.08 28.39 -42.28
CA MET D 842 34.86 27.96 -41.12
C MET D 842 34.02 27.14 -40.14
N ARG D 843 32.73 27.45 -40.05
CA ARG D 843 31.85 26.70 -39.16
C ARG D 843 31.79 25.23 -39.59
N SER D 844 31.69 25.00 -40.90
CA SER D 844 31.70 23.62 -41.39
C SER D 844 33.01 22.93 -41.06
N ILE D 845 34.13 23.63 -41.20
CA ILE D 845 35.43 23.05 -40.88
C ILE D 845 35.48 22.65 -39.43
N ILE D 846 35.00 23.52 -38.54
CA ILE D 846 35.01 23.24 -37.11
C ILE D 846 34.11 22.05 -36.79
N GLN D 847 32.92 22.01 -37.40
CA GLN D 847 31.98 20.93 -37.10
C GLN D 847 32.51 19.57 -37.56
N LEU D 848 33.13 19.52 -38.74
CA LEU D 848 33.69 18.25 -39.21
C LEU D 848 34.97 17.90 -38.47
N ALA D 849 35.72 18.90 -37.99
CA ALA D 849 36.85 18.60 -37.12
C ALA D 849 36.37 17.98 -35.82
N GLY D 850 35.28 18.48 -35.27
CA GLY D 850 34.75 17.99 -34.01
C GLY D 850 34.21 16.57 -34.07
N ARG D 851 34.38 15.90 -35.21
CA ARG D 851 33.90 14.54 -35.39
C ARG D 851 34.98 13.50 -35.56
N ILE D 852 36.18 13.88 -36.01
CA ILE D 852 37.29 12.93 -36.11
C ILE D 852 37.87 12.75 -34.71
N ARG D 853 37.82 11.51 -34.20
CA ARG D 853 38.21 11.20 -32.84
C ARG D 853 37.46 12.10 -31.85
N ARG D 854 36.13 11.99 -31.82
CA ARG D 854 35.33 12.80 -30.93
C ARG D 854 34.99 12.03 -29.66
N HIS D 855 35.02 10.70 -29.74
CA HIS D 855 34.78 9.85 -28.59
C HIS D 855 36.05 9.28 -27.98
N ARG D 856 37.13 9.22 -28.74
CA ARG D 856 38.38 8.62 -28.29
C ARG D 856 39.34 9.70 -27.79
N SER D 857 40.33 9.26 -27.02
CA SER D 857 41.36 10.13 -26.49
C SER D 857 42.73 9.57 -26.86
N GLY D 858 43.69 10.48 -27.03
CA GLY D 858 45.02 10.09 -27.45
C GLY D 858 45.30 10.41 -28.90
N PHE D 859 46.24 11.30 -29.14
CA PHE D 859 46.56 11.76 -30.49
C PHE D 859 47.99 11.35 -30.85
N SER D 860 48.17 10.89 -32.08
CA SER D 860 49.48 10.46 -32.57
C SER D 860 50.29 11.61 -33.16
N GLY D 861 49.70 12.81 -33.30
CA GLY D 861 50.39 13.97 -33.81
C GLY D 861 50.34 14.12 -35.32
N GLU D 862 50.19 13.02 -36.05
CA GLU D 862 50.12 13.10 -37.51
C GLU D 862 48.81 13.73 -37.95
N ALA D 863 48.84 14.36 -39.13
CA ALA D 863 47.66 15.03 -39.64
C ALA D 863 46.54 14.03 -39.91
N ASN D 864 45.33 14.37 -39.45
CA ASN D 864 44.17 13.53 -39.65
C ASN D 864 43.07 14.21 -40.46
N LEU D 865 43.09 15.53 -40.59
CA LEU D 865 42.10 16.28 -41.36
C LEU D 865 42.81 16.93 -42.54
N TYR D 866 42.28 16.72 -43.74
CA TYR D 866 42.84 17.28 -44.95
C TYR D 866 41.85 18.25 -45.58
N LEU D 867 42.29 19.48 -45.81
CA LEU D 867 41.47 20.52 -46.43
C LEU D 867 42.00 20.81 -47.82
N LEU D 868 41.12 20.74 -48.81
CA LEU D 868 41.50 21.08 -50.17
C LEU D 868 41.82 22.56 -50.28
N SER D 869 42.76 22.90 -51.15
CA SER D 869 43.17 24.30 -51.29
C SER D 869 42.03 25.17 -51.78
N ARG D 870 41.22 24.68 -52.71
CA ARG D 870 40.09 25.43 -53.22
C ARG D 870 38.93 24.46 -53.46
N ASN D 871 37.72 24.99 -53.37
CA ASN D 871 36.51 24.18 -53.53
C ASN D 871 36.21 23.97 -55.01
N ILE D 872 35.26 23.08 -55.28
CA ILE D 872 34.92 22.73 -56.65
C ILE D 872 34.40 23.95 -57.40
N ARG D 873 33.62 24.79 -56.72
CA ARG D 873 33.03 25.96 -57.34
C ARG D 873 34.09 26.96 -57.79
N SER D 874 35.31 26.81 -57.28
CA SER D 874 36.45 27.61 -57.72
C SER D 874 37.22 26.94 -58.86
N LEU D 875 37.30 25.61 -58.85
CA LEU D 875 37.92 24.90 -59.95
C LEU D 875 37.12 25.09 -61.24
N GLU D 876 35.80 25.08 -61.14
CA GLU D 876 34.95 25.35 -62.29
C GLU D 876 35.05 26.79 -62.76
N GLY D 877 35.66 27.68 -61.97
CA GLY D 877 35.81 29.06 -62.35
C GLY D 877 34.67 29.97 -61.97
N GLN D 878 33.67 29.47 -61.26
CA GLN D 878 32.55 30.31 -60.85
C GLN D 878 32.99 31.32 -59.80
N ASN D 879 32.36 32.50 -59.85
CA ASN D 879 32.63 33.57 -58.90
C ASN D 879 31.29 34.19 -58.53
N PRO D 880 30.99 34.36 -57.23
CA PRO D 880 31.80 34.02 -56.05
C PRO D 880 31.90 32.52 -55.83
N ALA D 881 33.04 32.04 -55.31
CA ALA D 881 33.26 30.61 -55.13
C ALA D 881 32.70 30.07 -53.82
N PHE D 882 32.57 30.91 -52.80
CA PHE D 882 32.04 30.49 -51.51
C PHE D 882 30.58 30.93 -51.41
N GLN D 883 29.70 30.14 -52.02
CA GLN D 883 28.28 30.45 -52.03
C GLN D 883 27.48 29.16 -52.11
N ARG D 884 26.40 29.10 -51.34
CA ARG D 884 25.44 27.99 -51.33
C ARG D 884 26.13 26.64 -51.14
N PRO D 885 26.63 26.34 -49.94
CA PRO D 885 26.69 27.19 -48.73
C PRO D 885 27.88 28.13 -48.75
N GLY D 886 27.89 29.15 -47.92
CA GLY D 886 28.99 30.08 -47.88
C GLY D 886 28.51 31.48 -47.53
N PHE D 887 29.45 32.42 -47.56
CA PHE D 887 29.17 33.81 -47.26
C PHE D 887 29.59 34.77 -48.34
N GLU D 888 30.38 34.35 -49.32
CA GLU D 888 30.87 35.26 -50.35
C GLU D 888 29.73 35.71 -51.25
N THR D 889 29.66 37.01 -51.49
CA THR D 889 28.65 37.64 -52.34
C THR D 889 29.35 38.67 -53.21
N PRO D 890 28.71 39.07 -54.32
CA PRO D 890 29.26 40.20 -55.09
C PRO D 890 29.42 41.47 -54.28
N ASP D 891 28.53 41.71 -53.31
CA ASP D 891 28.67 42.89 -52.47
C ASP D 891 29.79 42.74 -51.45
N PHE D 892 30.16 41.51 -51.11
CA PHE D 892 31.24 41.22 -50.17
C PHE D 892 32.19 40.21 -50.80
N PRO D 893 32.95 40.63 -51.81
CA PRO D 893 33.80 39.68 -52.54
C PRO D 893 35.07 39.35 -51.77
N LEU D 894 35.72 38.28 -52.21
CA LEU D 894 36.99 37.84 -51.66
C LEU D 894 38.09 37.99 -52.70
N ASP D 895 39.25 38.47 -52.27
CA ASP D 895 40.38 38.68 -53.16
C ASP D 895 41.08 37.39 -53.55
N SER D 896 40.77 36.28 -52.88
CA SER D 896 41.38 34.99 -53.22
C SER D 896 40.42 33.87 -52.87
N HIS D 897 40.64 32.71 -53.48
CA HIS D 897 39.83 31.53 -53.23
C HIS D 897 40.70 30.33 -52.86
N ASP D 898 41.94 30.57 -52.46
CA ASP D 898 42.86 29.52 -52.05
C ASP D 898 42.96 29.54 -50.53
N LEU D 899 42.86 28.35 -49.91
CA LEU D 899 42.92 28.26 -48.46
C LEU D 899 44.26 28.69 -47.89
N HIS D 900 45.31 28.73 -48.71
CA HIS D 900 46.63 29.13 -48.23
C HIS D 900 46.67 30.61 -47.84
N ASP D 901 45.69 31.40 -48.24
CA ASP D 901 45.64 32.82 -47.94
C ASP D 901 44.51 33.21 -47.01
N LEU D 902 43.35 32.55 -47.11
CA LEU D 902 42.21 32.92 -46.31
C LEU D 902 42.31 32.43 -44.87
N LEU D 903 43.24 31.52 -44.58
CA LEU D 903 43.35 30.91 -43.27
C LEU D 903 44.67 31.28 -42.61
N ASP D 904 44.62 31.57 -41.32
CA ASP D 904 45.84 31.77 -40.56
C ASP D 904 46.55 30.43 -40.38
N PRO D 905 47.83 30.33 -40.72
CA PRO D 905 48.52 29.03 -40.61
C PRO D 905 48.56 28.48 -39.19
N ALA D 906 48.48 29.34 -38.18
CA ALA D 906 48.49 28.88 -36.80
C ALA D 906 47.22 28.14 -36.43
N LEU D 907 46.16 28.26 -37.24
CA LEU D 907 44.89 27.59 -36.92
C LEU D 907 44.95 26.10 -37.20
N LEU D 908 45.79 25.66 -38.15
CA LEU D 908 45.83 24.24 -38.49
C LEU D 908 46.38 23.39 -37.34
N ALA D 909 47.16 24.00 -36.44
CA ALA D 909 47.71 23.25 -35.32
C ALA D 909 46.62 22.78 -34.37
N ARG D 910 45.61 23.62 -34.13
CA ARG D 910 44.53 23.29 -33.21
C ARG D 910 43.26 23.96 -33.71
N ILE D 911 42.29 23.15 -34.11
CA ILE D 911 41.02 23.63 -34.65
C ILE D 911 39.94 23.42 -33.60
N ASP D 912 39.31 24.51 -33.17
CA ASP D 912 38.19 24.45 -32.24
C ASP D 912 37.28 25.64 -32.55
N ALA D 913 36.39 25.96 -31.62
CA ALA D 913 35.44 27.04 -31.83
C ALA D 913 36.06 28.42 -31.68
N SER D 914 37.32 28.50 -31.27
CA SER D 914 37.97 29.77 -30.97
C SER D 914 37.89 30.80 -32.09
N PRO D 915 38.19 30.47 -33.36
CA PRO D 915 38.08 31.50 -34.41
C PRO D 915 36.67 32.01 -34.61
N ARG D 916 35.65 31.22 -34.27
CA ARG D 916 34.28 31.62 -34.53
C ARG D 916 33.64 32.36 -33.36
N ILE D 917 33.95 31.97 -32.12
CA ILE D 917 33.30 32.58 -30.98
C ILE D 917 33.76 34.03 -30.79
N VAL D 918 35.04 34.29 -30.98
CA VAL D 918 35.61 35.61 -30.74
C VAL D 918 35.67 36.38 -32.05
N GLU D 919 35.63 37.71 -31.95
CA GLU D 919 35.63 38.57 -33.12
C GLU D 919 37.00 39.23 -33.28
N PRO D 920 37.79 38.85 -34.29
CA PRO D 920 39.11 39.46 -34.46
C PRO D 920 39.03 40.93 -34.82
N PHE D 921 40.07 41.66 -34.41
CA PHE D 921 40.21 43.08 -34.70
C PHE D 921 41.66 43.36 -35.05
N PRO D 922 41.92 44.14 -36.11
CA PRO D 922 40.96 44.76 -37.03
C PRO D 922 40.40 43.76 -38.04
N LEU D 923 39.22 44.03 -38.60
CA LEU D 923 38.56 43.09 -39.49
C LEU D 923 39.05 43.28 -40.91
N PHE D 924 39.59 42.21 -41.51
CA PHE D 924 39.95 42.22 -42.92
C PHE D 924 38.93 41.38 -43.68
N PRO D 925 37.82 41.99 -44.13
CA PRO D 925 36.70 41.21 -44.65
C PRO D 925 36.89 40.68 -46.07
N ARG D 926 38.03 40.94 -46.71
CA ARG D 926 38.23 40.45 -48.07
C ARG D 926 39.50 39.64 -48.22
N SER D 927 40.15 39.26 -47.10
CA SER D 927 41.32 38.40 -47.15
C SER D 927 41.27 37.24 -46.17
N ARG D 928 40.41 37.29 -45.15
CA ARG D 928 40.28 36.21 -44.18
C ARG D 928 38.84 35.73 -44.18
N LEU D 929 38.66 34.41 -44.16
CA LEU D 929 37.33 33.81 -44.28
C LEU D 929 36.48 34.15 -43.05
N VAL D 930 37.02 33.90 -41.85
CA VAL D 930 36.26 34.18 -40.63
C VAL D 930 36.03 35.67 -40.48
N ASP D 931 36.97 36.49 -40.96
CA ASP D 931 36.74 37.93 -40.93
C ASP D 931 35.58 38.33 -41.83
N LEU D 932 35.48 37.70 -43.01
CA LEU D 932 34.34 37.95 -43.88
C LEU D 932 33.03 37.53 -43.22
N GLU D 933 33.02 36.37 -42.58
CA GLU D 933 31.81 35.90 -41.92
C GLU D 933 31.38 36.87 -40.82
N HIS D 934 32.32 37.30 -39.98
CA HIS D 934 32.00 38.21 -38.91
C HIS D 934 31.57 39.57 -39.44
N ARG D 935 32.20 40.05 -40.50
CA ARG D 935 31.82 41.32 -41.10
C ARG D 935 30.39 41.27 -41.61
N ARG D 936 30.04 40.20 -42.34
CA ARG D 936 28.68 40.07 -42.85
C ARG D 936 27.67 39.99 -41.71
N LEU D 937 27.98 39.18 -40.70
CA LEU D 937 27.03 38.99 -39.59
C LEU D 937 26.82 40.29 -38.82
N ARG D 938 27.88 41.04 -38.57
CA ARG D 938 27.72 42.32 -37.88
C ARG D 938 27.12 43.39 -38.77
N ALA D 939 27.21 43.24 -40.10
CA ALA D 939 26.56 44.19 -40.99
C ALA D 939 25.06 43.97 -41.03
N LEU D 940 24.63 42.70 -41.06
CA LEU D 940 23.19 42.42 -41.22
C LEU D 940 22.44 42.59 -39.90
N MET D 941 22.83 41.85 -38.86
CA MET D 941 22.05 41.84 -37.62
C MET D 941 22.08 43.17 -36.91
N LEU D 942 23.26 43.78 -36.78
CA LEU D 942 23.38 44.97 -35.94
C LEU D 942 23.12 46.25 -36.72
N ALA D 943 23.99 46.56 -37.68
CA ALA D 943 23.96 47.82 -38.42
C ALA D 943 25.19 47.95 -39.31
N ASP D 944 26.33 48.30 -38.70
CA ASP D 944 27.59 48.55 -39.39
C ASP D 944 27.42 49.61 -40.48
N ASP D 945 28.33 49.63 -41.44
CA ASP D 945 28.28 50.60 -42.51
C ASP D 945 27.25 50.20 -43.56
N LEU D 951 16.39 48.24 -45.03
CA LEU D 951 15.43 47.34 -44.40
C LEU D 951 16.09 46.61 -43.24
N GLY D 952 16.29 47.32 -42.14
CA GLY D 952 17.00 46.74 -41.02
C GLY D 952 16.16 45.73 -40.26
N VAL D 953 16.87 44.80 -39.61
CA VAL D 953 16.18 43.82 -38.75
C VAL D 953 15.41 44.48 -37.62
N PRO D 954 15.96 45.47 -36.89
CA PRO D 954 15.20 46.03 -35.76
C PRO D 954 13.85 46.63 -36.12
N LEU D 955 13.58 46.87 -37.41
CA LEU D 955 12.30 47.44 -37.81
C LEU D 955 11.13 46.51 -37.49
N TRP D 956 11.39 45.23 -37.21
CA TRP D 956 10.33 44.30 -36.87
C TRP D 956 9.64 44.68 -35.55
N TRP D 957 10.38 45.30 -34.63
CA TRP D 957 9.81 45.72 -33.37
C TRP D 957 9.90 47.22 -33.10
N GLN D 958 10.75 47.95 -33.81
CA GLN D 958 10.81 49.40 -33.62
C GLN D 958 9.62 50.09 -34.27
N THR D 959 9.21 49.62 -35.45
CA THR D 959 8.07 50.17 -36.17
C THR D 959 6.95 49.14 -36.23
N PRO D 960 5.69 49.57 -36.32
CA PRO D 960 4.58 48.60 -36.40
C PRO D 960 4.53 47.86 -37.73
N ALA D 961 5.65 47.23 -38.10
CA ALA D 961 5.71 46.45 -39.33
C ALA D 961 5.09 45.07 -39.19
N SER D 962 4.77 44.64 -37.97
CA SER D 962 4.11 43.36 -37.78
C SER D 962 2.68 43.37 -38.26
N LEU D 963 2.10 44.55 -38.50
CA LEU D 963 0.73 44.65 -38.97
C LEU D 963 0.60 44.38 -40.46
N SER D 964 1.71 44.22 -41.18
CA SER D 964 1.70 43.92 -42.60
C SER D 964 2.78 42.89 -42.89
N GLY D 965 2.66 42.26 -44.06
CA GLY D 965 3.62 41.24 -44.45
C GLY D 965 4.75 41.78 -45.29
N ALA D 966 4.99 43.09 -45.20
CA ALA D 966 6.04 43.70 -46.02
C ALA D 966 7.42 43.17 -45.67
N LEU D 967 7.70 43.00 -44.37
CA LEU D 967 9.02 42.53 -43.96
C LEU D 967 9.28 41.10 -44.42
N GLN D 968 8.26 40.24 -44.32
CA GLN D 968 8.41 38.85 -44.74
C GLN D 968 8.68 38.72 -46.23
N THR D 969 8.28 39.70 -47.03
CA THR D 969 8.57 39.68 -48.46
C THR D 969 9.87 40.38 -48.80
N SER D 970 10.22 41.44 -48.07
CA SER D 970 11.48 42.14 -48.33
C SER D 970 12.67 41.29 -47.93
N GLN D 971 12.54 40.51 -46.85
CA GLN D 971 13.60 39.64 -46.35
C GLN D 971 13.04 38.23 -46.23
N PRO D 972 12.83 37.54 -47.34
CA PRO D 972 12.16 36.24 -47.30
C PRO D 972 13.01 35.17 -46.62
N PHE D 973 12.35 34.05 -46.34
CA PHE D 973 12.97 32.91 -45.67
C PHE D 973 12.96 31.72 -46.61
N ARG D 974 14.12 31.08 -46.78
CA ARG D 974 14.27 29.95 -47.71
C ARG D 974 13.85 30.33 -49.12
N ALA D 975 14.23 31.54 -49.54
CA ALA D 975 13.89 32.02 -50.87
C ALA D 975 14.80 31.39 -51.93
N GLY D 976 14.46 31.65 -53.19
CA GLY D 976 15.26 31.16 -54.30
C GLY D 976 14.68 29.96 -55.00
N ALA D 977 15.24 28.78 -54.74
CA ALA D 977 14.81 27.57 -55.42
C ALA D 977 13.37 27.22 -55.07
N LYS D 978 12.64 26.72 -56.06
CA LYS D 978 11.25 26.29 -55.89
C LYS D 978 11.23 24.78 -56.09
N GLU D 979 11.40 24.05 -55.00
CA GLU D 979 11.45 22.59 -55.07
C GLU D 979 10.05 22.01 -55.19
N ARG D 980 9.99 20.79 -55.71
CA ARG D 980 8.74 20.05 -55.86
C ARG D 980 8.89 18.69 -55.20
N CYS D 981 7.81 18.22 -54.60
CA CYS D 981 7.81 16.96 -53.86
C CYS D 981 7.60 15.79 -54.81
N TYR D 982 8.50 14.81 -54.74
CA TYR D 982 8.40 13.61 -55.55
C TYR D 982 8.49 12.39 -54.64
N ALA D 983 8.15 11.23 -55.19
CA ALA D 983 8.22 9.99 -54.43
C ALA D 983 8.27 8.81 -55.40
N LEU D 984 8.73 7.67 -54.87
CA LEU D 984 8.74 6.41 -55.63
C LEU D 984 7.53 5.59 -55.17
N LEU D 985 6.38 5.96 -55.70
CA LEU D 985 5.13 5.33 -55.28
C LEU D 985 4.96 3.98 -55.97
N PRO D 986 4.72 2.90 -55.23
CA PRO D 986 4.36 1.64 -55.88
C PRO D 986 3.00 1.75 -56.55
N ASP D 987 2.83 0.98 -57.63
CA ASP D 987 1.57 0.99 -58.35
C ASP D 987 0.45 0.44 -57.46
N GLU D 988 -0.76 0.99 -57.64
CA GLU D 988 -1.89 0.55 -56.83
C GLU D 988 -2.22 -0.91 -57.09
N ASP D 989 -2.24 -1.32 -58.36
CA ASP D 989 -2.57 -2.70 -58.69
C ASP D 989 -1.43 -3.64 -58.34
N ASP D 990 -0.20 -3.26 -58.68
CA ASP D 990 0.98 -4.11 -58.49
C ASP D 990 1.93 -3.44 -57.50
N GLU D 991 2.19 -4.10 -56.38
CA GLU D 991 3.10 -3.55 -55.39
C GLU D 991 4.54 -3.59 -55.87
N GLU D 992 4.91 -4.59 -56.67
CA GLU D 992 6.29 -4.70 -57.14
C GLU D 992 6.66 -3.52 -58.03
N ARG D 993 5.76 -3.11 -58.92
CA ARG D 993 6.05 -2.00 -59.82
C ARG D 993 6.06 -0.68 -59.06
N LEU D 994 7.08 0.13 -59.32
CA LEU D 994 7.24 1.43 -58.68
C LEU D 994 7.09 2.52 -59.73
N HIS D 995 6.46 3.62 -59.34
CA HIS D 995 6.21 4.73 -60.24
C HIS D 995 6.75 6.03 -59.65
N PHE D 996 7.47 6.79 -60.48
CA PHE D 996 7.98 8.09 -60.08
C PHE D 996 6.84 9.10 -60.14
N SER D 997 6.33 9.49 -58.98
CA SER D 997 5.16 10.33 -58.89
C SER D 997 5.56 11.78 -58.59
N ARG D 998 4.58 12.67 -58.47
CA ARG D 998 4.84 14.07 -58.11
C ARG D 998 3.62 14.69 -57.45
N TYR D 999 3.75 15.05 -56.17
CA TYR D 999 2.68 15.74 -55.47
C TYR D 999 2.38 17.06 -56.16
N GLU D 1000 1.20 17.17 -56.78
CA GLU D 1000 0.84 18.41 -57.46
C GLU D 1000 -0.12 19.25 -56.62
N GLU D 1001 -1.29 18.70 -56.32
CA GLU D 1001 -2.26 19.33 -55.42
C GLU D 1001 -3.09 18.24 -54.77
N GLY D 1002 -2.65 17.78 -53.59
CA GLY D 1002 -3.33 16.70 -52.91
C GLY D 1002 -3.54 15.44 -53.73
N THR D 1003 -2.85 15.32 -54.86
CA THR D 1003 -3.02 14.19 -55.77
C THR D 1003 -1.65 13.86 -56.35
N TRP D 1004 -1.26 12.59 -56.26
CA TRP D 1004 0.03 12.14 -56.76
C TRP D 1004 -0.11 11.79 -58.24
N SER D 1005 0.42 12.64 -59.11
CA SER D 1005 0.43 12.37 -60.54
C SER D 1005 1.44 11.29 -60.88
N ASN D 1006 1.59 10.97 -62.16
CA ASN D 1006 2.50 9.92 -62.59
C ASN D 1006 3.49 10.49 -63.60
N GLN D 1007 4.78 10.29 -63.33
CA GLN D 1007 5.86 10.91 -64.10
C GLN D 1007 6.97 9.90 -64.40
N ASP D 1008 6.61 8.71 -64.91
CA ASP D 1008 7.65 7.73 -65.26
C ASP D 1008 8.56 8.25 -66.36
N ASN D 1009 8.07 9.16 -67.21
CA ASN D 1009 8.87 9.66 -68.32
C ASN D 1009 10.06 10.49 -67.87
N LEU D 1010 10.03 11.02 -66.65
CA LEU D 1010 11.09 11.89 -66.16
C LEU D 1010 12.18 11.14 -65.41
N LEU D 1011 12.05 9.83 -65.23
CA LEU D 1011 13.01 9.04 -64.47
C LEU D 1011 13.64 7.99 -65.37
N ARG D 1012 14.96 7.81 -65.22
CA ARG D 1012 15.71 6.81 -65.95
C ARG D 1012 16.69 6.14 -65.01
N ASN D 1013 17.06 4.90 -65.34
CA ASN D 1013 18.02 4.17 -64.54
C ASN D 1013 19.43 4.65 -64.80
N LEU D 1014 20.28 4.54 -63.79
CA LEU D 1014 21.69 4.91 -63.88
C LEU D 1014 22.55 3.67 -63.73
N ASP D 1015 23.52 3.51 -64.62
CA ASP D 1015 24.42 2.37 -64.62
C ASP D 1015 25.71 2.74 -63.91
N LEU D 1016 26.11 1.92 -62.94
CA LEU D 1016 27.32 2.13 -62.17
C LEU D 1016 28.30 0.99 -62.42
N THR D 1017 29.55 1.35 -62.68
CA THR D 1017 30.62 0.39 -62.90
C THR D 1017 31.45 0.28 -61.63
N TYR D 1018 31.79 -0.96 -61.26
CA TYR D 1018 32.52 -1.23 -60.02
C TYR D 1018 33.96 -1.56 -60.35
N GLY D 1019 34.90 -0.91 -59.66
CA GLY D 1019 36.30 -1.17 -59.84
C GLY D 1019 36.78 -2.35 -59.03
N PRO D 1020 38.09 -2.60 -59.04
CA PRO D 1020 38.64 -3.73 -58.29
C PRO D 1020 38.54 -3.50 -56.78
N ARG D 1021 38.01 -4.51 -56.08
CA ARG D 1021 37.99 -4.56 -54.63
C ARG D 1021 37.34 -3.34 -53.98
N ILE D 1022 36.15 -2.98 -54.45
CA ILE D 1022 35.39 -1.88 -53.85
C ILE D 1022 33.90 -2.16 -53.91
N GLN D 1023 33.30 -2.38 -52.75
CA GLN D 1023 31.85 -2.50 -52.67
C GLN D 1023 31.25 -1.39 -51.83
N THR D 1024 29.94 -1.42 -51.67
CA THR D 1024 29.21 -0.38 -50.97
C THR D 1024 28.74 -0.90 -49.61
N TRP D 1025 28.95 -0.11 -48.57
CA TRP D 1025 28.49 -0.41 -47.22
C TRP D 1025 27.50 0.66 -46.78
N GLY D 1026 26.70 0.32 -45.78
CA GLY D 1026 25.76 1.26 -45.21
C GLY D 1026 24.74 1.76 -46.21
N THR D 1027 24.18 0.86 -47.00
CA THR D 1027 23.12 1.17 -47.95
C THR D 1027 21.85 0.43 -47.53
N VAL D 1028 20.78 0.62 -48.31
CA VAL D 1028 19.50 0.03 -48.00
C VAL D 1028 18.70 -0.15 -49.29
N ASN D 1029 17.89 -1.20 -49.32
CA ASN D 1029 16.98 -1.44 -50.44
C ASN D 1029 15.66 -0.73 -50.16
N TYR D 1030 15.18 0.02 -51.16
CA TYR D 1030 13.98 0.83 -50.97
C TYR D 1030 12.77 -0.02 -50.66
N ARG D 1031 12.61 -1.15 -51.35
CA ARG D 1031 11.43 -1.99 -51.14
C ARG D 1031 11.41 -2.59 -49.73
N GLU D 1032 12.53 -3.16 -49.30
CA GLU D 1032 12.59 -3.80 -48.00
C GLU D 1032 12.35 -2.78 -46.88
N GLU D 1033 13.00 -1.63 -46.96
CA GLU D 1033 12.80 -0.60 -45.94
C GLU D 1033 11.38 -0.08 -45.96
N LEU D 1034 10.80 0.09 -47.15
CA LEU D 1034 9.42 0.56 -47.25
C LEU D 1034 8.46 -0.40 -46.58
N VAL D 1035 8.58 -1.70 -46.89
CA VAL D 1035 7.66 -2.67 -46.30
C VAL D 1035 7.91 -2.80 -44.79
N ALA D 1036 9.17 -2.71 -44.36
CA ALA D 1036 9.47 -2.80 -42.95
C ALA D 1036 8.87 -1.64 -42.16
N MET D 1037 9.01 -0.42 -42.67
CA MET D 1037 8.45 0.72 -41.95
C MET D 1037 6.93 0.77 -42.04
N ALA D 1038 6.36 0.29 -43.15
CA ALA D 1038 4.91 0.18 -43.23
C ALA D 1038 4.39 -0.81 -42.20
N GLY D 1039 5.08 -1.93 -42.01
CA GLY D 1039 4.69 -2.86 -40.97
C GLY D 1039 4.86 -2.30 -39.58
N ARG D 1040 5.95 -1.56 -39.36
CA ARG D 1040 6.18 -0.95 -38.05
C ARG D 1040 5.10 0.07 -37.71
N GLU D 1041 4.72 0.90 -38.67
CA GLU D 1041 3.71 1.93 -38.43
C GLU D 1041 2.29 1.42 -38.61
N ASP D 1042 2.12 0.16 -39.01
CA ASP D 1042 0.79 -0.43 -39.22
C ASP D 1042 -0.04 0.41 -40.19
N LEU D 1043 0.58 0.77 -41.31
CA LEU D 1043 -0.03 1.61 -42.33
C LEU D 1043 0.04 0.93 -43.68
N ASP D 1044 -0.85 1.36 -44.58
CA ASP D 1044 -0.84 0.83 -45.94
C ASP D 1044 0.48 1.15 -46.62
N LEU D 1045 0.92 0.21 -47.47
CA LEU D 1045 2.24 0.34 -48.09
C LEU D 1045 2.33 1.61 -48.94
N ARG D 1046 1.32 1.87 -49.76
CA ARG D 1046 1.30 3.11 -50.53
C ARG D 1046 1.11 4.32 -49.62
N GLN D 1047 0.32 4.17 -48.55
CA GLN D 1047 0.18 5.26 -47.58
C GLN D 1047 1.52 5.60 -46.94
N CYS D 1048 2.28 4.59 -46.55
CA CYS D 1048 3.63 4.82 -46.04
C CYS D 1048 4.51 5.44 -47.12
N ALA D 1049 4.35 5.02 -48.37
CA ALA D 1049 5.16 5.59 -49.45
C ALA D 1049 4.91 7.08 -49.60
N MET D 1050 3.65 7.52 -49.59
CA MET D 1050 3.38 8.95 -49.73
C MET D 1050 3.49 9.70 -48.41
N ARG D 1051 3.65 9.01 -47.28
CA ARG D 1051 3.81 9.70 -46.01
C ARG D 1051 5.26 9.86 -45.57
N TYR D 1052 6.17 8.97 -45.95
CA TYR D 1052 7.55 9.08 -45.49
C TYR D 1052 8.57 8.75 -46.57
N GLY D 1053 8.26 9.01 -47.83
CA GLY D 1053 9.20 8.73 -48.90
C GLY D 1053 9.37 9.88 -49.86
N GLU D 1054 9.17 11.10 -49.37
CA GLU D 1054 9.26 12.28 -50.23
C GLU D 1054 10.72 12.58 -50.57
N VAL D 1055 10.90 13.19 -51.73
CA VAL D 1055 12.19 13.72 -52.16
C VAL D 1055 11.97 15.07 -52.82
N ARG D 1056 12.58 16.11 -52.28
CA ARG D 1056 12.41 17.45 -52.84
C ARG D 1056 13.51 17.73 -53.85
N LEU D 1057 13.12 17.87 -55.12
CA LEU D 1057 14.06 18.13 -56.20
C LEU D 1057 13.64 19.38 -56.96
N ARG D 1058 14.63 20.15 -57.38
CA ARG D 1058 14.36 21.32 -58.21
C ARG D 1058 13.82 20.89 -59.57
N GLU D 1059 12.88 21.66 -60.10
CA GLU D 1059 12.21 21.30 -61.34
C GLU D 1059 13.19 21.35 -62.50
N ASN D 1060 13.43 20.20 -63.13
CA ASN D 1060 14.30 20.08 -64.29
C ASN D 1060 13.51 19.50 -65.45
N THR D 1061 13.64 20.14 -66.62
CA THR D 1061 12.85 19.72 -67.77
C THR D 1061 13.23 18.33 -68.26
N GLN D 1062 14.54 18.04 -68.31
CA GLN D 1062 14.98 16.77 -68.88
C GLN D 1062 14.58 15.59 -67.99
N GLY D 1063 14.84 15.70 -66.69
CA GLY D 1063 14.52 14.65 -65.74
C GLY D 1063 15.72 14.31 -64.89
N TRP D 1064 15.65 13.16 -64.23
CA TRP D 1064 16.70 12.72 -63.34
C TRP D 1064 17.01 11.25 -63.58
N SER D 1065 18.21 10.85 -63.21
CA SER D 1065 18.64 9.46 -63.24
C SER D 1065 18.78 8.96 -61.81
N TYR D 1066 18.12 7.84 -61.50
CA TYR D 1066 18.01 7.35 -60.14
C TYR D 1066 18.75 6.03 -59.98
N HIS D 1067 19.55 5.93 -58.92
CA HIS D 1067 20.16 4.69 -58.50
C HIS D 1067 19.98 4.52 -57.00
N PRO D 1068 19.68 3.31 -56.53
CA PRO D 1068 19.43 3.13 -55.10
C PRO D 1068 20.59 3.54 -54.20
N TYR D 1069 21.83 3.36 -54.65
CA TYR D 1069 22.99 3.68 -53.83
C TYR D 1069 23.50 5.10 -54.04
N LEU D 1070 22.94 5.85 -54.99
CA LEU D 1070 23.42 7.20 -55.28
C LEU D 1070 22.32 8.25 -55.21
N GLY D 1071 21.07 7.86 -55.03
CA GLY D 1071 19.98 8.81 -55.03
C GLY D 1071 19.69 9.33 -56.43
N PHE D 1072 18.83 10.33 -56.49
CA PHE D 1072 18.43 10.92 -57.75
C PHE D 1072 19.47 11.93 -58.21
N LYS D 1073 20.04 11.71 -59.38
CA LYS D 1073 21.01 12.63 -59.99
C LYS D 1073 20.36 13.31 -61.18
N LYS D 1074 20.48 14.63 -61.23
CA LYS D 1074 19.90 15.39 -62.33
C LYS D 1074 20.50 14.96 -63.67
N TYR D 1075 19.65 14.88 -64.68
CA TYR D 1075 20.05 14.44 -66.01
C TYR D 1075 19.77 15.56 -67.00
N ASN D 1076 20.70 15.78 -67.92
CA ASN D 1076 20.54 16.83 -68.92
C ASN D 1076 20.73 16.28 -70.33
N ILE E 12 -23.31 -32.85 -33.92
CA ILE E 12 -22.38 -32.87 -32.80
C ILE E 12 -21.04 -33.42 -33.25
N LEU E 13 -21.06 -34.50 -34.03
CA LEU E 13 -19.84 -35.11 -34.54
C LEU E 13 -19.30 -34.24 -35.67
N HIS E 14 -18.45 -33.29 -35.29
CA HIS E 14 -17.84 -32.36 -36.25
C HIS E 14 -17.03 -33.10 -37.30
N SER E 15 -16.18 -34.02 -36.87
CA SER E 15 -15.34 -34.81 -37.77
C SER E 15 -15.29 -36.24 -37.26
N LYS E 16 -16.16 -37.10 -37.78
CA LYS E 16 -16.17 -38.50 -37.40
C LYS E 16 -14.92 -39.24 -37.86
N ARG E 17 -14.22 -38.73 -38.88
CA ARG E 17 -12.97 -39.35 -39.31
C ARG E 17 -11.89 -39.24 -38.24
N ALA E 18 -12.02 -38.28 -37.32
CA ALA E 18 -11.09 -38.13 -36.21
C ALA E 18 -11.72 -38.32 -34.84
N ASN E 19 -13.01 -38.65 -34.78
CA ASN E 19 -13.72 -38.85 -33.52
C ASN E 19 -13.66 -37.60 -32.65
N LEU E 20 -14.26 -36.51 -33.11
CA LEU E 20 -14.36 -35.28 -32.33
C LEU E 20 -15.83 -34.92 -32.15
N TYR E 21 -16.14 -34.30 -31.01
CA TYR E 21 -17.51 -33.96 -30.67
C TYR E 21 -17.58 -32.51 -30.20
N TYR E 22 -18.72 -31.87 -30.48
CA TYR E 22 -18.93 -30.46 -30.17
C TYR E 22 -20.10 -30.35 -29.20
N LEU E 23 -19.82 -29.90 -27.98
CA LEU E 23 -20.85 -29.70 -26.97
C LEU E 23 -21.17 -28.21 -26.86
N GLN E 24 -22.46 -27.87 -26.88
CA GLN E 24 -22.89 -26.49 -26.85
C GLN E 24 -24.04 -26.32 -25.87
N HIS E 25 -23.96 -25.28 -25.04
CA HIS E 25 -25.01 -24.93 -24.09
C HIS E 25 -25.32 -26.08 -23.14
N CYS E 26 -24.30 -26.51 -22.40
CA CYS E 26 -24.46 -27.59 -21.44
C CYS E 26 -23.31 -27.53 -20.43
N ARG E 27 -23.61 -27.94 -19.20
CA ARG E 27 -22.62 -27.97 -18.13
C ARG E 27 -22.12 -29.40 -17.95
N VAL E 28 -20.82 -29.59 -18.11
CA VAL E 28 -20.20 -30.90 -17.97
C VAL E 28 -19.76 -31.06 -16.52
N LEU E 29 -20.28 -32.09 -15.85
CA LEU E 29 -19.92 -32.33 -14.47
C LEU E 29 -19.93 -33.83 -14.20
N VAL E 30 -19.52 -34.19 -12.99
CA VAL E 30 -19.42 -35.59 -12.56
C VAL E 30 -20.39 -35.80 -11.41
N ASN E 31 -21.29 -36.76 -11.57
CA ASN E 31 -22.18 -37.20 -10.49
C ASN E 31 -22.23 -38.72 -10.52
N GLY E 32 -21.76 -39.35 -9.46
CA GLY E 32 -21.71 -40.79 -9.40
C GLY E 32 -20.53 -41.43 -10.11
N GLY E 33 -19.51 -40.65 -10.47
CA GLY E 33 -18.33 -41.18 -11.12
C GLY E 33 -18.38 -41.20 -12.64
N ARG E 34 -19.50 -40.78 -13.24
CA ARG E 34 -19.62 -40.73 -14.70
C ARG E 34 -19.91 -39.30 -15.11
N VAL E 35 -19.20 -38.82 -16.14
CA VAL E 35 -19.44 -37.48 -16.65
C VAL E 35 -20.81 -37.43 -17.30
N GLU E 36 -21.59 -36.39 -16.97
CA GLU E 36 -22.91 -36.18 -17.56
C GLU E 36 -23.05 -34.72 -17.93
N TYR E 37 -23.41 -34.46 -19.19
CA TYR E 37 -23.61 -33.10 -19.68
C TYR E 37 -25.04 -32.68 -19.36
N VAL E 38 -25.22 -32.00 -18.22
CA VAL E 38 -26.55 -31.61 -17.77
C VAL E 38 -26.96 -30.31 -18.45
N THR E 39 -27.59 -30.44 -19.62
CA THR E 39 -28.09 -29.28 -20.34
C THR E 39 -29.32 -28.71 -19.64
N ASP E 40 -29.40 -27.39 -19.59
CA ASP E 40 -30.53 -26.72 -18.94
C ASP E 40 -31.78 -26.79 -19.81
N TRP E 48 -26.61 -37.07 -22.59
CA TRP E 48 -26.07 -37.53 -23.86
C TRP E 48 -25.23 -38.78 -23.69
N ASN E 49 -25.25 -39.66 -24.69
CA ASN E 49 -24.47 -40.89 -24.70
C ASN E 49 -23.22 -40.64 -25.54
N ILE E 50 -22.07 -40.55 -24.86
CA ILE E 50 -20.81 -40.23 -25.53
C ILE E 50 -19.84 -41.39 -25.35
N PRO E 51 -19.17 -41.84 -26.40
CA PRO E 51 -18.21 -42.93 -26.25
C PRO E 51 -16.95 -42.48 -25.54
N ILE E 52 -16.98 -42.45 -24.22
CA ILE E 52 -15.85 -41.98 -23.42
C ILE E 52 -14.74 -43.01 -23.54
N ALA E 53 -13.70 -42.68 -24.31
CA ALA E 53 -12.60 -43.60 -24.56
C ALA E 53 -11.37 -42.81 -24.97
N ASN E 54 -10.33 -43.54 -25.37
CA ASN E 54 -9.07 -42.89 -25.75
C ASN E 54 -9.24 -41.99 -26.97
N THR E 55 -10.28 -42.20 -27.78
CA THR E 55 -10.57 -41.34 -28.92
C THR E 55 -11.98 -40.77 -28.72
N THR E 56 -12.07 -39.70 -27.93
CA THR E 56 -13.33 -39.00 -27.77
C THR E 56 -13.19 -37.54 -28.22
N SER E 57 -12.22 -36.84 -27.66
CA SER E 57 -11.82 -35.51 -28.13
C SER E 57 -12.98 -34.51 -28.16
N LEU E 58 -13.55 -34.18 -27.01
CA LEU E 58 -14.62 -33.20 -26.93
C LEU E 58 -14.13 -31.81 -27.30
N LEU E 59 -15.04 -31.01 -27.85
CA LEU E 59 -14.79 -29.62 -28.21
C LEU E 59 -15.92 -28.78 -27.62
N LEU E 60 -15.72 -28.28 -26.41
CA LEU E 60 -16.74 -27.49 -25.75
C LEU E 60 -16.95 -26.17 -26.48
N GLY E 61 -18.20 -25.73 -26.53
CA GLY E 61 -18.57 -24.55 -27.28
C GLY E 61 -19.27 -23.49 -26.45
N THR E 62 -20.10 -22.68 -27.08
CA THR E 62 -20.75 -21.55 -26.42
C THR E 62 -21.65 -22.03 -25.28
N GLY E 63 -21.59 -21.31 -24.17
CA GLY E 63 -22.43 -21.60 -23.02
C GLY E 63 -22.15 -22.95 -22.37
N THR E 64 -20.90 -23.38 -22.35
CA THR E 64 -20.51 -24.63 -21.72
C THR E 64 -19.53 -24.38 -20.60
N SER E 65 -19.73 -25.07 -19.48
CA SER E 65 -18.86 -24.95 -18.32
C SER E 65 -18.42 -26.35 -17.88
N ILE E 66 -17.15 -26.49 -17.56
CA ILE E 66 -16.59 -27.76 -17.13
C ILE E 66 -16.08 -27.61 -15.70
N THR E 67 -16.06 -28.72 -14.98
CA THR E 67 -15.61 -28.75 -13.60
C THR E 67 -14.32 -29.56 -13.51
N GLN E 68 -13.64 -29.42 -12.37
CA GLN E 68 -12.36 -30.10 -12.18
C GLN E 68 -12.53 -31.62 -12.18
N ALA E 69 -13.60 -32.11 -11.54
CA ALA E 69 -13.87 -33.55 -11.54
C ALA E 69 -14.12 -34.05 -12.95
N ALA E 70 -14.84 -33.27 -13.75
CA ALA E 70 -15.06 -33.64 -15.15
C ALA E 70 -13.75 -33.74 -15.89
N MET E 71 -12.85 -32.78 -15.67
CA MET E 71 -11.53 -32.85 -16.29
C MET E 71 -10.73 -34.06 -15.83
N ARG E 72 -10.82 -34.42 -14.55
CA ARG E 72 -10.11 -35.59 -14.06
C ARG E 72 -10.62 -36.87 -14.73
N GLU E 73 -11.95 -37.01 -14.82
CA GLU E 73 -12.50 -38.22 -15.41
C GLU E 73 -12.30 -38.23 -16.93
N LEU E 74 -12.14 -37.06 -17.53
CA LEU E 74 -11.82 -36.97 -18.94
C LEU E 74 -10.32 -37.14 -19.14
N ALA E 75 -9.56 -37.06 -18.06
CA ALA E 75 -8.11 -37.19 -18.13
C ALA E 75 -7.72 -38.65 -17.97
N ARG E 76 -8.39 -39.38 -17.07
CA ARG E 76 -8.15 -40.81 -17.01
C ARG E 76 -9.05 -41.55 -17.99
N ALA E 77 -9.18 -41.02 -19.20
CA ALA E 77 -9.86 -41.71 -20.27
C ALA E 77 -9.19 -41.42 -21.62
N GLY E 78 -8.14 -40.63 -21.59
CA GLY E 78 -7.50 -40.19 -22.82
C GLY E 78 -8.33 -39.23 -23.64
N VAL E 79 -9.25 -38.49 -23.01
CA VAL E 79 -10.13 -37.59 -23.72
C VAL E 79 -9.55 -36.19 -23.75
N LEU E 80 -8.94 -35.81 -24.87
CA LEU E 80 -8.44 -34.45 -25.03
C LEU E 80 -9.61 -33.46 -25.10
N VAL E 81 -9.46 -32.33 -24.43
CA VAL E 81 -10.52 -31.35 -24.31
C VAL E 81 -10.02 -30.02 -24.84
N GLY E 82 -10.82 -29.40 -25.70
CA GLY E 82 -10.49 -28.08 -26.23
C GLY E 82 -11.68 -27.15 -26.15
N PHE E 83 -11.40 -25.88 -25.94
CA PHE E 83 -12.43 -24.84 -25.82
C PHE E 83 -12.42 -24.04 -27.11
N CYS E 84 -13.37 -24.35 -27.99
CA CYS E 84 -13.49 -23.68 -29.27
C CYS E 84 -14.61 -22.65 -29.23
N GLY E 85 -14.67 -21.82 -30.26
CA GLY E 85 -15.65 -20.77 -30.35
C GLY E 85 -17.03 -21.27 -30.70
N GLY E 86 -17.86 -20.36 -31.21
CA GLY E 86 -19.22 -20.70 -31.56
C GLY E 86 -19.34 -21.37 -32.91
N GLY E 87 -19.71 -22.65 -32.91
CA GLY E 87 -19.86 -23.44 -34.11
C GLY E 87 -18.68 -24.35 -34.40
N GLY E 88 -17.54 -24.10 -33.76
CA GLY E 88 -16.37 -24.93 -33.96
C GLY E 88 -15.10 -24.14 -34.12
N THR E 89 -15.21 -22.89 -34.56
CA THR E 89 -14.07 -22.01 -34.78
C THR E 89 -14.31 -20.68 -34.07
N PRO E 90 -13.26 -20.02 -33.60
CA PRO E 90 -11.85 -20.46 -33.56
C PRO E 90 -11.62 -21.49 -32.45
N LEU E 91 -10.40 -21.97 -32.27
CA LEU E 91 -10.05 -22.88 -31.19
C LEU E 91 -9.18 -22.11 -30.20
N PHE E 92 -9.81 -21.62 -29.14
CA PHE E 92 -9.14 -20.78 -28.16
C PHE E 92 -7.97 -21.50 -27.51
N SER E 93 -8.23 -22.57 -26.77
CA SER E 93 -7.18 -23.37 -26.15
C SER E 93 -7.61 -24.83 -26.12
N ALA E 94 -6.63 -25.73 -26.16
CA ALA E 94 -6.92 -27.15 -26.22
C ALA E 94 -5.86 -27.92 -25.46
N ASN E 95 -6.20 -29.15 -25.10
CA ASN E 95 -5.22 -30.05 -24.49
C ASN E 95 -4.13 -30.37 -25.51
N GLU E 96 -2.93 -30.64 -24.99
CA GLU E 96 -1.76 -30.85 -25.83
C GLU E 96 -1.61 -32.33 -26.14
N VAL E 97 -1.48 -32.65 -27.43
CA VAL E 97 -1.32 -34.04 -27.86
C VAL E 97 0.13 -34.47 -27.64
N ASP E 98 0.30 -35.70 -27.15
CA ASP E 98 1.60 -36.26 -26.86
C ASP E 98 2.13 -37.02 -28.08
N VAL E 99 3.38 -37.46 -27.98
CA VAL E 99 4.09 -38.12 -29.08
C VAL E 99 4.18 -39.60 -28.80
N GLU E 100 4.02 -40.41 -29.86
CA GLU E 100 4.05 -41.86 -29.72
C GLU E 100 5.44 -42.43 -30.01
N VAL E 101 6.46 -41.59 -30.08
CA VAL E 101 7.83 -42.02 -30.35
C VAL E 101 8.25 -43.08 -29.34
N SER E 102 9.00 -44.08 -29.82
CA SER E 102 9.41 -45.18 -28.95
C SER E 102 10.35 -44.70 -27.85
N TRP E 103 11.03 -43.58 -28.09
CA TRP E 103 11.96 -43.03 -27.10
C TRP E 103 11.24 -42.70 -25.79
N LEU E 104 10.11 -42.02 -25.88
CA LEU E 104 9.30 -41.72 -24.70
C LEU E 104 8.40 -42.90 -24.38
N THR E 105 7.97 -42.97 -23.11
CA THR E 105 7.05 -44.02 -22.70
C THR E 105 5.88 -43.42 -21.94
N PRO E 106 5.01 -42.67 -22.60
CA PRO E 106 3.88 -42.05 -21.89
C PRO E 106 2.92 -43.12 -21.38
N GLN E 107 2.86 -43.25 -20.05
CA GLN E 107 1.99 -44.22 -19.39
C GLN E 107 0.69 -43.51 -19.04
N SER E 108 -0.33 -43.71 -19.86
CA SER E 108 -1.64 -43.11 -19.65
C SER E 108 -2.64 -43.82 -20.54
N GLU E 109 -3.91 -43.46 -20.35
CA GLU E 109 -4.99 -43.98 -21.19
C GLU E 109 -5.10 -43.22 -22.52
N TYR E 110 -4.20 -42.26 -22.77
CA TYR E 110 -4.24 -41.47 -23.98
C TYR E 110 -3.79 -42.31 -25.17
N ARG E 111 -3.88 -41.73 -26.36
CA ARG E 111 -3.48 -42.35 -27.62
C ARG E 111 -2.52 -41.41 -28.33
N PRO E 112 -1.23 -41.45 -27.98
CA PRO E 112 -0.26 -40.55 -28.61
C PRO E 112 -0.21 -40.75 -30.12
N THR E 113 -0.08 -39.64 -30.85
CA THR E 113 -0.09 -39.67 -32.30
C THR E 113 1.31 -39.93 -32.84
N GLU E 114 1.36 -40.36 -34.11
CA GLU E 114 2.63 -40.64 -34.77
C GLU E 114 2.79 -39.86 -36.06
N TYR E 115 2.11 -38.72 -36.20
CA TYR E 115 2.22 -37.92 -37.42
C TYR E 115 3.33 -36.88 -37.33
N LEU E 116 3.65 -36.43 -36.12
CA LEU E 116 4.75 -35.49 -35.94
C LEU E 116 6.08 -36.13 -36.34
N GLN E 117 6.24 -37.43 -36.09
CA GLN E 117 7.48 -38.10 -36.47
C GLN E 117 7.69 -38.05 -37.98
N ARG E 118 6.65 -38.40 -38.75
CA ARG E 118 6.75 -38.35 -40.21
C ARG E 118 6.91 -36.92 -40.70
N TRP E 119 6.18 -35.99 -40.11
CA TRP E 119 6.28 -34.60 -40.51
C TRP E 119 7.69 -34.05 -40.32
N VAL E 120 8.32 -34.34 -39.18
CA VAL E 120 9.72 -33.98 -38.96
C VAL E 120 10.65 -34.72 -39.91
N GLY E 121 10.42 -36.01 -40.16
CA GLY E 121 11.26 -36.76 -41.06
C GLY E 121 11.25 -36.28 -42.49
N PHE E 122 10.17 -35.66 -42.95
CA PHE E 122 10.16 -35.18 -44.32
C PHE E 122 10.38 -33.67 -44.39
N TRP E 123 10.18 -32.97 -43.28
CA TRP E 123 10.11 -31.51 -43.33
C TRP E 123 11.44 -30.86 -43.69
N PHE E 124 12.54 -31.35 -43.13
CA PHE E 124 13.81 -30.65 -43.25
C PHE E 124 14.43 -30.70 -44.64
N ASP E 125 14.15 -31.75 -45.42
CA ASP E 125 14.62 -31.81 -46.79
C ASP E 125 13.76 -30.90 -47.66
N GLU E 126 14.40 -29.95 -48.35
CA GLU E 126 13.66 -28.97 -49.13
C GLU E 126 12.91 -29.62 -50.28
N GLU E 127 13.46 -30.70 -50.84
CA GLU E 127 12.81 -31.37 -51.96
C GLU E 127 11.46 -31.95 -51.54
N LYS E 128 11.42 -32.69 -50.43
CA LYS E 128 10.16 -33.27 -49.98
C LYS E 128 9.20 -32.19 -49.48
N ARG E 129 9.72 -31.12 -48.89
CA ARG E 129 8.87 -30.00 -48.50
C ARG E 129 8.18 -29.41 -49.73
N LEU E 130 8.94 -29.22 -50.81
CA LEU E 130 8.36 -28.69 -52.04
C LEU E 130 7.36 -29.66 -52.64
N VAL E 131 7.65 -30.96 -52.58
CA VAL E 131 6.70 -31.96 -53.08
C VAL E 131 5.39 -31.87 -52.32
N ALA E 132 5.47 -31.79 -50.99
CA ALA E 132 4.28 -31.67 -50.17
C ALA E 132 3.53 -30.38 -50.47
N ALA E 133 4.25 -29.28 -50.67
CA ALA E 133 3.61 -28.01 -51.00
C ALA E 133 2.87 -28.08 -52.32
N ARG E 134 3.47 -28.73 -53.32
CA ARG E 134 2.79 -28.89 -54.60
C ARG E 134 1.57 -29.78 -54.46
N HIS E 135 1.65 -30.80 -53.59
CA HIS E 135 0.46 -31.61 -53.32
C HIS E 135 -0.65 -30.76 -52.68
N PHE E 136 -0.26 -29.87 -51.75
CA PHE E 136 -1.22 -28.95 -51.16
C PHE E 136 -1.89 -28.10 -52.22
N GLN E 137 -1.10 -27.54 -53.14
CA GLN E 137 -1.66 -26.69 -54.18
C GLN E 137 -2.58 -27.47 -55.11
N ARG E 138 -2.20 -28.71 -55.43
CA ARG E 138 -3.06 -29.56 -56.25
C ARG E 138 -4.40 -29.80 -55.57
N ALA E 139 -4.38 -30.09 -54.26
CA ALA E 139 -5.62 -30.29 -53.53
C ALA E 139 -6.44 -29.00 -53.51
N ARG E 140 -5.78 -27.85 -53.33
CA ARG E 140 -6.49 -26.57 -53.35
C ARG E 140 -7.22 -26.36 -54.67
N LEU E 141 -6.51 -26.54 -55.79
CA LEU E 141 -7.11 -26.32 -57.09
C LEU E 141 -8.24 -27.31 -57.36
N GLU E 142 -8.06 -28.56 -56.92
CA GLU E 142 -9.10 -29.56 -57.12
C GLU E 142 -10.35 -29.14 -56.35
N ARG E 143 -10.16 -28.60 -55.14
CA ARG E 143 -11.31 -28.11 -54.38
C ARG E 143 -11.99 -26.93 -55.08
N ILE E 144 -11.19 -26.03 -55.65
CA ILE E 144 -11.78 -24.90 -56.38
C ILE E 144 -12.66 -25.43 -57.50
N ARG E 145 -12.12 -26.35 -58.29
CA ARG E 145 -12.87 -26.83 -59.45
C ARG E 145 -14.10 -27.62 -59.03
N HIS E 146 -14.00 -28.34 -57.91
CA HIS E 146 -15.16 -29.12 -57.44
C HIS E 146 -16.26 -28.20 -56.92
N SER E 147 -15.90 -27.24 -56.07
CA SER E 147 -16.91 -26.40 -55.46
C SER E 147 -17.53 -25.44 -56.46
N TRP E 148 -16.72 -24.90 -57.38
CA TRP E 148 -17.23 -23.87 -58.27
C TRP E 148 -18.00 -24.45 -59.45
N LEU E 149 -17.64 -25.65 -59.91
CA LEU E 149 -18.25 -26.20 -61.11
C LEU E 149 -19.03 -27.47 -60.83
N GLU E 150 -18.40 -28.45 -60.18
CA GLU E 150 -19.01 -29.75 -59.96
C GLU E 150 -20.25 -29.65 -59.08
N ASP E 151 -20.26 -28.69 -58.16
CA ASP E 151 -21.41 -28.46 -57.29
C ASP E 151 -22.04 -27.13 -57.65
N ARG E 152 -23.32 -27.17 -58.04
CA ARG E 152 -24.05 -25.98 -58.45
C ARG E 152 -24.92 -25.41 -57.33
N VAL E 153 -24.81 -25.95 -56.11
CA VAL E 153 -25.61 -25.47 -54.99
C VAL E 153 -25.30 -24.00 -54.74
N LEU E 154 -24.01 -23.65 -54.72
CA LEU E 154 -23.62 -22.26 -54.59
C LEU E 154 -24.10 -21.45 -55.78
N ARG E 155 -23.92 -21.99 -56.98
CA ARG E 155 -24.38 -21.30 -58.19
C ARG E 155 -25.89 -21.13 -58.19
N ASP E 156 -26.63 -22.18 -57.82
CA ASP E 156 -28.08 -22.11 -57.76
C ASP E 156 -28.52 -21.11 -56.69
N ALA E 157 -27.70 -20.93 -55.66
CA ALA E 157 -28.05 -19.98 -54.60
C ALA E 157 -27.94 -18.55 -55.09
N GLY E 158 -27.36 -18.34 -56.27
CA GLY E 158 -27.21 -17.01 -56.81
C GLY E 158 -25.78 -16.66 -57.17
N PHE E 159 -24.95 -17.67 -57.41
CA PHE E 159 -23.53 -17.48 -57.68
C PHE E 159 -23.19 -18.03 -59.06
N ALA E 160 -24.01 -17.69 -60.05
CA ALA E 160 -23.73 -18.11 -61.42
C ALA E 160 -22.36 -17.59 -61.86
N VAL E 161 -21.56 -18.48 -62.44
CA VAL E 161 -20.17 -18.20 -62.76
C VAL E 161 -19.97 -18.31 -64.27
N ASP E 162 -18.75 -17.99 -64.71
CA ASP E 162 -18.41 -17.99 -66.12
C ASP E 162 -17.93 -19.36 -66.57
N ALA E 163 -18.23 -20.39 -65.79
CA ALA E 163 -17.85 -21.79 -66.03
C ALA E 163 -16.53 -21.94 -66.77
N THR E 164 -16.55 -21.71 -68.10
CA THR E 164 -15.38 -21.93 -68.94
C THR E 164 -14.18 -21.10 -68.49
N ALA E 165 -14.42 -19.85 -68.09
CA ALA E 165 -13.32 -19.01 -67.64
C ALA E 165 -12.66 -19.58 -66.39
N LEU E 166 -13.47 -20.04 -65.44
CA LEU E 166 -12.92 -20.63 -64.22
C LEU E 166 -12.13 -21.89 -64.54
N ALA E 167 -12.64 -22.72 -65.46
CA ALA E 167 -11.92 -23.91 -65.86
C ALA E 167 -10.59 -23.56 -66.51
N VAL E 168 -10.58 -22.53 -67.37
CA VAL E 168 -9.34 -22.11 -68.02
C VAL E 168 -8.33 -21.62 -66.99
N ALA E 169 -8.80 -20.82 -66.03
CA ALA E 169 -7.92 -20.31 -64.99
C ALA E 169 -7.36 -21.45 -64.14
N VAL E 170 -8.20 -22.43 -63.80
CA VAL E 170 -7.72 -23.56 -62.99
C VAL E 170 -6.71 -24.38 -63.77
N GLU E 171 -6.95 -24.58 -65.07
CA GLU E 171 -6.00 -25.30 -65.90
C GLU E 171 -4.67 -24.56 -66.00
N ASP E 172 -4.71 -23.24 -66.15
CA ASP E 172 -3.47 -22.47 -66.17
C ASP E 172 -2.73 -22.57 -64.85
N SER E 173 -3.46 -22.49 -63.74
CA SER E 173 -2.82 -22.59 -62.43
C SER E 173 -2.19 -23.96 -62.24
N ALA E 174 -2.87 -25.02 -62.66
CA ALA E 174 -2.30 -26.36 -62.55
C ALA E 174 -1.07 -26.53 -63.43
N ARG E 175 -1.13 -26.01 -64.66
CA ARG E 175 0.00 -26.08 -65.57
C ARG E 175 1.17 -25.23 -65.11
N ALA E 176 0.93 -24.24 -64.25
CA ALA E 176 2.01 -23.49 -63.63
C ALA E 176 2.56 -24.14 -62.37
N LEU E 177 1.70 -24.82 -61.60
CA LEU E 177 2.13 -25.42 -60.35
C LEU E 177 2.83 -26.76 -60.58
N GLU E 178 2.53 -27.43 -61.70
CA GLU E 178 3.11 -28.75 -61.94
C GLU E 178 4.62 -28.70 -62.15
N GLN E 179 5.19 -27.53 -62.39
CA GLN E 179 6.65 -27.40 -62.48
C GLN E 179 7.07 -26.05 -61.92
N ALA E 180 8.28 -25.60 -62.29
CA ALA E 180 8.93 -24.39 -61.79
C ALA E 180 9.24 -24.52 -60.30
N PRO E 181 10.20 -25.36 -59.94
CA PRO E 181 10.57 -25.51 -58.52
C PRO E 181 11.07 -24.20 -57.93
N ASN E 182 11.13 -24.17 -56.59
CA ASN E 182 11.50 -23.06 -55.70
C ASN E 182 10.23 -22.51 -55.07
N HIS E 183 10.26 -22.34 -53.74
CA HIS E 183 9.05 -22.01 -53.00
C HIS E 183 8.47 -20.67 -53.42
N GLU E 184 9.33 -19.70 -53.76
CA GLU E 184 8.84 -18.39 -54.18
C GLU E 184 8.04 -18.49 -55.47
N HIS E 185 8.44 -19.39 -56.37
CA HIS E 185 7.67 -19.60 -57.60
C HIS E 185 6.27 -20.13 -57.29
N LEU E 186 6.17 -21.08 -56.36
CA LEU E 186 4.86 -21.60 -55.97
C LEU E 186 4.02 -20.52 -55.31
N LEU E 187 4.64 -19.69 -54.47
CA LEU E 187 3.90 -18.60 -53.84
C LEU E 187 3.40 -17.60 -54.88
N THR E 188 4.23 -17.27 -55.87
CA THR E 188 3.80 -16.36 -56.92
C THR E 188 2.66 -16.97 -57.73
N GLU E 189 2.75 -18.27 -58.03
CA GLU E 189 1.67 -18.93 -58.76
C GLU E 189 0.37 -18.90 -57.98
N GLU E 190 0.44 -19.17 -56.67
CA GLU E 190 -0.76 -19.10 -55.83
C GLU E 190 -1.33 -17.70 -55.80
N ALA E 191 -0.46 -16.68 -55.70
CA ALA E 191 -0.93 -15.31 -55.70
C ALA E 191 -1.62 -14.95 -57.01
N ARG E 192 -1.04 -15.37 -58.14
CA ARG E 192 -1.65 -15.11 -59.44
C ARG E 192 -3.00 -15.80 -59.55
N LEU E 193 -3.08 -17.06 -59.09
CA LEU E 193 -4.34 -17.79 -59.13
C LEU E 193 -5.40 -17.09 -58.31
N SER E 194 -5.04 -16.64 -57.11
CA SER E 194 -6.00 -15.93 -56.26
C SER E 194 -6.42 -14.60 -56.89
N LYS E 195 -5.47 -13.88 -57.50
CA LYS E 195 -5.78 -12.60 -58.11
C LYS E 195 -6.76 -12.77 -59.27
N ARG E 196 -6.54 -13.78 -60.12
CA ARG E 196 -7.47 -14.04 -61.20
C ARG E 196 -8.82 -14.54 -60.66
N LEU E 197 -8.78 -15.36 -59.61
CA LEU E 197 -10.00 -15.96 -59.08
C LEU E 197 -10.90 -14.91 -58.45
N PHE E 198 -10.30 -13.90 -57.79
CA PHE E 198 -11.10 -12.84 -57.19
C PHE E 198 -11.85 -12.05 -58.25
N LYS E 199 -11.17 -11.70 -59.35
CA LYS E 199 -11.84 -10.99 -60.44
C LYS E 199 -12.91 -11.85 -61.09
N LEU E 200 -12.62 -13.15 -61.26
CA LEU E 200 -13.63 -14.05 -61.83
C LEU E 200 -14.87 -14.11 -60.96
N ALA E 201 -14.68 -14.19 -59.63
CA ALA E 201 -15.81 -14.21 -58.72
C ALA E 201 -16.58 -12.90 -58.75
N ALA E 202 -15.86 -11.77 -58.83
CA ALA E 202 -16.54 -10.48 -58.91
C ALA E 202 -17.39 -10.39 -60.18
N GLN E 203 -16.85 -10.87 -61.30
CA GLN E 203 -17.62 -10.90 -62.54
C GLN E 203 -18.83 -11.82 -62.41
N ALA E 204 -18.64 -12.98 -61.78
CA ALA E 204 -19.71 -13.96 -61.61
C ALA E 204 -20.86 -13.40 -60.80
N THR E 205 -20.55 -12.71 -59.70
CA THR E 205 -21.57 -12.11 -58.85
C THR E 205 -21.96 -10.71 -59.29
N ARG E 206 -21.30 -10.16 -60.30
CA ARG E 206 -21.57 -8.83 -60.84
C ARG E 206 -21.42 -7.73 -59.80
N TYR E 207 -20.59 -7.94 -58.78
CA TYR E 207 -20.38 -6.94 -57.74
C TYR E 207 -19.64 -5.74 -58.29
N GLY E 208 -19.02 -5.89 -59.45
CA GLY E 208 -18.28 -4.80 -60.07
C GLY E 208 -16.79 -4.88 -59.77
N GLU E 209 -16.13 -3.74 -59.96
CA GLU E 209 -14.70 -3.65 -59.67
C GLU E 209 -14.45 -3.79 -58.18
N PHE E 210 -13.43 -4.57 -57.83
CA PHE E 210 -13.11 -4.82 -56.43
C PHE E 210 -11.64 -5.21 -56.32
N VAL E 211 -10.93 -4.57 -55.40
CA VAL E 211 -9.53 -4.88 -55.10
C VAL E 211 -9.43 -5.18 -53.62
N ARG E 212 -8.89 -6.35 -53.29
CA ARG E 212 -8.76 -6.75 -51.89
C ARG E 212 -7.82 -5.81 -51.14
N ALA E 213 -8.25 -5.38 -49.96
CA ALA E 213 -7.47 -4.47 -49.12
C ALA E 213 -6.66 -5.30 -48.14
N LYS E 214 -5.35 -5.28 -48.30
CA LYS E 214 -4.47 -6.00 -47.40
C LYS E 214 -4.55 -5.43 -45.99
N ARG E 215 -4.19 -6.26 -45.01
CA ARG E 215 -4.19 -5.95 -43.58
C ARG E 215 -5.60 -5.71 -43.04
N GLY E 216 -6.64 -6.07 -43.78
CA GLY E 216 -8.00 -5.93 -43.29
C GLY E 216 -8.43 -4.50 -43.03
N SER E 217 -8.05 -3.59 -43.93
CA SER E 217 -8.43 -2.19 -43.81
C SER E 217 -9.60 -1.81 -44.71
N GLY E 218 -10.13 -2.75 -45.49
CA GLY E 218 -11.22 -2.41 -46.39
C GLY E 218 -12.51 -2.16 -45.65
N GLY E 219 -13.35 -1.32 -46.24
CA GLY E 219 -14.65 -1.01 -45.68
C GLY E 219 -15.79 -1.60 -46.50
N ASP E 220 -15.46 -2.10 -47.67
CA ASP E 220 -16.47 -2.73 -48.52
C ASP E 220 -16.96 -4.02 -47.87
N PRO E 221 -18.21 -4.42 -48.09
CA PRO E 221 -18.70 -5.69 -47.51
C PRO E 221 -17.86 -6.89 -47.92
N ALA E 222 -17.38 -6.91 -49.16
CA ALA E 222 -16.61 -8.04 -49.65
C ALA E 222 -15.34 -8.23 -48.83
N ASN E 223 -14.62 -7.14 -48.55
CA ASN E 223 -13.35 -7.26 -47.85
C ASN E 223 -13.55 -7.73 -46.42
N ARG E 224 -14.49 -7.14 -45.69
CA ARG E 224 -14.73 -7.53 -44.30
C ARG E 224 -15.24 -8.96 -44.22
N PHE E 225 -16.13 -9.35 -45.14
CA PHE E 225 -16.61 -10.72 -45.17
C PHE E 225 -15.47 -11.69 -45.46
N LEU E 226 -14.59 -11.34 -46.39
CA LEU E 226 -13.43 -12.17 -46.69
C LEU E 226 -12.50 -12.31 -45.49
N ASP E 227 -12.30 -11.23 -44.74
CA ASP E 227 -11.48 -11.30 -43.53
C ASP E 227 -12.11 -12.19 -42.46
N HIS E 228 -13.44 -12.10 -42.30
CA HIS E 228 -14.13 -12.95 -41.34
C HIS E 228 -13.98 -14.42 -41.75
N GLY E 229 -14.10 -14.69 -43.04
CA GLY E 229 -13.89 -16.04 -43.54
C GLY E 229 -12.47 -16.53 -43.35
N ASN E 230 -11.50 -15.62 -43.52
CA ASN E 230 -10.12 -15.95 -43.21
C ASN E 230 -9.96 -16.36 -41.75
N TYR E 231 -10.57 -15.60 -40.84
CA TYR E 231 -10.48 -15.92 -39.42
C TYR E 231 -11.11 -17.28 -39.12
N LEU E 232 -12.28 -17.56 -39.70
CA LEU E 232 -12.94 -18.84 -39.47
C LEU E 232 -12.11 -19.99 -40.02
N ALA E 233 -11.55 -19.83 -41.22
CA ALA E 233 -10.74 -20.89 -41.82
C ALA E 233 -9.47 -21.13 -41.02
N TYR E 234 -8.87 -20.06 -40.49
CA TYR E 234 -7.69 -20.22 -39.65
C TYR E 234 -8.03 -20.98 -38.38
N GLY E 235 -9.17 -20.67 -37.76
CA GLY E 235 -9.59 -21.43 -36.60
C GLY E 235 -9.80 -22.91 -36.90
N LEU E 236 -10.44 -23.20 -38.03
CA LEU E 236 -10.65 -24.59 -38.42
C LEU E 236 -9.32 -25.30 -38.66
N ALA E 237 -8.37 -24.63 -39.31
CA ALA E 237 -7.06 -25.24 -39.55
C ALA E 237 -6.33 -25.50 -38.25
N ALA E 238 -6.44 -24.57 -37.30
CA ALA E 238 -5.84 -24.79 -35.98
C ALA E 238 -6.46 -26.01 -35.31
N THR E 239 -7.78 -26.17 -35.43
CA THR E 239 -8.43 -27.35 -34.87
C THR E 239 -7.91 -28.63 -35.53
N ALA E 240 -7.76 -28.61 -36.86
CA ALA E 240 -7.27 -29.79 -37.57
C ALA E 240 -5.86 -30.16 -37.13
N THR E 241 -4.97 -29.17 -37.08
CA THR E 241 -3.59 -29.44 -36.68
C THR E 241 -3.52 -29.93 -35.23
N TRP E 242 -4.34 -29.35 -34.34
CA TRP E 242 -4.38 -29.84 -32.98
C TRP E 242 -4.85 -31.29 -32.92
N VAL E 243 -5.86 -31.63 -33.72
CA VAL E 243 -6.36 -33.00 -33.74
C VAL E 243 -5.26 -33.95 -34.19
N LEU E 244 -4.54 -33.59 -35.26
CA LEU E 244 -3.46 -34.47 -35.72
C LEU E 244 -2.26 -34.43 -34.78
N GLY E 245 -1.95 -33.27 -34.21
CA GLY E 245 -0.82 -33.13 -33.32
C GLY E 245 0.38 -32.42 -33.91
N ILE E 246 0.32 -31.99 -35.16
CA ILE E 246 1.44 -31.28 -35.77
C ILE E 246 1.49 -29.87 -35.21
N PRO E 247 2.66 -29.35 -34.85
CA PRO E 247 2.76 -27.96 -34.41
C PRO E 247 2.58 -27.00 -35.57
N HIS E 248 2.24 -25.75 -35.22
CA HIS E 248 1.99 -24.74 -36.24
C HIS E 248 3.25 -24.24 -36.92
N GLY E 249 4.41 -24.41 -36.28
CA GLY E 249 5.64 -23.87 -36.84
C GLY E 249 6.08 -24.56 -38.12
N LEU E 250 5.89 -25.87 -38.19
CA LEU E 250 6.41 -26.67 -39.31
C LEU E 250 5.53 -26.46 -40.54
N ALA E 251 5.70 -25.30 -41.17
CA ALA E 251 4.95 -24.97 -42.37
C ALA E 251 5.48 -25.75 -43.57
N VAL E 252 4.67 -25.78 -44.63
CA VAL E 252 5.03 -26.43 -45.88
C VAL E 252 5.08 -25.45 -47.04
N LEU E 253 4.16 -24.50 -47.10
CA LEU E 253 4.13 -23.46 -48.12
C LEU E 253 4.83 -22.19 -47.68
N HIS E 254 4.44 -21.63 -46.54
CA HIS E 254 4.94 -20.33 -46.13
C HIS E 254 6.41 -20.43 -45.74
N GLY E 255 7.02 -19.27 -45.53
CA GLY E 255 8.41 -19.24 -45.11
C GLY E 255 8.59 -19.80 -43.72
N LYS E 256 9.81 -20.29 -43.45
CA LYS E 256 10.09 -20.89 -42.15
C LYS E 256 10.01 -19.87 -41.02
N THR E 257 10.05 -18.58 -41.36
CA THR E 257 9.98 -17.52 -40.36
C THR E 257 8.58 -16.96 -40.16
N ARG E 258 7.57 -17.49 -40.86
CA ARG E 258 6.22 -16.99 -40.72
C ARG E 258 5.53 -17.64 -39.53
N ARG E 259 4.96 -16.82 -38.65
CA ARG E 259 4.29 -17.33 -37.46
C ARG E 259 3.02 -18.07 -37.83
N GLY E 260 2.89 -19.29 -37.34
CA GLY E 260 1.72 -20.11 -37.64
C GLY E 260 1.58 -20.41 -39.11
N GLY E 261 2.68 -20.81 -39.75
CA GLY E 261 2.63 -21.07 -41.18
C GLY E 261 1.75 -22.25 -41.55
N LEU E 262 1.84 -23.33 -40.79
CA LEU E 262 1.07 -24.53 -41.12
C LEU E 262 -0.43 -24.27 -41.05
N VAL E 263 -0.86 -23.44 -40.10
CA VAL E 263 -2.27 -23.10 -40.00
C VAL E 263 -2.74 -22.40 -41.28
N PHE E 264 -1.93 -21.45 -41.77
CA PHE E 264 -2.30 -20.74 -43.00
C PHE E 264 -2.33 -21.69 -44.18
N ASP E 265 -1.32 -22.57 -44.29
CA ASP E 265 -1.27 -23.51 -45.41
C ASP E 265 -2.48 -24.45 -45.40
N VAL E 266 -2.84 -24.95 -44.22
CA VAL E 266 -3.98 -25.86 -44.13
C VAL E 266 -5.28 -25.12 -44.42
N ALA E 267 -5.42 -23.89 -43.92
CA ALA E 267 -6.65 -23.14 -44.14
C ALA E 267 -6.81 -22.72 -45.60
N ASP E 268 -5.70 -22.51 -46.30
CA ASP E 268 -5.79 -22.11 -47.70
C ASP E 268 -6.48 -23.14 -48.58
N LEU E 269 -6.53 -24.39 -48.14
CA LEU E 269 -7.23 -25.42 -48.92
C LEU E 269 -8.71 -25.10 -49.05
N ILE E 270 -9.34 -24.68 -47.96
CA ILE E 270 -10.76 -24.36 -47.96
C ILE E 270 -11.03 -22.87 -48.02
N LYS E 271 -9.98 -22.04 -48.05
CA LYS E 271 -10.17 -20.60 -48.08
C LYS E 271 -10.87 -20.14 -49.35
N ASP E 272 -10.21 -20.31 -50.49
CA ASP E 272 -10.76 -19.77 -51.74
C ASP E 272 -11.94 -20.58 -52.26
N SER E 273 -12.03 -21.86 -51.89
CA SER E 273 -13.09 -22.70 -52.43
C SER E 273 -14.45 -22.33 -51.86
N LEU E 274 -14.53 -22.08 -50.56
CA LEU E 274 -15.81 -21.86 -49.88
C LEU E 274 -16.01 -20.43 -49.38
N ILE E 275 -14.97 -19.80 -48.85
CA ILE E 275 -15.13 -18.51 -48.19
C ILE E 275 -15.46 -17.41 -49.20
N LEU E 276 -14.74 -17.39 -50.33
CA LEU E 276 -14.95 -16.34 -51.31
C LEU E 276 -16.36 -16.33 -51.90
N PRO E 277 -16.91 -17.45 -52.40
CA PRO E 277 -18.28 -17.38 -52.93
C PRO E 277 -19.31 -16.98 -51.89
N GLN E 278 -19.20 -17.52 -50.67
CA GLN E 278 -20.16 -17.17 -49.63
C GLN E 278 -20.06 -15.69 -49.26
N ALA E 279 -18.83 -15.17 -49.19
CA ALA E 279 -18.65 -13.75 -48.90
C ALA E 279 -19.29 -12.88 -49.97
N PHE E 280 -19.07 -13.23 -51.24
CA PHE E 280 -19.65 -12.41 -52.32
C PHE E 280 -21.17 -12.51 -52.33
N LEU E 281 -21.72 -13.70 -52.08
CA LEU E 281 -23.18 -13.84 -52.04
C LEU E 281 -23.78 -13.07 -50.87
N SER E 282 -23.13 -13.10 -49.71
CA SER E 282 -23.62 -12.34 -48.57
C SER E 282 -23.52 -10.84 -48.81
N ALA E 283 -22.47 -10.40 -49.51
CA ALA E 283 -22.38 -9.00 -49.89
C ALA E 283 -23.51 -8.62 -50.85
N MET E 284 -23.81 -9.49 -51.81
CA MET E 284 -24.94 -9.24 -52.70
C MET E 284 -26.24 -9.12 -51.94
N ARG E 285 -26.52 -10.08 -51.06
CA ARG E 285 -27.76 -10.07 -50.28
C ARG E 285 -27.78 -8.96 -49.24
N GLY E 286 -26.63 -8.37 -48.92
CA GLY E 286 -26.58 -7.34 -47.90
C GLY E 286 -26.90 -7.87 -46.51
N ASP E 287 -26.51 -9.10 -46.22
CA ASP E 287 -26.80 -9.69 -44.92
C ASP E 287 -25.84 -9.15 -43.86
N GLU E 288 -26.23 -9.32 -42.60
CA GLU E 288 -25.40 -8.89 -41.49
C GLU E 288 -24.19 -9.80 -41.33
N GLU E 289 -23.24 -9.37 -40.51
CA GLU E 289 -22.04 -10.17 -40.27
C GLU E 289 -22.38 -11.50 -39.62
N GLN E 290 -23.31 -11.50 -38.67
CA GLN E 290 -23.69 -12.74 -37.98
C GLN E 290 -24.34 -13.72 -38.97
N ASP E 291 -25.22 -13.22 -39.84
CA ASP E 291 -25.85 -14.09 -40.83
C ASP E 291 -24.81 -14.67 -41.80
N PHE E 292 -23.87 -13.84 -42.23
CA PHE E 292 -22.81 -14.32 -43.12
C PHE E 292 -21.96 -15.38 -42.44
N ARG E 293 -21.62 -15.17 -41.16
CA ARG E 293 -20.83 -16.15 -40.43
C ARG E 293 -21.60 -17.46 -40.28
N GLN E 294 -22.90 -17.38 -40.00
CA GLN E 294 -23.70 -18.58 -39.90
C GLN E 294 -23.77 -19.33 -41.22
N ALA E 295 -23.90 -18.59 -42.33
CA ALA E 295 -23.91 -19.21 -43.65
C ALA E 295 -22.57 -19.89 -43.94
N CYS E 296 -21.47 -19.23 -43.59
CA CYS E 296 -20.15 -19.82 -43.77
C CYS E 296 -19.98 -21.10 -42.97
N LEU E 297 -20.44 -21.07 -41.71
CA LEU E 297 -20.35 -22.27 -40.87
C LEU E 297 -21.19 -23.40 -41.45
N ASP E 298 -22.39 -23.08 -41.93
CA ASP E 298 -23.24 -24.10 -42.53
C ASP E 298 -22.58 -24.70 -43.77
N ASN E 299 -21.99 -23.86 -44.62
CA ASN E 299 -21.32 -24.37 -45.80
C ASN E 299 -20.11 -25.23 -45.45
N LEU E 300 -19.33 -24.81 -44.46
CA LEU E 300 -18.17 -25.60 -44.03
C LEU E 300 -18.60 -26.94 -43.47
N SER E 301 -19.73 -26.97 -42.75
CA SER E 301 -20.25 -28.25 -42.27
C SER E 301 -20.67 -29.13 -43.43
N ARG E 302 -21.23 -28.54 -44.49
CA ARG E 302 -21.74 -29.33 -45.61
C ARG E 302 -20.63 -30.08 -46.33
N ALA E 303 -19.48 -29.45 -46.52
CA ALA E 303 -18.41 -30.03 -47.34
C ALA E 303 -17.43 -30.86 -46.53
N GLN E 304 -17.70 -31.07 -45.24
CA GLN E 304 -16.76 -31.74 -44.35
C GLN E 304 -15.37 -31.14 -44.47
N ALA E 305 -15.27 -29.82 -44.28
CA ALA E 305 -14.01 -29.12 -44.45
C ALA E 305 -12.96 -29.64 -43.47
N LEU E 306 -13.32 -29.75 -42.18
CA LEU E 306 -12.36 -30.21 -41.19
C LEU E 306 -11.87 -31.61 -41.51
N ASP E 307 -12.78 -32.50 -41.89
CA ASP E 307 -12.39 -33.85 -42.27
C ASP E 307 -11.49 -33.82 -43.50
N PHE E 308 -11.78 -32.94 -44.45
CA PHE E 308 -10.96 -32.86 -45.65
C PHE E 308 -9.53 -32.40 -45.33
N MET E 309 -9.39 -31.39 -44.48
CA MET E 309 -8.04 -30.94 -44.11
C MET E 309 -7.30 -32.03 -43.34
N ILE E 310 -7.99 -32.73 -42.44
CA ILE E 310 -7.34 -33.83 -41.73
C ILE E 310 -6.87 -34.89 -42.70
N ASP E 311 -7.74 -35.28 -43.65
CA ASP E 311 -7.39 -36.31 -44.62
C ASP E 311 -6.24 -35.86 -45.51
N THR E 312 -6.24 -34.59 -45.91
CA THR E 312 -5.17 -34.07 -46.77
C THR E 312 -3.84 -34.09 -46.04
N LEU E 313 -3.83 -33.67 -44.77
CA LEU E 313 -2.58 -33.71 -44.00
C LEU E 313 -2.10 -35.13 -43.83
N LYS E 314 -3.01 -36.06 -43.51
CA LYS E 314 -2.63 -37.46 -43.34
C LYS E 314 -2.06 -38.02 -44.64
N ASP E 315 -2.71 -37.73 -45.77
CA ASP E 315 -2.24 -38.22 -47.06
C ASP E 315 -0.88 -37.64 -47.42
N VAL E 316 -0.67 -36.35 -47.14
CA VAL E 316 0.59 -35.68 -47.44
C VAL E 316 1.70 -36.32 -46.62
N ALA E 317 1.43 -36.59 -45.35
CA ALA E 317 2.40 -37.26 -44.49
C ALA E 317 2.71 -38.67 -44.95
N GLN E 318 1.69 -39.44 -45.35
CA GLN E 318 1.91 -40.84 -45.69
C GLN E 318 2.54 -41.01 -47.06
N ARG E 319 2.23 -40.12 -47.99
CA ARG E 319 2.64 -40.27 -49.39
C ARG E 319 4.03 -39.68 -49.60
N SER E 320 4.73 -39.39 -48.50
CA SER E 320 6.11 -38.92 -48.60
C SER E 320 7.10 -39.81 -47.85
N THR E 321 6.69 -40.99 -47.40
CA THR E 321 7.57 -41.89 -46.67
C THR E 321 8.28 -42.86 -47.61
N LYS F 10 -5.68 7.52 23.43
CA LYS F 10 -4.34 7.04 23.73
C LYS F 10 -3.42 7.20 22.53
N THR F 11 -2.16 7.54 22.79
CA THR F 11 -1.18 7.74 21.74
C THR F 11 0.05 6.90 22.03
N ILE F 12 0.82 6.61 20.99
CA ILE F 12 2.04 5.81 21.09
C ILE F 12 3.01 6.46 22.05
N LEU F 13 3.89 5.66 22.64
CA LEU F 13 4.98 6.21 23.44
C LEU F 13 5.84 7.14 22.60
N HIS F 14 6.25 8.26 23.20
CA HIS F 14 6.94 9.30 22.44
C HIS F 14 8.22 8.81 21.80
N SER F 15 8.85 7.77 22.34
CA SER F 15 10.06 7.21 21.79
C SER F 15 9.80 6.16 20.73
N LYS F 16 8.54 5.81 20.50
CA LYS F 16 8.16 4.77 19.54
C LYS F 16 7.38 5.35 18.38
N ARG F 17 7.48 6.66 18.15
CA ARG F 17 6.76 7.35 17.11
C ARG F 17 7.65 7.53 15.89
N ALA F 18 7.07 7.34 14.71
CA ALA F 18 7.84 7.28 13.47
C ALA F 18 7.80 8.57 12.65
N ASN F 19 6.68 9.27 12.64
CA ASN F 19 6.51 10.38 11.72
C ASN F 19 7.20 11.64 12.22
N LEU F 20 7.49 12.55 11.28
CA LEU F 20 7.97 13.88 11.56
C LEU F 20 7.54 14.75 10.39
N TYR F 21 7.03 15.95 10.68
CA TYR F 21 6.37 16.77 9.68
C TYR F 21 7.08 18.10 9.52
N TYR F 22 7.44 18.41 8.28
CA TYR F 22 7.91 19.74 7.90
C TYR F 22 6.84 20.36 7.02
N LEU F 23 6.29 21.50 7.45
CA LEU F 23 5.17 22.11 6.78
C LEU F 23 5.54 23.49 6.26
N GLN F 24 4.92 23.87 5.15
CA GLN F 24 5.19 25.14 4.50
C GLN F 24 3.93 25.61 3.78
N HIS F 25 3.71 26.92 3.80
CA HIS F 25 2.64 27.56 3.04
C HIS F 25 1.28 26.95 3.36
N CYS F 26 1.06 26.64 4.63
CA CYS F 26 -0.17 25.98 5.06
C CYS F 26 -0.73 26.70 6.28
N ARG F 27 -1.93 26.30 6.68
CA ARG F 27 -2.60 26.84 7.86
C ARG F 27 -3.01 25.68 8.74
N VAL F 28 -2.36 25.55 9.89
CA VAL F 28 -2.61 24.43 10.81
C VAL F 28 -3.75 24.83 11.72
N LEU F 29 -4.80 24.01 11.75
CA LEU F 29 -6.02 24.33 12.49
C LEU F 29 -6.73 23.03 12.87
N VAL F 30 -7.77 23.18 13.68
CA VAL F 30 -8.61 22.06 14.09
C VAL F 30 -9.88 22.10 13.24
N ASN F 31 -10.15 21.03 12.52
CA ASN F 31 -11.33 20.91 11.68
C ASN F 31 -12.11 19.67 12.08
N GLY F 32 -13.23 19.86 12.78
CA GLY F 32 -14.01 18.73 13.26
C GLY F 32 -13.29 17.87 14.26
N GLY F 33 -12.57 18.48 15.20
CA GLY F 33 -11.85 17.74 16.21
C GLY F 33 -10.54 17.14 15.76
N ARG F 34 -10.14 17.37 14.52
CA ARG F 34 -8.91 16.81 13.96
C ARG F 34 -7.92 17.93 13.67
N VAL F 35 -6.66 17.68 13.99
CA VAL F 35 -5.60 18.63 13.67
C VAL F 35 -5.22 18.45 12.21
N GLU F 36 -5.45 19.49 11.41
CA GLU F 36 -5.22 19.43 9.97
C GLU F 36 -4.58 20.75 9.53
N TYR F 37 -3.89 20.70 8.40
CA TYR F 37 -3.35 21.90 7.78
C TYR F 37 -3.99 22.09 6.41
N VAL F 38 -4.18 23.34 6.03
CA VAL F 38 -4.93 23.71 4.83
C VAL F 38 -4.00 24.36 3.83
N THR F 39 -4.08 23.93 2.58
CA THR F 39 -3.31 24.51 1.49
C THR F 39 -4.28 25.05 0.45
N ASP F 40 -4.01 26.26 -0.04
CA ASP F 40 -4.88 26.92 -0.99
C ASP F 40 -4.47 26.53 -2.40
N GLU F 41 -5.38 25.88 -3.12
CA GLU F 41 -5.14 25.45 -4.49
C GLU F 41 -5.72 26.42 -5.52
N GLY F 42 -5.74 27.71 -5.20
CA GLY F 42 -6.29 28.71 -6.08
C GLY F 42 -7.80 28.85 -5.95
N ARG F 43 -8.53 27.88 -6.51
CA ARG F 43 -9.99 27.88 -6.43
C ARG F 43 -10.53 26.96 -5.35
N HIS F 44 -9.65 26.29 -4.59
CA HIS F 44 -10.10 25.36 -3.57
C HIS F 44 -9.10 25.37 -2.42
N SER F 45 -9.56 24.89 -1.27
CA SER F 45 -8.73 24.69 -0.09
C SER F 45 -8.75 23.21 0.27
N HIS F 46 -7.56 22.63 0.44
CA HIS F 46 -7.42 21.21 0.72
C HIS F 46 -7.00 21.04 2.18
N TYR F 47 -7.71 20.16 2.89
CA TYR F 47 -7.43 19.88 4.29
C TYR F 47 -6.72 18.53 4.39
N TRP F 48 -5.53 18.53 4.96
CA TRP F 48 -4.73 17.33 5.11
C TRP F 48 -4.57 17.03 6.60
N ASN F 49 -4.82 15.78 6.98
CA ASN F 49 -4.75 15.40 8.38
C ASN F 49 -3.32 15.16 8.82
N ILE F 50 -3.04 15.44 10.09
CA ILE F 50 -1.74 15.23 10.70
C ILE F 50 -1.88 14.13 11.75
N PRO F 51 -1.19 13.01 11.61
CA PRO F 51 -1.31 11.95 12.62
C PRO F 51 -0.60 12.29 13.91
N ILE F 52 -1.29 13.02 14.79
CA ILE F 52 -0.65 13.52 16.01
C ILE F 52 -0.24 12.36 16.93
N ALA F 53 -0.97 11.25 16.88
CA ALA F 53 -0.66 10.11 17.73
C ALA F 53 0.53 9.29 17.22
N ASN F 54 1.16 9.71 16.13
CA ASN F 54 2.31 9.02 15.57
C ASN F 54 3.40 9.98 15.13
N THR F 55 3.28 11.26 15.47
CA THR F 55 4.24 12.28 15.06
C THR F 55 5.04 12.74 16.28
N THR F 56 6.38 12.71 16.14
CA THR F 56 7.22 13.18 17.24
C THR F 56 7.18 14.69 17.37
N SER F 57 7.28 15.42 16.26
CA SER F 57 7.36 16.87 16.32
C SER F 57 6.91 17.46 14.99
N LEU F 58 6.58 18.75 15.03
CA LEU F 58 6.22 19.52 13.85
C LEU F 58 7.29 20.57 13.57
N LEU F 59 7.42 20.92 12.29
CA LEU F 59 8.30 22.00 11.87
C LEU F 59 7.51 22.87 10.89
N LEU F 60 7.32 24.13 11.27
CA LEU F 60 6.57 25.08 10.44
C LEU F 60 7.55 26.03 9.76
N GLY F 61 7.64 25.93 8.44
CA GLY F 61 8.59 26.74 7.70
C GLY F 61 8.04 28.09 7.31
N THR F 62 8.31 28.52 6.08
CA THR F 62 7.88 29.81 5.61
C THR F 62 6.41 29.80 5.24
N GLY F 63 5.69 30.85 5.63
CA GLY F 63 4.29 30.98 5.26
C GLY F 63 3.35 30.06 6.00
N THR F 64 3.73 29.58 7.17
CA THR F 64 2.86 28.76 8.00
C THR F 64 2.18 29.61 9.07
N SER F 65 1.12 29.06 9.66
CA SER F 65 0.46 29.70 10.78
C SER F 65 -0.30 28.64 11.55
N ILE F 66 -0.45 28.87 12.86
CA ILE F 66 -1.11 27.92 13.74
C ILE F 66 -2.09 28.68 14.62
N THR F 67 -3.10 27.96 15.10
CA THR F 67 -4.14 28.51 15.95
C THR F 67 -4.05 27.92 17.36
N GLN F 68 -4.80 28.52 18.27
CA GLN F 68 -4.72 28.08 19.67
C GLN F 68 -5.34 26.70 19.85
N ALA F 69 -6.42 26.40 19.14
CA ALA F 69 -7.04 25.08 19.28
C ALA F 69 -6.13 23.99 18.75
N ALA F 70 -5.54 24.20 17.57
CA ALA F 70 -4.63 23.21 17.02
C ALA F 70 -3.42 23.02 17.91
N MET F 71 -2.91 24.11 18.49
CA MET F 71 -1.75 24.00 19.36
C MET F 71 -2.13 23.31 20.67
N ARG F 72 -3.37 23.49 21.12
CA ARG F 72 -3.83 22.78 22.32
C ARG F 72 -3.91 21.28 22.08
N GLU F 73 -4.46 20.87 20.93
CA GLU F 73 -4.50 19.44 20.63
C GLU F 73 -3.11 18.87 20.33
N LEU F 74 -2.19 19.70 19.83
CA LEU F 74 -0.83 19.24 19.64
C LEU F 74 -0.12 19.04 20.97
N ALA F 75 -0.21 20.01 21.87
CA ALA F 75 0.35 19.85 23.21
C ALA F 75 -0.60 19.13 24.15
N ARG F 76 -1.14 18.00 23.69
CA ARG F 76 -1.91 17.10 24.54
C ARG F 76 -1.55 15.66 24.21
N ALA F 77 -0.96 15.43 23.05
CA ALA F 77 -0.30 14.16 22.76
C ALA F 77 1.21 14.28 22.82
N GLY F 78 1.76 15.37 23.37
CA GLY F 78 3.19 15.55 23.47
C GLY F 78 3.89 15.74 22.13
N VAL F 79 3.32 16.56 21.26
CA VAL F 79 3.89 16.85 19.95
C VAL F 79 4.52 18.23 20.04
N LEU F 80 5.84 18.29 19.87
CA LEU F 80 6.54 19.56 19.89
C LEU F 80 6.31 20.31 18.57
N VAL F 81 6.35 21.64 18.65
CA VAL F 81 6.14 22.50 17.50
C VAL F 81 7.31 23.48 17.41
N GLY F 82 7.89 23.60 16.23
CA GLY F 82 9.01 24.49 16.03
C GLY F 82 8.83 25.33 14.78
N PHE F 83 9.23 26.61 14.89
CA PHE F 83 9.12 27.57 13.78
C PHE F 83 10.50 27.73 13.15
N CYS F 84 10.78 26.87 12.16
CA CYS F 84 12.04 26.94 11.44
C CYS F 84 11.99 27.99 10.35
N GLY F 85 13.00 28.01 9.49
CA GLY F 85 13.01 28.91 8.36
C GLY F 85 13.13 28.13 7.06
N GLY F 86 12.58 28.71 6.00
CA GLY F 86 12.56 28.04 4.71
C GLY F 86 13.91 28.00 4.04
N GLY F 87 14.09 26.97 3.22
CA GLY F 87 15.31 26.81 2.45
C GLY F 87 16.56 26.62 3.29
N GLY F 88 16.45 25.85 4.37
CA GLY F 88 17.58 25.59 5.23
C GLY F 88 18.19 26.84 5.82
N THR F 89 17.33 27.80 6.17
CA THR F 89 17.76 29.08 6.72
C THR F 89 17.28 29.20 8.16
N PRO F 90 18.11 29.74 9.06
CA PRO F 90 17.66 29.94 10.44
C PRO F 90 16.45 30.85 10.51
N LEU F 91 15.77 30.81 11.66
CA LEU F 91 14.65 31.74 11.88
C LEU F 91 15.08 33.17 11.65
N PHE F 92 16.19 33.57 12.26
CA PHE F 92 16.84 34.85 11.97
C PHE F 92 18.31 34.69 12.36
N SER F 93 19.04 35.80 12.33
CA SER F 93 20.47 35.80 12.67
C SER F 93 20.73 36.99 13.60
N ALA F 94 20.84 36.72 14.90
CA ALA F 94 21.16 37.76 15.87
C ALA F 94 22.62 38.13 15.76
N ASN F 95 22.95 39.07 14.87
CA ASN F 95 24.31 39.48 14.60
C ASN F 95 25.18 38.29 14.18
N GLU F 96 26.07 37.86 15.08
CA GLU F 96 27.03 36.81 14.75
C GLU F 96 26.52 35.40 15.02
N VAL F 97 25.35 35.26 15.63
CA VAL F 97 24.79 33.95 15.97
C VAL F 97 23.43 33.81 15.30
N ASP F 98 23.04 32.57 15.01
CA ASP F 98 21.77 32.28 14.37
C ASP F 98 20.98 31.29 15.21
N VAL F 99 19.65 31.46 15.21
CA VAL F 99 18.73 30.51 15.83
C VAL F 99 17.84 29.95 14.74
N GLU F 100 17.74 28.62 14.69
CA GLU F 100 17.03 27.95 13.61
C GLU F 100 15.59 27.60 13.97
N VAL F 101 15.36 27.07 15.16
CA VAL F 101 14.04 26.60 15.56
C VAL F 101 13.64 27.29 16.85
N SER F 102 12.41 27.80 16.88
CA SER F 102 11.82 28.34 18.11
C SER F 102 10.88 27.28 18.65
N TRP F 103 11.33 26.56 19.67
CA TRP F 103 10.61 25.38 20.15
C TRP F 103 9.50 25.76 21.12
N LEU F 104 8.35 25.12 20.96
CA LEU F 104 7.20 25.28 21.84
C LEU F 104 6.97 23.94 22.51
N THR F 105 7.66 23.69 23.61
CA THR F 105 7.55 22.43 24.31
C THR F 105 6.25 22.38 25.12
N PRO F 106 5.56 21.25 25.11
CA PRO F 106 4.35 21.13 25.94
C PRO F 106 4.65 21.32 27.42
N GLN F 107 3.74 21.98 28.12
CA GLN F 107 3.90 22.25 29.54
C GLN F 107 2.86 21.57 30.42
N SER F 108 1.72 21.17 29.87
CA SER F 108 0.73 20.45 30.64
C SER F 108 1.14 19.01 30.93
N GLU F 109 1.97 18.42 30.08
CA GLU F 109 2.52 17.09 30.34
C GLU F 109 3.61 17.18 31.39
N TYR F 110 3.55 16.29 32.37
CA TYR F 110 4.47 16.28 33.49
C TYR F 110 5.50 15.18 33.26
N ARG F 111 6.76 15.56 33.18
CA ARG F 111 7.84 14.70 32.73
C ARG F 111 8.58 14.07 33.91
N PRO F 112 9.25 12.93 33.67
CA PRO F 112 10.04 12.28 34.73
C PRO F 112 10.97 13.24 35.45
N THR F 113 11.27 12.94 36.71
CA THR F 113 11.95 13.87 37.60
C THR F 113 13.23 13.29 38.21
N GLU F 114 13.92 12.39 37.54
CA GLU F 114 15.18 11.86 38.04
C GLU F 114 16.36 12.35 37.21
N TYR F 115 16.27 12.19 35.90
CA TYR F 115 17.33 12.66 35.01
C TYR F 115 17.51 14.16 35.10
N LEU F 116 16.40 14.90 35.29
CA LEU F 116 16.50 16.34 35.46
C LEU F 116 17.30 16.70 36.70
N GLN F 117 17.04 16.02 37.82
CA GLN F 117 17.83 16.28 39.02
C GLN F 117 19.29 15.96 38.81
N ARG F 118 19.59 14.82 38.16
CA ARG F 118 20.99 14.51 37.91
C ARG F 118 21.66 15.58 37.05
N TRP F 119 20.96 16.04 36.01
CA TRP F 119 21.53 17.04 35.10
C TRP F 119 21.78 18.35 35.82
N VAL F 120 20.81 18.81 36.62
CA VAL F 120 21.00 20.08 37.31
C VAL F 120 22.07 19.94 38.39
N GLY F 121 22.22 18.75 38.98
CA GLY F 121 23.26 18.52 39.95
C GLY F 121 24.65 18.59 39.38
N PHE F 122 24.88 17.97 38.22
CA PHE F 122 26.23 17.94 37.68
C PHE F 122 26.50 19.09 36.71
N TRP F 123 25.49 19.86 36.32
CA TRP F 123 25.64 20.77 35.19
C TRP F 123 26.43 22.03 35.54
N PHE F 124 26.47 22.41 36.80
CA PHE F 124 27.06 23.70 37.19
C PHE F 124 28.55 23.60 37.51
N ASP F 125 29.17 22.45 37.29
CA ASP F 125 30.61 22.26 37.47
C ASP F 125 31.24 22.19 36.08
N GLU F 126 32.16 23.12 35.80
CA GLU F 126 32.77 23.19 34.48
C GLU F 126 33.53 21.92 34.12
N GLU F 127 34.30 21.38 35.07
CA GLU F 127 35.01 20.13 34.80
C GLU F 127 34.04 18.98 34.58
N LYS F 128 33.01 18.87 35.43
CA LYS F 128 32.01 17.83 35.29
C LYS F 128 31.13 18.01 34.06
N ARG F 129 31.16 19.20 33.44
CA ARG F 129 30.42 19.44 32.21
C ARG F 129 31.27 19.24 30.97
N LEU F 130 32.59 19.43 31.06
CA LEU F 130 33.51 19.01 30.01
C LEU F 130 33.67 17.50 29.95
N VAL F 131 33.61 16.82 31.10
CA VAL F 131 33.57 15.37 31.11
C VAL F 131 32.37 14.87 30.32
N ALA F 132 31.23 15.53 30.46
CA ALA F 132 30.02 15.17 29.72
C ALA F 132 30.18 15.39 28.22
N ALA F 133 30.83 16.49 27.83
CA ALA F 133 31.06 16.74 26.40
C ALA F 133 31.97 15.68 25.79
N ARG F 134 33.01 15.29 26.52
CA ARG F 134 33.88 14.21 26.03
C ARG F 134 33.12 12.89 25.87
N HIS F 135 32.28 12.53 26.84
CA HIS F 135 31.44 11.35 26.73
C HIS F 135 30.45 11.43 25.59
N PHE F 136 29.91 12.62 25.31
CA PHE F 136 29.04 12.84 24.17
C PHE F 136 29.76 12.62 22.85
N GLN F 137 30.99 13.12 22.70
CA GLN F 137 31.77 12.91 21.49
C GLN F 137 32.21 11.45 21.32
N ARG F 138 32.49 10.76 22.43
CA ARG F 138 32.84 9.34 22.34
C ARG F 138 31.74 8.48 21.74
N ALA F 139 30.47 8.78 22.00
CA ALA F 139 29.37 8.08 21.38
C ALA F 139 29.15 8.50 19.93
N ARG F 140 29.38 9.77 19.61
CA ARG F 140 29.29 10.22 18.23
C ARG F 140 30.29 9.47 17.35
N LEU F 141 31.53 9.36 17.81
CA LEU F 141 32.54 8.64 17.04
C LEU F 141 32.16 7.18 16.85
N GLU F 142 31.68 6.54 17.92
CA GLU F 142 31.32 5.13 17.84
C GLU F 142 30.18 4.90 16.86
N ARG F 143 29.17 5.78 16.89
CA ARG F 143 28.05 5.61 15.97
C ARG F 143 28.47 5.92 14.53
N ILE F 144 29.37 6.88 14.34
CA ILE F 144 29.89 7.13 12.99
C ILE F 144 30.54 5.88 12.45
N ARG F 145 31.43 5.28 13.25
CA ARG F 145 32.10 4.04 12.86
C ARG F 145 31.08 2.97 12.52
N HIS F 146 30.13 2.74 13.43
CA HIS F 146 29.11 1.71 13.25
C HIS F 146 28.37 1.90 11.93
N SER F 147 27.73 3.05 11.75
CA SER F 147 26.89 3.28 10.58
C SER F 147 27.70 3.22 9.29
N TRP F 148 28.88 3.85 9.27
CA TRP F 148 29.64 3.94 8.03
C TRP F 148 30.27 2.61 7.63
N LEU F 149 30.65 1.78 8.60
CA LEU F 149 31.42 0.58 8.30
C LEU F 149 30.67 -0.71 8.59
N GLU F 150 30.18 -0.90 9.81
CA GLU F 150 29.69 -2.20 10.28
C GLU F 150 28.20 -2.39 10.04
N ASP F 151 27.64 -1.72 9.03
CA ASP F 151 26.24 -1.90 8.68
C ASP F 151 26.13 -2.01 7.17
N ARG F 152 25.27 -2.92 6.72
CA ARG F 152 25.20 -3.27 5.30
C ARG F 152 24.13 -2.50 4.54
N VAL F 153 23.17 -1.89 5.24
CA VAL F 153 22.08 -1.19 4.56
C VAL F 153 22.62 -0.02 3.74
N LEU F 154 23.54 0.74 4.34
CA LEU F 154 24.16 1.85 3.60
C LEU F 154 24.99 1.36 2.43
N ARG F 155 25.74 0.28 2.60
CA ARG F 155 26.59 -0.24 1.52
C ARG F 155 25.77 -0.79 0.36
N ASP F 156 24.63 -1.41 0.64
CA ASP F 156 23.78 -1.94 -0.41
C ASP F 156 23.06 -0.83 -1.18
N ALA F 157 23.10 0.40 -0.70
CA ALA F 157 22.44 1.52 -1.37
C ALA F 157 23.39 2.39 -2.16
N GLY F 158 24.66 1.99 -2.29
CA GLY F 158 25.63 2.72 -3.07
C GLY F 158 26.68 3.45 -2.26
N PHE F 159 26.70 3.31 -0.94
CA PHE F 159 27.71 3.95 -0.12
C PHE F 159 28.89 3.00 0.07
N ALA F 160 30.02 3.33 -0.54
CA ALA F 160 31.23 2.50 -0.48
C ALA F 160 32.36 3.38 0.06
N VAL F 161 32.45 3.44 1.40
CA VAL F 161 33.45 4.29 2.03
C VAL F 161 34.80 3.57 2.07
N ASP F 162 35.87 4.35 1.91
CA ASP F 162 37.23 3.84 2.03
C ASP F 162 37.47 3.49 3.50
N ALA F 163 37.43 2.19 3.80
CA ALA F 163 37.50 1.71 5.17
C ALA F 163 38.75 2.19 5.89
N THR F 164 39.90 2.11 5.21
CA THR F 164 41.16 2.51 5.83
C THR F 164 41.17 3.99 6.14
N ALA F 165 40.73 4.82 5.19
CA ALA F 165 40.73 6.26 5.41
C ALA F 165 39.77 6.66 6.52
N LEU F 166 38.59 6.06 6.56
CA LEU F 166 37.65 6.34 7.65
C LEU F 166 38.24 5.90 8.99
N ALA F 167 38.88 4.74 9.02
CA ALA F 167 39.46 4.24 10.26
C ALA F 167 40.54 5.18 10.78
N VAL F 168 41.43 5.63 9.89
CA VAL F 168 42.51 6.50 10.35
C VAL F 168 41.96 7.86 10.76
N ALA F 169 40.95 8.37 10.04
CA ALA F 169 40.34 9.64 10.41
C ALA F 169 39.70 9.55 11.80
N VAL F 170 38.95 8.48 12.05
CA VAL F 170 38.29 8.32 13.34
C VAL F 170 39.33 8.12 14.45
N GLU F 171 40.39 7.37 14.17
CA GLU F 171 41.43 7.17 15.17
C GLU F 171 42.11 8.48 15.52
N ASP F 172 42.42 9.31 14.53
CA ASP F 172 43.04 10.60 14.80
C ASP F 172 42.08 11.50 15.58
N SER F 173 40.79 11.47 15.24
CA SER F 173 39.82 12.27 15.97
C SER F 173 39.73 11.83 17.42
N ALA F 174 39.72 10.52 17.68
CA ALA F 174 39.67 10.02 19.05
C ALA F 174 40.93 10.40 19.81
N ARG F 175 42.10 10.30 19.17
CA ARG F 175 43.34 10.68 19.83
C ARG F 175 43.34 12.15 20.19
N ALA F 176 42.83 13.01 19.29
CA ALA F 176 42.71 14.42 19.61
C ALA F 176 41.71 14.65 20.74
N LEU F 177 40.63 13.87 20.77
CA LEU F 177 39.65 13.99 21.84
C LEU F 177 40.25 13.67 23.20
N GLU F 178 41.08 12.62 23.26
CA GLU F 178 41.63 12.20 24.54
C GLU F 178 42.48 13.30 25.17
N GLN F 179 43.20 14.07 24.35
CA GLN F 179 44.05 15.16 24.83
C GLN F 179 43.38 16.52 24.69
N ALA F 180 42.06 16.59 24.80
CA ALA F 180 41.36 17.86 24.66
C ALA F 180 41.52 18.67 25.94
N PRO F 181 42.07 19.88 25.89
CA PRO F 181 42.23 20.68 27.11
C PRO F 181 40.95 21.37 27.56
N ASN F 182 40.14 21.83 26.61
CA ASN F 182 38.95 22.61 26.93
C ASN F 182 37.94 22.45 25.80
N HIS F 183 36.91 23.31 25.82
CA HIS F 183 35.82 23.22 24.85
C HIS F 183 36.25 23.67 23.46
N GLU F 184 37.11 24.69 23.36
CA GLU F 184 37.46 25.23 22.05
C GLU F 184 38.17 24.19 21.20
N HIS F 185 39.10 23.44 21.80
CA HIS F 185 39.80 22.40 21.04
C HIS F 185 38.85 21.28 20.66
N LEU F 186 37.88 20.97 21.53
CA LEU F 186 36.88 19.96 21.20
C LEU F 186 36.06 20.39 19.99
N LEU F 187 35.66 21.67 19.96
CA LEU F 187 34.92 22.18 18.81
C LEU F 187 35.77 22.15 17.55
N THR F 188 37.05 22.51 17.66
CA THR F 188 37.94 22.47 16.50
C THR F 188 38.09 21.05 15.97
N GLU F 189 38.26 20.09 16.86
CA GLU F 189 38.33 18.69 16.45
C GLU F 189 37.05 18.20 15.81
N GLU F 190 35.90 18.60 16.35
CA GLU F 190 34.63 18.24 15.74
C GLU F 190 34.50 18.81 14.33
N ALA F 191 34.91 20.07 14.14
CA ALA F 191 34.84 20.67 12.82
C ALA F 191 35.78 19.97 11.84
N ARG F 192 37.00 19.64 12.29
CA ARG F 192 37.93 18.93 11.44
C ARG F 192 37.39 17.57 11.02
N LEU F 193 36.83 16.82 11.98
CA LEU F 193 36.24 15.53 11.66
C LEU F 193 35.06 15.67 10.70
N SER F 194 34.20 16.66 10.90
CA SER F 194 33.09 16.87 9.99
C SER F 194 33.55 17.19 8.57
N LYS F 195 34.56 18.05 8.43
CA LYS F 195 35.08 18.35 7.10
C LYS F 195 35.68 17.13 6.42
N ARG F 196 36.51 16.36 7.15
CA ARG F 196 37.07 15.15 6.58
C ARG F 196 36.00 14.12 6.24
N LEU F 197 34.97 13.98 7.06
CA LEU F 197 33.84 13.12 6.74
C LEU F 197 33.07 13.59 5.51
N PHE F 198 32.89 14.89 5.33
CA PHE F 198 32.27 15.40 4.10
C PHE F 198 33.09 15.00 2.88
N LYS F 199 34.41 15.17 2.96
CA LYS F 199 35.25 14.79 1.83
C LYS F 199 35.16 13.30 1.54
N LEU F 200 35.21 12.48 2.59
CA LEU F 200 35.13 11.03 2.40
C LEU F 200 33.80 10.61 1.81
N ALA F 201 32.70 11.23 2.27
CA ALA F 201 31.38 10.88 1.75
C ALA F 201 31.22 11.32 0.31
N ALA F 202 31.79 12.49 -0.04
CA ALA F 202 31.75 12.91 -1.44
C ALA F 202 32.52 11.94 -2.33
N GLN F 203 33.68 11.49 -1.88
CA GLN F 203 34.44 10.52 -2.66
C GLN F 203 33.70 9.19 -2.77
N ALA F 204 33.07 8.74 -1.68
CA ALA F 204 32.47 7.42 -1.65
C ALA F 204 31.32 7.28 -2.64
N THR F 205 30.50 8.32 -2.77
CA THR F 205 29.35 8.30 -3.68
C THR F 205 29.69 8.87 -5.04
N ARG F 206 30.97 8.94 -5.40
CA ARG F 206 31.47 9.58 -6.62
C ARG F 206 30.68 10.85 -6.94
N TYR F 207 30.52 11.69 -5.92
CA TYR F 207 29.79 12.94 -6.04
C TYR F 207 30.62 14.04 -6.68
N GLY F 208 31.93 13.89 -6.72
CA GLY F 208 32.77 14.91 -7.31
C GLY F 208 33.55 15.69 -6.27
N GLU F 209 33.61 17.01 -6.44
CA GLU F 209 34.29 17.89 -5.50
C GLU F 209 33.24 18.64 -4.70
N PHE F 210 33.21 18.42 -3.39
CA PHE F 210 32.23 19.01 -2.50
C PHE F 210 32.92 20.00 -1.57
N VAL F 211 32.41 21.22 -1.51
CA VAL F 211 32.87 22.25 -0.59
C VAL F 211 31.67 22.71 0.21
N ARG F 212 31.75 22.59 1.53
CA ARG F 212 30.60 22.87 2.39
C ARG F 212 30.30 24.36 2.42
N ALA F 213 29.04 24.71 2.21
CA ALA F 213 28.61 26.10 2.29
C ALA F 213 27.82 26.34 3.57
N LYS F 214 27.98 27.54 4.13
CA LYS F 214 27.42 27.89 5.42
C LYS F 214 26.19 28.78 5.25
N ARG F 215 25.32 28.75 6.26
CA ARG F 215 24.13 29.60 6.35
C ARG F 215 23.20 29.37 5.17
N GLY F 216 23.15 28.14 4.68
CA GLY F 216 22.26 27.80 3.58
C GLY F 216 22.52 28.56 2.30
N SER F 217 23.79 28.78 1.96
CA SER F 217 24.16 29.47 0.74
C SER F 217 24.53 28.53 -0.40
N GLY F 218 24.50 27.22 -0.17
CA GLY F 218 24.91 26.29 -1.20
C GLY F 218 23.88 26.12 -2.29
N GLY F 219 24.35 25.66 -3.44
CA GLY F 219 23.49 25.44 -4.58
C GLY F 219 23.40 23.98 -4.99
N ASP F 220 24.47 23.23 -4.79
CA ASP F 220 24.48 21.83 -5.13
C ASP F 220 23.56 21.05 -4.19
N PRO F 221 23.02 19.92 -4.64
CA PRO F 221 22.03 19.20 -3.82
C PRO F 221 22.55 18.76 -2.46
N ALA F 222 23.84 18.45 -2.36
CA ALA F 222 24.38 17.96 -1.09
C ALA F 222 24.27 19.02 -0.01
N ASN F 223 24.61 20.27 -0.33
CA ASN F 223 24.53 21.34 0.67
C ASN F 223 23.10 21.56 1.12
N ARG F 224 22.17 21.62 0.17
CA ARG F 224 20.77 21.84 0.52
C ARG F 224 20.23 20.69 1.36
N PHE F 225 20.58 19.46 1.01
CA PHE F 225 20.08 18.32 1.76
C PHE F 225 20.68 18.27 3.16
N LEU F 226 21.95 18.63 3.31
CA LEU F 226 22.53 18.71 4.64
C LEU F 226 21.84 19.76 5.50
N ASP F 227 21.60 20.94 4.91
CA ASP F 227 20.92 22.00 5.65
C ASP F 227 19.51 21.58 6.04
N HIS F 228 18.84 20.81 5.18
CA HIS F 228 17.49 20.36 5.52
C HIS F 228 17.52 19.28 6.60
N GLY F 229 18.43 18.31 6.49
CA GLY F 229 18.51 17.24 7.47
C GLY F 229 18.94 17.71 8.85
N ASN F 230 19.65 18.83 8.93
CA ASN F 230 19.93 19.42 10.23
C ASN F 230 18.64 19.67 11.00
N TYR F 231 17.57 20.05 10.31
CA TYR F 231 16.31 20.32 10.98
C TYR F 231 15.69 19.05 11.53
N LEU F 232 15.74 17.94 10.79
CA LEU F 232 15.24 16.68 11.32
C LEU F 232 16.04 16.24 12.54
N ALA F 233 17.36 16.41 12.48
CA ALA F 233 18.19 16.08 13.65
C ALA F 233 17.80 16.93 14.85
N TYR F 234 17.59 18.24 14.63
CA TYR F 234 17.20 19.11 15.72
C TYR F 234 15.84 18.71 16.30
N GLY F 235 14.90 18.33 15.43
CA GLY F 235 13.60 17.91 15.92
C GLY F 235 13.67 16.67 16.78
N LEU F 236 14.43 15.66 16.33
CA LEU F 236 14.58 14.45 17.13
C LEU F 236 15.28 14.74 18.45
N ALA F 237 16.31 15.58 18.42
CA ALA F 237 17.03 15.91 19.65
C ALA F 237 16.14 16.66 20.64
N ALA F 238 15.35 17.60 20.15
CA ALA F 238 14.43 18.32 21.02
C ALA F 238 13.40 17.39 21.62
N THR F 239 12.88 16.45 20.81
CA THR F 239 11.95 15.46 21.34
C THR F 239 12.57 14.65 22.45
N ALA F 240 13.81 14.18 22.25
CA ALA F 240 14.46 13.35 23.26
C ALA F 240 14.71 14.14 24.55
N THR F 241 15.21 15.36 24.42
CA THR F 241 15.49 16.16 25.61
C THR F 241 14.22 16.48 26.38
N TRP F 242 13.13 16.79 25.67
CA TRP F 242 11.88 17.05 26.36
C TRP F 242 11.35 15.78 27.03
N VAL F 243 11.50 14.63 26.36
CA VAL F 243 10.99 13.38 26.93
C VAL F 243 11.72 13.06 28.24
N LEU F 244 13.04 13.24 28.26
CA LEU F 244 13.76 12.99 29.50
C LEU F 244 13.51 14.06 30.56
N GLY F 245 12.86 15.16 30.21
CA GLY F 245 12.60 16.23 31.16
C GLY F 245 13.72 17.23 31.32
N ILE F 246 14.79 17.11 30.56
CA ILE F 246 15.92 18.04 30.68
C ILE F 246 15.63 19.28 29.83
N PRO F 247 15.79 20.48 30.37
CA PRO F 247 15.54 21.69 29.58
C PRO F 247 16.52 21.80 28.42
N HIS F 248 16.06 22.45 27.35
CA HIS F 248 16.91 22.63 26.17
C HIS F 248 18.12 23.48 26.48
N GLY F 249 18.03 24.38 27.45
CA GLY F 249 19.09 25.34 27.68
C GLY F 249 20.33 24.77 28.33
N LEU F 250 20.22 23.63 29.00
CA LEU F 250 21.34 23.04 29.73
C LEU F 250 22.24 22.30 28.74
N ALA F 251 23.08 23.06 28.05
CA ALA F 251 24.01 22.51 27.08
C ALA F 251 25.31 22.11 27.74
N VAL F 252 26.08 21.25 27.05
CA VAL F 252 27.36 20.79 27.58
C VAL F 252 28.48 21.19 26.63
N LEU F 253 28.18 21.32 25.34
CA LEU F 253 29.18 21.68 24.35
C LEU F 253 28.82 22.93 23.57
N HIS F 254 27.62 22.98 22.98
CA HIS F 254 27.21 24.12 22.15
C HIS F 254 26.33 25.05 22.98
N GLY F 255 26.92 25.62 24.02
CA GLY F 255 26.22 26.60 24.82
C GLY F 255 26.82 27.98 24.69
N LYS F 256 27.95 28.08 24.00
CA LYS F 256 28.65 29.34 23.90
C LYS F 256 27.98 30.29 22.91
N THR F 257 27.39 29.74 21.85
CA THR F 257 26.86 30.56 20.76
C THR F 257 25.43 30.23 20.35
N ARG F 258 24.83 29.17 20.87
CA ARG F 258 23.52 28.71 20.40
C ARG F 258 22.57 28.63 21.59
N ARG F 259 21.44 29.32 21.47
CA ARG F 259 20.37 29.19 22.47
C ARG F 259 19.75 27.82 22.39
N GLY F 260 19.47 27.23 23.56
CA GLY F 260 18.96 25.88 23.60
C GLY F 260 19.96 24.89 23.03
N GLY F 261 21.19 24.93 23.54
CA GLY F 261 22.29 24.20 22.94
C GLY F 261 22.25 22.71 23.16
N LEU F 262 21.51 22.24 24.17
CA LEU F 262 21.42 20.81 24.40
C LEU F 262 20.81 20.10 23.20
N VAL F 263 19.90 20.77 22.49
CA VAL F 263 19.32 20.19 21.29
C VAL F 263 20.41 19.92 20.24
N PHE F 264 21.28 20.91 20.01
CA PHE F 264 22.35 20.72 19.04
C PHE F 264 23.34 19.66 19.51
N ASP F 265 23.68 19.65 20.80
CA ASP F 265 24.60 18.65 21.31
C ASP F 265 24.05 17.24 21.14
N VAL F 266 22.76 17.05 21.41
CA VAL F 266 22.15 15.74 21.23
C VAL F 266 22.05 15.37 19.75
N ALA F 267 21.76 16.36 18.90
CA ALA F 267 21.60 16.07 17.48
C ALA F 267 22.93 15.72 16.81
N ASP F 268 24.04 16.23 17.36
CA ASP F 268 25.35 15.91 16.79
C ASP F 268 25.64 14.42 16.80
N LEU F 269 24.99 13.65 17.67
CA LEU F 269 25.24 12.22 17.74
C LEU F 269 24.86 11.53 16.43
N ILE F 270 23.76 11.95 15.81
CA ILE F 270 23.27 11.32 14.58
C ILE F 270 23.47 12.18 13.35
N LYS F 271 23.90 13.44 13.50
CA LYS F 271 24.03 14.29 12.33
C LYS F 271 25.07 13.75 11.34
N ASP F 272 26.22 13.32 11.84
CA ASP F 272 27.31 12.89 10.97
C ASP F 272 27.27 11.40 10.63
N SER F 273 26.39 10.63 11.26
CA SER F 273 26.37 9.19 11.06
C SER F 273 25.23 8.71 10.17
N LEU F 274 24.11 9.40 10.16
CA LEU F 274 22.95 8.99 9.37
C LEU F 274 22.50 10.05 8.38
N ILE F 275 22.53 11.33 8.75
CA ILE F 275 22.15 12.38 7.83
C ILE F 275 23.17 12.51 6.70
N LEU F 276 24.46 12.44 7.04
CA LEU F 276 25.50 12.70 6.06
C LEU F 276 25.51 11.71 4.90
N PRO F 277 25.56 10.39 5.11
CA PRO F 277 25.52 9.48 3.96
C PRO F 277 24.25 9.62 3.14
N GLN F 278 23.11 9.83 3.81
CA GLN F 278 21.84 9.90 3.10
C GLN F 278 21.76 11.15 2.24
N ALA F 279 22.37 12.25 2.67
CA ALA F 279 22.36 13.46 1.85
C ALA F 279 22.99 13.22 0.50
N PHE F 280 24.19 12.63 0.49
CA PHE F 280 24.85 12.36 -0.78
C PHE F 280 24.17 11.25 -1.56
N LEU F 281 23.62 10.25 -0.88
CA LEU F 281 22.89 9.19 -1.58
C LEU F 281 21.67 9.76 -2.30
N SER F 282 20.95 10.69 -1.66
CA SER F 282 19.78 11.30 -2.28
C SER F 282 20.18 12.26 -3.40
N ALA F 283 21.26 13.01 -3.20
CA ALA F 283 21.75 13.90 -4.26
C ALA F 283 22.13 13.10 -5.49
N MET F 284 22.83 11.98 -5.31
CA MET F 284 23.27 11.19 -6.43
C MET F 284 22.10 10.55 -7.17
N ARG F 285 20.98 10.37 -6.47
CA ARG F 285 19.80 9.71 -7.04
C ARG F 285 18.84 10.69 -7.70
N GLY F 286 19.14 11.98 -7.70
CA GLY F 286 18.21 12.95 -8.24
C GLY F 286 16.94 13.08 -7.43
N ASP F 287 17.04 13.10 -6.11
CA ASP F 287 15.89 13.20 -5.23
C ASP F 287 15.51 14.65 -4.99
N GLU F 288 14.22 14.88 -4.77
CA GLU F 288 13.74 16.16 -4.31
C GLU F 288 13.80 16.20 -2.79
N GLU F 289 13.42 17.34 -2.21
CA GLU F 289 13.54 17.49 -0.76
C GLU F 289 12.62 16.54 -0.01
N GLN F 290 11.42 16.29 -0.52
CA GLN F 290 10.50 15.37 0.14
C GLN F 290 11.06 13.95 0.17
N ASP F 291 11.63 13.49 -0.94
CA ASP F 291 12.20 12.15 -0.99
C ASP F 291 13.38 12.02 -0.04
N PHE F 292 14.24 13.04 0.01
CA PHE F 292 15.36 13.00 0.94
C PHE F 292 14.86 12.99 2.39
N ARG F 293 13.83 13.78 2.67
CA ARG F 293 13.27 13.80 4.02
C ARG F 293 12.73 12.43 4.41
N GLN F 294 12.00 11.77 3.50
CA GLN F 294 11.47 10.46 3.80
C GLN F 294 12.58 9.43 3.96
N ALA F 295 13.62 9.52 3.13
CA ALA F 295 14.76 8.61 3.26
C ALA F 295 15.46 8.80 4.60
N CYS F 296 15.64 10.05 5.02
CA CYS F 296 16.28 10.32 6.31
C CYS F 296 15.42 9.81 7.45
N LEU F 297 14.10 10.01 7.38
CA LEU F 297 13.23 9.48 8.43
C LEU F 297 13.30 7.97 8.48
N ASP F 298 13.36 7.31 7.32
CA ASP F 298 13.53 5.87 7.29
C ASP F 298 14.83 5.45 7.95
N ASN F 299 15.93 6.16 7.64
CA ASN F 299 17.21 5.82 8.25
C ASN F 299 17.16 5.98 9.76
N LEU F 300 16.56 7.06 10.24
CA LEU F 300 16.49 7.30 11.67
C LEU F 300 15.62 6.26 12.38
N SER F 301 14.49 5.89 11.77
CA SER F 301 13.61 4.91 12.40
C SER F 301 14.23 3.52 12.39
N ARG F 302 14.90 3.16 11.30
CA ARG F 302 15.54 1.85 11.20
C ARG F 302 16.66 1.71 12.22
N ALA F 303 17.46 2.75 12.40
CA ALA F 303 18.58 2.73 13.31
C ALA F 303 18.21 3.11 14.73
N GLN F 304 16.95 3.45 14.99
CA GLN F 304 16.47 3.83 16.31
C GLN F 304 17.30 4.99 16.87
N ALA F 305 17.33 6.08 16.11
CA ALA F 305 18.12 7.24 16.50
C ALA F 305 17.58 7.89 17.77
N LEU F 306 16.26 7.98 17.90
CA LEU F 306 15.66 8.59 19.08
C LEU F 306 16.00 7.79 20.33
N ASP F 307 15.92 6.45 20.23
CA ASP F 307 16.30 5.60 21.36
C ASP F 307 17.77 5.77 21.71
N PHE F 308 18.64 5.90 20.69
CA PHE F 308 20.05 6.12 20.95
C PHE F 308 20.27 7.44 21.68
N MET F 309 19.58 8.50 21.26
CA MET F 309 19.72 9.79 21.93
C MET F 309 19.27 9.71 23.37
N ILE F 310 18.12 9.07 23.62
CA ILE F 310 17.61 8.96 24.98
C ILE F 310 18.57 8.16 25.85
N ASP F 311 19.06 7.04 25.32
CA ASP F 311 19.96 6.19 26.10
C ASP F 311 21.29 6.88 26.36
N THR F 312 21.81 7.64 25.39
CA THR F 312 23.05 8.37 25.61
C THR F 312 22.88 9.46 26.65
N LEU F 313 21.75 10.17 26.61
CA LEU F 313 21.48 11.16 27.65
C LEU F 313 21.39 10.50 29.02
N LYS F 314 20.72 9.35 29.10
CA LYS F 314 20.63 8.62 30.37
C LYS F 314 22.01 8.21 30.86
N ASP F 315 22.85 7.69 29.96
CA ASP F 315 24.18 7.24 30.36
C ASP F 315 25.05 8.40 30.84
N VAL F 316 24.98 9.55 30.16
CA VAL F 316 25.74 10.71 30.60
C VAL F 316 25.27 11.17 31.96
N ALA F 317 23.95 11.21 32.17
CA ALA F 317 23.43 11.62 33.47
C ALA F 317 23.84 10.65 34.57
N GLN F 318 23.79 9.36 34.30
CA GLN F 318 24.16 8.37 35.32
C GLN F 318 25.64 8.44 35.65
N ARG F 319 26.50 8.49 34.63
CA ARG F 319 27.93 8.56 34.86
C ARG F 319 28.34 9.89 35.48
N SER F 320 27.49 10.93 35.37
CA SER F 320 27.82 12.21 35.98
C SER F 320 27.95 12.08 37.50
N THR F 321 27.09 11.28 38.11
CA THR F 321 27.15 11.05 39.55
C THR F 321 28.46 10.41 39.98
#